data_7DD8
#
_entry.id   7DD8
#
loop_
_entity.id
_entity.type
_entity.pdbx_description
1 polymer 'The heavy chain of 3C1 fab'
2 polymer 'The light chain of 3C1 chain'
3 polymer 'Spike glycoprotein'
#
loop_
_entity_poly.entity_id
_entity_poly.type
_entity_poly.pdbx_seq_one_letter_code
_entity_poly.pdbx_strand_id
1 'polypeptide(L)'
;EVQLQESGPSLVKPSQTLSLTCSVTGDSITNGYWNWIRKFPGNKLEYMGYISYSGSTYYSPSLKSRISITRDTSKNQHYL
QLNSVTSEDTATYYCASDYHGSKYYFDYWGQGTTLTVSSAKTTPPSVYPLAPGSAAQTNSMVTLGCLVKGYFPEPVTVTW
NSGSLSSGVHTFPAVLQSDLYTLSSSVTVPSSTWPSETVTCNVAHPASSTKVDKKIVPRDCG
;
A
2 'polypeptide(L)'
;DIVMTQSHKFMSTSVGHRVSITCKASQDVGNDVAWYQQKPGQSPKLLIYWASTRHTGVPDRFTGSGSGTDFTLTISNVQS
EDLADYFCQQYNRYPYTFGGGTKLEIKRADAAPTVSIFPPSSEQLTSGGASVVCFLNNFYPKDINVKWKIDGSERQNGVL
NSWTDQDSKDSTYSMSSTLTLTKDEYERHNSYTCEATHKTSTSPIVKSFNRNEC
;
B
3 'polypeptide(L)'
;MFVFLVLLPLVSSQCVNLTTRTQLPPAYTNSFTRGVYYPDKVFRSSVLHSTQDLFLPFFSNVTWFHAIHVSGTNGTKRFD
NPVLPFNDGVYFASTEKSNIIRGWIFGTTLDSKTQSLLIVNNATNVVIKVCEFQFCNDPFLGVYYHKNNKSWMESEFRVY
SSANNCTFEYVSQPFLMDLEGKQGNFKNLREFVFKNIDGYFKIYSKHTPINLVRDLPQGFSALEPLVDLPIGINITRFQT
LLALHRSYLTPGDSSSGWTAGAAAYYVGYLQPRTFLLKYNENGTITDAVDCALDPLSETKCTLKSFTVEKGIYQTSNFRV
QPTESIVRFPNITNLCPFGEVFNATRFASVYAWNRKRISNCVADYSVLYNSASFSTFKCYGVSPTKLNDLCFTNVYADSF
VIRGDEVRQIAPGQTGKIADYNYKLPDDFTGCVIAWNSNNLDSKVGGNYNYLYRLFRKSNLKPFERDISTEIYQAGSTPC
NGVEGFNCYFPLQSYGFQPTNGVGYQPYRVVVLSFELLHAPATVCGPKKSTNLVKNKCVNFNFNGLTGTGVLTESNKKFL
PFQQFGRDIADTTDAVRDPQTLEILDITPCSFGGVSVITPGTNTSNQVAVLYQDVNCTEVPVAIHADQLTPTWRVYSTGS
NVFQTRAGCLIGAEHVNNSYECDIPIGAGICASYQTQTNSPGSASSVASQSIIAYTMSLGAENSVAYSNNSIAIPTNFTI
SVTTEILPVSMTKTSVDCTMYICGDSTECSNLLLQYGSFCTQLNRALTGIAVEQDKNTQEVFAQVKQIYKTPPIKDFGGF
NFSQILPDPSKPSKRSFIEDLLFNKVTLADAGFIKQYGDCLGDIAARDLICAQKFNGLTVLPPLLTDEMIAQYTSALLAG
TITSGWTFGAGAALQIPFAMQMAYRFNGIGVTQNVLYENQKLIANQFNSAIGKIQDSLSSTASALGKLQDVVNQNAQALN
TLVKQLSSNFGAISSVLNDILSRLDPPEAEVQIDRLITGRLQSLQTYVTQQLIRAAEIRASANLAATKMSECVLGQSKRV
DFCGKGYHLMSFPQSAPHGVVFLHVTYVPAQEKNFTTAPAICHDGKAHFPREGVFVSNGTHWFVTQRNFYEPQIITTDNT
FVSGNCDVVIGIVNNTVYDPLQPELDSFKEELDKYFKNHTSPDVDLGDISGINASVVNIQKEIDRLNEVAKNLNESLIDL
QELGKYEQGSGYIPEAPRDGQAYVRKDGEWVLLSTFLENLYFQGDYKDDDDKHHHHHHHHH
;
C,D,E
#
# COMPACT_ATOMS: atom_id res chain seq x y z
N VAL A 2 54.27 34.34 56.29
CA VAL A 2 54.71 35.68 55.91
C VAL A 2 53.54 36.67 56.02
N GLN A 3 53.74 37.72 56.81
CA GLN A 3 52.72 38.74 57.02
C GLN A 3 52.70 39.73 55.86
N LEU A 4 51.51 40.23 55.55
CA LEU A 4 51.33 41.20 54.48
C LEU A 4 50.67 42.46 55.05
N GLN A 5 51.00 43.60 54.43
CA GLN A 5 50.46 44.88 54.87
C GLN A 5 50.39 45.82 53.67
N GLU A 6 49.24 46.44 53.48
CA GLU A 6 49.03 47.39 52.40
C GLU A 6 49.11 48.82 52.91
N SER A 7 49.72 49.69 52.12
CA SER A 7 49.88 51.09 52.51
C SER A 7 49.95 51.96 51.25
N GLY A 8 49.64 53.23 51.43
CA GLY A 8 49.65 54.17 50.35
C GLY A 8 48.55 55.22 50.47
N PRO A 9 48.54 56.20 49.57
CA PRO A 9 47.49 57.22 49.61
C PRO A 9 46.16 56.68 49.12
N SER A 10 45.09 57.08 49.81
CA SER A 10 43.75 56.63 49.47
C SER A 10 43.02 57.58 48.53
N LEU A 11 43.64 58.69 48.15
CA LEU A 11 43.02 59.67 47.25
C LEU A 11 43.92 59.83 46.03
N VAL A 12 43.45 59.35 44.89
CA VAL A 12 44.17 59.44 43.62
C VAL A 12 43.33 60.26 42.65
N LYS A 13 43.90 61.34 42.13
CA LYS A 13 43.21 62.16 41.16
C LYS A 13 43.17 61.45 39.81
N PRO A 14 42.13 61.68 39.01
CA PRO A 14 42.07 61.07 37.68
C PRO A 14 43.11 61.63 36.73
N SER A 15 43.48 60.79 35.74
CA SER A 15 44.50 61.08 34.73
C SER A 15 45.86 61.40 35.36
N GLN A 16 46.20 60.69 36.43
CA GLN A 16 47.48 60.86 37.09
C GLN A 16 48.13 59.51 37.38
N THR A 17 49.22 59.53 38.15
CA THR A 17 49.97 58.32 38.47
C THR A 17 49.57 57.83 39.85
N LEU A 18 49.13 56.57 39.93
CA LEU A 18 48.77 55.94 41.19
C LEU A 18 50.02 55.38 41.87
N SER A 19 49.98 55.33 43.19
CA SER A 19 51.11 54.83 43.98
C SER A 19 50.60 54.01 45.15
N LEU A 20 51.20 52.83 45.35
CA LEU A 20 50.85 51.95 46.44
C LEU A 20 52.12 51.28 46.95
N THR A 21 52.00 50.60 48.09
CA THR A 21 53.14 49.87 48.68
C THR A 21 52.58 48.64 49.38
N CYS A 22 52.84 47.47 48.82
CA CYS A 22 52.46 46.19 49.45
C CYS A 22 53.64 45.71 50.26
N SER A 23 53.62 45.98 51.57
CA SER A 23 54.73 45.64 52.43
C SER A 23 54.75 44.13 52.71
N VAL A 24 55.93 43.53 52.58
CA VAL A 24 56.14 42.11 52.82
C VAL A 24 57.10 41.98 54.00
N THR A 25 56.58 41.54 55.14
CA THR A 25 57.35 41.39 56.36
C THR A 25 57.27 39.94 56.85
N GLY A 26 58.37 39.43 57.38
CA GLY A 26 58.42 38.08 57.89
C GLY A 26 59.27 37.15 57.06
N ASP A 27 59.21 37.29 55.75
CA ASP A 27 59.97 36.44 54.84
C ASP A 27 60.23 37.20 53.56
N SER A 28 61.45 37.09 53.04
CA SER A 28 61.84 37.78 51.82
C SER A 28 61.26 37.08 50.60
N ILE A 29 61.36 37.74 49.45
CA ILE A 29 60.84 37.21 48.19
C ILE A 29 61.83 36.16 47.70
N THR A 30 61.50 34.89 47.92
CA THR A 30 62.33 33.78 47.45
C THR A 30 61.64 32.95 46.37
N ASN A 31 60.43 32.45 46.65
CA ASN A 31 59.65 31.69 45.68
C ASN A 31 58.19 32.08 45.82
N GLY A 32 57.59 32.56 44.74
CA GLY A 32 56.20 32.95 44.75
C GLY A 32 55.94 34.25 44.01
N TYR A 33 54.66 34.53 43.73
CA TYR A 33 54.25 35.72 43.01
C TYR A 33 53.52 36.68 43.96
N TRP A 34 53.24 37.88 43.44
CA TRP A 34 52.53 38.90 44.20
C TRP A 34 51.47 39.50 43.28
N ASN A 35 50.24 39.02 43.41
CA ASN A 35 49.15 39.43 42.54
C ASN A 35 48.54 40.75 43.03
N TRP A 36 47.55 41.24 42.29
CA TRP A 36 46.83 42.47 42.63
C TRP A 36 45.36 42.26 42.27
N ILE A 37 44.51 42.19 43.28
CA ILE A 37 43.08 41.94 43.10
C ILE A 37 42.31 43.14 43.65
N ARG A 38 41.46 43.74 42.82
CA ARG A 38 40.62 44.85 43.22
C ARG A 38 39.19 44.39 43.42
N LYS A 39 38.44 45.16 44.21
CA LYS A 39 37.06 44.83 44.57
C LYS A 39 36.17 46.02 44.25
N PHE A 40 35.38 45.91 43.18
CA PHE A 40 34.44 46.95 42.84
C PHE A 40 33.25 46.95 43.79
N PRO A 41 32.65 48.11 44.07
CA PRO A 41 31.42 48.13 44.88
C PRO A 41 30.24 47.53 44.14
N GLY A 42 29.70 46.44 44.68
CA GLY A 42 28.61 45.73 44.02
C GLY A 42 28.91 44.26 43.83
N ASN A 43 29.89 43.76 44.60
CA ASN A 43 30.31 42.35 44.61
C ASN A 43 30.79 41.89 43.24
N LYS A 44 31.57 42.73 42.57
CA LYS A 44 32.19 42.40 41.29
C LYS A 44 33.70 42.51 41.42
N LEU A 45 34.41 41.49 40.94
CA LEU A 45 35.85 41.39 41.11
C LEU A 45 36.54 41.35 39.76
N GLU A 46 37.75 41.92 39.70
CA GLU A 46 38.53 41.92 38.47
C GLU A 46 40.01 41.88 38.85
N TYR A 47 40.81 41.32 37.94
CA TYR A 47 42.25 41.17 38.15
C TYR A 47 43.01 42.34 37.51
N MET A 48 44.13 42.69 38.11
CA MET A 48 44.93 43.83 37.67
C MET A 48 46.28 43.43 37.10
N GLY A 49 47.08 42.69 37.86
CA GLY A 49 48.41 42.32 37.39
C GLY A 49 49.21 41.69 38.51
N TYR A 50 50.48 41.41 38.20
CA TYR A 50 51.38 40.77 39.13
C TYR A 50 52.81 41.10 38.73
N ILE A 51 53.77 40.65 39.55
CA ILE A 51 55.18 40.80 39.28
C ILE A 51 55.91 39.62 39.91
N SER A 52 57.04 39.24 39.32
CA SER A 52 57.86 38.15 39.79
C SER A 52 59.22 38.67 40.25
N TYR A 53 60.08 37.74 40.64
CA TYR A 53 61.45 38.04 41.05
C TYR A 53 62.47 37.72 39.96
N SER A 54 62.02 37.57 38.71
CA SER A 54 62.90 37.27 37.58
C SER A 54 63.05 38.43 36.61
N GLY A 55 61.98 39.20 36.38
CA GLY A 55 62.05 40.33 35.47
C GLY A 55 61.10 40.22 34.30
N SER A 56 59.99 39.50 34.49
CA SER A 56 58.96 39.34 33.47
C SER A 56 57.63 39.82 34.03
N THR A 57 57.06 40.84 33.41
CA THR A 57 55.82 41.45 33.86
C THR A 57 54.76 41.31 32.77
N TYR A 58 53.58 40.84 33.15
CA TYR A 58 52.44 40.75 32.25
C TYR A 58 51.17 41.07 33.03
N TYR A 59 50.23 41.73 32.36
CA TYR A 59 49.04 42.23 33.04
C TYR A 59 47.76 41.75 32.38
N SER A 60 46.62 42.32 32.80
CA SER A 60 45.33 41.96 32.23
C SER A 60 45.22 42.50 30.80
N PRO A 61 44.48 41.81 29.93
CA PRO A 61 44.30 42.33 28.56
C PRO A 61 43.42 43.57 28.47
N SER A 62 42.68 43.91 29.53
CA SER A 62 41.88 45.13 29.52
C SER A 62 42.74 46.38 29.61
N LEU A 63 43.92 46.27 30.23
CA LEU A 63 44.87 47.38 30.35
C LEU A 63 46.05 47.06 29.45
N LYS A 64 46.19 47.82 28.35
CA LYS A 64 47.20 47.52 27.35
C LYS A 64 48.59 47.95 27.83
N SER A 65 48.78 49.24 28.11
CA SER A 65 50.09 49.74 28.51
C SER A 65 49.99 50.83 29.57
N ARG A 66 48.86 50.94 30.28
CA ARG A 66 48.67 51.97 31.30
C ARG A 66 48.89 51.44 32.71
N ILE A 67 49.75 50.43 32.86
CA ILE A 67 50.05 49.87 34.17
C ILE A 67 51.49 49.35 34.17
N SER A 68 52.26 49.76 35.16
CA SER A 68 53.64 49.31 35.31
C SER A 68 53.92 49.02 36.78
N ILE A 69 54.55 47.88 37.05
CA ILE A 69 54.87 47.45 38.40
C ILE A 69 56.38 47.30 38.50
N THR A 70 56.99 48.01 39.45
CA THR A 70 58.42 47.93 39.70
C THR A 70 58.70 47.03 40.89
N ARG A 71 59.98 46.71 41.09
CA ARG A 71 60.41 45.83 42.16
C ARG A 71 61.60 46.44 42.89
N ASP A 72 61.78 46.01 44.13
CA ASP A 72 62.90 46.46 44.95
C ASP A 72 63.20 45.37 45.97
N THR A 73 64.29 44.65 45.77
CA THR A 73 64.66 43.55 46.65
C THR A 73 65.42 44.02 47.89
N SER A 74 65.75 45.30 47.98
CA SER A 74 66.50 45.79 49.14
C SER A 74 65.59 45.99 50.35
N LYS A 75 64.53 46.77 50.19
CA LYS A 75 63.59 47.05 51.28
C LYS A 75 62.42 46.09 51.32
N ASN A 76 62.41 45.07 50.45
CA ASN A 76 61.37 44.04 50.37
C ASN A 76 59.99 44.65 50.12
N GLN A 77 59.95 45.62 49.22
CA GLN A 77 58.72 46.31 48.86
C GLN A 77 58.65 46.47 47.36
N HIS A 78 57.42 46.62 46.84
CA HIS A 78 57.18 46.85 45.43
C HIS A 78 56.03 47.83 45.27
N TYR A 79 56.16 48.73 44.31
CA TYR A 79 55.18 49.78 44.08
C TYR A 79 54.26 49.41 42.92
N LEU A 80 53.11 50.07 42.88
CA LEU A 80 52.10 49.87 41.84
C LEU A 80 51.82 51.22 41.18
N GLN A 81 52.19 51.34 39.91
CA GLN A 81 51.97 52.56 39.14
C GLN A 81 50.88 52.29 38.10
N LEU A 82 49.71 52.87 38.32
CA LEU A 82 48.57 52.74 37.42
C LEU A 82 48.28 54.10 36.80
N ASN A 83 48.73 54.30 35.57
CA ASN A 83 48.59 55.58 34.89
C ASN A 83 47.24 55.68 34.19
N SER A 84 46.74 56.93 34.10
CA SER A 84 45.47 57.29 33.45
C SER A 84 44.29 56.54 34.06
N VAL A 85 44.07 56.80 35.35
CA VAL A 85 42.95 56.18 36.06
C VAL A 85 41.66 56.90 35.70
N THR A 86 40.55 56.16 35.77
CA THR A 86 39.23 56.68 35.45
C THR A 86 38.34 56.59 36.69
N SER A 87 37.06 56.92 36.51
CA SER A 87 36.10 56.84 37.61
C SER A 87 35.70 55.41 37.93
N GLU A 88 35.88 54.48 36.99
CA GLU A 88 35.54 53.08 37.23
C GLU A 88 36.64 52.31 37.95
N ASP A 89 37.80 52.93 38.17
CA ASP A 89 38.91 52.28 38.84
C ASP A 89 38.86 52.44 40.36
N THR A 90 37.79 53.02 40.89
CA THR A 90 37.63 53.15 42.34
C THR A 90 37.31 51.79 42.94
N ALA A 91 38.27 51.21 43.65
CA ALA A 91 38.10 49.87 44.21
C ALA A 91 39.00 49.71 45.42
N THR A 92 38.81 48.60 46.12
CA THR A 92 39.64 48.23 47.26
C THR A 92 40.76 47.32 46.77
N TYR A 93 41.99 47.82 46.80
CA TYR A 93 43.13 47.11 46.22
C TYR A 93 43.75 46.17 47.25
N TYR A 94 44.10 44.97 46.80
CA TYR A 94 44.71 43.95 47.64
C TYR A 94 45.96 43.40 46.97
N CYS A 95 46.78 42.73 47.76
CA CYS A 95 47.92 41.97 47.25
C CYS A 95 48.02 40.66 48.03
N ALA A 96 48.30 39.58 47.31
CA ALA A 96 48.35 38.25 47.90
C ALA A 96 49.51 37.47 47.29
N SER A 97 49.54 36.17 47.54
CA SER A 97 50.61 35.31 47.04
C SER A 97 50.06 33.91 46.83
N ASP A 98 50.52 33.25 45.76
CA ASP A 98 50.08 31.90 45.41
C ASP A 98 51.32 31.04 45.21
N TYR A 99 51.64 30.20 46.19
CA TYR A 99 52.79 29.32 46.11
C TYR A 99 52.54 28.09 46.98
N HIS A 100 52.90 26.92 46.47
CA HIS A 100 52.69 25.68 47.19
C HIS A 100 53.72 25.52 48.30
N GLY A 101 53.39 24.66 49.26
CA GLY A 101 54.30 24.39 50.36
C GLY A 101 54.14 22.98 50.93
N SER A 102 55.26 22.24 50.99
CA SER A 102 55.32 20.85 51.45
C SER A 102 54.35 19.96 50.67
N LYS A 103 54.35 20.13 49.34
CA LYS A 103 53.44 19.45 48.40
C LYS A 103 51.97 19.67 48.74
N TYR A 104 51.65 20.89 49.18
CA TYR A 104 50.28 21.29 49.46
C TYR A 104 50.11 22.76 49.08
N TYR A 105 48.96 23.09 48.52
CA TYR A 105 48.69 24.45 48.07
C TYR A 105 48.24 25.32 49.23
N PHE A 106 48.75 26.54 49.27
CA PHE A 106 48.38 27.52 50.29
C PHE A 106 48.08 28.86 49.64
N ASP A 107 47.46 29.75 50.41
CA ASP A 107 47.08 31.07 49.91
C ASP A 107 47.07 32.04 51.08
N TYR A 108 47.96 33.01 51.06
CA TYR A 108 48.06 34.02 52.10
C TYR A 108 47.44 35.33 51.63
N TRP A 109 46.89 36.07 52.58
CA TRP A 109 46.21 37.34 52.29
C TRP A 109 46.62 38.39 53.31
N GLY A 110 46.25 39.63 53.03
CA GLY A 110 46.55 40.73 53.92
C GLY A 110 45.32 41.47 54.40
N GLN A 111 45.46 42.75 54.71
CA GLN A 111 44.35 43.56 55.20
C GLN A 111 43.66 44.31 54.05
N GLY A 112 44.40 45.14 53.34
CA GLY A 112 43.84 45.87 52.22
C GLY A 112 43.34 47.25 52.62
N THR A 113 43.38 48.16 51.65
CA THR A 113 42.90 49.53 51.84
C THR A 113 42.07 49.95 50.64
N THR A 114 41.14 50.87 50.89
CA THR A 114 40.21 51.34 49.88
C THR A 114 40.70 52.67 49.32
N LEU A 115 40.86 52.73 48.00
CA LEU A 115 41.30 53.95 47.31
C LEU A 115 40.12 54.55 46.55
N THR A 116 39.89 55.84 46.74
CA THR A 116 38.78 56.55 46.11
C THR A 116 39.33 57.47 45.04
N VAL A 117 38.90 57.26 43.80
CA VAL A 117 39.32 58.08 42.66
C VAL A 117 38.16 58.98 42.29
N SER A 118 38.28 60.27 42.64
CA SER A 118 37.23 61.24 42.35
C SER A 118 37.88 62.61 42.22
N SER A 119 37.12 63.55 41.66
CA SER A 119 37.57 64.92 41.44
C SER A 119 37.11 65.86 42.55
N ALA A 120 36.58 65.33 43.65
CA ALA A 120 36.12 66.16 44.74
C ALA A 120 37.30 66.67 45.57
N LYS A 121 37.03 67.69 46.38
CA LYS A 121 38.04 68.30 47.22
C LYS A 121 38.02 67.69 48.62
N THR A 122 39.13 67.88 49.33
CA THR A 122 39.26 67.35 50.70
C THR A 122 38.43 68.21 51.65
N THR A 123 37.54 67.55 52.41
CA THR A 123 36.67 68.23 53.34
C THR A 123 36.82 67.59 54.72
N PRO A 124 37.11 68.35 55.77
CA PRO A 124 37.22 67.76 57.10
C PRO A 124 35.85 67.39 57.64
N PRO A 125 35.74 66.30 58.40
CA PRO A 125 34.43 65.87 58.90
C PRO A 125 33.94 66.72 60.06
N SER A 126 32.62 66.79 60.17
CA SER A 126 31.95 67.53 61.24
C SER A 126 31.02 66.55 61.96
N VAL A 127 31.41 66.16 63.18
CA VAL A 127 30.66 65.18 63.96
C VAL A 127 29.62 65.91 64.80
N TYR A 128 28.36 65.51 64.67
CA TYR A 128 27.27 66.08 65.45
C TYR A 128 26.57 64.98 66.24
N PRO A 129 26.21 65.25 67.49
CA PRO A 129 25.58 64.21 68.32
C PRO A 129 24.11 64.02 67.95
N LEU A 130 23.59 62.85 68.34
CA LEU A 130 22.19 62.49 68.10
C LEU A 130 21.58 62.12 69.45
N ALA A 131 20.83 63.06 70.04
CA ALA A 131 20.20 62.85 71.32
C ALA A 131 18.71 62.60 71.17
N PRO A 132 18.14 61.70 71.96
CA PRO A 132 16.70 61.45 71.88
C PRO A 132 15.89 62.59 72.49
N GLY A 133 14.60 62.59 72.19
CA GLY A 133 13.74 63.63 72.70
C GLY A 133 13.40 63.45 74.17
N SER A 134 12.95 64.55 74.78
CA SER A 134 12.59 64.52 76.20
C SER A 134 11.26 63.84 76.46
N ALA A 135 10.38 63.77 75.46
CA ALA A 135 9.07 63.13 75.60
C ALA A 135 9.02 61.77 74.94
N ALA A 136 10.15 61.08 74.85
CA ALA A 136 10.20 59.77 74.23
C ALA A 136 9.68 58.70 75.19
N GLN A 137 9.44 57.51 74.64
CA GLN A 137 8.96 56.39 75.45
C GLN A 137 10.11 55.79 76.26
N THR A 138 9.85 55.54 77.54
CA THR A 138 10.85 54.95 78.42
C THR A 138 11.08 53.48 78.09
N ASN A 139 12.34 53.06 78.18
CA ASN A 139 12.72 51.70 77.85
C ASN A 139 13.98 51.34 78.62
N SER A 140 14.16 50.05 78.88
CA SER A 140 15.34 49.57 79.60
C SER A 140 16.60 49.66 78.77
N MET A 141 16.48 49.69 77.43
CA MET A 141 17.63 49.81 76.53
C MET A 141 17.47 51.10 75.74
N VAL A 142 18.44 52.01 75.89
CA VAL A 142 18.42 53.31 75.23
C VAL A 142 19.36 53.27 74.04
N THR A 143 18.85 53.65 72.88
CA THR A 143 19.65 53.67 71.65
C THR A 143 20.25 55.06 71.46
N LEU A 144 21.54 55.10 71.16
CA LEU A 144 22.26 56.34 70.89
C LEU A 144 22.75 56.33 69.44
N GLY A 145 23.32 57.47 69.02
CA GLY A 145 23.78 57.61 67.66
C GLY A 145 25.06 58.41 67.59
N CYS A 146 25.66 58.41 66.39
CA CYS A 146 26.90 59.12 66.12
C CYS A 146 26.93 59.44 64.64
N LEU A 147 26.63 60.70 64.29
CA LEU A 147 26.46 61.12 62.91
C LEU A 147 27.72 61.82 62.41
N VAL A 148 28.25 61.35 61.29
CA VAL A 148 29.41 61.95 60.63
C VAL A 148 29.00 62.31 59.21
N LYS A 149 28.99 63.60 58.90
CA LYS A 149 28.56 64.09 57.61
C LYS A 149 29.57 65.11 57.08
N GLY A 150 29.97 64.95 55.83
CA GLY A 150 30.89 65.89 55.20
C GLY A 150 32.35 65.49 55.32
N TYR A 151 32.67 64.26 54.91
CA TYR A 151 34.03 63.76 54.96
C TYR A 151 34.42 63.18 53.60
N PHE A 152 35.70 63.26 53.29
CA PHE A 152 36.24 62.81 52.01
C PHE A 152 37.74 62.58 52.15
N PRO A 153 38.28 61.46 51.63
CA PRO A 153 37.57 60.36 50.99
C PRO A 153 37.29 59.18 51.92
N GLU A 154 36.85 58.06 51.33
CA GLU A 154 36.59 56.82 52.05
C GLU A 154 37.90 56.05 52.25
N PRO A 155 38.02 55.29 53.35
CA PRO A 155 37.11 55.13 54.49
C PRO A 155 37.53 55.89 55.74
N VAL A 156 36.73 55.77 56.80
CA VAL A 156 37.04 56.36 58.10
C VAL A 156 36.87 55.28 59.16
N THR A 157 37.46 55.53 60.32
CA THR A 157 37.42 54.61 61.46
C THR A 157 36.64 55.27 62.59
N VAL A 158 35.47 54.73 62.90
CA VAL A 158 34.60 55.24 63.95
C VAL A 158 34.44 54.15 65.00
N THR A 159 34.87 54.43 66.22
CA THR A 159 34.79 53.49 67.33
C THR A 159 33.87 54.06 68.42
N TRP A 160 33.76 53.31 69.52
CA TRP A 160 32.92 53.71 70.66
C TRP A 160 33.74 53.54 71.92
N ASN A 161 34.06 54.65 72.58
CA ASN A 161 34.81 54.71 73.85
C ASN A 161 36.18 54.04 73.73
N SER A 162 36.90 54.39 72.66
CA SER A 162 38.25 53.89 72.35
C SER A 162 38.30 52.37 72.24
N GLY A 163 37.24 51.79 71.67
CA GLY A 163 37.17 50.36 71.45
C GLY A 163 36.72 49.54 72.65
N SER A 164 36.50 50.17 73.81
CA SER A 164 36.08 49.44 74.99
C SER A 164 34.59 49.07 74.95
N LEU A 165 33.79 49.80 74.20
CA LEU A 165 32.36 49.53 74.08
C LEU A 165 32.12 48.85 72.73
N SER A 166 31.97 47.52 72.76
CA SER A 166 31.77 46.74 71.55
C SER A 166 30.41 46.06 71.48
N SER A 167 29.73 45.87 72.61
CA SER A 167 28.44 45.21 72.62
C SER A 167 27.36 46.18 72.14
N GLY A 168 26.51 45.70 71.22
CA GLY A 168 25.43 46.50 70.69
C GLY A 168 25.84 47.51 69.63
N VAL A 169 27.05 47.41 69.09
CA VAL A 169 27.52 48.34 68.07
C VAL A 169 27.08 47.83 66.71
N HIS A 170 26.32 48.64 65.99
CA HIS A 170 25.83 48.31 64.65
C HIS A 170 26.46 49.29 63.66
N THR A 171 27.48 48.83 62.95
CA THR A 171 28.18 49.68 61.99
C THR A 171 27.36 49.79 60.71
N PHE A 172 27.01 51.02 60.33
CA PHE A 172 26.24 51.27 59.13
C PHE A 172 27.16 51.68 57.98
N PRO A 173 26.88 51.22 56.76
CA PRO A 173 27.70 51.65 55.61
C PRO A 173 27.40 53.07 55.22
N ALA A 174 28.22 53.59 54.31
CA ALA A 174 28.12 54.97 53.85
C ALA A 174 27.32 55.04 52.56
N VAL A 175 26.75 56.22 52.31
CA VAL A 175 26.03 56.50 51.07
C VAL A 175 26.84 57.50 50.26
N LEU A 176 26.39 57.80 49.05
CA LEU A 176 27.11 58.70 48.15
C LEU A 176 26.12 59.70 47.56
N GLN A 177 26.20 60.94 48.01
CA GLN A 177 25.46 62.03 47.39
C GLN A 177 26.35 62.67 46.32
N SER A 178 25.93 63.83 45.81
CA SER A 178 26.62 64.43 44.66
C SER A 178 27.96 65.07 45.06
N ASP A 179 28.13 65.43 46.33
CA ASP A 179 29.33 66.15 46.75
C ASP A 179 30.16 65.38 47.77
N LEU A 180 29.55 64.88 48.83
CA LEU A 180 30.30 64.26 49.92
C LEU A 180 29.79 62.87 50.26
N TYR A 181 30.23 62.33 51.39
CA TYR A 181 29.74 61.07 51.93
C TYR A 181 29.01 61.32 53.24
N THR A 182 28.35 60.27 53.75
CA THR A 182 27.61 60.36 55.00
C THR A 182 27.75 59.04 55.74
N LEU A 183 28.23 59.12 56.98
CA LEU A 183 28.42 57.95 57.83
C LEU A 183 27.49 58.05 59.04
N SER A 184 26.95 56.91 59.46
CA SER A 184 26.07 56.83 60.62
C SER A 184 26.44 55.63 61.45
N SER A 185 26.06 55.66 62.72
CA SER A 185 26.35 54.58 63.65
C SER A 185 25.30 54.59 64.76
N SER A 186 25.17 53.45 65.43
CA SER A 186 24.22 53.29 66.51
C SER A 186 24.81 52.35 67.56
N VAL A 187 24.39 52.55 68.81
CA VAL A 187 24.85 51.74 69.93
C VAL A 187 23.66 51.50 70.86
N THR A 188 23.76 50.47 71.68
CA THR A 188 22.71 50.09 72.63
C THR A 188 23.29 50.09 74.03
N VAL A 189 22.83 51.04 74.85
CA VAL A 189 23.27 51.13 76.25
C VAL A 189 22.05 51.01 77.15
N PRO A 190 22.18 50.48 78.36
CA PRO A 190 21.03 50.41 79.27
C PRO A 190 20.66 51.77 79.82
N SER A 191 19.54 51.80 80.55
CA SER A 191 19.05 53.04 81.14
C SER A 191 19.90 53.51 82.31
N SER A 192 20.61 52.60 82.98
CA SER A 192 21.50 52.99 84.07
C SER A 192 22.86 53.47 83.60
N THR A 193 23.17 53.34 82.31
CA THR A 193 24.43 53.79 81.76
C THR A 193 24.36 55.23 81.25
N TRP A 194 23.37 55.53 80.41
CA TRP A 194 23.20 56.87 79.86
C TRP A 194 22.07 57.59 80.59
N PRO A 195 22.26 58.86 81.00
CA PRO A 195 23.49 59.64 80.88
C PRO A 195 24.36 59.59 82.13
N SER A 196 24.32 58.46 82.85
CA SER A 196 25.08 58.34 84.09
C SER A 196 26.57 58.15 83.82
N GLU A 197 26.91 57.40 82.77
CA GLU A 197 28.29 57.14 82.41
C GLU A 197 28.69 57.97 81.20
N THR A 198 29.98 57.90 80.87
CA THR A 198 30.54 58.68 79.76
C THR A 198 30.48 57.85 78.49
N VAL A 199 29.68 58.30 77.52
CA VAL A 199 29.55 57.66 76.22
C VAL A 199 30.00 58.67 75.17
N THR A 200 31.08 58.35 74.46
CA THR A 200 31.65 59.25 73.46
C THR A 200 32.19 58.41 72.30
N CYS A 201 31.63 58.60 71.11
CA CYS A 201 32.14 57.92 69.93
C CYS A 201 33.36 58.65 69.39
N ASN A 202 34.41 57.88 69.10
CA ASN A 202 35.67 58.42 68.61
C ASN A 202 35.71 58.29 67.09
N VAL A 203 35.81 59.42 66.41
CA VAL A 203 35.86 59.47 64.95
C VAL A 203 37.26 59.92 64.55
N ALA A 204 37.93 59.09 63.74
CA ALA A 204 39.29 59.36 63.29
C ALA A 204 39.32 59.35 61.78
N HIS A 205 39.98 60.34 61.19
CA HIS A 205 40.13 60.45 59.74
C HIS A 205 41.61 60.49 59.39
N PRO A 206 42.20 59.38 58.94
CA PRO A 206 43.63 59.38 58.63
C PRO A 206 44.00 60.14 57.37
N ALA A 207 43.05 60.38 56.47
CA ALA A 207 43.36 61.07 55.24
C ALA A 207 43.52 62.58 55.43
N SER A 208 42.78 63.17 56.37
CA SER A 208 42.82 64.60 56.63
C SER A 208 43.40 64.94 57.99
N SER A 209 43.82 63.93 58.77
CA SER A 209 44.39 64.08 60.12
C SER A 209 43.44 64.81 61.05
N THR A 210 42.17 64.44 61.02
CA THR A 210 41.13 65.05 61.83
C THR A 210 40.58 64.03 62.81
N LYS A 211 40.64 64.35 64.10
CA LYS A 211 40.13 63.49 65.16
C LYS A 211 39.20 64.31 66.04
N VAL A 212 37.90 64.06 65.94
CA VAL A 212 36.88 64.80 66.68
C VAL A 212 36.18 63.82 67.62
N ASP A 213 36.24 64.12 68.91
CA ASP A 213 35.57 63.32 69.94
C ASP A 213 34.36 64.11 70.44
N LYS A 214 33.17 63.66 70.09
CA LYS A 214 31.92 64.33 70.42
C LYS A 214 31.24 63.57 71.55
N LYS A 215 31.16 64.19 72.73
CA LYS A 215 30.51 63.58 73.87
C LYS A 215 29.00 63.61 73.70
N ILE A 216 28.35 62.46 73.93
CA ILE A 216 26.90 62.37 73.82
C ILE A 216 26.27 63.04 75.03
N VAL A 217 25.71 64.22 74.83
CA VAL A 217 25.08 64.98 75.91
C VAL A 217 23.59 65.15 75.61
N PRO A 218 22.71 65.13 76.62
CA PRO A 218 21.27 65.31 76.35
C PRO A 218 20.91 66.77 76.10
N ARG A 219 21.24 67.24 74.90
CA ARG A 219 20.94 68.61 74.48
C ARG A 219 20.00 68.55 73.27
N ASP A 220 18.91 69.32 73.32
CA ASP A 220 18.56 70.18 74.45
C ASP A 220 17.52 69.51 75.35
N CYS A 221 17.35 70.06 76.55
CA CYS A 221 16.40 69.51 77.50
C CYS A 221 14.98 70.01 77.19
N GLY A 222 14.01 69.46 77.90
CA GLY A 222 12.63 69.83 77.72
C GLY A 222 12.27 71.17 78.34
N ASP B 1 39.57 35.01 27.62
CA ASP B 1 38.80 35.32 28.82
C ASP B 1 38.12 34.07 29.35
N ILE B 2 37.98 33.99 30.67
CA ILE B 2 37.34 32.87 31.35
C ILE B 2 36.12 33.40 32.06
N VAL B 3 34.94 32.91 31.66
CA VAL B 3 33.68 33.36 32.23
C VAL B 3 33.31 32.40 33.37
N MET B 4 33.21 32.93 34.58
CA MET B 4 32.81 32.16 35.77
C MET B 4 31.39 32.55 36.12
N THR B 5 30.45 31.64 35.85
CA THR B 5 29.02 31.88 36.06
C THR B 5 28.53 30.98 37.18
N GLN B 6 27.90 31.58 38.18
CA GLN B 6 27.31 30.84 39.28
C GLN B 6 25.82 30.59 39.02
N SER B 7 25.15 29.99 40.01
CA SER B 7 23.72 29.71 39.87
C SER B 7 22.89 30.95 40.17
N HIS B 8 22.99 31.48 41.38
CA HIS B 8 22.25 32.66 41.79
C HIS B 8 23.17 33.59 42.57
N LYS B 9 22.74 34.84 42.70
CA LYS B 9 23.51 35.83 43.43
C LYS B 9 23.13 35.90 44.91
N PHE B 10 21.88 35.60 45.25
CA PHE B 10 21.41 35.63 46.63
C PHE B 10 20.54 34.40 46.88
N MET B 11 20.92 33.60 47.87
CA MET B 11 20.18 32.40 48.24
C MET B 11 19.85 32.45 49.73
N SER B 12 19.16 31.41 50.20
CA SER B 12 18.75 31.31 51.58
C SER B 12 19.01 29.89 52.08
N THR B 13 19.62 29.78 53.26
CA THR B 13 19.95 28.49 53.85
C THR B 13 19.72 28.56 55.35
N SER B 14 18.84 27.71 55.86
CA SER B 14 18.57 27.66 57.29
C SER B 14 19.63 26.85 58.01
N VAL B 15 19.53 26.82 59.34
CA VAL B 15 20.48 26.08 60.17
C VAL B 15 20.13 24.60 60.11
N GLY B 16 21.09 23.78 59.67
CA GLY B 16 20.90 22.35 59.57
C GLY B 16 20.63 21.84 58.17
N HIS B 17 20.32 22.72 57.22
CA HIS B 17 20.04 22.31 55.86
C HIS B 17 21.34 22.12 55.08
N ARG B 18 21.23 21.53 53.90
CA ARG B 18 22.36 21.26 53.03
C ARG B 18 22.21 22.10 51.76
N VAL B 19 23.17 22.98 51.51
CA VAL B 19 23.14 23.87 50.37
C VAL B 19 24.23 23.46 49.38
N SER B 20 23.84 23.30 48.12
CA SER B 20 24.74 22.89 47.04
C SER B 20 25.07 24.13 46.21
N ILE B 21 26.20 24.75 46.50
CA ILE B 21 26.66 25.92 45.74
C ILE B 21 27.24 25.42 44.42
N THR B 22 26.55 25.74 43.33
CA THR B 22 26.96 25.33 41.99
C THR B 22 27.45 26.54 41.20
N CYS B 23 28.57 26.37 40.50
CA CYS B 23 29.17 27.42 39.68
C CYS B 23 29.42 26.82 38.29
N LYS B 24 28.43 26.98 37.41
CA LYS B 24 28.48 26.38 36.07
C LYS B 24 29.19 27.35 35.13
N ALA B 25 30.50 27.16 35.02
CA ALA B 25 31.31 27.98 34.12
C ALA B 25 31.10 27.55 32.67
N SER B 26 31.22 28.51 31.76
CA SER B 26 31.06 28.22 30.34
C SER B 26 32.27 27.48 29.76
N GLN B 27 33.47 27.78 30.25
CA GLN B 27 34.68 27.11 29.81
C GLN B 27 35.16 26.14 30.87
N ASP B 28 35.66 24.99 30.43
CA ASP B 28 36.15 23.97 31.35
C ASP B 28 37.49 24.38 31.94
N VAL B 29 37.63 24.21 33.25
CA VAL B 29 38.85 24.59 33.97
C VAL B 29 39.63 23.40 34.47
N GLY B 30 39.08 22.19 34.40
CA GLY B 30 39.78 21.00 34.88
C GLY B 30 39.46 20.72 36.34
N ASN B 31 40.51 20.58 37.16
CA ASN B 31 40.35 20.32 38.59
C ASN B 31 40.97 21.41 39.44
N ASP B 32 41.28 22.56 38.85
CA ASP B 32 41.87 23.68 39.58
C ASP B 32 40.77 24.65 40.01
N VAL B 33 39.96 24.17 40.96
CA VAL B 33 38.81 24.92 41.46
C VAL B 33 39.04 25.22 42.93
N ALA B 34 39.00 26.51 43.28
CA ALA B 34 39.13 26.95 44.66
C ALA B 34 37.96 27.86 45.01
N TRP B 35 37.64 27.94 46.30
CA TRP B 35 36.52 28.71 46.79
C TRP B 35 36.98 29.67 47.87
N TYR B 36 36.33 30.83 47.94
CA TYR B 36 36.66 31.85 48.92
C TYR B 36 35.68 31.80 50.09
N GLN B 37 36.08 32.44 51.19
CA GLN B 37 35.26 32.61 52.39
C GLN B 37 35.52 34.01 52.91
N GLN B 38 34.69 34.97 52.47
CA GLN B 38 34.90 36.38 52.75
C GLN B 38 33.87 36.85 53.78
N LYS B 39 34.35 37.12 55.00
CA LYS B 39 33.50 37.70 56.01
C LYS B 39 33.26 39.18 55.69
N PRO B 40 32.10 39.73 56.10
CA PRO B 40 31.85 41.16 55.89
C PRO B 40 32.78 42.01 56.75
N GLY B 41 33.70 42.71 56.09
CA GLY B 41 34.69 43.52 56.78
C GLY B 41 36.09 42.93 56.81
N GLN B 42 36.29 41.75 56.22
CA GLN B 42 37.61 41.12 56.21
C GLN B 42 38.01 40.73 54.79
N SER B 43 39.12 39.98 54.66
CA SER B 43 39.66 39.50 53.40
C SER B 43 39.24 38.07 53.14
N PRO B 44 39.06 37.69 51.87
CA PRO B 44 38.73 36.29 51.57
C PRO B 44 39.90 35.35 51.83
N LYS B 45 39.57 34.12 52.21
CA LYS B 45 40.56 33.12 52.55
C LYS B 45 40.33 31.87 51.71
N LEU B 46 41.37 31.03 51.64
CA LEU B 46 41.29 29.78 50.91
C LEU B 46 40.51 28.75 51.69
N LEU B 47 39.61 28.03 51.01
CA LEU B 47 38.76 27.04 51.64
C LEU B 47 39.10 25.63 51.18
N ILE B 48 39.01 25.36 49.87
CA ILE B 48 39.25 24.03 49.31
C ILE B 48 40.24 24.17 48.16
N TYR B 49 41.36 23.46 48.24
CA TYR B 49 42.36 23.43 47.18
C TYR B 49 42.37 22.06 46.52
N TRP B 50 42.49 22.06 45.19
CA TRP B 50 42.54 20.87 44.32
C TRP B 50 41.28 20.02 44.39
N ALA B 51 40.17 20.58 44.90
CA ALA B 51 38.82 20.00 44.93
C ALA B 51 38.70 18.66 45.65
N SER B 52 39.73 18.25 46.40
CA SER B 52 39.68 16.98 47.12
C SER B 52 40.24 17.02 48.54
N THR B 53 40.97 18.06 48.92
CA THR B 53 41.61 18.12 50.23
C THR B 53 41.28 19.45 50.90
N ARG B 54 40.90 19.39 52.16
CA ARG B 54 40.58 20.59 52.92
C ARG B 54 41.85 21.29 53.40
N HIS B 55 41.72 22.58 53.67
CA HIS B 55 42.85 23.38 54.11
C HIS B 55 43.12 23.15 55.60
N THR B 56 44.36 23.40 56.00
CA THR B 56 44.77 23.23 57.39
C THR B 56 44.13 24.33 58.24
N GLY B 57 43.32 23.92 59.22
CA GLY B 57 42.56 24.83 60.05
C GLY B 57 41.09 24.88 59.73
N VAL B 58 40.66 24.27 58.62
CA VAL B 58 39.26 24.22 58.23
C VAL B 58 38.66 22.92 58.75
N PRO B 59 37.49 22.97 59.39
CA PRO B 59 36.86 21.73 59.88
C PRO B 59 36.35 20.86 58.74
N ASP B 60 35.93 19.65 59.10
CA ASP B 60 35.53 18.63 58.13
C ASP B 60 34.10 18.81 57.63
N ARG B 61 33.42 19.89 57.99
CA ARG B 61 32.05 20.12 57.52
C ARG B 61 31.98 20.75 56.13
N PHE B 62 33.13 21.09 55.54
CA PHE B 62 33.18 21.68 54.20
C PHE B 62 33.66 20.64 53.21
N THR B 63 32.78 20.24 52.29
CA THR B 63 33.10 19.26 51.27
C THR B 63 32.95 19.88 49.89
N GLY B 64 33.60 19.25 48.90
CA GLY B 64 33.55 19.73 47.54
C GLY B 64 33.70 18.63 46.51
N SER B 65 32.92 18.71 45.43
CA SER B 65 32.96 17.73 44.37
C SER B 65 32.53 18.39 43.07
N GLY B 66 32.29 17.60 42.05
CA GLY B 66 31.85 18.09 40.75
C GLY B 66 32.45 17.27 39.63
N SER B 67 31.77 17.32 38.47
CA SER B 67 32.21 16.59 37.29
C SER B 67 31.92 17.45 36.06
N GLY B 68 32.93 17.63 35.22
CA GLY B 68 32.77 18.47 34.04
C GLY B 68 32.73 19.93 34.42
N THR B 69 31.80 20.67 33.79
CA THR B 69 31.58 22.07 34.09
C THR B 69 30.49 22.28 35.12
N ASP B 70 30.03 21.23 35.79
CA ASP B 70 28.97 21.30 36.79
C ASP B 70 29.58 20.93 38.14
N PHE B 71 30.11 21.92 38.83
CA PHE B 71 30.70 21.71 40.14
C PHE B 71 29.65 21.91 41.24
N THR B 72 29.93 21.35 42.41
CA THR B 72 29.01 21.40 43.53
C THR B 72 29.80 21.57 44.82
N LEU B 73 29.57 22.67 45.52
CA LEU B 73 30.21 22.94 46.81
C LEU B 73 29.18 22.62 47.90
N THR B 74 29.21 21.38 48.37
CA THR B 74 28.27 20.92 49.39
C THR B 74 28.71 21.45 50.75
N ILE B 75 27.90 22.32 51.34
CA ILE B 75 28.19 22.92 52.64
C ILE B 75 27.31 22.22 53.67
N SER B 76 27.90 21.31 54.44
CA SER B 76 27.19 20.59 55.48
C SER B 76 27.37 21.29 56.82
N ASN B 77 26.34 21.17 57.67
CA ASN B 77 26.28 21.79 59.01
C ASN B 77 26.47 23.30 58.94
N VAL B 78 25.51 23.95 58.28
CA VAL B 78 25.56 25.39 58.07
C VAL B 78 25.23 26.08 59.40
N GLN B 79 26.25 26.64 60.04
CA GLN B 79 26.09 27.35 61.29
C GLN B 79 26.09 28.86 61.05
N SER B 80 26.09 29.64 62.13
CA SER B 80 26.09 31.09 62.01
C SER B 80 27.46 31.65 61.64
N GLU B 81 28.54 30.92 61.90
CA GLU B 81 29.88 31.37 61.57
C GLU B 81 30.26 31.09 60.12
N ASP B 82 29.48 30.29 59.41
CA ASP B 82 29.76 29.96 58.01
C ASP B 82 29.09 30.92 57.04
N LEU B 83 28.47 31.98 57.52
CA LEU B 83 27.79 32.96 56.67
C LEU B 83 28.85 33.86 56.04
N ALA B 84 29.21 33.56 54.79
CA ALA B 84 30.21 34.33 54.07
C ALA B 84 29.92 34.23 52.57
N ASP B 85 30.73 34.94 51.79
CA ASP B 85 30.58 34.93 50.33
C ASP B 85 31.50 33.89 49.72
N TYR B 86 31.02 33.25 48.66
CA TYR B 86 31.76 32.22 47.95
C TYR B 86 32.04 32.66 46.53
N PHE B 87 33.26 32.41 46.06
CA PHE B 87 33.69 32.79 44.72
C PHE B 87 34.46 31.64 44.10
N CYS B 88 33.94 31.09 43.00
CA CYS B 88 34.66 30.08 42.25
C CYS B 88 35.78 30.74 41.44
N GLN B 89 36.99 30.23 41.63
CA GLN B 89 38.16 30.81 40.98
C GLN B 89 39.01 29.69 40.39
N GLN B 90 40.15 30.06 39.81
CA GLN B 90 41.08 29.10 39.24
C GLN B 90 42.48 29.70 39.27
N TYR B 91 43.46 28.86 39.56
CA TYR B 91 44.87 29.25 39.55
C TYR B 91 45.57 28.77 38.28
N ASN B 92 44.83 28.63 37.18
CA ASN B 92 45.41 28.12 35.94
C ASN B 92 46.26 29.19 35.25
N ARG B 93 45.64 30.31 34.89
CA ARG B 93 46.34 31.37 34.18
C ARG B 93 45.68 32.70 34.51
N TYR B 94 46.39 33.78 34.16
CA TYR B 94 46.02 35.18 34.35
C TYR B 94 45.24 35.68 33.14
N PRO B 95 44.25 36.59 33.33
CA PRO B 95 43.77 37.20 34.58
C PRO B 95 42.84 36.31 35.39
N TYR B 96 42.86 36.47 36.71
CA TYR B 96 42.03 35.69 37.61
C TYR B 96 40.63 36.30 37.65
N THR B 97 39.82 35.92 36.66
CA THR B 97 38.45 36.38 36.59
C THR B 97 37.59 35.61 37.60
N PHE B 98 36.90 36.35 38.47
CA PHE B 98 36.13 35.76 39.56
C PHE B 98 34.64 35.86 39.25
N GLY B 99 33.86 35.11 40.03
CA GLY B 99 32.42 35.08 39.84
C GLY B 99 31.71 36.23 40.54
N GLY B 100 30.38 36.17 40.49
CA GLY B 100 29.58 37.22 41.11
C GLY B 100 29.42 37.08 42.61
N GLY B 101 29.34 35.84 43.10
CA GLY B 101 29.19 35.62 44.52
C GLY B 101 27.79 35.22 44.94
N THR B 102 27.70 34.36 45.96
CA THR B 102 26.42 33.87 46.45
C THR B 102 26.36 34.10 47.96
N LYS B 103 25.37 34.87 48.40
CA LYS B 103 25.19 35.17 49.82
C LYS B 103 24.02 34.37 50.37
N LEU B 104 24.24 33.72 51.50
CA LEU B 104 23.22 32.90 52.14
C LEU B 104 22.35 33.74 53.06
N GLU B 105 21.25 33.15 53.51
CA GLU B 105 20.32 33.84 54.39
C GLU B 105 19.70 32.83 55.34
N ILE B 106 19.84 33.07 56.64
CA ILE B 106 19.30 32.18 57.67
C ILE B 106 17.86 32.61 57.98
N LYS B 107 16.93 31.66 57.89
CA LYS B 107 15.53 31.93 58.14
C LYS B 107 15.18 31.67 59.59
N ARG B 108 14.36 32.56 60.16
CA ARG B 108 13.90 32.42 61.54
C ARG B 108 12.53 33.08 61.66
N ALA B 109 12.05 33.22 62.89
CA ALA B 109 10.73 33.78 63.12
C ALA B 109 10.75 35.31 62.95
N ASP B 110 9.66 35.84 62.43
CA ASP B 110 9.56 37.28 62.20
C ASP B 110 9.30 37.99 63.53
N ALA B 111 9.95 39.14 63.70
CA ALA B 111 9.82 39.94 64.92
C ALA B 111 9.61 41.40 64.55
N ALA B 112 9.27 42.20 65.55
CA ALA B 112 9.04 43.62 65.32
C ALA B 112 10.33 44.42 65.59
N PRO B 113 10.66 45.37 64.72
CA PRO B 113 11.88 46.16 64.91
C PRO B 113 11.69 47.23 66.00
N THR B 114 12.80 47.88 66.32
CA THR B 114 12.82 48.97 67.30
C THR B 114 13.02 50.27 66.54
N VAL B 115 11.94 51.03 66.37
CA VAL B 115 11.96 52.30 65.65
C VAL B 115 12.11 53.42 66.66
N SER B 116 13.13 54.26 66.48
CA SER B 116 13.40 55.38 67.36
C SER B 116 13.89 56.55 66.53
N ILE B 117 13.04 57.55 66.35
CA ILE B 117 13.37 58.75 65.60
C ILE B 117 13.85 59.82 66.57
N PHE B 118 15.04 60.38 66.31
CA PHE B 118 15.66 61.31 67.22
C PHE B 118 15.63 62.72 66.66
N PRO B 119 15.42 63.74 67.51
CA PRO B 119 15.44 65.11 67.02
C PRO B 119 16.86 65.56 66.70
N PRO B 120 17.02 66.55 65.82
CA PRO B 120 18.36 67.07 65.56
C PRO B 120 18.90 67.88 66.74
N SER B 121 20.21 67.79 66.93
CA SER B 121 20.86 68.47 68.04
C SER B 121 20.97 69.97 67.77
N SER B 122 21.27 70.72 68.83
CA SER B 122 21.40 72.17 68.71
C SER B 122 22.72 72.59 68.07
N GLU B 123 23.73 71.71 68.04
CA GLU B 123 24.99 72.05 67.42
C GLU B 123 24.88 72.03 65.89
N GLN B 124 24.00 71.20 65.35
CA GLN B 124 23.82 71.14 63.90
C GLN B 124 23.03 72.34 63.38
N LEU B 125 22.09 72.86 64.18
CA LEU B 125 21.29 74.00 63.77
C LEU B 125 22.07 75.30 63.81
N THR B 126 23.21 75.34 64.50
CA THR B 126 24.02 76.55 64.55
C THR B 126 24.74 76.78 63.23
N SER B 127 25.29 75.72 62.64
CA SER B 127 25.99 75.85 61.36
C SER B 127 25.03 76.01 60.19
N GLY B 128 23.78 75.56 60.33
CA GLY B 128 22.81 75.72 59.28
C GLY B 128 22.40 74.41 58.62
N GLY B 129 22.52 73.31 59.37
CA GLY B 129 22.18 72.00 58.87
C GLY B 129 21.10 71.34 59.72
N ALA B 130 20.44 70.35 59.14
CA ALA B 130 19.39 69.61 59.81
C ALA B 130 19.28 68.23 59.17
N SER B 131 19.32 67.18 60.00
CA SER B 131 19.24 65.81 59.51
C SER B 131 18.51 64.97 60.55
N VAL B 132 17.34 64.46 60.19
CA VAL B 132 16.56 63.59 61.05
C VAL B 132 16.85 62.15 60.66
N VAL B 133 17.34 61.37 61.60
CA VAL B 133 17.74 59.98 61.37
C VAL B 133 16.73 59.06 62.02
N CYS B 134 16.20 58.12 61.24
CA CYS B 134 15.23 57.14 61.71
C CYS B 134 15.93 55.79 61.80
N PHE B 135 16.28 55.37 63.01
CA PHE B 135 17.02 54.14 63.21
C PHE B 135 16.08 52.94 63.21
N LEU B 136 16.48 51.90 62.48
CA LEU B 136 15.76 50.63 62.44
C LEU B 136 16.74 49.50 62.67
N ASN B 137 16.53 48.73 63.73
CA ASN B 137 17.43 47.64 64.09
C ASN B 137 16.60 46.40 64.40
N ASN B 138 17.21 45.24 64.12
CA ASN B 138 16.65 43.90 64.41
C ASN B 138 15.30 43.69 63.72
N PHE B 139 15.33 43.71 62.39
CA PHE B 139 14.15 43.49 61.58
C PHE B 139 14.42 42.36 60.59
N TYR B 140 13.33 41.75 60.11
CA TYR B 140 13.42 40.63 59.18
C TYR B 140 12.14 40.59 58.37
N PRO B 141 12.21 40.40 57.03
CA PRO B 141 13.42 40.20 56.23
C PRO B 141 14.10 41.50 55.80
N LYS B 142 14.94 41.42 54.77
CA LYS B 142 15.67 42.60 54.31
C LYS B 142 14.76 43.57 53.58
N ASP B 143 13.75 43.07 52.87
CA ASP B 143 12.84 43.93 52.14
C ASP B 143 11.88 44.62 53.09
N ILE B 144 11.99 45.95 53.18
CA ILE B 144 11.14 46.75 54.05
C ILE B 144 10.92 48.10 53.39
N ASN B 145 9.88 48.80 53.81
CA ASN B 145 9.52 50.11 53.27
C ASN B 145 9.59 51.13 54.39
N VAL B 146 10.48 52.10 54.24
CA VAL B 146 10.66 53.17 55.22
C VAL B 146 10.27 54.48 54.54
N LYS B 147 9.12 55.02 54.92
CA LYS B 147 8.61 56.27 54.35
C LYS B 147 8.54 57.33 55.43
N TRP B 148 8.53 58.59 54.98
CA TRP B 148 8.47 59.74 55.87
C TRP B 148 7.13 60.44 55.72
N LYS B 149 6.56 60.87 56.86
CA LYS B 149 5.29 61.60 56.88
C LYS B 149 5.52 62.91 57.60
N ILE B 150 5.75 63.98 56.83
CA ILE B 150 5.95 65.31 57.36
C ILE B 150 4.67 66.10 57.11
N ASP B 151 3.88 66.27 58.19
CA ASP B 151 2.59 66.98 58.17
C ASP B 151 1.61 66.38 57.16
N GLY B 152 1.62 65.05 57.06
CA GLY B 152 0.75 64.37 56.12
C GLY B 152 1.23 64.34 54.69
N SER B 153 2.47 64.77 54.43
CA SER B 153 3.02 64.79 53.09
C SER B 153 4.24 63.89 53.01
N GLU B 154 4.31 63.09 51.95
CA GLU B 154 5.42 62.18 51.74
C GLU B 154 6.56 62.90 51.04
N ARG B 155 7.77 62.74 51.55
CA ARG B 155 8.96 63.37 51.00
C ARG B 155 9.87 62.30 50.41
N GLN B 156 10.30 62.51 49.17
CA GLN B 156 11.18 61.58 48.47
C GLN B 156 12.62 62.06 48.35
N ASN B 157 12.82 63.34 48.01
CA ASN B 157 14.16 63.89 47.88
C ASN B 157 14.76 64.12 49.27
N GLY B 158 16.03 63.72 49.44
CA GLY B 158 16.72 63.88 50.69
C GLY B 158 16.70 62.68 51.60
N VAL B 159 16.27 61.51 51.10
CA VAL B 159 16.21 60.29 51.90
C VAL B 159 17.44 59.46 51.57
N LEU B 160 18.21 59.12 52.59
CA LEU B 160 19.43 58.33 52.45
C LEU B 160 19.27 57.03 53.23
N ASN B 161 19.18 55.91 52.51
CA ASN B 161 19.02 54.60 53.12
C ASN B 161 20.27 53.77 52.88
N SER B 162 20.73 53.08 53.93
CA SER B 162 21.92 52.24 53.86
C SER B 162 21.68 51.00 54.70
N TRP B 163 21.52 49.85 54.04
CA TRP B 163 21.27 48.59 54.73
C TRP B 163 22.57 47.88 55.03
N THR B 164 22.55 47.05 56.07
CA THR B 164 23.70 46.27 56.49
C THR B 164 23.54 44.83 56.03
N ASP B 165 24.59 44.03 56.28
CA ASP B 165 24.54 42.61 56.00
C ASP B 165 23.88 41.87 57.16
N GLN B 166 23.69 40.57 56.98
CA GLN B 166 23.07 39.74 58.00
C GLN B 166 24.07 39.48 59.13
N ASP B 167 23.62 39.70 60.37
CA ASP B 167 24.49 39.53 61.53
C ASP B 167 24.67 38.04 61.83
N SER B 168 25.86 37.71 62.34
CA SER B 168 26.23 36.31 62.61
C SER B 168 25.93 35.89 64.03
N LYS B 169 25.17 36.67 64.79
CA LYS B 169 24.81 36.33 66.16
C LYS B 169 23.32 36.07 66.35
N ASP B 170 22.47 36.91 65.77
CA ASP B 170 21.03 36.75 65.91
C ASP B 170 20.30 36.66 64.57
N SER B 171 21.02 36.68 63.45
CA SER B 171 20.48 36.58 62.08
C SER B 171 19.45 37.67 61.79
N THR B 172 19.77 38.90 62.20
CA THR B 172 18.92 40.05 61.98
C THR B 172 19.57 41.02 61.01
N TYR B 173 18.91 42.15 60.77
CA TYR B 173 19.39 43.16 59.85
C TYR B 173 19.30 44.53 60.53
N SER B 174 20.02 45.49 59.96
CA SER B 174 20.03 46.85 60.47
C SER B 174 20.14 47.81 59.29
N MET B 175 19.58 49.01 59.47
CA MET B 175 19.62 50.04 58.44
C MET B 175 19.53 51.41 59.10
N SER B 176 19.53 52.45 58.29
CA SER B 176 19.45 53.82 58.77
C SER B 176 18.85 54.70 57.69
N SER B 177 17.85 55.50 58.05
CA SER B 177 17.18 56.40 57.13
C SER B 177 17.41 57.83 57.60
N THR B 178 18.26 58.56 56.88
CA THR B 178 18.61 59.94 57.21
C THR B 178 17.86 60.87 56.28
N LEU B 179 17.07 61.78 56.85
CA LEU B 179 16.31 62.77 56.08
C LEU B 179 17.11 64.06 56.02
N THR B 180 17.73 64.31 54.88
CA THR B 180 18.55 65.51 54.68
C THR B 180 17.65 66.66 54.27
N LEU B 181 17.65 67.72 55.07
CA LEU B 181 16.84 68.90 54.80
C LEU B 181 17.65 70.14 55.16
N THR B 182 17.09 71.31 54.86
CA THR B 182 17.76 72.58 55.12
C THR B 182 17.34 73.13 56.48
N LYS B 183 17.93 74.29 56.84
CA LYS B 183 17.59 74.92 58.10
C LYS B 183 16.23 75.62 58.04
N ASP B 184 15.92 76.25 56.91
CA ASP B 184 14.65 76.95 56.77
C ASP B 184 13.47 75.98 56.64
N GLU B 185 13.73 74.77 56.14
CA GLU B 185 12.67 73.76 56.06
C GLU B 185 12.34 73.19 57.43
N TYR B 186 13.31 73.21 58.35
CA TYR B 186 13.06 72.69 59.70
C TYR B 186 12.16 73.61 60.51
N GLU B 187 12.16 74.90 60.20
CA GLU B 187 11.36 75.88 60.93
C GLU B 187 9.97 76.08 60.34
N ARG B 188 9.63 75.37 59.26
CA ARG B 188 8.32 75.48 58.64
C ARG B 188 7.45 74.24 58.86
N HIS B 189 7.96 73.23 59.54
CA HIS B 189 7.20 72.01 59.82
C HIS B 189 7.32 71.69 61.30
N ASN B 190 6.37 70.88 61.79
CA ASN B 190 6.28 70.56 63.21
C ASN B 190 6.43 69.07 63.48
N SER B 191 5.71 68.22 62.74
CA SER B 191 5.68 66.79 63.02
C SER B 191 6.51 66.03 62.00
N TYR B 192 7.45 65.21 62.49
CA TYR B 192 8.24 64.31 61.67
C TYR B 192 7.93 62.88 62.09
N THR B 193 7.54 62.04 61.13
CA THR B 193 7.11 60.69 61.43
C THR B 193 7.67 59.73 60.39
N CYS B 194 8.38 58.70 60.85
CA CYS B 194 8.82 57.59 60.02
C CYS B 194 8.17 56.31 60.51
N GLU B 195 7.77 55.46 59.57
CA GLU B 195 7.06 54.23 59.88
C GLU B 195 7.80 53.03 59.29
N ALA B 196 7.54 51.86 59.87
CA ALA B 196 8.16 50.61 59.43
C ALA B 196 7.05 49.60 59.18
N THR B 197 6.81 49.28 57.91
CA THR B 197 5.76 48.33 57.54
C THR B 197 6.29 46.92 57.68
N HIS B 198 5.58 46.09 58.46
CA HIS B 198 5.97 44.71 58.69
C HIS B 198 4.86 43.79 58.19
N LYS B 199 5.23 42.55 57.86
CA LYS B 199 4.28 41.58 57.32
C LYS B 199 3.41 40.93 58.38
N THR B 200 3.76 41.07 59.67
CA THR B 200 3.00 40.45 60.75
C THR B 200 1.97 41.38 61.38
N SER B 201 1.92 42.64 60.96
CA SER B 201 0.99 43.62 61.52
C SER B 201 0.45 44.50 60.41
N THR B 202 -0.86 44.75 60.43
CA THR B 202 -1.46 45.62 59.43
C THR B 202 -1.14 47.09 59.68
N SER B 203 -0.89 47.46 60.94
CA SER B 203 -0.55 48.84 61.27
C SER B 203 0.94 48.95 61.52
N PRO B 204 1.64 49.87 60.86
CA PRO B 204 3.08 50.01 61.09
C PRO B 204 3.38 50.71 62.40
N ILE B 205 4.66 50.67 62.77
CA ILE B 205 5.13 51.30 64.01
C ILE B 205 5.17 52.81 63.78
N VAL B 206 4.32 53.54 64.51
CA VAL B 206 4.21 54.99 64.38
C VAL B 206 5.03 55.62 65.50
N LYS B 207 6.14 56.26 65.14
CA LYS B 207 6.99 56.95 66.10
C LYS B 207 7.17 58.39 65.63
N SER B 208 6.78 59.34 66.48
CA SER B 208 6.86 60.76 66.16
C SER B 208 7.34 61.52 67.38
N PHE B 209 7.57 62.82 67.20
CA PHE B 209 8.01 63.69 68.28
C PHE B 209 7.55 65.11 67.99
N ASN B 210 7.39 65.90 69.05
CA ASN B 210 6.98 67.29 68.94
C ASN B 210 8.20 68.19 69.11
N ARG B 211 8.26 69.26 68.30
CA ARG B 211 9.37 70.20 68.37
C ARG B 211 9.24 71.19 69.52
N ASN B 212 8.08 71.29 70.16
CA ASN B 212 7.91 72.20 71.28
C ASN B 212 8.58 71.66 72.54
N GLU B 213 8.57 70.33 72.71
CA GLU B 213 9.19 69.60 73.83
C GLU B 213 8.69 70.05 75.20
N GLN C 14 -14.19 38.70 46.71
CA GLN C 14 -12.94 38.75 45.98
C GLN C 14 -11.77 38.32 46.85
N CYS C 15 -11.55 39.05 47.94
CA CYS C 15 -10.47 38.76 48.86
C CYS C 15 -10.90 37.90 50.04
N VAL C 16 -12.16 38.04 50.48
CA VAL C 16 -12.66 37.27 51.62
C VAL C 16 -12.96 35.85 51.17
N ASN C 17 -12.29 34.88 51.79
CA ASN C 17 -12.48 33.48 51.47
C ASN C 17 -13.20 32.78 52.62
N LEU C 18 -13.83 31.65 52.30
CA LEU C 18 -14.56 30.88 53.29
C LEU C 18 -13.61 30.09 54.18
N THR C 19 -14.00 29.92 55.45
CA THR C 19 -13.19 29.19 56.42
C THR C 19 -13.83 27.86 56.83
N THR C 20 -14.88 27.43 56.14
CA THR C 20 -15.57 26.18 56.44
C THR C 20 -15.15 25.05 55.49
N ARG C 21 -13.88 25.04 55.08
CA ARG C 21 -13.39 24.04 54.16
C ARG C 21 -12.72 22.90 54.94
N THR C 22 -13.27 21.70 54.83
CA THR C 22 -12.73 20.52 55.49
C THR C 22 -12.07 19.63 54.44
N GLN C 23 -10.81 19.27 54.68
CA GLN C 23 -10.04 18.47 53.73
C GLN C 23 -10.51 17.03 53.79
N LEU C 24 -11.05 16.52 52.68
CA LEU C 24 -11.48 15.14 52.55
C LEU C 24 -10.84 14.52 51.33
N PRO C 25 -10.46 13.24 51.39
CA PRO C 25 -9.78 12.62 50.25
C PRO C 25 -10.73 12.34 49.12
N PRO C 26 -10.37 12.71 47.88
CA PRO C 26 -11.21 12.40 46.72
C PRO C 26 -11.15 10.93 46.32
N ALA C 27 -12.07 10.13 46.86
CA ALA C 27 -12.09 8.71 46.57
C ALA C 27 -12.54 8.43 45.14
N TYR C 28 -12.30 7.20 44.70
CA TYR C 28 -12.60 6.81 43.34
C TYR C 28 -14.07 6.43 43.19
N THR C 29 -14.60 6.63 41.99
CA THR C 29 -16.00 6.33 41.70
C THR C 29 -16.08 5.68 40.33
N ASN C 30 -16.97 4.70 40.19
CA ASN C 30 -17.14 3.95 38.95
C ASN C 30 -18.33 4.50 38.16
N SER C 31 -18.18 4.54 36.84
CA SER C 31 -19.22 4.99 35.94
C SER C 31 -19.67 3.83 35.06
N PHE C 32 -20.97 3.80 34.75
CA PHE C 32 -21.53 2.67 34.02
C PHE C 32 -21.60 2.93 32.51
N THR C 33 -22.37 3.95 32.10
CA THR C 33 -22.56 4.22 30.68
C THR C 33 -22.58 5.71 30.35
N ARG C 34 -22.02 6.56 31.20
CA ARG C 34 -22.08 7.99 30.97
C ARG C 34 -21.04 8.42 29.94
N GLY C 35 -21.32 9.53 29.28
CA GLY C 35 -20.40 10.11 28.31
C GLY C 35 -20.77 9.81 26.86
N VAL C 36 -22.06 9.86 26.54
CA VAL C 36 -22.56 9.57 25.20
C VAL C 36 -23.24 10.83 24.67
N TYR C 37 -22.82 11.28 23.49
CA TYR C 37 -23.41 12.45 22.86
C TYR C 37 -23.29 12.31 21.34
N TYR C 38 -23.92 13.25 20.63
CA TYR C 38 -23.89 13.24 19.17
C TYR C 38 -22.53 13.72 18.67
N PRO C 39 -21.86 12.96 17.79
CA PRO C 39 -20.51 13.38 17.37
C PRO C 39 -20.50 14.54 16.40
N ASP C 40 -21.46 14.62 15.49
CA ASP C 40 -21.47 15.66 14.47
C ASP C 40 -22.91 16.04 14.17
N LYS C 41 -23.11 16.74 13.05
CA LYS C 41 -24.43 17.23 12.65
C LYS C 41 -25.15 16.27 11.71
N VAL C 42 -24.87 14.97 11.79
CA VAL C 42 -25.47 13.97 10.92
C VAL C 42 -26.55 13.24 11.71
N PHE C 43 -27.77 13.27 11.20
CA PHE C 43 -28.89 12.56 11.80
C PHE C 43 -29.02 11.18 11.17
N ARG C 44 -29.00 10.15 12.00
CA ARG C 44 -29.05 8.76 11.55
C ARG C 44 -30.22 8.05 12.22
N SER C 45 -30.69 6.99 11.56
CA SER C 45 -31.81 6.21 12.07
C SER C 45 -31.71 4.78 11.56
N SER C 46 -31.85 3.82 12.48
CA SER C 46 -31.89 2.38 12.20
C SER C 46 -30.63 1.88 11.51
N VAL C 47 -29.48 2.47 11.82
CA VAL C 47 -28.19 2.06 11.29
C VAL C 47 -27.19 1.96 12.44
N LEU C 48 -25.95 1.63 12.09
CA LEU C 48 -24.86 1.51 13.06
C LEU C 48 -23.59 2.07 12.42
N HIS C 49 -23.22 3.27 12.81
CA HIS C 49 -22.05 3.96 12.26
C HIS C 49 -20.98 4.12 13.33
N SER C 50 -19.72 3.99 12.92
CA SER C 50 -18.58 4.13 13.81
C SER C 50 -18.00 5.52 13.67
N THR C 51 -17.73 6.17 14.79
CA THR C 51 -17.18 7.52 14.82
C THR C 51 -15.86 7.54 15.57
N GLN C 52 -15.09 8.60 15.36
CA GLN C 52 -13.79 8.79 16.00
C GLN C 52 -13.75 10.20 16.60
N ASP C 53 -13.97 10.28 17.91
CA ASP C 53 -13.97 11.56 18.60
C ASP C 53 -13.62 11.31 20.06
N LEU C 54 -13.48 12.40 20.82
CA LEU C 54 -13.16 12.31 22.24
C LEU C 54 -14.41 11.94 23.02
N PHE C 55 -14.42 10.75 23.61
CA PHE C 55 -15.55 10.27 24.41
C PHE C 55 -15.06 9.85 25.78
N LEU C 56 -16.02 9.65 26.69
CA LEU C 56 -15.69 9.17 28.03
C LEU C 56 -15.62 7.65 28.04
N PRO C 57 -14.51 7.07 28.50
CA PRO C 57 -14.42 5.61 28.55
C PRO C 57 -15.30 5.03 29.64
N PHE C 58 -15.92 3.89 29.33
CA PHE C 58 -16.79 3.22 30.29
C PHE C 58 -15.96 2.50 31.34
N PHE C 59 -16.48 2.46 32.57
CA PHE C 59 -15.83 1.86 33.74
C PHE C 59 -14.46 2.49 34.02
N SER C 60 -14.35 3.80 33.83
CA SER C 60 -13.12 4.52 34.06
C SER C 60 -13.12 5.08 35.48
N ASN C 61 -12.16 5.96 35.78
CA ASN C 61 -12.02 6.57 37.09
C ASN C 61 -12.47 8.03 37.00
N VAL C 62 -13.53 8.37 37.73
CA VAL C 62 -14.02 9.74 37.77
C VAL C 62 -13.84 10.30 39.18
N THR C 63 -14.17 11.58 39.36
CA THR C 63 -13.97 12.24 40.64
C THR C 63 -15.15 11.99 41.57
N TRP C 64 -15.04 12.50 42.81
CA TRP C 64 -16.08 12.38 43.83
C TRP C 64 -16.10 13.68 44.62
N PHE C 65 -16.99 14.59 44.23
CA PHE C 65 -17.13 15.87 44.91
C PHE C 65 -18.61 16.23 45.02
N HIS C 66 -18.95 16.96 46.09
CA HIS C 66 -20.31 17.39 46.34
C HIS C 66 -20.28 18.85 46.74
N ALA C 67 -21.47 19.39 47.07
CA ALA C 67 -21.60 20.76 47.57
C ALA C 67 -22.50 20.69 48.80
N ILE C 68 -21.89 20.48 49.96
CA ILE C 68 -22.61 20.30 51.22
C ILE C 68 -22.27 21.47 52.13
N HIS C 69 -23.10 21.65 53.16
CA HIS C 69 -22.94 22.75 54.11
C HIS C 69 -21.68 22.58 54.96
N LYS C 77 -19.64 20.16 55.65
CA LYS C 77 -18.26 20.53 55.96
C LYS C 77 -17.40 20.49 54.69
N ARG C 78 -17.79 19.65 53.74
CA ARG C 78 -17.02 19.46 52.51
C ARG C 78 -17.43 20.53 51.50
N PHE C 79 -16.56 21.51 51.30
CA PHE C 79 -16.74 22.55 50.28
C PHE C 79 -15.42 22.63 49.52
N ASP C 80 -15.32 21.89 48.42
CA ASP C 80 -14.08 21.77 47.66
C ASP C 80 -14.30 22.24 46.23
N ASN C 81 -13.36 23.04 45.73
CA ASN C 81 -13.35 23.50 44.34
C ASN C 81 -11.96 23.25 43.77
N PRO C 82 -11.68 22.03 43.32
CA PRO C 82 -10.33 21.68 42.89
C PRO C 82 -10.01 22.26 41.51
N VAL C 83 -8.74 22.12 41.13
CA VAL C 83 -8.24 22.58 39.84
C VAL C 83 -7.90 21.33 39.03
N LEU C 84 -8.61 21.14 37.92
CA LEU C 84 -8.47 19.95 37.09
C LEU C 84 -7.95 20.32 35.71
N PRO C 85 -7.14 19.46 35.09
CA PRO C 85 -6.58 19.78 33.77
C PRO C 85 -7.64 19.72 32.67
N PHE C 86 -7.24 20.22 31.50
CA PHE C 86 -8.12 20.30 30.34
C PHE C 86 -7.47 19.81 29.06
N ASN C 87 -6.18 19.47 29.07
CA ASN C 87 -5.48 19.06 27.86
C ASN C 87 -5.93 17.70 27.33
N ASP C 88 -6.48 16.85 28.19
CA ASP C 88 -7.00 15.56 27.77
C ASP C 88 -8.51 15.56 27.53
N GLY C 89 -9.21 16.61 27.94
CA GLY C 89 -10.65 16.66 27.79
C GLY C 89 -11.37 16.09 28.99
N VAL C 90 -12.40 16.80 29.46
CA VAL C 90 -13.15 16.39 30.63
C VAL C 90 -14.63 16.25 30.26
N TYR C 91 -15.34 15.44 31.04
CA TYR C 91 -16.78 15.27 30.92
C TYR C 91 -17.44 15.70 32.21
N PHE C 92 -18.61 16.34 32.09
CA PHE C 92 -19.33 16.85 33.25
C PHE C 92 -20.66 16.13 33.39
N ALA C 93 -20.97 15.72 34.63
CA ALA C 93 -22.23 15.05 34.93
C ALA C 93 -22.62 15.39 36.36
N SER C 94 -23.76 16.06 36.52
CA SER C 94 -24.20 16.52 37.84
C SER C 94 -25.68 16.22 38.02
N THR C 95 -26.03 15.78 39.22
CA THR C 95 -27.42 15.57 39.61
C THR C 95 -27.82 16.67 40.58
N GLU C 96 -28.79 17.49 40.19
CA GLU C 96 -29.16 18.67 40.94
C GLU C 96 -30.60 18.57 41.42
N LYS C 97 -30.88 19.27 42.52
CA LYS C 97 -32.24 19.38 43.05
C LYS C 97 -32.63 20.80 43.42
N SER C 98 -31.68 21.73 43.49
CA SER C 98 -31.98 23.11 43.86
C SER C 98 -31.24 24.13 42.99
N ASN C 99 -30.72 23.68 41.83
CA ASN C 99 -29.95 24.49 40.87
C ASN C 99 -28.73 25.12 41.54
N ILE C 100 -27.83 24.26 41.99
CA ILE C 100 -26.62 24.69 42.70
C ILE C 100 -25.51 25.06 41.72
N ILE C 101 -25.37 24.31 40.64
CA ILE C 101 -24.32 24.58 39.65
C ILE C 101 -24.69 25.82 38.86
N ARG C 102 -23.83 26.84 38.91
CA ARG C 102 -24.06 28.11 38.24
C ARG C 102 -23.25 28.26 36.96
N GLY C 103 -21.94 28.07 37.04
CA GLY C 103 -21.11 28.22 35.85
C GLY C 103 -19.71 27.72 36.11
N TRP C 104 -18.83 27.96 35.13
CA TRP C 104 -17.46 27.52 35.20
C TRP C 104 -16.55 28.67 34.76
N ILE C 105 -15.26 28.53 35.07
CA ILE C 105 -14.24 29.50 34.69
C ILE C 105 -13.26 28.80 33.76
N PHE C 106 -13.27 29.20 32.49
CA PHE C 106 -12.40 28.58 31.47
C PHE C 106 -11.22 29.52 31.25
N GLY C 107 -10.08 29.18 31.87
CA GLY C 107 -8.87 29.97 31.76
C GLY C 107 -7.68 29.10 31.40
N THR C 108 -6.52 29.76 31.32
CA THR C 108 -5.27 29.11 30.99
C THR C 108 -4.31 29.06 32.18
N THR C 109 -4.00 30.21 32.77
CA THR C 109 -3.11 30.28 33.92
C THR C 109 -3.79 30.81 35.17
N LEU C 110 -5.11 31.07 35.10
CA LEU C 110 -5.92 31.64 36.19
C LEU C 110 -5.34 32.96 36.70
N ASP C 111 -5.11 33.88 35.77
CA ASP C 111 -4.52 35.17 36.10
C ASP C 111 -4.98 36.19 35.05
N SER C 112 -4.64 37.45 35.29
CA SER C 112 -5.01 38.55 34.41
C SER C 112 -3.98 38.82 33.33
N LYS C 113 -3.17 37.83 32.96
CA LYS C 113 -2.16 38.00 31.94
C LYS C 113 -2.53 37.37 30.60
N THR C 114 -3.44 36.41 30.59
CA THR C 114 -3.88 35.72 29.39
C THR C 114 -5.36 35.97 29.15
N GLN C 115 -5.88 35.41 28.07
CA GLN C 115 -7.28 35.53 27.70
C GLN C 115 -8.04 34.32 28.21
N SER C 116 -9.15 34.57 28.89
CA SER C 116 -9.95 33.51 29.50
C SER C 116 -11.41 33.67 29.10
N LEU C 117 -12.18 32.62 29.37
CA LEU C 117 -13.62 32.59 29.09
C LEU C 117 -14.37 32.39 30.40
N LEU C 118 -15.43 33.19 30.59
CA LEU C 118 -16.23 33.13 31.81
C LEU C 118 -17.69 32.99 31.41
N ILE C 119 -18.29 31.84 31.71
CA ILE C 119 -19.68 31.56 31.40
C ILE C 119 -20.41 31.32 32.71
N VAL C 120 -21.23 32.27 33.13
CA VAL C 120 -22.02 32.18 34.34
C VAL C 120 -23.49 32.39 33.99
N ASN C 121 -24.35 32.25 35.00
CA ASN C 121 -25.79 32.40 34.80
C ASN C 121 -26.40 32.87 36.11
N ASN C 122 -27.03 34.05 36.09
CA ASN C 122 -27.72 34.60 37.25
C ASN C 122 -29.23 34.37 37.17
N ALA C 123 -29.64 33.25 36.56
CA ALA C 123 -31.03 32.79 36.39
C ALA C 123 -31.90 33.76 35.60
N THR C 124 -31.31 34.69 34.86
CA THR C 124 -32.05 35.60 33.98
C THR C 124 -31.62 35.46 32.53
N ASN C 125 -30.31 35.50 32.26
CA ASN C 125 -29.78 35.37 30.92
C ASN C 125 -28.48 34.57 30.98
N VAL C 126 -28.23 33.78 29.94
CA VAL C 126 -26.98 33.03 29.83
C VAL C 126 -25.88 34.01 29.45
N VAL C 127 -25.03 34.38 30.41
CA VAL C 127 -24.00 35.38 30.20
C VAL C 127 -22.76 34.68 29.65
N ILE C 128 -22.52 34.86 28.35
CA ILE C 128 -21.34 34.32 27.69
C ILE C 128 -20.57 35.50 27.12
N LYS C 129 -19.48 35.88 27.80
CA LYS C 129 -18.65 37.00 27.39
C LYS C 129 -17.20 36.53 27.26
N VAL C 130 -16.53 37.00 26.21
CA VAL C 130 -15.13 36.70 25.97
C VAL C 130 -14.34 37.97 26.23
N CYS C 131 -13.87 38.13 27.46
CA CYS C 131 -13.12 39.31 27.87
C CYS C 131 -11.82 38.84 28.53
N GLU C 132 -11.12 39.78 29.15
CA GLU C 132 -9.92 39.49 29.95
C GLU C 132 -10.32 39.68 31.40
N PHE C 133 -10.85 38.61 32.01
CA PHE C 133 -11.38 38.69 33.36
C PHE C 133 -10.26 38.55 34.39
N GLN C 134 -10.52 39.11 35.58
CA GLN C 134 -9.58 39.04 36.69
C GLN C 134 -9.98 37.87 37.59
N PHE C 135 -9.11 36.86 37.68
CA PHE C 135 -9.40 35.67 38.46
C PHE C 135 -9.24 35.99 39.95
N CYS C 136 -10.32 35.81 40.71
CA CYS C 136 -10.31 36.09 42.13
C CYS C 136 -9.78 34.90 42.91
N ASN C 137 -9.79 35.01 44.24
CA ASN C 137 -9.29 33.93 45.08
C ASN C 137 -10.28 32.78 45.19
N ASP C 138 -11.55 33.09 45.47
CA ASP C 138 -12.59 32.07 45.61
C ASP C 138 -13.93 32.70 45.25
N PRO C 139 -14.39 32.54 44.02
CA PRO C 139 -15.71 33.09 43.65
C PRO C 139 -16.84 32.25 44.18
N PHE C 140 -17.90 32.92 44.63
CA PHE C 140 -19.06 32.25 45.20
C PHE C 140 -20.28 33.15 45.03
N LEU C 141 -21.44 32.50 44.83
CA LEU C 141 -22.71 33.20 44.70
C LEU C 141 -23.72 32.56 45.64
N GLY C 142 -24.56 33.38 46.27
CA GLY C 142 -25.54 32.89 47.21
C GLY C 142 -26.71 33.83 47.34
N VAL C 143 -27.70 33.39 48.11
CA VAL C 143 -28.91 34.16 48.39
C VAL C 143 -28.83 34.65 49.83
N TYR C 144 -29.17 35.92 50.05
CA TYR C 144 -29.02 36.56 51.34
C TYR C 144 -30.32 36.54 52.13
N TYR C 145 -30.19 36.47 53.45
CA TYR C 145 -31.28 36.63 54.44
C TYR C 145 -32.39 35.60 54.22
N HIS C 146 -32.03 34.34 54.49
CA HIS C 146 -32.96 33.22 54.41
C HIS C 146 -33.90 33.10 55.62
N LYS C 147 -33.94 34.10 56.50
CA LYS C 147 -34.84 34.03 57.65
C LYS C 147 -36.28 34.33 57.24
N ASN C 148 -36.52 35.54 56.72
CA ASN C 148 -37.84 35.95 56.28
C ASN C 148 -37.70 36.81 55.02
N ASN C 149 -38.72 36.69 54.15
CA ASN C 149 -38.84 37.41 52.88
C ASN C 149 -37.63 37.14 51.97
N LYS C 150 -37.50 35.87 51.61
CA LYS C 150 -36.39 35.43 50.76
C LYS C 150 -36.58 35.90 49.32
N SER C 151 -37.67 35.44 48.70
CA SER C 151 -38.13 35.77 47.34
C SER C 151 -37.18 35.32 46.22
N TRP C 152 -36.11 34.60 46.57
CA TRP C 152 -35.14 34.01 45.65
C TRP C 152 -34.51 35.06 44.72
N MET C 153 -34.08 36.17 45.33
CA MET C 153 -33.45 37.26 44.61
C MET C 153 -32.00 37.40 45.06
N GLU C 154 -31.08 37.33 44.11
CA GLU C 154 -29.65 37.41 44.39
C GLU C 154 -29.13 38.82 44.13
N SER C 155 -28.20 39.25 44.98
CA SER C 155 -27.57 40.56 44.83
C SER C 155 -26.05 40.52 44.89
N GLU C 156 -25.44 39.48 45.45
CA GLU C 156 -24.00 39.39 45.54
C GLU C 156 -23.40 39.05 44.18
N PHE C 157 -22.38 39.81 43.78
CA PHE C 157 -21.70 39.61 42.51
C PHE C 157 -20.20 39.48 42.81
N ARG C 158 -19.77 38.25 43.13
CA ARG C 158 -18.39 37.99 43.50
C ARG C 158 -17.74 36.98 42.58
N VAL C 159 -18.16 36.95 41.31
CA VAL C 159 -17.58 36.02 40.35
C VAL C 159 -16.25 36.54 39.79
N TYR C 160 -16.21 37.80 39.33
CA TYR C 160 -14.98 38.40 38.86
C TYR C 160 -14.93 39.85 39.33
N SER C 161 -13.76 40.47 39.12
CA SER C 161 -13.53 41.84 39.55
C SER C 161 -13.75 42.85 38.42
N SER C 162 -13.11 42.63 37.26
CA SER C 162 -13.23 43.54 36.14
C SER C 162 -13.26 42.72 34.85
N ALA C 163 -13.58 43.40 33.75
CA ALA C 163 -13.66 42.76 32.44
C ALA C 163 -13.28 43.78 31.37
N ASN C 164 -12.12 43.59 30.76
CA ASN C 164 -11.65 44.46 29.70
C ASN C 164 -11.29 43.63 28.48
N ASN C 165 -11.08 44.34 27.35
CA ASN C 165 -10.70 43.76 26.06
C ASN C 165 -11.72 42.72 25.57
N CYS C 166 -13.00 43.08 25.65
CA CYS C 166 -14.06 42.17 25.25
C CYS C 166 -14.19 42.14 23.74
N THR C 167 -14.21 40.93 23.17
CA THR C 167 -14.35 40.74 21.74
C THR C 167 -15.64 40.04 21.33
N PHE C 168 -16.36 39.43 22.27
CA PHE C 168 -17.59 38.72 21.96
C PHE C 168 -18.49 38.72 23.19
N GLU C 169 -19.78 38.92 22.97
CA GLU C 169 -20.76 38.93 24.05
C GLU C 169 -22.05 38.30 23.55
N TYR C 170 -22.61 37.37 24.33
CA TYR C 170 -23.83 36.66 23.96
C TYR C 170 -24.87 36.85 25.06
N VAL C 171 -26.04 37.34 24.68
CA VAL C 171 -27.16 37.54 25.60
C VAL C 171 -28.30 36.66 25.14
N SER C 172 -28.77 35.78 26.02
CA SER C 172 -29.83 34.84 25.70
C SER C 172 -31.19 35.48 25.97
N GLN C 173 -32.26 34.70 25.81
CA GLN C 173 -33.60 35.20 26.06
C GLN C 173 -33.90 35.20 27.56
N PRO C 174 -34.64 36.19 28.06
CA PRO C 174 -34.96 36.21 29.49
C PRO C 174 -35.99 35.17 29.86
N PHE C 175 -35.78 34.52 30.99
CA PHE C 175 -36.68 33.49 31.48
C PHE C 175 -36.66 33.51 33.01
N LEU C 176 -37.41 32.58 33.61
CA LEU C 176 -37.51 32.46 35.06
C LEU C 176 -37.20 31.03 35.46
N MET C 177 -36.11 30.83 36.19
CA MET C 177 -35.70 29.52 36.67
C MET C 177 -36.01 29.41 38.16
N ASP C 178 -36.62 28.29 38.54
CA ASP C 178 -37.00 28.04 39.93
C ASP C 178 -35.78 27.49 40.67
N LEU C 179 -35.30 28.22 41.66
CA LEU C 179 -34.15 27.83 42.47
C LEU C 179 -34.57 27.48 43.90
N GLU C 180 -35.71 26.82 44.06
CA GLU C 180 -36.20 26.47 45.38
C GLU C 180 -35.41 25.29 45.95
N GLY C 181 -35.39 25.22 47.27
CA GLY C 181 -34.66 24.16 47.96
C GLY C 181 -35.50 22.94 48.25
N LYS C 182 -35.33 21.90 47.44
CA LYS C 182 -36.08 20.66 47.61
C LYS C 182 -35.31 19.72 48.54
N GLN C 183 -36.06 18.89 49.26
CA GLN C 183 -35.50 17.91 50.18
C GLN C 183 -35.93 16.51 49.75
N GLY C 184 -35.03 15.55 49.94
CA GLY C 184 -35.33 14.17 49.58
C GLY C 184 -34.44 13.63 48.47
N ASN C 185 -35.03 13.38 47.31
CA ASN C 185 -34.32 12.83 46.16
C ASN C 185 -34.06 13.92 45.13
N PHE C 186 -33.20 13.58 44.16
CA PHE C 186 -32.87 14.50 43.09
C PHE C 186 -33.97 14.51 42.03
N LYS C 187 -34.16 15.67 41.40
CA LYS C 187 -35.19 15.82 40.38
C LYS C 187 -34.65 16.29 39.04
N ASN C 188 -33.38 16.68 38.97
CA ASN C 188 -32.79 17.17 37.72
C ASN C 188 -31.49 16.43 37.45
N LEU C 189 -31.15 16.31 36.17
CA LEU C 189 -29.90 15.67 35.74
C LEU C 189 -29.33 16.52 34.60
N ARG C 190 -28.30 17.29 34.92
CA ARG C 190 -27.66 18.19 33.95
C ARG C 190 -26.25 17.70 33.69
N GLU C 191 -25.97 17.31 32.45
CA GLU C 191 -24.65 16.86 32.03
C GLU C 191 -24.12 17.78 30.93
N PHE C 192 -22.80 17.94 30.90
CA PHE C 192 -22.16 18.81 29.93
C PHE C 192 -20.90 18.15 29.40
N VAL C 193 -20.49 18.56 28.21
CA VAL C 193 -19.26 18.09 27.57
C VAL C 193 -18.35 19.30 27.38
N PHE C 194 -17.18 19.27 28.02
CA PHE C 194 -16.23 20.37 27.97
C PHE C 194 -14.98 19.88 27.23
N LYS C 195 -14.92 20.19 25.94
CA LYS C 195 -13.77 19.85 25.12
C LYS C 195 -13.48 20.99 24.14
N ASN C 196 -12.23 21.04 23.70
CA ASN C 196 -11.80 22.09 22.76
C ASN C 196 -10.74 21.50 21.85
N ILE C 197 -11.02 21.50 20.55
CA ILE C 197 -10.10 20.97 19.55
C ILE C 197 -10.01 21.97 18.40
N ASP C 198 -8.78 22.40 18.10
CA ASP C 198 -8.44 23.32 17.01
C ASP C 198 -9.15 24.67 17.17
N GLY C 199 -9.34 25.13 18.41
CA GLY C 199 -9.97 26.41 18.65
C GLY C 199 -11.46 26.43 18.41
N TYR C 200 -12.17 25.33 18.68
CA TYR C 200 -13.61 25.27 18.47
C TYR C 200 -14.22 24.57 19.68
N PHE C 201 -14.78 25.34 20.60
CA PHE C 201 -15.38 24.80 21.80
C PHE C 201 -16.75 24.22 21.48
N LYS C 202 -16.98 22.96 21.88
CA LYS C 202 -18.24 22.28 21.67
C LYS C 202 -18.90 22.04 23.03
N ILE C 203 -20.11 22.56 23.20
CA ILE C 203 -20.85 22.42 24.45
C ILE C 203 -22.12 21.63 24.19
N TYR C 204 -22.30 20.56 24.97
CA TYR C 204 -23.47 19.71 24.87
C TYR C 204 -24.24 19.78 26.19
N SER C 205 -25.53 19.46 26.12
CA SER C 205 -26.38 19.51 27.29
C SER C 205 -27.55 18.54 27.15
N LYS C 206 -28.04 18.06 28.28
CA LYS C 206 -29.18 17.16 28.32
C LYS C 206 -29.82 17.23 29.70
N HIS C 207 -31.14 17.39 29.74
CA HIS C 207 -31.87 17.50 31.00
C HIS C 207 -33.03 16.52 31.00
N THR C 208 -33.12 15.72 32.06
CA THR C 208 -34.19 14.74 32.23
C THR C 208 -34.37 14.46 33.71
N PRO C 209 -35.62 14.29 34.17
CA PRO C 209 -35.84 13.97 35.59
C PRO C 209 -35.57 12.50 35.88
N ILE C 210 -34.87 12.26 37.00
CA ILE C 210 -34.52 10.93 37.43
C ILE C 210 -34.91 10.78 38.91
N ASN C 211 -34.60 9.60 39.46
CA ASN C 211 -34.83 9.31 40.88
C ASN C 211 -33.52 8.78 41.44
N LEU C 212 -32.96 9.47 42.42
CA LEU C 212 -31.62 9.16 42.91
C LEU C 212 -31.47 9.63 44.34
N VAL C 213 -30.73 8.87 45.14
CA VAL C 213 -30.50 9.24 46.53
C VAL C 213 -29.03 9.56 46.77
N ARG C 214 -28.16 8.55 46.68
CA ARG C 214 -26.74 8.73 47.01
C ARG C 214 -25.80 8.45 45.84
N ASP C 215 -25.92 7.29 45.21
CA ASP C 215 -24.90 6.80 44.30
C ASP C 215 -25.06 7.41 42.90
N LEU C 216 -24.32 6.88 41.94
CA LEU C 216 -24.39 7.37 40.56
C LEU C 216 -25.41 6.54 39.77
N PRO C 217 -26.28 7.17 39.00
CA PRO C 217 -27.29 6.41 38.25
C PRO C 217 -26.70 5.71 37.04
N GLN C 218 -27.11 4.46 36.85
CA GLN C 218 -26.65 3.65 35.72
C GLN C 218 -27.64 3.73 34.56
N GLY C 219 -27.82 4.94 34.05
CA GLY C 219 -28.75 5.21 32.98
C GLY C 219 -28.06 5.42 31.65
N PHE C 220 -28.81 6.00 30.71
CA PHE C 220 -28.29 6.24 29.37
C PHE C 220 -29.04 7.43 28.77
N SER C 221 -28.29 8.46 28.38
CA SER C 221 -28.89 9.66 27.80
C SER C 221 -27.92 10.28 26.81
N ALA C 222 -28.45 10.72 25.67
CA ALA C 222 -27.65 11.37 24.64
C ALA C 222 -27.74 12.89 24.82
N LEU C 223 -26.59 13.56 24.72
CA LEU C 223 -26.50 14.99 24.93
C LEU C 223 -26.58 15.72 23.59
N GLU C 224 -27.39 16.77 23.56
CA GLU C 224 -27.58 17.59 22.36
C GLU C 224 -26.89 18.94 22.52
N PRO C 225 -26.25 19.45 21.47
CA PRO C 225 -25.56 20.75 21.59
C PRO C 225 -26.55 21.90 21.57
N LEU C 226 -26.25 22.93 22.36
CA LEU C 226 -27.10 24.11 22.46
C LEU C 226 -26.63 25.23 21.52
N VAL C 227 -25.41 25.72 21.71
CA VAL C 227 -24.84 26.78 20.91
C VAL C 227 -23.43 26.39 20.49
N ASP C 228 -22.81 27.25 19.69
CA ASP C 228 -21.44 27.06 19.23
C ASP C 228 -20.62 28.30 19.59
N LEU C 229 -19.50 28.09 20.27
CA LEU C 229 -18.65 29.19 20.75
C LEU C 229 -17.25 29.04 20.18
N PRO C 230 -16.99 29.61 19.00
CA PRO C 230 -15.62 29.59 18.45
C PRO C 230 -14.70 30.60 19.12
N ILE C 231 -14.18 30.23 20.28
CA ILE C 231 -13.34 31.15 21.04
C ILE C 231 -11.92 31.21 20.46
N GLY C 232 -11.37 30.09 20.03
CA GLY C 232 -10.05 30.08 19.45
C GLY C 232 -8.91 30.27 20.44
N ILE C 233 -9.15 30.00 21.72
CA ILE C 233 -8.13 30.17 22.74
C ILE C 233 -7.75 28.82 23.33
N ASN C 234 -6.72 28.80 24.16
CA ASN C 234 -6.25 27.58 24.81
C ASN C 234 -6.73 27.54 26.26
N ILE C 235 -7.28 26.41 26.67
CA ILE C 235 -7.79 26.20 28.02
C ILE C 235 -7.03 25.04 28.64
N THR C 236 -6.39 25.28 29.77
CA THR C 236 -5.60 24.26 30.46
C THR C 236 -6.18 23.88 31.81
N ARG C 237 -6.70 24.83 32.57
CA ARG C 237 -7.29 24.56 33.88
C ARG C 237 -8.68 25.17 33.95
N PHE C 238 -9.50 24.64 34.85
CA PHE C 238 -10.86 25.12 35.04
C PHE C 238 -11.32 24.81 36.46
N GLN C 239 -12.37 25.52 36.87
CA GLN C 239 -12.99 25.34 38.18
C GLN C 239 -14.50 25.20 38.00
N THR C 240 -15.21 25.10 39.12
CA THR C 240 -16.66 24.94 39.11
C THR C 240 -17.27 25.79 40.22
N LEU C 241 -18.19 26.67 39.85
CA LEU C 241 -18.87 27.51 40.82
C LEU C 241 -19.96 26.73 41.54
N LEU C 242 -20.23 27.12 42.79
CA LEU C 242 -21.24 26.48 43.61
C LEU C 242 -22.12 27.54 44.26
N ALA C 243 -23.37 27.16 44.52
CA ALA C 243 -24.31 28.04 45.19
C ALA C 243 -24.21 27.87 46.70
N LEU C 244 -24.52 28.94 47.43
CA LEU C 244 -24.41 28.97 48.88
C LEU C 244 -25.75 29.32 49.49
N HIS C 245 -26.11 28.61 50.56
CA HIS C 245 -27.37 28.84 51.27
C HIS C 245 -27.14 28.68 52.76
N ARG C 246 -27.54 29.68 53.53
CA ARG C 246 -27.40 29.64 54.98
C ARG C 246 -28.49 30.50 55.60
N SER C 247 -29.21 29.93 56.57
CA SER C 247 -30.27 30.65 57.26
C SER C 247 -29.69 31.65 58.25
N SER C 255 -18.45 37.58 56.43
CA SER C 255 -18.82 37.00 55.14
C SER C 255 -17.93 35.82 54.79
N SER C 256 -17.62 34.99 55.80
CA SER C 256 -16.78 33.83 55.61
C SER C 256 -17.34 32.55 56.20
N GLY C 257 -18.42 32.61 56.98
CA GLY C 257 -18.98 31.43 57.59
C GLY C 257 -20.26 30.95 56.92
N TRP C 258 -20.42 31.29 55.64
CA TRP C 258 -21.60 30.87 54.89
C TRP C 258 -21.47 29.42 54.44
N THR C 259 -22.61 28.74 54.40
CA THR C 259 -22.67 27.32 54.03
C THR C 259 -23.39 27.16 52.69
N ALA C 260 -23.46 25.91 52.23
CA ALA C 260 -24.08 25.56 50.97
C ALA C 260 -25.25 24.62 51.21
N GLY C 261 -25.83 24.12 50.12
CA GLY C 261 -26.97 23.23 50.20
C GLY C 261 -26.60 21.76 50.08
N ALA C 262 -27.14 21.08 49.07
CA ALA C 262 -26.86 19.66 48.86
C ALA C 262 -26.95 19.37 47.37
N ALA C 263 -25.84 18.94 46.79
CA ALA C 263 -25.78 18.64 45.36
C ALA C 263 -24.71 17.59 45.12
N ALA C 264 -24.47 17.27 43.84
CA ALA C 264 -23.48 16.29 43.46
C ALA C 264 -23.04 16.56 42.03
N TYR C 265 -21.74 16.41 41.77
CA TYR C 265 -21.19 16.58 40.44
C TYR C 265 -19.96 15.70 40.29
N TYR C 266 -19.77 15.19 39.08
CA TYR C 266 -18.68 14.25 38.79
C TYR C 266 -17.97 14.69 37.52
N VAL C 267 -16.64 14.56 37.53
CA VAL C 267 -15.80 14.93 36.39
C VAL C 267 -15.07 13.68 35.90
N GLY C 268 -15.20 13.41 34.60
CA GLY C 268 -14.52 12.28 33.98
C GLY C 268 -13.64 12.68 32.82
N TYR C 269 -12.41 12.16 32.80
CA TYR C 269 -11.45 12.54 31.77
C TYR C 269 -11.77 11.85 30.45
N LEU C 270 -11.75 12.61 29.36
CA LEU C 270 -12.05 12.09 28.03
C LEU C 270 -10.80 11.45 27.42
N GLN C 271 -11.05 10.48 26.55
CA GLN C 271 -10.00 9.77 25.83
C GLN C 271 -10.46 9.56 24.39
N PRO C 272 -9.52 9.57 23.42
CA PRO C 272 -9.91 9.33 22.03
C PRO C 272 -10.28 7.88 21.76
N ARG C 273 -11.50 7.50 22.12
CA ARG C 273 -12.00 6.14 21.97
C ARG C 273 -12.98 6.08 20.80
N THR C 274 -13.58 4.91 20.61
CA THR C 274 -14.51 4.66 19.52
C THR C 274 -15.80 4.07 20.06
N PHE C 275 -16.92 4.71 19.73
CA PHE C 275 -18.23 4.26 20.15
C PHE C 275 -19.00 3.66 18.98
N LEU C 276 -20.06 2.94 19.31
CA LEU C 276 -20.99 2.37 18.32
C LEU C 276 -22.40 2.78 18.73
N LEU C 277 -22.90 3.85 18.12
CA LEU C 277 -24.20 4.39 18.48
C LEU C 277 -25.30 3.61 17.77
N LYS C 278 -26.20 3.01 18.55
CA LYS C 278 -27.32 2.24 18.01
C LYS C 278 -28.53 3.17 17.88
N TYR C 279 -28.93 3.43 16.63
CA TYR C 279 -30.07 4.30 16.34
C TYR C 279 -31.33 3.49 16.14
N ASN C 280 -32.44 4.00 16.66
CA ASN C 280 -33.74 3.35 16.49
C ASN C 280 -34.43 3.93 15.25
N GLU C 281 -35.73 3.66 15.10
CA GLU C 281 -36.48 4.17 13.96
C GLU C 281 -36.76 5.67 14.09
N ASN C 282 -36.67 6.24 15.29
CA ASN C 282 -36.89 7.65 15.50
C ASN C 282 -35.61 8.47 15.52
N GLY C 283 -34.45 7.84 15.71
CA GLY C 283 -33.19 8.54 15.74
C GLY C 283 -32.57 8.72 17.10
N THR C 284 -33.19 8.18 18.15
CA THR C 284 -32.66 8.32 19.50
C THR C 284 -31.58 7.28 19.76
N ILE C 285 -30.46 7.71 20.33
CA ILE C 285 -29.37 6.79 20.64
C ILE C 285 -29.77 5.91 21.82
N THR C 286 -29.73 4.60 21.62
CA THR C 286 -30.17 3.65 22.63
C THR C 286 -29.04 2.83 23.24
N ASP C 287 -27.91 2.69 22.55
CA ASP C 287 -26.81 1.88 23.05
C ASP C 287 -25.49 2.43 22.51
N ALA C 288 -24.46 2.35 23.35
CA ALA C 288 -23.11 2.76 22.99
C ALA C 288 -22.11 1.76 23.56
N VAL C 289 -21.15 1.35 22.73
CA VAL C 289 -20.18 0.32 23.10
C VAL C 289 -18.79 0.89 22.93
N ASP C 290 -18.02 0.91 24.03
CA ASP C 290 -16.63 1.34 23.98
C ASP C 290 -15.74 0.15 23.63
N CYS C 291 -14.94 0.29 22.57
CA CYS C 291 -14.15 -0.82 22.06
C CYS C 291 -12.92 -1.12 22.90
N ALA C 292 -12.57 -0.27 23.87
CA ALA C 292 -11.39 -0.44 24.70
C ALA C 292 -11.77 -0.74 26.14
N LEU C 293 -12.79 -1.58 26.33
CA LEU C 293 -13.28 -1.93 27.66
C LEU C 293 -13.17 -3.42 27.94
N ASP C 294 -13.61 -4.27 27.02
CA ASP C 294 -13.67 -5.70 27.24
C ASP C 294 -13.44 -6.40 25.91
N PRO C 295 -12.98 -7.67 25.92
CA PRO C 295 -12.85 -8.42 24.66
C PRO C 295 -14.17 -8.73 23.97
N LEU C 296 -15.30 -8.63 24.67
CA LEU C 296 -16.59 -8.75 23.99
C LEU C 296 -16.84 -7.59 23.05
N SER C 297 -16.33 -6.40 23.40
CA SER C 297 -16.52 -5.23 22.55
C SER C 297 -15.64 -5.28 21.31
N GLU C 298 -14.53 -6.02 21.35
CA GLU C 298 -13.64 -6.14 20.21
C GLU C 298 -14.27 -6.93 19.07
N THR C 299 -15.20 -7.84 19.38
CA THR C 299 -15.92 -8.55 18.32
C THR C 299 -16.97 -7.66 17.67
N LYS C 300 -17.64 -6.83 18.46
CA LYS C 300 -18.68 -5.96 17.94
C LYS C 300 -18.12 -4.78 17.15
N CYS C 301 -16.97 -4.26 17.54
CA CYS C 301 -16.37 -3.14 16.83
C CYS C 301 -15.64 -3.56 15.56
N THR C 302 -15.40 -4.86 15.38
CA THR C 302 -14.73 -5.36 14.19
C THR C 302 -15.73 -5.69 13.08
N LEU C 303 -16.73 -6.51 13.40
CA LEU C 303 -17.74 -6.90 12.40
C LEU C 303 -18.85 -5.87 12.24
N LYS C 304 -18.85 -4.81 13.06
CA LYS C 304 -19.85 -3.73 13.03
C LYS C 304 -21.27 -4.26 13.21
N SER C 305 -21.44 -5.18 14.15
CA SER C 305 -22.74 -5.77 14.44
C SER C 305 -22.78 -6.22 15.89
N PHE C 306 -23.85 -5.85 16.59
CA PHE C 306 -23.98 -6.23 17.99
C PHE C 306 -24.38 -7.69 18.15
N THR C 307 -25.09 -8.25 17.18
CA THR C 307 -25.51 -9.65 17.23
C THR C 307 -24.32 -10.53 16.90
N VAL C 308 -23.75 -11.18 17.91
CA VAL C 308 -22.60 -12.05 17.73
C VAL C 308 -23.10 -13.46 17.44
N GLU C 309 -22.65 -14.01 16.31
CA GLU C 309 -23.05 -15.35 15.91
C GLU C 309 -22.09 -16.39 16.50
N LYS C 310 -22.22 -17.64 16.07
CA LYS C 310 -21.39 -18.72 16.57
C LYS C 310 -20.15 -18.86 15.69
N GLY C 311 -18.97 -18.91 16.32
CA GLY C 311 -17.73 -19.07 15.60
C GLY C 311 -16.60 -18.21 16.13
N ILE C 312 -15.37 -18.63 15.89
CA ILE C 312 -14.20 -17.89 16.34
C ILE C 312 -13.95 -16.73 15.39
N TYR C 313 -13.90 -15.52 15.93
CA TYR C 313 -13.72 -14.30 15.15
C TYR C 313 -12.44 -13.60 15.56
N GLN C 314 -11.62 -13.26 14.58
CA GLN C 314 -10.39 -12.52 14.84
C GLN C 314 -10.70 -11.03 14.94
N THR C 315 -10.20 -10.38 15.99
CA THR C 315 -10.51 -8.99 16.28
C THR C 315 -9.31 -8.07 16.09
N SER C 316 -8.19 -8.35 16.76
CA SER C 316 -7.02 -7.49 16.68
C SER C 316 -5.78 -8.37 16.73
N ASN C 317 -4.61 -7.73 16.89
CA ASN C 317 -3.33 -8.41 16.93
C ASN C 317 -2.57 -7.98 18.17
N PHE C 318 -2.15 -8.95 18.98
CA PHE C 318 -1.39 -8.66 20.18
C PHE C 318 0.08 -8.44 19.83
N ARG C 319 0.71 -7.50 20.53
CA ARG C 319 2.11 -7.16 20.28
C ARG C 319 2.75 -6.66 21.57
N VAL C 320 3.90 -7.21 21.89
CA VAL C 320 4.64 -6.80 23.10
C VAL C 320 5.48 -5.59 22.76
N GLN C 321 5.26 -4.49 23.51
CA GLN C 321 6.01 -3.27 23.29
C GLN C 321 7.43 -3.40 23.84
N PRO C 322 8.42 -2.80 23.18
CA PRO C 322 9.80 -2.87 23.69
C PRO C 322 9.98 -1.99 24.91
N THR C 323 11.05 -2.29 25.66
CA THR C 323 11.34 -1.58 26.90
C THR C 323 12.24 -0.37 26.69
N GLU C 324 13.38 -0.55 26.04
CA GLU C 324 14.33 0.53 25.85
C GLU C 324 15.15 0.28 24.59
N SER C 325 15.85 1.32 24.14
CA SER C 325 16.70 1.27 22.97
C SER C 325 18.14 1.06 23.41
N ILE C 326 18.78 0.01 22.90
CA ILE C 326 20.14 -0.36 23.26
C ILE C 326 20.99 -0.38 21.99
N VAL C 327 22.06 0.41 21.99
CA VAL C 327 23.01 0.47 20.88
C VAL C 327 24.29 -0.23 21.31
N ARG C 328 24.82 -1.08 20.45
CA ARG C 328 25.97 -1.93 20.77
C ARG C 328 27.15 -1.68 19.83
N PHE C 329 27.41 -0.42 19.50
CA PHE C 329 28.51 -0.11 18.60
C PHE C 329 29.89 -0.19 19.29
N PRO C 330 30.19 0.57 20.40
CA PRO C 330 31.57 0.55 20.89
C PRO C 330 31.84 -0.52 21.94
N ASN C 331 33.08 -0.59 22.41
CA ASN C 331 33.47 -1.45 23.52
C ASN C 331 34.54 -0.71 24.33
N ILE C 332 35.19 -1.45 25.24
CA ILE C 332 36.19 -0.83 26.10
C ILE C 332 37.59 -0.92 25.51
N THR C 333 37.78 -1.73 24.47
CA THR C 333 39.10 -1.91 23.87
C THR C 333 39.26 -0.97 22.68
N ASN C 334 40.41 -1.08 21.99
CA ASN C 334 40.77 -0.31 20.79
C ASN C 334 40.75 1.20 21.06
N LEU C 335 41.47 1.60 22.11
CA LEU C 335 41.52 3.01 22.50
C LEU C 335 42.42 3.79 21.55
N CYS C 336 42.39 5.13 21.71
CA CYS C 336 43.20 6.02 20.89
C CYS C 336 44.61 6.14 21.46
N PRO C 337 45.62 6.25 20.58
CA PRO C 337 47.02 6.34 21.08
C PRO C 337 47.34 7.68 21.72
N PHE C 338 46.87 7.89 22.95
CA PHE C 338 47.16 9.10 23.70
C PHE C 338 48.36 8.95 24.63
N GLY C 339 48.93 7.74 24.74
CA GLY C 339 50.08 7.56 25.60
C GLY C 339 51.36 8.15 25.05
N GLU C 340 51.53 8.13 23.73
CA GLU C 340 52.71 8.71 23.10
C GLU C 340 52.61 10.22 22.93
N VAL C 341 51.45 10.81 23.18
CA VAL C 341 51.25 12.25 23.04
C VAL C 341 51.32 12.96 24.39
N PHE C 342 50.65 12.42 25.40
CA PHE C 342 50.61 13.06 26.71
C PHE C 342 51.79 12.69 27.59
N ASN C 343 52.37 11.50 27.41
CA ASN C 343 53.48 11.03 28.22
C ASN C 343 54.78 10.95 27.40
N ALA C 344 54.99 11.93 26.54
CA ALA C 344 56.19 11.98 25.71
C ALA C 344 57.31 12.72 26.45
N THR C 345 58.51 12.64 25.88
CA THR C 345 59.69 13.25 26.49
C THR C 345 59.96 14.64 25.93
N ARG C 346 60.16 14.75 24.62
CA ARG C 346 60.51 16.01 23.97
C ARG C 346 59.46 16.37 22.93
N PHE C 347 59.24 17.67 22.76
CA PHE C 347 58.30 18.20 21.79
C PHE C 347 59.01 19.14 20.82
N ALA C 348 58.23 19.77 19.95
CA ALA C 348 58.76 20.73 18.99
C ALA C 348 58.59 22.15 19.51
N SER C 349 59.03 23.12 18.72
CA SER C 349 58.93 24.52 19.09
C SER C 349 57.58 25.08 18.65
N VAL C 350 57.40 26.40 18.75
CA VAL C 350 56.14 27.02 18.39
C VAL C 350 56.10 27.37 16.90
N TYR C 351 57.25 27.38 16.22
CA TYR C 351 57.28 27.68 14.79
C TYR C 351 57.39 26.43 13.93
N ALA C 352 57.92 25.34 14.47
CA ALA C 352 58.06 24.09 13.71
C ALA C 352 57.30 22.96 14.39
N TRP C 353 56.07 23.23 14.83
CA TRP C 353 55.28 22.22 15.52
C TRP C 353 54.77 21.17 14.54
N ASN C 354 54.54 19.98 15.06
CA ASN C 354 54.10 18.83 14.26
C ASN C 354 52.60 18.65 14.40
N ARG C 355 51.94 18.34 13.29
CA ARG C 355 50.50 18.10 13.27
C ARG C 355 50.24 16.61 13.26
N LYS C 356 49.48 16.12 14.23
CA LYS C 356 49.17 14.71 14.39
C LYS C 356 47.67 14.49 14.24
N ARG C 357 47.29 13.52 13.42
CA ARG C 357 45.89 13.18 13.18
C ARG C 357 45.52 11.93 13.96
N ILE C 358 44.41 11.99 14.69
CA ILE C 358 43.92 10.88 15.49
C ILE C 358 42.53 10.50 15.00
N SER C 359 42.39 9.27 14.51
CA SER C 359 41.11 8.78 14.02
C SER C 359 41.06 7.26 14.16
N ASN C 360 39.89 6.70 13.84
CA ASN C 360 39.63 5.26 13.82
C ASN C 360 39.87 4.60 15.17
N CYS C 361 39.30 5.20 16.22
CA CYS C 361 39.42 4.69 17.57
C CYS C 361 38.24 5.21 18.39
N VAL C 362 38.33 5.06 19.70
CA VAL C 362 37.32 5.57 20.64
C VAL C 362 38.03 6.21 21.81
N ALA C 363 37.70 7.48 22.07
CA ALA C 363 38.35 8.27 23.10
C ALA C 363 37.32 8.60 24.18
N ASP C 364 37.55 8.09 25.38
CA ASP C 364 36.68 8.37 26.52
C ASP C 364 37.17 9.64 27.21
N TYR C 365 36.32 10.66 27.25
CA TYR C 365 36.69 11.95 27.81
C TYR C 365 36.55 12.02 29.33
N SER C 366 36.06 10.96 29.97
CA SER C 366 35.93 10.96 31.42
C SER C 366 37.23 10.58 32.13
N VAL C 367 38.06 9.75 31.50
CA VAL C 367 39.33 9.38 32.11
C VAL C 367 40.40 10.44 31.85
N LEU C 368 40.17 11.37 30.92
CA LEU C 368 41.09 12.47 30.68
C LEU C 368 40.82 13.67 31.56
N TYR C 369 39.67 13.72 32.23
CA TYR C 369 39.29 14.84 33.08
C TYR C 369 39.69 14.59 34.54
N ASN C 370 39.55 13.35 35.01
CA ASN C 370 39.86 12.99 36.39
C ASN C 370 41.26 12.38 36.53
N SER C 371 42.19 12.77 35.66
CA SER C 371 43.55 12.26 35.73
C SER C 371 44.36 12.88 36.87
N ALA C 372 43.98 14.09 37.31
CA ALA C 372 44.62 14.83 38.40
C ALA C 372 46.11 15.07 38.16
N SER C 373 46.49 15.27 36.91
CA SER C 373 47.89 15.53 36.57
C SER C 373 48.06 16.64 35.54
N PHE C 374 46.98 17.24 35.04
CA PHE C 374 47.04 18.29 34.04
C PHE C 374 46.84 19.64 34.72
N SER C 375 47.85 20.50 34.65
CA SER C 375 47.77 21.83 35.25
C SER C 375 47.05 22.83 34.36
N THR C 376 46.75 22.48 33.12
CA THR C 376 46.05 23.36 32.19
C THR C 376 45.12 22.51 31.32
N PHE C 377 43.82 22.63 31.54
CA PHE C 377 42.82 21.88 30.77
C PHE C 377 41.69 22.85 30.44
N LYS C 378 41.78 23.49 29.27
CA LYS C 378 40.81 24.46 28.81
C LYS C 378 40.15 23.97 27.52
N CYS C 379 38.93 24.44 27.29
CA CYS C 379 38.20 24.13 26.07
C CYS C 379 37.40 25.36 25.65
N TYR C 380 37.36 25.60 24.34
CA TYR C 380 36.65 26.74 23.78
C TYR C 380 35.54 26.26 22.85
N GLY C 381 34.63 27.18 22.52
CA GLY C 381 33.56 26.88 21.59
C GLY C 381 32.35 26.23 22.21
N VAL C 382 32.46 24.94 22.54
CA VAL C 382 31.34 24.16 23.06
C VAL C 382 31.71 23.62 24.44
N SER C 383 30.68 23.26 25.20
CA SER C 383 30.88 22.68 26.52
C SER C 383 31.38 21.24 26.38
N PRO C 384 32.24 20.79 27.31
CA PRO C 384 32.68 19.38 27.26
C PRO C 384 31.60 18.39 27.62
N THR C 385 30.53 18.80 28.30
CA THR C 385 29.41 17.93 28.58
C THR C 385 28.40 17.88 27.44
N LYS C 386 28.56 18.72 26.41
CA LYS C 386 27.65 18.75 25.28
C LYS C 386 28.20 18.08 24.03
N LEU C 387 29.49 17.77 23.99
CA LEU C 387 30.07 17.12 22.82
C LEU C 387 29.91 15.61 22.83
N ASN C 388 29.25 15.04 23.84
CA ASN C 388 28.98 13.61 23.84
C ASN C 388 27.93 13.26 22.79
N ASP C 389 26.84 14.01 22.74
CA ASP C 389 25.83 13.86 21.68
C ASP C 389 26.11 14.81 20.52
N LEU C 390 27.34 14.77 20.01
CA LEU C 390 27.76 15.62 18.91
C LEU C 390 28.97 14.97 18.26
N CYS C 391 28.94 14.86 16.93
CA CYS C 391 29.94 14.12 16.18
C CYS C 391 30.82 15.07 15.38
N PHE C 392 32.13 14.90 15.52
CA PHE C 392 33.12 15.62 14.72
C PHE C 392 33.87 14.63 13.84
N THR C 393 34.53 15.16 12.80
CA THR C 393 35.17 14.33 11.80
C THR C 393 36.68 14.51 11.73
N ASN C 394 37.23 15.57 12.32
CA ASN C 394 38.66 15.85 12.21
C ASN C 394 39.21 16.22 13.58
N VAL C 395 40.24 15.49 14.01
CA VAL C 395 40.94 15.74 15.27
C VAL C 395 42.41 15.95 14.95
N TYR C 396 42.92 17.15 15.22
CA TYR C 396 44.32 17.49 14.96
C TYR C 396 44.92 18.05 16.24
N ALA C 397 45.91 17.35 16.78
CA ALA C 397 46.59 17.79 17.99
C ALA C 397 47.79 18.66 17.60
N ASP C 398 47.82 19.89 18.11
CA ASP C 398 48.90 20.84 17.84
C ASP C 398 49.67 21.04 19.14
N SER C 399 50.83 20.39 19.24
CA SER C 399 51.66 20.44 20.44
C SER C 399 52.82 21.41 20.23
N PHE C 400 52.99 22.33 21.16
CA PHE C 400 54.10 23.27 21.13
C PHE C 400 54.46 23.67 22.55
N VAL C 401 55.70 24.11 22.73
CA VAL C 401 56.22 24.48 24.05
C VAL C 401 56.37 25.98 24.11
N ILE C 402 55.66 26.62 25.04
CA ILE C 402 55.70 28.05 25.25
C ILE C 402 55.93 28.32 26.73
N ARG C 403 55.97 29.61 27.08
CA ARG C 403 56.15 30.03 28.45
C ARG C 403 54.79 30.17 29.14
N GLY C 404 54.78 30.73 30.34
CA GLY C 404 53.54 30.93 31.07
C GLY C 404 52.81 32.20 30.68
N ASP C 405 53.52 33.13 30.05
CA ASP C 405 52.94 34.39 29.62
C ASP C 405 52.41 34.33 28.19
N GLU C 406 52.38 33.15 27.57
CA GLU C 406 51.92 32.99 26.20
C GLU C 406 50.78 32.00 26.05
N VAL C 407 50.25 31.46 27.14
CA VAL C 407 49.15 30.51 27.05
C VAL C 407 47.84 31.23 26.75
N ARG C 408 47.65 32.41 27.35
CA ARG C 408 46.41 33.16 27.17
C ARG C 408 46.30 33.82 25.81
N GLN C 409 47.39 33.89 25.04
CA GLN C 409 47.34 34.48 23.70
C GLN C 409 46.83 33.52 22.64
N ILE C 410 46.50 32.28 23.01
CA ILE C 410 45.90 31.34 22.06
C ILE C 410 44.39 31.57 22.15
N ALA C 411 43.92 32.59 21.43
CA ALA C 411 42.54 33.02 21.47
C ALA C 411 42.26 33.84 20.23
N PRO C 412 41.04 33.77 19.67
CA PRO C 412 40.72 34.60 18.50
C PRO C 412 40.53 36.05 18.88
N GLY C 413 41.04 36.94 18.04
CA GLY C 413 40.91 38.36 18.27
C GLY C 413 41.80 38.91 19.36
N GLN C 414 43.05 38.45 19.42
CA GLN C 414 44.00 38.91 20.43
C GLN C 414 45.31 39.29 19.77
N THR C 415 46.14 40.00 20.51
CA THR C 415 47.46 40.43 20.07
C THR C 415 48.51 39.95 21.04
N GLY C 416 49.77 40.12 20.65
CA GLY C 416 50.89 39.73 21.48
C GLY C 416 52.03 39.20 20.61
N LYS C 417 52.89 38.40 21.23
CA LYS C 417 54.05 37.83 20.57
C LYS C 417 53.75 36.48 19.91
N ILE C 418 52.53 35.98 20.02
CA ILE C 418 52.15 34.69 19.46
C ILE C 418 51.08 34.84 18.38
N ALA C 419 50.01 35.60 18.68
CA ALA C 419 48.89 35.72 17.76
C ALA C 419 49.22 36.56 16.53
N ASP C 420 50.24 37.42 16.61
CA ASP C 420 50.65 38.23 15.47
C ASP C 420 51.98 37.81 14.87
N TYR C 421 52.72 36.92 15.53
CA TYR C 421 54.05 36.53 15.08
C TYR C 421 54.20 35.05 14.79
N ASN C 422 53.63 34.18 15.63
CA ASN C 422 53.88 32.74 15.54
C ASN C 422 52.65 31.93 15.15
N TYR C 423 51.55 32.05 15.89
CA TYR C 423 50.39 31.19 15.64
C TYR C 423 49.12 31.97 15.93
N LYS C 424 48.23 32.04 14.94
CA LYS C 424 46.98 32.77 15.06
C LYS C 424 45.81 31.80 14.89
N LEU C 425 44.82 31.91 15.77
CA LEU C 425 43.62 31.09 15.74
C LEU C 425 42.59 31.68 14.79
N PRO C 426 41.75 30.83 14.18
CA PRO C 426 40.64 31.35 13.37
C PRO C 426 39.50 31.83 14.26
N ASP C 427 38.45 32.34 13.61
CA ASP C 427 37.32 32.91 14.34
C ASP C 427 36.46 31.83 14.97
N ASP C 428 36.03 30.85 14.18
CA ASP C 428 35.16 29.78 14.66
C ASP C 428 35.96 28.59 15.16
N PHE C 429 36.84 28.82 16.14
CA PHE C 429 37.66 27.77 16.71
C PHE C 429 36.96 27.17 17.92
N THR C 430 36.61 25.88 17.83
CA THR C 430 35.92 25.17 18.89
C THR C 430 36.78 24.02 19.44
N GLY C 431 38.06 24.29 19.65
CA GLY C 431 38.99 23.30 20.13
C GLY C 431 39.20 23.36 21.64
N CYS C 432 40.20 22.62 22.09
CA CYS C 432 40.55 22.54 23.50
C CYS C 432 42.05 22.78 23.67
N VAL C 433 42.42 23.15 24.90
CA VAL C 433 43.81 23.40 25.28
C VAL C 433 44.15 22.43 26.41
N ILE C 434 45.09 21.53 26.16
CA ILE C 434 45.50 20.51 27.12
C ILE C 434 47.00 20.66 27.36
N ALA C 435 47.38 20.84 28.63
CA ALA C 435 48.78 20.92 29.02
C ALA C 435 48.94 20.35 30.42
N TRP C 436 50.18 20.21 30.85
CA TRP C 436 50.49 19.66 32.16
C TRP C 436 51.73 20.33 32.71
N ASN C 437 52.06 19.99 33.95
CA ASN C 437 53.20 20.58 34.64
C ASN C 437 54.49 19.92 34.20
N SER C 438 55.55 20.73 34.06
CA SER C 438 56.88 20.26 33.65
C SER C 438 57.92 20.75 34.66
N ASN C 439 57.64 20.54 35.94
CA ASN C 439 58.56 20.99 36.98
C ASN C 439 59.79 20.09 37.08
N ASN C 440 59.62 18.79 36.81
CA ASN C 440 60.71 17.83 36.87
C ASN C 440 61.08 17.27 35.50
N LEU C 441 60.73 17.97 34.42
CA LEU C 441 61.00 17.50 33.08
C LEU C 441 61.91 18.43 32.30
N ASP C 442 61.62 19.73 32.29
CA ASP C 442 62.37 20.71 31.51
C ASP C 442 62.84 21.85 32.40
N SER C 443 63.43 21.51 33.54
CA SER C 443 63.93 22.51 34.48
C SER C 443 65.24 22.00 35.05
N LYS C 444 66.36 22.57 34.59
CA LYS C 444 67.68 22.21 35.06
C LYS C 444 68.45 23.46 35.45
N VAL C 445 69.48 23.26 36.25
CA VAL C 445 70.32 24.36 36.72
C VAL C 445 71.34 24.71 35.64
N GLY C 446 71.30 25.96 35.18
CA GLY C 446 72.24 26.40 34.17
C GLY C 446 71.56 27.17 33.04
N GLY C 447 70.34 26.78 32.70
CA GLY C 447 69.63 27.45 31.62
C GLY C 447 69.31 26.48 30.49
N ASN C 448 68.07 26.57 30.01
CA ASN C 448 67.59 25.71 28.93
C ASN C 448 67.46 26.56 27.66
N TYR C 449 68.32 26.30 26.69
CA TYR C 449 68.33 27.01 25.41
C TYR C 449 67.89 26.10 24.27
N ASN C 450 66.89 25.26 24.52
CA ASN C 450 66.45 24.29 23.53
C ASN C 450 65.55 24.91 22.48
N TYR C 451 64.42 25.47 22.92
CA TYR C 451 63.40 25.98 22.01
C TYR C 451 63.69 27.42 21.61
N LEU C 452 63.15 27.81 20.46
CA LEU C 452 63.31 29.16 19.92
C LEU C 452 61.95 29.72 19.56
N TYR C 453 61.91 31.04 19.33
CA TYR C 453 60.68 31.70 18.95
C TYR C 453 61.01 32.93 18.10
N ARG C 454 60.12 33.23 17.15
CA ARG C 454 60.31 34.40 16.31
C ARG C 454 59.84 35.66 17.03
N LEU C 455 60.64 36.72 16.92
CA LEU C 455 60.37 37.98 17.60
C LEU C 455 59.90 39.09 16.68
N PHE C 456 60.48 39.22 15.50
CA PHE C 456 60.16 40.29 14.56
C PHE C 456 59.49 39.71 13.32
N ARG C 457 58.44 40.39 12.86
CA ARG C 457 57.74 40.01 11.64
C ARG C 457 57.08 41.24 11.05
N LYS C 458 57.01 41.29 9.72
CA LYS C 458 56.50 42.48 9.04
C LYS C 458 54.97 42.55 9.10
N SER C 459 54.29 41.56 8.54
CA SER C 459 52.84 41.56 8.42
C SER C 459 52.22 40.69 9.50
N ASN C 460 50.90 40.52 9.41
CA ASN C 460 50.14 39.71 10.37
C ASN C 460 50.17 38.24 9.92
N LEU C 461 49.36 37.42 10.57
CA LEU C 461 49.34 35.99 10.32
C LEU C 461 48.02 35.56 9.67
N LYS C 462 47.96 34.28 9.35
CA LYS C 462 46.79 33.61 8.80
C LYS C 462 46.44 32.40 9.67
N PRO C 463 45.17 32.00 9.71
CA PRO C 463 44.80 30.79 10.46
C PRO C 463 45.37 29.54 9.82
N PHE C 464 45.92 28.66 10.67
CA PHE C 464 46.58 27.41 10.28
C PHE C 464 47.72 27.65 9.30
N GLU C 465 48.72 28.40 9.76
CA GLU C 465 49.89 28.75 8.96
C GLU C 465 51.15 28.41 9.75
N ARG C 466 52.07 27.71 9.12
CA ARG C 466 53.33 27.33 9.73
C ARG C 466 54.47 28.08 9.07
N ASP C 467 55.35 28.67 9.88
CA ASP C 467 56.49 29.44 9.39
C ASP C 467 57.76 28.82 9.96
N ILE C 468 58.52 28.13 9.12
CA ILE C 468 59.76 27.48 9.52
C ILE C 468 60.97 28.13 8.87
N SER C 469 60.81 29.31 8.28
CA SER C 469 61.92 29.99 7.62
C SER C 469 62.85 30.64 8.64
N THR C 470 64.15 30.60 8.34
CA THR C 470 65.17 31.19 9.19
C THR C 470 65.80 32.41 8.54
N GLU C 471 64.98 33.22 7.87
CA GLU C 471 65.46 34.41 7.19
C GLU C 471 65.73 35.52 8.20
N ILE C 472 66.86 36.21 8.01
CA ILE C 472 67.24 37.30 8.92
C ILE C 472 66.34 38.50 8.65
N TYR C 473 65.76 39.05 9.71
CA TYR C 473 64.86 40.18 9.59
C TYR C 473 65.64 41.46 9.26
N GLN C 474 65.20 42.15 8.21
CA GLN C 474 65.84 43.39 7.76
C GLN C 474 65.03 44.56 8.32
N ALA C 475 65.52 45.14 9.41
CA ALA C 475 64.82 46.25 10.05
C ALA C 475 65.04 47.57 9.34
N GLY C 476 66.14 47.72 8.61
CA GLY C 476 66.41 48.96 7.89
C GLY C 476 66.39 48.81 6.40
N SER C 477 67.19 49.60 5.70
CA SER C 477 67.27 49.54 4.24
C SER C 477 68.48 48.77 3.73
N THR C 478 69.55 48.68 4.52
CA THR C 478 70.73 47.94 4.10
C THR C 478 70.49 46.44 4.27
N PRO C 479 70.99 45.61 3.35
CA PRO C 479 70.83 44.16 3.49
C PRO C 479 71.69 43.60 4.61
N CYS C 480 71.28 42.45 5.12
CA CYS C 480 71.97 41.79 6.22
C CYS C 480 72.90 40.68 5.76
N ASN C 481 72.61 40.06 4.61
CA ASN C 481 73.41 38.99 3.99
C ASN C 481 73.57 37.79 4.91
N GLY C 482 72.56 37.49 5.72
CA GLY C 482 72.58 36.32 6.58
C GLY C 482 73.35 36.46 7.88
N VAL C 483 74.02 37.60 8.10
CA VAL C 483 74.79 37.81 9.32
C VAL C 483 74.22 39.04 10.04
N GLU C 484 74.61 39.16 11.31
CA GLU C 484 74.14 40.27 12.13
C GLU C 484 74.97 41.52 11.87
N GLY C 485 74.35 42.68 12.11
CA GLY C 485 75.01 43.95 11.90
C GLY C 485 74.15 45.14 12.26
N PHE C 486 74.19 46.18 11.42
CA PHE C 486 73.38 47.37 11.65
C PHE C 486 71.94 47.08 11.29
N ASN C 487 71.05 47.12 12.30
CA ASN C 487 69.63 46.80 12.19
C ASN C 487 69.41 45.40 11.61
N CYS C 488 70.21 44.45 12.10
CA CYS C 488 70.12 43.04 11.66
C CYS C 488 70.23 42.17 12.90
N TYR C 489 69.07 41.83 13.47
CA TYR C 489 69.00 41.00 14.66
C TYR C 489 68.54 39.59 14.29
N PHE C 490 68.91 38.63 15.13
CA PHE C 490 68.52 37.24 14.89
C PHE C 490 67.07 37.06 15.27
N PRO C 491 66.21 36.58 14.34
CA PRO C 491 64.77 36.48 14.66
C PRO C 491 64.43 35.34 15.61
N LEU C 492 65.12 34.21 15.53
CA LEU C 492 64.84 33.07 16.42
C LEU C 492 65.50 33.34 17.76
N GLN C 493 64.78 34.06 18.61
CA GLN C 493 65.26 34.38 19.95
C GLN C 493 65.21 33.16 20.84
N SER C 494 66.15 33.08 21.78
CA SER C 494 66.23 31.94 22.67
C SER C 494 65.34 32.15 23.90
N TYR C 495 64.82 31.04 24.41
CA TYR C 495 63.99 31.07 25.61
C TYR C 495 64.87 31.08 26.86
N GLY C 496 64.27 31.49 27.98
CA GLY C 496 64.96 31.50 29.24
C GLY C 496 64.27 30.67 30.31
N PHE C 497 64.90 29.57 30.72
CA PHE C 497 64.37 28.68 31.75
C PHE C 497 65.45 28.47 32.80
N GLN C 498 65.32 29.14 33.93
CA GLN C 498 66.28 29.08 35.02
C GLN C 498 65.56 28.71 36.31
N PRO C 499 66.25 28.04 37.24
CA PRO C 499 65.63 27.72 38.54
C PRO C 499 65.45 28.93 39.44
N THR C 500 66.06 30.07 39.13
CA THR C 500 65.89 31.30 39.89
C THR C 500 64.74 32.16 39.37
N ASN C 501 63.85 31.58 38.55
CA ASN C 501 62.70 32.29 38.03
C ASN C 501 61.44 31.89 38.80
N GLY C 502 60.30 32.37 38.32
CA GLY C 502 59.04 32.10 38.98
C GLY C 502 58.55 30.69 38.76
N VAL C 503 57.47 30.36 39.47
CA VAL C 503 56.88 29.03 39.38
C VAL C 503 56.06 28.88 38.11
N GLY C 504 55.27 29.90 37.77
CA GLY C 504 54.44 29.87 36.59
C GLY C 504 55.17 30.06 35.27
N TYR C 505 56.46 30.39 35.31
CA TYR C 505 57.24 30.58 34.09
C TYR C 505 57.86 29.28 33.59
N GLN C 506 57.47 28.13 34.13
CA GLN C 506 57.93 26.85 33.63
C GLN C 506 57.33 26.57 32.26
N PRO C 507 58.05 25.88 31.38
CA PRO C 507 57.53 25.62 30.02
C PRO C 507 56.37 24.63 30.04
N TYR C 508 55.18 25.13 29.73
CA TYR C 508 53.97 24.30 29.70
C TYR C 508 53.88 23.65 28.33
N ARG C 509 53.79 22.31 28.30
CA ARG C 509 53.68 21.56 27.06
C ARG C 509 52.23 21.65 26.58
N VAL C 510 51.93 22.74 25.89
CA VAL C 510 50.57 23.04 25.46
C VAL C 510 50.24 22.21 24.21
N VAL C 511 49.23 21.37 24.31
CA VAL C 511 48.73 20.57 23.19
C VAL C 511 47.33 21.07 22.86
N VAL C 512 47.18 21.65 21.68
CA VAL C 512 45.92 22.26 21.25
C VAL C 512 45.23 21.32 20.26
N LEU C 513 44.00 20.93 20.59
CA LEU C 513 43.21 20.08 19.71
C LEU C 513 42.41 20.93 18.73
N SER C 514 42.27 20.44 17.50
CA SER C 514 41.55 21.13 16.45
C SER C 514 40.33 20.31 16.03
N PHE C 515 39.21 21.00 15.80
CA PHE C 515 37.98 20.35 15.39
C PHE C 515 37.32 21.18 14.30
N GLU C 516 36.82 20.49 13.27
CA GLU C 516 36.14 21.16 12.17
C GLU C 516 35.14 20.19 11.55
N LEU C 517 34.36 20.69 10.59
CA LEU C 517 33.33 19.92 9.93
C LEU C 517 33.57 19.93 8.43
N LEU C 518 33.74 18.74 7.84
CA LEU C 518 33.95 18.61 6.40
C LEU C 518 33.05 17.52 5.85
N HIS C 519 33.27 17.14 4.58
CA HIS C 519 32.47 16.11 3.94
C HIS C 519 32.83 14.69 4.39
N ALA C 520 33.92 14.53 5.13
CA ALA C 520 34.29 13.22 5.64
C ALA C 520 33.36 12.82 6.80
N PRO C 521 32.99 11.55 6.91
CA PRO C 521 32.12 11.13 8.01
C PRO C 521 32.85 11.11 9.34
N ALA C 522 32.06 11.02 10.41
CA ALA C 522 32.61 11.02 11.75
C ALA C 522 33.24 9.67 12.08
N THR C 523 34.27 9.71 12.93
CA THR C 523 34.99 8.52 13.34
C THR C 523 34.91 8.25 14.84
N VAL C 524 35.17 9.25 15.67
CA VAL C 524 35.18 9.08 17.13
C VAL C 524 34.05 9.96 17.67
N CYS C 525 32.86 9.39 17.78
CA CYS C 525 31.73 10.14 18.35
C CYS C 525 31.07 9.41 19.50
N GLY C 526 30.78 8.12 19.32
CA GLY C 526 30.05 7.35 20.28
C GLY C 526 28.55 7.53 20.10
N PRO C 527 27.81 6.43 19.91
CA PRO C 527 26.36 6.55 19.69
C PRO C 527 25.56 7.06 20.89
N LYS C 528 25.58 6.33 22.01
CA LYS C 528 24.93 6.80 23.22
C LYS C 528 25.82 6.65 24.45
N LYS C 529 26.54 5.52 24.51
CA LYS C 529 27.32 5.15 25.68
C LYS C 529 28.31 4.06 25.30
N SER C 530 28.88 3.42 26.32
CA SER C 530 29.85 2.35 26.12
C SER C 530 29.17 1.04 25.77
N THR C 531 28.41 0.47 26.72
CA THR C 531 27.78 -0.82 26.54
C THR C 531 26.58 -0.94 27.45
N ASN C 532 25.59 -1.73 27.00
CA ASN C 532 24.40 -2.07 27.77
C ASN C 532 23.98 -3.49 27.39
N LEU C 533 23.82 -4.34 28.39
CA LEU C 533 23.53 -5.76 28.14
C LEU C 533 22.30 -6.16 28.93
N VAL C 534 21.17 -6.34 28.24
CA VAL C 534 19.94 -6.84 28.82
C VAL C 534 19.49 -8.03 27.99
N LYS C 535 19.49 -9.22 28.58
CA LYS C 535 19.15 -10.44 27.87
C LYS C 535 17.78 -10.95 28.27
N ASN C 536 17.24 -11.84 27.41
CA ASN C 536 15.97 -12.54 27.61
C ASN C 536 14.78 -11.59 27.76
N LYS C 537 14.82 -10.45 27.07
CA LYS C 537 13.74 -9.48 27.09
C LYS C 537 13.53 -8.93 25.69
N CYS C 538 12.33 -8.41 25.46
CA CYS C 538 11.98 -7.81 24.17
C CYS C 538 12.48 -6.38 24.17
N VAL C 539 13.69 -6.17 23.64
CA VAL C 539 14.34 -4.87 23.63
C VAL C 539 14.49 -4.42 22.18
N ASN C 540 14.90 -3.15 22.03
CA ASN C 540 15.09 -2.53 20.72
C ASN C 540 16.59 -2.35 20.50
N PHE C 541 17.13 -3.10 19.55
CA PHE C 541 18.55 -3.02 19.24
C PHE C 541 18.79 -2.01 18.11
N ASN C 542 20.07 -1.79 17.81
CA ASN C 542 20.45 -0.86 16.75
C ASN C 542 21.79 -1.31 16.19
N PHE C 543 21.77 -1.91 15.01
CA PHE C 543 22.97 -2.47 14.39
C PHE C 543 23.52 -1.49 13.34
N ASN C 544 24.52 -1.96 12.60
CA ASN C 544 25.23 -1.10 11.65
C ASN C 544 24.40 -0.80 10.40
N GLY C 545 23.55 -1.73 9.96
CA GLY C 545 22.83 -1.54 8.72
C GLY C 545 21.35 -1.90 8.78
N LEU C 546 20.88 -2.36 9.93
CA LEU C 546 19.49 -2.76 10.08
C LEU C 546 19.03 -2.54 11.51
N THR C 547 17.76 -2.19 11.66
CA THR C 547 17.13 -2.00 12.95
C THR C 547 15.97 -2.96 13.11
N GLY C 548 15.50 -3.11 14.33
CA GLY C 548 14.40 -4.00 14.61
C GLY C 548 14.25 -4.24 16.10
N THR C 549 13.23 -5.03 16.44
CA THR C 549 12.91 -5.36 17.82
C THR C 549 12.86 -6.87 17.96
N GLY C 550 13.64 -7.41 18.89
CA GLY C 550 13.69 -8.84 19.10
C GLY C 550 14.32 -9.17 20.44
N VAL C 551 14.36 -10.47 20.74
CA VAL C 551 14.91 -10.99 21.97
C VAL C 551 16.23 -11.69 21.66
N LEU C 552 17.28 -11.34 22.37
CA LEU C 552 18.59 -11.96 22.20
C LEU C 552 18.69 -13.17 23.14
N THR C 553 18.64 -14.37 22.57
CA THR C 553 18.69 -15.61 23.33
C THR C 553 19.99 -16.35 23.05
N GLU C 554 20.18 -17.44 23.78
CA GLU C 554 21.39 -18.25 23.63
C GLU C 554 21.31 -19.11 22.37
N SER C 555 22.46 -19.67 22.00
CA SER C 555 22.56 -20.51 20.81
C SER C 555 23.67 -21.53 21.03
N ASN C 556 23.87 -22.40 20.02
CA ASN C 556 24.88 -23.43 20.10
C ASN C 556 25.67 -23.60 18.81
N LYS C 557 25.47 -22.75 17.79
CA LYS C 557 26.18 -22.89 16.54
C LYS C 557 27.58 -22.28 16.64
N LYS C 558 28.37 -22.49 15.60
CA LYS C 558 29.73 -21.96 15.52
C LYS C 558 29.83 -21.13 14.23
N PHE C 559 29.71 -19.82 14.37
CA PHE C 559 29.74 -18.93 13.22
C PHE C 559 31.18 -18.62 12.82
N LEU C 560 31.34 -17.99 11.67
CA LEU C 560 32.65 -17.56 11.20
C LEU C 560 33.07 -16.28 11.92
N PRO C 561 34.36 -16.11 12.22
CA PRO C 561 34.78 -14.94 13.01
C PRO C 561 34.72 -13.62 12.25
N PHE C 562 34.70 -13.64 10.92
CA PHE C 562 34.65 -12.41 10.15
C PHE C 562 33.24 -11.98 9.77
N GLN C 563 32.23 -12.80 10.07
CA GLN C 563 30.86 -12.45 9.75
C GLN C 563 30.30 -11.46 10.77
N GLN C 564 29.30 -10.70 10.34
CA GLN C 564 28.72 -9.66 11.19
C GLN C 564 27.21 -9.81 11.30
N PHE C 565 26.57 -10.37 10.27
CA PHE C 565 25.11 -10.48 10.23
C PHE C 565 24.74 -11.88 9.75
N GLY C 566 23.46 -12.05 9.43
CA GLY C 566 22.95 -13.31 8.95
C GLY C 566 21.46 -13.24 8.66
N ARG C 567 21.02 -13.88 7.58
CA ARG C 567 19.63 -13.79 7.15
C ARG C 567 18.98 -15.17 7.12
N ASP C 568 17.66 -15.16 7.00
CA ASP C 568 16.86 -16.37 6.86
C ASP C 568 16.70 -16.67 5.37
N ILE C 569 15.72 -17.52 5.03
CA ILE C 569 15.45 -17.84 3.62
C ILE C 569 14.99 -16.61 2.86
N ALA C 570 13.87 -16.03 3.29
CA ALA C 570 13.30 -14.86 2.62
C ALA C 570 13.74 -13.55 3.26
N ASP C 571 15.06 -13.40 3.47
CA ASP C 571 15.72 -12.15 3.89
C ASP C 571 15.18 -11.64 5.24
N THR C 572 15.40 -12.42 6.28
CA THR C 572 14.99 -12.05 7.63
C THR C 572 16.17 -12.23 8.57
N THR C 573 16.54 -11.17 9.27
CA THR C 573 17.70 -11.21 10.16
C THR C 573 17.36 -12.01 11.41
N ASP C 574 18.15 -13.05 11.68
CA ASP C 574 17.91 -13.92 12.83
C ASP C 574 19.15 -14.26 13.64
N ALA C 575 20.35 -14.00 13.15
CA ALA C 575 21.58 -14.33 13.87
C ALA C 575 22.67 -13.35 13.48
N VAL C 576 23.24 -12.66 14.45
CA VAL C 576 24.28 -11.66 14.23
C VAL C 576 25.45 -11.95 15.15
N ARG C 577 26.53 -11.20 14.93
CA ARG C 577 27.73 -11.27 15.75
C ARG C 577 28.19 -9.86 16.11
N ASP C 578 28.63 -9.69 17.36
CA ASP C 578 29.19 -8.41 17.78
C ASP C 578 30.52 -8.17 17.08
N PRO C 579 30.78 -6.95 16.59
CA PRO C 579 32.02 -6.71 15.83
C PRO C 579 33.29 -6.72 16.67
N GLN C 580 33.21 -6.38 17.96
CA GLN C 580 34.39 -6.36 18.82
C GLN C 580 34.28 -7.31 20.01
N THR C 581 33.36 -8.28 19.95
CA THR C 581 33.21 -9.27 21.01
C THR C 581 32.84 -10.60 20.38
N LEU C 582 33.65 -11.63 20.65
CA LEU C 582 33.39 -12.96 20.09
C LEU C 582 32.27 -13.66 20.84
N GLU C 583 31.03 -13.47 20.38
CA GLU C 583 29.87 -14.09 20.99
C GLU C 583 28.94 -14.63 19.90
N ILE C 584 28.24 -15.71 20.22
CA ILE C 584 27.34 -16.38 19.29
C ILE C 584 25.93 -16.26 19.87
N LEU C 585 25.15 -15.31 19.36
CA LEU C 585 23.79 -15.09 19.81
C LEU C 585 22.87 -14.97 18.60
N ASP C 586 21.62 -15.40 18.78
CA ASP C 586 20.61 -15.31 17.75
C ASP C 586 19.61 -14.19 18.07
N ILE C 587 18.73 -13.94 17.12
CA ILE C 587 17.71 -12.90 17.24
C ILE C 587 16.35 -13.58 17.20
N THR C 588 15.68 -13.65 18.34
CA THR C 588 14.35 -14.26 18.44
C THR C 588 13.29 -13.16 18.45
N PRO C 589 12.28 -13.26 17.59
CA PRO C 589 11.20 -12.26 17.62
C PRO C 589 10.35 -12.37 18.88
N CYS C 590 9.74 -11.25 19.24
CA CYS C 590 8.93 -11.20 20.46
C CYS C 590 7.57 -11.85 20.23
N SER C 591 6.78 -11.90 21.30
CA SER C 591 5.48 -12.58 21.29
C SER C 591 4.48 -11.71 20.54
N PHE C 592 4.18 -12.09 19.31
CA PHE C 592 3.19 -11.40 18.48
C PHE C 592 2.20 -12.41 17.92
N GLY C 593 1.03 -11.91 17.56
CA GLY C 593 -0.01 -12.77 17.02
C GLY C 593 -1.37 -12.13 17.16
N GLY C 594 -2.34 -12.72 16.47
CA GLY C 594 -3.69 -12.21 16.46
C GLY C 594 -4.43 -12.48 17.77
N VAL C 595 -5.57 -11.80 17.91
CA VAL C 595 -6.42 -11.92 19.09
C VAL C 595 -7.76 -12.48 18.64
N SER C 596 -8.10 -13.66 19.15
CA SER C 596 -9.37 -14.32 18.83
C SER C 596 -10.24 -14.38 20.07
N VAL C 597 -11.47 -13.89 19.95
CA VAL C 597 -12.42 -13.85 21.06
C VAL C 597 -13.41 -14.98 20.89
N ILE C 598 -13.49 -15.85 21.91
CA ILE C 598 -14.40 -16.98 21.91
C ILE C 598 -15.60 -16.59 22.78
N THR C 599 -16.75 -16.43 22.14
CA THR C 599 -17.95 -16.01 22.85
C THR C 599 -19.18 -16.61 22.18
N PRO C 600 -20.19 -17.00 22.94
CA PRO C 600 -21.44 -17.45 22.33
C PRO C 600 -22.34 -16.29 21.93
N GLY C 601 -23.57 -16.59 21.52
CA GLY C 601 -24.50 -15.55 21.15
C GLY C 601 -24.96 -14.72 22.33
N THR C 602 -25.44 -13.52 22.03
CA THR C 602 -25.87 -12.57 23.06
C THR C 602 -27.26 -12.85 23.58
N ASN C 603 -27.97 -13.85 23.04
CA ASN C 603 -29.32 -14.17 23.49
C ASN C 603 -29.33 -14.96 24.79
N THR C 604 -28.20 -15.54 25.20
CA THR C 604 -28.13 -16.34 26.41
C THR C 604 -27.28 -15.68 27.49
N SER C 605 -26.04 -15.33 27.18
CA SER C 605 -25.14 -14.73 28.16
C SER C 605 -24.15 -13.84 27.42
N ASN C 606 -23.19 -13.28 28.17
CA ASN C 606 -22.19 -12.39 27.62
C ASN C 606 -20.77 -12.75 28.06
N GLN C 607 -20.58 -13.97 28.57
CA GLN C 607 -19.26 -14.41 29.01
C GLN C 607 -18.37 -14.72 27.82
N VAL C 608 -17.09 -14.36 27.93
CA VAL C 608 -16.13 -14.53 26.85
C VAL C 608 -14.99 -15.41 27.32
N ALA C 609 -14.10 -15.74 26.39
CA ALA C 609 -12.89 -16.51 26.67
C ALA C 609 -11.73 -15.85 25.92
N VAL C 610 -10.76 -15.32 26.67
CA VAL C 610 -9.64 -14.60 26.08
C VAL C 610 -8.66 -15.63 25.50
N LEU C 611 -8.37 -15.52 24.20
CA LEU C 611 -7.45 -16.41 23.52
C LEU C 611 -6.50 -15.58 22.67
N TYR C 612 -5.22 -15.59 23.02
CA TYR C 612 -4.19 -14.93 22.24
C TYR C 612 -3.43 -15.97 21.42
N GLN C 613 -3.11 -15.63 20.18
CA GLN C 613 -2.47 -16.56 19.26
C GLN C 613 -0.97 -16.35 19.23
N ASP C 614 -0.23 -17.45 19.14
CA ASP C 614 1.24 -17.49 19.05
C ASP C 614 1.89 -16.81 20.25
N VAL C 615 1.40 -17.15 21.45
CA VAL C 615 1.90 -16.59 22.69
C VAL C 615 2.29 -17.75 23.61
N ASN C 616 2.76 -17.39 24.81
CA ASN C 616 3.11 -18.36 25.84
C ASN C 616 2.41 -17.96 27.13
N CYS C 617 2.31 -18.93 28.05
CA CYS C 617 1.66 -18.71 29.35
C CYS C 617 2.61 -18.13 30.40
N THR C 618 3.75 -17.59 29.98
CA THR C 618 4.72 -17.02 30.91
C THR C 618 4.89 -15.52 30.72
N GLU C 619 5.14 -15.07 29.48
CA GLU C 619 5.33 -13.65 29.22
C GLU C 619 4.02 -12.88 29.22
N VAL C 620 2.89 -13.55 29.00
CA VAL C 620 1.59 -12.88 28.97
C VAL C 620 0.98 -12.86 30.37
N ASN C 641 -6.84 -20.23 36.40
CA ASN C 641 -7.64 -20.54 35.22
C ASN C 641 -6.80 -20.35 33.95
N VAL C 642 -5.70 -21.09 33.87
CA VAL C 642 -4.77 -21.04 32.74
C VAL C 642 -4.71 -22.42 32.11
N PHE C 643 -5.02 -22.50 30.82
CA PHE C 643 -5.00 -23.75 30.08
C PHE C 643 -4.09 -23.60 28.87
N GLN C 644 -3.23 -24.59 28.66
CA GLN C 644 -2.26 -24.57 27.56
C GLN C 644 -2.88 -25.18 26.30
N THR C 645 -2.85 -24.43 25.21
CA THR C 645 -3.34 -24.89 23.92
C THR C 645 -2.21 -24.88 22.90
N ARG C 646 -2.48 -25.48 21.74
CA ARG C 646 -1.49 -25.52 20.67
C ARG C 646 -1.40 -24.22 19.89
N ALA C 647 -2.44 -23.37 19.95
CA ALA C 647 -2.45 -22.10 19.27
C ALA C 647 -1.97 -20.94 20.14
N GLY C 648 -1.82 -21.16 21.43
CA GLY C 648 -1.39 -20.10 22.33
C GLY C 648 -1.73 -20.45 23.77
N CYS C 649 -1.96 -19.41 24.57
CA CYS C 649 -2.32 -19.55 25.97
C CYS C 649 -3.78 -19.13 26.13
N LEU C 650 -4.63 -20.10 26.45
CA LEU C 650 -6.06 -19.85 26.63
C LEU C 650 -6.34 -19.57 28.11
N ILE C 651 -6.72 -18.33 28.41
CA ILE C 651 -7.02 -17.89 29.77
C ILE C 651 -8.48 -17.46 29.81
N GLY C 652 -9.29 -18.18 30.57
CA GLY C 652 -10.69 -17.86 30.69
C GLY C 652 -11.60 -19.08 30.68
N ALA C 653 -11.07 -20.21 30.24
CA ALA C 653 -11.80 -21.46 30.16
C ALA C 653 -11.17 -22.50 31.08
N GLU C 654 -12.02 -23.28 31.75
CA GLU C 654 -11.56 -24.32 32.66
C GLU C 654 -11.35 -25.63 31.94
N HIS C 655 -10.48 -26.47 32.50
CA HIS C 655 -10.17 -27.77 31.93
C HIS C 655 -11.13 -28.81 32.47
N VAL C 656 -11.89 -29.45 31.57
CA VAL C 656 -12.84 -30.49 31.92
C VAL C 656 -12.43 -31.77 31.20
N ASN C 657 -12.28 -32.86 31.96
CA ASN C 657 -11.88 -34.13 31.36
C ASN C 657 -13.00 -34.81 30.60
N ASN C 658 -14.25 -34.42 30.84
CA ASN C 658 -15.39 -35.01 30.14
C ASN C 658 -15.46 -34.46 28.72
N SER C 659 -15.55 -35.36 27.74
CA SER C 659 -15.60 -34.98 26.34
C SER C 659 -17.06 -34.83 25.91
N TYR C 660 -17.42 -33.62 25.48
CA TYR C 660 -18.76 -33.32 25.01
C TYR C 660 -18.70 -32.98 23.52
N GLU C 661 -19.85 -32.58 22.98
CA GLU C 661 -19.94 -32.23 21.57
C GLU C 661 -19.29 -30.87 21.30
N CYS C 662 -18.71 -30.74 20.11
CA CYS C 662 -18.03 -29.51 19.73
C CYS C 662 -19.05 -28.45 19.34
N ASP C 663 -18.93 -27.27 19.93
CA ASP C 663 -19.83 -26.15 19.65
C ASP C 663 -19.13 -24.99 18.97
N ILE C 664 -18.05 -24.48 19.55
CA ILE C 664 -17.28 -23.39 18.99
C ILE C 664 -15.84 -23.86 18.83
N PRO C 665 -15.27 -23.84 17.62
CA PRO C 665 -13.90 -24.35 17.44
C PRO C 665 -12.85 -23.39 17.97
N ILE C 666 -11.78 -23.98 18.51
CA ILE C 666 -10.66 -23.22 19.06
C ILE C 666 -9.41 -23.55 18.25
N GLY C 667 -9.05 -24.83 18.22
CA GLY C 667 -7.86 -25.26 17.51
C GLY C 667 -7.29 -26.56 18.04
N ALA C 668 -6.71 -27.35 17.13
CA ALA C 668 -6.08 -28.65 17.43
C ALA C 668 -7.05 -29.62 18.11
N GLY C 669 -8.29 -29.64 17.62
CA GLY C 669 -9.28 -30.56 18.15
C GLY C 669 -9.87 -30.17 19.49
N ILE C 670 -9.76 -28.91 19.88
CA ILE C 670 -10.32 -28.41 21.14
C ILE C 670 -11.49 -27.51 20.82
N CYS C 671 -12.60 -27.70 21.54
CA CYS C 671 -13.79 -26.87 21.36
C CYS C 671 -14.31 -26.40 22.70
N ALA C 672 -15.03 -25.28 22.68
CA ALA C 672 -15.65 -24.71 23.87
C ALA C 672 -17.16 -24.69 23.71
N SER C 673 -17.87 -24.83 24.83
CA SER C 673 -19.32 -24.82 24.83
C SER C 673 -19.82 -24.21 26.13
N TYR C 674 -20.84 -23.37 26.02
CA TYR C 674 -21.43 -22.70 27.19
C TYR C 674 -22.53 -23.61 27.73
N GLN C 675 -22.14 -24.54 28.60
CA GLN C 675 -23.05 -25.49 29.22
C GLN C 675 -22.92 -25.40 30.73
N THR C 676 -23.80 -26.12 31.42
CA THR C 676 -23.81 -26.14 32.87
C THR C 676 -22.69 -27.02 33.42
N SER C 689 -22.81 -21.44 37.39
CA SER C 689 -22.99 -22.82 36.95
C SER C 689 -22.64 -22.96 35.47
N GLN C 690 -23.18 -22.07 34.65
CA GLN C 690 -22.92 -22.10 33.20
C GLN C 690 -21.73 -21.19 32.88
N SER C 691 -20.71 -21.77 32.25
CA SER C 691 -19.51 -21.03 31.90
C SER C 691 -18.85 -21.68 30.70
N ILE C 692 -17.85 -21.00 30.16
CA ILE C 692 -17.10 -21.49 29.01
C ILE C 692 -15.97 -22.38 29.52
N ILE C 693 -15.92 -23.61 29.02
CA ILE C 693 -14.91 -24.59 29.44
C ILE C 693 -14.10 -25.00 28.23
N ALA C 694 -12.90 -25.52 28.51
CA ALA C 694 -12.00 -26.03 27.49
C ALA C 694 -11.86 -27.54 27.65
N TYR C 695 -12.12 -28.27 26.57
CA TYR C 695 -12.11 -29.74 26.62
C TYR C 695 -11.86 -30.29 25.23
N THR C 696 -11.36 -31.52 25.19
CA THR C 696 -11.22 -32.23 23.93
C THR C 696 -12.60 -32.68 23.44
N MET C 697 -12.90 -32.40 22.18
CA MET C 697 -14.21 -32.70 21.63
C MET C 697 -14.40 -34.21 21.45
N SER C 698 -15.66 -34.63 21.57
CA SER C 698 -16.00 -36.04 21.40
C SER C 698 -16.22 -36.33 19.91
N LEU C 699 -15.46 -37.30 19.39
CA LEU C 699 -15.56 -37.65 17.98
C LEU C 699 -16.73 -38.57 17.68
N GLY C 700 -17.41 -39.09 18.69
CA GLY C 700 -18.54 -39.98 18.51
C GLY C 700 -18.58 -41.03 19.60
N ALA C 701 -19.75 -41.65 19.74
CA ALA C 701 -19.94 -42.69 20.74
C ALA C 701 -19.28 -44.00 20.30
N GLU C 702 -18.64 -44.67 21.25
CA GLU C 702 -17.97 -45.93 20.95
C GLU C 702 -18.99 -47.07 20.81
N ASN C 703 -18.60 -48.08 20.06
CA ASN C 703 -19.45 -49.24 19.81
C ASN C 703 -18.57 -50.44 19.50
N SER C 704 -18.94 -51.59 20.05
CA SER C 704 -18.21 -52.84 19.85
C SER C 704 -19.06 -53.75 18.95
N VAL C 705 -18.66 -53.86 17.69
CA VAL C 705 -19.38 -54.70 16.73
C VAL C 705 -19.02 -56.15 16.98
N ALA C 706 -20.03 -56.97 17.23
CA ALA C 706 -19.84 -58.41 17.46
C ALA C 706 -19.57 -59.07 16.12
N TYR C 707 -18.31 -59.17 15.76
CA TYR C 707 -17.90 -59.74 14.48
C TYR C 707 -17.81 -61.26 14.60
N SER C 708 -18.58 -61.95 13.77
CA SER C 708 -18.56 -63.41 13.73
C SER C 708 -18.96 -63.87 12.34
N ASN C 709 -18.65 -65.14 12.04
CA ASN C 709 -18.91 -65.72 10.74
C ASN C 709 -20.28 -66.38 10.64
N ASN C 710 -21.10 -66.29 11.68
CA ASN C 710 -22.42 -66.93 11.66
C ASN C 710 -23.50 -66.00 12.23
N SER C 711 -23.44 -64.71 11.92
CA SER C 711 -24.42 -63.75 12.40
C SER C 711 -24.54 -62.62 11.40
N ILE C 712 -25.74 -62.42 10.85
CA ILE C 712 -26.04 -61.34 9.94
C ILE C 712 -27.15 -60.49 10.56
N ALA C 713 -27.00 -59.17 10.47
CA ALA C 713 -27.94 -58.22 11.06
C ALA C 713 -28.84 -57.71 9.93
N ILE C 714 -30.00 -58.34 9.78
CA ILE C 714 -31.00 -57.94 8.79
C ILE C 714 -32.11 -57.19 9.53
N PRO C 715 -32.42 -55.95 9.15
CA PRO C 715 -33.44 -55.18 9.87
C PRO C 715 -34.85 -55.63 9.54
N THR C 716 -35.73 -55.52 10.53
CA THR C 716 -37.13 -55.84 10.38
C THR C 716 -38.06 -54.63 10.50
N ASN C 717 -37.60 -53.55 11.12
CA ASN C 717 -38.38 -52.33 11.27
C ASN C 717 -37.67 -51.19 10.57
N PHE C 718 -38.46 -50.28 9.99
CA PHE C 718 -37.92 -49.16 9.22
C PHE C 718 -38.62 -47.88 9.62
N THR C 719 -37.91 -46.77 9.51
CA THR C 719 -38.43 -45.44 9.80
C THR C 719 -38.28 -44.56 8.58
N ILE C 720 -39.26 -43.70 8.35
CA ILE C 720 -39.27 -42.80 7.20
C ILE C 720 -38.83 -41.43 7.71
N SER C 721 -37.60 -41.05 7.39
CA SER C 721 -37.03 -39.77 7.77
C SER C 721 -36.84 -38.90 6.55
N VAL C 722 -36.98 -37.58 6.74
CA VAL C 722 -36.85 -36.60 5.67
C VAL C 722 -35.67 -35.69 6.01
N THR C 723 -34.69 -35.64 5.10
CA THR C 723 -33.53 -34.78 5.25
C THR C 723 -33.68 -33.55 4.36
N THR C 724 -33.05 -32.45 4.78
CA THR C 724 -33.12 -31.18 4.08
C THR C 724 -31.72 -30.78 3.64
N GLU C 725 -31.53 -30.63 2.33
CA GLU C 725 -30.27 -30.17 1.75
C GLU C 725 -30.52 -28.91 0.95
N ILE C 726 -29.78 -27.85 1.29
CA ILE C 726 -29.96 -26.53 0.68
C ILE C 726 -28.70 -26.19 -0.09
N LEU C 727 -28.84 -25.84 -1.37
CA LEU C 727 -27.73 -25.47 -2.22
C LEU C 727 -28.05 -24.16 -2.95
N PRO C 728 -27.09 -23.24 -3.04
CA PRO C 728 -27.33 -21.99 -3.77
C PRO C 728 -27.32 -22.21 -5.27
N VAL C 729 -28.12 -21.40 -5.97
CA VAL C 729 -28.26 -21.51 -7.42
C VAL C 729 -27.80 -20.23 -8.09
N SER C 730 -28.41 -19.11 -7.75
CA SER C 730 -28.13 -17.82 -8.38
C SER C 730 -27.66 -16.82 -7.33
N MET C 731 -27.29 -15.63 -7.80
CA MET C 731 -26.83 -14.54 -6.95
C MET C 731 -27.65 -13.29 -7.25
N THR C 732 -27.23 -12.17 -6.67
CA THR C 732 -27.89 -10.89 -6.87
C THR C 732 -27.19 -10.16 -8.02
N LYS C 733 -27.97 -9.77 -9.02
CA LYS C 733 -27.44 -9.06 -10.19
C LYS C 733 -27.15 -7.62 -9.81
N THR C 734 -25.89 -7.34 -9.50
CA THR C 734 -25.44 -6.00 -9.14
C THR C 734 -24.44 -5.52 -10.18
N SER C 735 -24.75 -4.36 -10.79
CA SER C 735 -23.90 -3.77 -11.82
C SER C 735 -23.29 -2.49 -11.27
N VAL C 736 -21.96 -2.47 -11.17
CA VAL C 736 -21.24 -1.30 -10.68
C VAL C 736 -20.70 -0.53 -11.88
N ASP C 737 -21.10 0.73 -12.00
CA ASP C 737 -20.66 1.58 -13.10
C ASP C 737 -19.47 2.41 -12.63
N CYS C 738 -18.37 2.35 -13.39
CA CYS C 738 -17.17 3.12 -13.07
C CYS C 738 -17.23 4.55 -13.60
N THR C 739 -18.33 4.94 -14.24
CA THR C 739 -18.47 6.32 -14.69
C THR C 739 -18.92 7.22 -13.54
N MET C 740 -19.90 6.78 -12.76
CA MET C 740 -20.38 7.57 -11.63
C MET C 740 -19.56 7.31 -10.37
N TYR C 741 -18.91 6.16 -10.27
CA TYR C 741 -18.11 5.85 -9.09
C TYR C 741 -16.79 6.62 -9.08
N ILE C 742 -16.24 6.91 -10.25
CA ILE C 742 -14.96 7.60 -10.36
C ILE C 742 -15.16 9.07 -10.71
N CYS C 743 -16.04 9.36 -11.67
CA CYS C 743 -16.24 10.72 -12.19
C CYS C 743 -17.70 11.13 -12.06
N GLY C 744 -18.27 10.93 -10.87
CA GLY C 744 -19.65 11.30 -10.62
C GLY C 744 -19.79 12.80 -10.43
N ASP C 745 -20.65 13.42 -11.23
CA ASP C 745 -20.97 14.85 -11.21
C ASP C 745 -19.71 15.71 -11.42
N SER C 746 -18.94 15.39 -12.45
CA SER C 746 -17.71 16.11 -12.75
C SER C 746 -17.51 16.17 -14.25
N THR C 747 -16.90 17.26 -14.72
CA THR C 747 -16.64 17.48 -16.14
C THR C 747 -15.18 17.23 -16.51
N GLU C 748 -14.25 17.78 -15.72
CA GLU C 748 -12.82 17.61 -15.99
C GLU C 748 -12.30 16.23 -15.61
N CYS C 749 -13.09 15.42 -14.90
CA CYS C 749 -12.66 14.08 -14.53
C CYS C 749 -12.63 13.16 -15.74
N SER C 750 -13.51 13.39 -16.73
CA SER C 750 -13.55 12.55 -17.92
C SER C 750 -12.37 12.80 -18.85
N ASN C 751 -11.72 13.96 -18.74
CA ASN C 751 -10.55 14.23 -19.57
C ASN C 751 -9.34 13.43 -19.12
N LEU C 752 -9.23 13.14 -17.82
CA LEU C 752 -8.13 12.35 -17.30
C LEU C 752 -8.48 10.86 -17.20
N LEU C 753 -9.76 10.51 -17.25
CA LEU C 753 -10.14 9.10 -17.19
C LEU C 753 -9.87 8.38 -18.51
N LEU C 754 -10.07 9.07 -19.64
CA LEU C 754 -9.83 8.47 -20.95
C LEU C 754 -8.36 8.35 -21.29
N GLN C 755 -7.47 9.05 -20.56
CA GLN C 755 -6.04 8.92 -20.81
C GLN C 755 -5.48 7.60 -20.30
N TYR C 756 -6.14 6.97 -19.33
CA TYR C 756 -5.70 5.67 -18.83
C TYR C 756 -6.05 4.53 -19.75
N GLY C 757 -6.98 4.72 -20.68
CA GLY C 757 -7.32 3.69 -21.64
C GLY C 757 -8.71 3.12 -21.47
N SER C 758 -8.82 1.79 -21.62
CA SER C 758 -10.09 1.09 -21.57
C SER C 758 -10.27 0.34 -20.25
N PHE C 759 -9.84 0.93 -19.14
CA PHE C 759 -9.97 0.27 -17.84
C PHE C 759 -11.43 0.20 -17.39
N CYS C 760 -12.16 1.30 -17.51
CA CYS C 760 -13.60 1.28 -17.21
C CYS C 760 -14.39 0.54 -18.27
N THR C 761 -13.90 0.48 -19.51
CA THR C 761 -14.57 -0.29 -20.55
C THR C 761 -14.41 -1.79 -20.31
N GLN C 762 -13.27 -2.20 -19.77
CA GLN C 762 -13.06 -3.62 -19.48
C GLN C 762 -13.82 -4.04 -18.23
N LEU C 763 -13.95 -3.15 -17.24
CA LEU C 763 -14.70 -3.48 -16.03
C LEU C 763 -16.19 -3.50 -16.29
N ASN C 764 -16.69 -2.64 -17.19
CA ASN C 764 -18.11 -2.69 -17.54
C ASN C 764 -18.43 -3.91 -18.40
N ARG C 765 -17.45 -4.41 -19.15
CA ARG C 765 -17.67 -5.63 -19.93
C ARG C 765 -17.60 -6.87 -19.06
N ALA C 766 -16.75 -6.85 -18.03
CA ALA C 766 -16.60 -8.02 -17.16
C ALA C 766 -17.79 -8.15 -16.21
N LEU C 767 -18.29 -7.03 -15.68
CA LEU C 767 -19.44 -7.07 -14.78
C LEU C 767 -20.74 -7.35 -15.52
N THR C 768 -20.81 -7.07 -16.82
CA THR C 768 -21.98 -7.44 -17.60
C THR C 768 -22.04 -8.94 -17.84
N GLY C 769 -20.86 -9.57 -18.00
CA GLY C 769 -20.80 -11.01 -18.21
C GLY C 769 -21.19 -11.83 -17.00
N ILE C 770 -21.14 -11.25 -15.80
CA ILE C 770 -21.63 -11.94 -14.62
C ILE C 770 -23.15 -12.05 -14.65
N ALA C 771 -23.81 -11.02 -15.19
CA ALA C 771 -25.27 -11.05 -15.32
C ALA C 771 -25.71 -12.08 -16.36
N VAL C 772 -24.90 -12.31 -17.38
CA VAL C 772 -25.18 -13.40 -18.32
C VAL C 772 -24.84 -14.75 -17.68
N GLU C 773 -23.87 -14.75 -16.77
CA GLU C 773 -23.49 -15.99 -16.09
C GLU C 773 -24.56 -16.43 -15.09
N GLN C 774 -25.17 -15.48 -14.39
CA GLN C 774 -26.22 -15.84 -13.43
C GLN C 774 -27.51 -16.22 -14.13
N ASP C 775 -27.77 -15.67 -15.32
CA ASP C 775 -28.96 -16.04 -16.06
C ASP C 775 -28.79 -17.38 -16.78
N LYS C 776 -27.55 -17.75 -17.11
CA LYS C 776 -27.31 -19.05 -17.73
C LYS C 776 -27.39 -20.18 -16.72
N ASN C 777 -26.91 -19.95 -15.50
CA ASN C 777 -26.98 -20.98 -14.46
C ASN C 777 -28.41 -21.14 -13.94
N THR C 778 -29.23 -20.09 -14.03
CA THR C 778 -30.62 -20.20 -13.59
C THR C 778 -31.45 -21.00 -14.58
N GLN C 779 -31.11 -20.92 -15.87
CA GLN C 779 -31.88 -21.63 -16.89
C GLN C 779 -31.54 -23.12 -16.91
N GLU C 780 -30.28 -23.46 -16.64
CA GLU C 780 -29.86 -24.86 -16.70
C GLU C 780 -30.31 -25.65 -15.48
N VAL C 781 -30.59 -24.99 -14.36
CA VAL C 781 -30.98 -25.71 -13.15
C VAL C 781 -32.50 -25.79 -13.02
N PHE C 782 -33.17 -24.64 -13.05
CA PHE C 782 -34.60 -24.61 -12.79
C PHE C 782 -35.43 -25.08 -13.98
N ALA C 783 -35.03 -24.70 -15.21
CA ALA C 783 -35.78 -25.04 -16.42
C ALA C 783 -35.18 -26.31 -17.00
N GLN C 784 -35.80 -27.45 -16.70
CA GLN C 784 -35.36 -28.74 -17.22
C GLN C 784 -36.44 -29.48 -18.00
N VAL C 785 -37.70 -29.08 -17.89
CA VAL C 785 -38.80 -29.72 -18.59
C VAL C 785 -39.38 -28.74 -19.61
N LYS C 786 -39.82 -29.27 -20.75
CA LYS C 786 -40.36 -28.45 -21.83
C LYS C 786 -41.88 -28.29 -21.74
N GLN C 787 -42.54 -28.99 -20.81
CA GLN C 787 -43.98 -28.90 -20.64
C GLN C 787 -44.30 -28.64 -19.18
N ILE C 788 -45.33 -27.82 -18.95
CA ILE C 788 -45.76 -27.49 -17.60
C ILE C 788 -46.96 -28.37 -17.24
N TYR C 789 -46.82 -29.14 -16.17
CA TYR C 789 -47.87 -30.04 -15.71
C TYR C 789 -48.61 -29.42 -14.53
N LYS C 790 -49.88 -29.79 -14.40
CA LYS C 790 -50.74 -29.28 -13.33
C LYS C 790 -51.23 -30.44 -12.47
N THR C 791 -51.90 -30.08 -11.39
CA THR C 791 -52.41 -31.08 -10.44
C THR C 791 -53.89 -31.34 -10.69
N PRO C 792 -54.32 -32.61 -10.63
CA PRO C 792 -55.74 -32.89 -10.79
C PRO C 792 -56.52 -32.52 -9.54
N PRO C 793 -57.81 -32.20 -9.67
CA PRO C 793 -58.61 -31.86 -8.48
C PRO C 793 -58.95 -33.06 -7.61
N ILE C 794 -58.81 -34.28 -8.11
CA ILE C 794 -59.07 -35.48 -7.32
C ILE C 794 -57.92 -35.69 -6.35
N LYS C 795 -58.25 -35.81 -5.06
CA LYS C 795 -57.24 -35.97 -4.02
C LYS C 795 -56.96 -37.44 -3.69
N ASP C 796 -57.19 -38.34 -4.65
CA ASP C 796 -56.92 -39.77 -4.44
C ASP C 796 -55.44 -40.03 -4.71
N PHE C 797 -54.62 -39.74 -3.70
CA PHE C 797 -53.18 -39.88 -3.79
C PHE C 797 -52.68 -41.16 -3.12
N GLY C 798 -53.50 -42.21 -3.12
CA GLY C 798 -53.10 -43.46 -2.51
C GLY C 798 -53.18 -43.49 -1.01
N GLY C 799 -53.87 -42.54 -0.40
CA GLY C 799 -54.01 -42.48 1.05
C GLY C 799 -53.06 -41.53 1.73
N PHE C 800 -52.09 -40.97 1.02
CA PHE C 800 -51.13 -40.04 1.58
C PHE C 800 -51.71 -38.62 1.59
N ASN C 801 -51.11 -37.78 2.43
CA ASN C 801 -51.51 -36.38 2.58
C ASN C 801 -50.48 -35.50 1.88
N PHE C 802 -50.84 -34.98 0.71
CA PHE C 802 -49.96 -34.12 -0.07
C PHE C 802 -50.46 -32.68 -0.11
N SER C 803 -51.28 -32.27 0.85
CA SER C 803 -51.80 -30.91 0.88
C SER C 803 -50.76 -29.90 1.35
N GLN C 804 -49.70 -30.34 2.02
CA GLN C 804 -48.68 -29.43 2.52
C GLN C 804 -47.59 -29.14 1.49
N ILE C 805 -47.48 -29.95 0.44
CA ILE C 805 -46.44 -29.74 -0.56
C ILE C 805 -46.97 -29.11 -1.84
N LEU C 806 -48.27 -29.23 -2.13
CA LEU C 806 -48.81 -28.63 -3.34
C LEU C 806 -49.06 -27.14 -3.12
N PRO C 807 -48.81 -26.31 -4.13
CA PRO C 807 -49.03 -24.87 -3.98
C PRO C 807 -50.50 -24.52 -3.92
N ASP C 808 -50.81 -23.46 -3.17
CA ASP C 808 -52.18 -23.00 -3.01
C ASP C 808 -52.50 -21.96 -4.07
N PRO C 809 -53.43 -22.24 -4.99
CA PRO C 809 -53.75 -21.24 -6.03
C PRO C 809 -54.58 -20.08 -5.53
N SER C 810 -55.20 -20.19 -4.35
CA SER C 810 -56.01 -19.11 -3.81
C SER C 810 -55.19 -17.99 -3.19
N LYS C 811 -53.91 -18.22 -2.92
CA LYS C 811 -53.06 -17.19 -2.34
C LYS C 811 -52.63 -16.17 -3.39
N SER C 813 -50.00 -15.45 -5.57
CA SER C 813 -48.97 -16.36 -6.04
C SER C 813 -49.25 -17.78 -5.58
N LYS C 814 -49.06 -18.74 -6.49
CA LYS C 814 -49.29 -20.16 -6.19
C LYS C 814 -48.10 -20.68 -5.38
N ARG C 815 -48.20 -20.55 -4.06
CA ARG C 815 -47.15 -21.00 -3.15
C ARG C 815 -47.75 -21.93 -2.11
N SER C 816 -46.94 -22.88 -1.67
CA SER C 816 -47.35 -23.85 -0.66
C SER C 816 -47.01 -23.33 0.74
N PHE C 817 -47.28 -24.16 1.75
CA PHE C 817 -46.99 -23.77 3.12
C PHE C 817 -45.50 -23.86 3.42
N ILE C 818 -44.78 -24.76 2.74
CA ILE C 818 -43.34 -24.89 2.96
C ILE C 818 -42.59 -23.74 2.31
N GLU C 819 -43.07 -23.27 1.16
CA GLU C 819 -42.40 -22.19 0.45
C GLU C 819 -42.58 -20.84 1.14
N ASP C 820 -43.68 -20.67 1.88
CA ASP C 820 -43.91 -19.43 2.60
C ASP C 820 -42.99 -19.29 3.80
N LEU C 821 -42.61 -20.41 4.43
CA LEU C 821 -41.72 -20.35 5.58
C LEU C 821 -40.27 -20.09 5.16
N LEU C 822 -39.88 -20.49 3.95
CA LEU C 822 -38.53 -20.26 3.49
C LEU C 822 -38.30 -18.83 3.05
N PHE C 823 -39.36 -18.12 2.66
CA PHE C 823 -39.23 -16.73 2.24
C PHE C 823 -39.14 -15.76 3.42
N ASN C 824 -39.48 -16.20 4.63
CA ASN C 824 -39.44 -15.36 5.81
C ASN C 824 -38.19 -15.57 6.65
N LYS C 825 -37.27 -16.43 6.21
CA LYS C 825 -36.04 -16.69 6.94
C LYS C 825 -34.81 -16.13 6.23
N VAL C 826 -34.97 -15.52 5.07
CA VAL C 826 -33.86 -14.95 4.31
C VAL C 826 -34.08 -13.44 4.22
N THR C 827 -33.13 -12.67 4.74
CA THR C 827 -33.23 -11.22 4.71
C THR C 827 -32.74 -10.65 3.39
N LYS C 854 -24.46 2.44 -3.66
CA LYS C 854 -25.87 2.18 -3.95
C LYS C 854 -26.48 3.35 -4.71
N PHE C 855 -26.19 4.57 -4.27
CA PHE C 855 -26.71 5.79 -4.89
C PHE C 855 -25.65 6.52 -5.72
N ASN C 856 -24.51 5.89 -5.96
CA ASN C 856 -23.41 6.50 -6.72
C ASN C 856 -22.96 5.58 -7.85
N GLY C 857 -23.93 5.05 -8.59
CA GLY C 857 -23.66 4.19 -9.72
C GLY C 857 -23.86 2.72 -9.46
N LEU C 858 -23.84 2.29 -8.21
CA LEU C 858 -24.03 0.88 -7.85
C LEU C 858 -25.51 0.57 -7.93
N THR C 859 -25.97 0.23 -9.14
CA THR C 859 -27.37 -0.07 -9.38
C THR C 859 -27.60 -1.58 -9.29
N VAL C 860 -28.66 -1.96 -8.57
CA VAL C 860 -29.02 -3.37 -8.41
C VAL C 860 -29.98 -3.73 -9.54
N LEU C 861 -29.53 -4.57 -10.47
CA LEU C 861 -30.36 -4.95 -11.60
C LEU C 861 -31.40 -5.99 -11.16
N PRO C 862 -32.62 -5.91 -11.67
CA PRO C 862 -33.63 -6.91 -11.33
C PRO C 862 -33.34 -8.21 -12.03
N PRO C 863 -33.70 -9.35 -11.42
CA PRO C 863 -33.45 -10.64 -12.07
C PRO C 863 -34.43 -10.90 -13.21
N LEU C 864 -34.07 -11.89 -14.02
CA LEU C 864 -34.93 -12.27 -15.15
C LEU C 864 -36.18 -12.99 -14.68
N LEU C 865 -36.08 -13.80 -13.65
CA LEU C 865 -37.19 -14.57 -13.11
C LEU C 865 -37.58 -14.02 -11.75
N THR C 866 -38.86 -13.70 -11.59
CA THR C 866 -39.36 -13.17 -10.33
C THR C 866 -39.59 -14.30 -9.32
N ASP C 867 -40.04 -13.94 -8.12
CA ASP C 867 -40.27 -14.93 -7.08
C ASP C 867 -41.51 -15.78 -7.34
N GLU C 868 -42.44 -15.30 -8.17
CA GLU C 868 -43.63 -16.08 -8.50
C GLU C 868 -43.29 -17.19 -9.49
N MET C 869 -42.37 -16.93 -10.41
CA MET C 869 -42.02 -17.91 -11.43
C MET C 869 -41.18 -19.06 -10.89
N ILE C 870 -40.47 -18.86 -9.78
CA ILE C 870 -39.74 -19.96 -9.16
C ILE C 870 -40.71 -20.94 -8.51
N ALA C 871 -41.82 -20.42 -7.96
CA ALA C 871 -42.84 -21.30 -7.40
C ALA C 871 -43.60 -22.04 -8.49
N GLN C 872 -43.67 -21.47 -9.70
CA GLN C 872 -44.27 -22.17 -10.82
C GLN C 872 -43.39 -23.30 -11.34
N TYR C 873 -42.07 -23.20 -11.12
CA TYR C 873 -41.19 -24.31 -11.46
C TYR C 873 -41.38 -25.48 -10.51
N THR C 874 -41.59 -25.20 -9.23
CA THR C 874 -41.86 -26.27 -8.27
C THR C 874 -43.27 -26.82 -8.39
N SER C 875 -44.19 -26.07 -9.02
CA SER C 875 -45.54 -26.56 -9.24
C SER C 875 -45.63 -27.54 -10.40
N ALA C 876 -44.61 -27.57 -11.26
CA ALA C 876 -44.59 -28.49 -12.40
C ALA C 876 -43.68 -29.69 -12.19
N LEU C 877 -42.58 -29.51 -11.46
CA LEU C 877 -41.67 -30.63 -11.22
C LEU C 877 -42.22 -31.58 -10.15
N LEU C 878 -42.92 -31.03 -9.14
CA LEU C 878 -43.51 -31.88 -8.12
C LEU C 878 -44.75 -32.59 -8.65
N ALA C 879 -45.55 -31.90 -9.48
CA ALA C 879 -46.71 -32.54 -10.08
C ALA C 879 -46.30 -33.56 -11.14
N GLY C 880 -45.14 -33.34 -11.79
CA GLY C 880 -44.64 -34.33 -12.74
C GLY C 880 -44.00 -35.52 -12.09
N THR C 881 -43.50 -35.36 -10.86
CA THR C 881 -42.86 -36.47 -10.16
C THR C 881 -43.91 -37.44 -9.61
N ILE C 882 -45.01 -36.91 -9.10
CA ILE C 882 -46.03 -37.76 -8.49
C ILE C 882 -46.91 -38.40 -9.57
N THR C 883 -47.39 -37.60 -10.52
CA THR C 883 -48.37 -38.11 -11.48
C THR C 883 -47.72 -38.81 -12.67
N SER C 884 -46.54 -38.35 -13.11
CA SER C 884 -45.91 -38.90 -14.30
C SER C 884 -44.59 -39.62 -14.00
N GLY C 885 -44.19 -39.70 -12.74
CA GLY C 885 -42.98 -40.43 -12.39
C GLY C 885 -41.73 -39.65 -12.77
N TRP C 886 -40.74 -40.37 -13.31
CA TRP C 886 -39.50 -39.77 -13.75
C TRP C 886 -39.26 -39.89 -15.24
N THR C 887 -40.20 -40.48 -15.98
CA THR C 887 -40.07 -40.65 -17.42
C THR C 887 -40.64 -39.50 -18.22
N PHE C 888 -41.09 -38.43 -17.55
CA PHE C 888 -41.62 -37.28 -18.28
C PHE C 888 -40.50 -36.46 -18.92
N GLY C 889 -39.32 -36.44 -18.30
CA GLY C 889 -38.17 -35.78 -18.91
C GLY C 889 -37.43 -36.64 -19.91
N ALA C 890 -37.66 -37.94 -19.90
CA ALA C 890 -37.03 -38.86 -20.83
C ALA C 890 -37.95 -39.27 -21.98
N GLY C 891 -39.18 -38.77 -21.99
CA GLY C 891 -40.11 -39.11 -23.05
C GLY C 891 -41.36 -38.25 -23.03
N ALA C 892 -42.51 -38.87 -23.28
CA ALA C 892 -43.78 -38.15 -23.30
C ALA C 892 -44.40 -38.19 -21.90
N ALA C 893 -45.65 -37.75 -21.79
CA ALA C 893 -46.36 -37.72 -20.51
C ALA C 893 -46.83 -39.14 -20.19
N LEU C 894 -45.97 -39.89 -19.51
CA LEU C 894 -46.25 -41.27 -19.13
C LEU C 894 -46.76 -41.26 -17.69
N GLN C 895 -48.08 -41.33 -17.53
CA GLN C 895 -48.69 -41.26 -16.21
C GLN C 895 -48.51 -42.58 -15.46
N ILE C 896 -48.41 -42.47 -14.14
CA ILE C 896 -48.23 -43.62 -13.26
C ILE C 896 -48.77 -43.26 -11.88
N PRO C 897 -49.57 -44.11 -11.25
CA PRO C 897 -50.07 -43.81 -9.91
C PRO C 897 -48.95 -43.86 -8.87
N PHE C 898 -49.11 -43.07 -7.81
CA PHE C 898 -48.11 -42.99 -6.76
C PHE C 898 -48.08 -44.23 -5.87
N ALA C 899 -49.19 -44.98 -5.82
CA ALA C 899 -49.21 -46.21 -5.04
C ALA C 899 -48.34 -47.30 -5.64
N MET C 900 -48.07 -47.24 -6.94
CA MET C 900 -47.16 -48.17 -7.60
C MET C 900 -45.84 -47.52 -8.00
N GLN C 901 -45.70 -46.20 -7.84
CA GLN C 901 -44.44 -45.54 -8.16
C GLN C 901 -43.38 -45.85 -7.12
N MET C 902 -43.77 -45.98 -5.85
CA MET C 902 -42.82 -46.29 -4.79
C MET C 902 -42.33 -47.73 -4.85
N ALA C 903 -43.06 -48.60 -5.55
CA ALA C 903 -42.59 -49.98 -5.71
C ALA C 903 -41.40 -50.05 -6.66
N TYR C 904 -41.32 -49.12 -7.62
CA TYR C 904 -40.16 -49.06 -8.51
C TYR C 904 -38.93 -48.51 -7.81
N ARG C 905 -39.11 -47.73 -6.74
CA ARG C 905 -37.96 -47.19 -6.01
C ARG C 905 -37.25 -48.28 -5.21
N PHE C 906 -37.98 -49.31 -4.79
CA PHE C 906 -37.37 -50.40 -4.05
C PHE C 906 -36.59 -51.35 -4.95
N ASN C 907 -37.00 -51.49 -6.21
CA ASN C 907 -36.34 -52.41 -7.11
C ASN C 907 -34.98 -51.88 -7.58
N GLY C 908 -34.80 -50.56 -7.56
CA GLY C 908 -33.54 -49.99 -8.00
C GLY C 908 -32.41 -50.15 -7.00
N ILE C 909 -32.72 -50.42 -5.74
CA ILE C 909 -31.72 -50.57 -4.70
C ILE C 909 -31.66 -51.99 -4.16
N GLY C 910 -32.48 -52.90 -4.68
CA GLY C 910 -32.43 -54.29 -4.25
C GLY C 910 -33.33 -54.60 -3.07
N VAL C 911 -34.51 -54.00 -3.05
CA VAL C 911 -35.50 -54.24 -2.00
C VAL C 911 -36.75 -54.81 -2.66
N THR C 912 -37.28 -55.89 -2.09
CA THR C 912 -38.51 -56.49 -2.59
C THR C 912 -39.69 -55.56 -2.32
N GLN C 913 -40.70 -55.64 -3.20
CA GLN C 913 -41.86 -54.75 -3.14
C GLN C 913 -42.90 -55.18 -2.11
N ASN C 914 -42.61 -56.17 -1.26
CA ASN C 914 -43.55 -56.58 -0.24
C ASN C 914 -43.59 -55.63 0.96
N VAL C 915 -42.64 -54.70 1.07
CA VAL C 915 -42.63 -53.77 2.18
C VAL C 915 -43.67 -52.67 1.98
N LEU C 916 -43.92 -52.29 0.72
CA LEU C 916 -44.82 -51.18 0.45
C LEU C 916 -46.27 -51.62 0.55
N TYR C 917 -46.62 -52.76 -0.05
CA TYR C 917 -48.03 -53.14 -0.16
C TYR C 917 -48.55 -53.74 1.15
N GLU C 918 -47.76 -54.59 1.80
CA GLU C 918 -48.19 -55.23 3.04
C GLU C 918 -48.15 -54.30 4.25
N ASN C 919 -47.42 -53.19 4.16
CA ASN C 919 -47.30 -52.22 5.24
C ASN C 919 -47.61 -50.81 4.72
N GLN C 920 -48.73 -50.69 4.01
CA GLN C 920 -49.12 -49.40 3.45
C GLN C 920 -49.58 -48.45 4.55
N LYS C 921 -50.26 -48.96 5.57
CA LYS C 921 -50.67 -48.13 6.69
C LYS C 921 -49.52 -47.78 7.62
N LEU C 922 -48.42 -48.53 7.57
CA LEU C 922 -47.26 -48.23 8.41
C LEU C 922 -46.46 -47.05 7.87
N ILE C 923 -46.35 -46.96 6.54
CA ILE C 923 -45.63 -45.84 5.93
C ILE C 923 -46.47 -44.56 6.02
N ALA C 924 -47.79 -44.69 5.93
CA ALA C 924 -48.67 -43.53 5.98
C ALA C 924 -48.72 -42.88 7.36
N ASN C 925 -48.43 -43.64 8.41
CA ASN C 925 -48.33 -43.09 9.76
C ASN C 925 -46.96 -42.51 10.07
N GLN C 926 -45.98 -42.71 9.20
CA GLN C 926 -44.62 -42.21 9.38
C GLN C 926 -44.22 -41.16 8.36
N PHE C 927 -44.66 -41.29 7.11
CA PHE C 927 -44.32 -40.30 6.09
C PHE C 927 -45.13 -39.02 6.27
N ASN C 928 -46.38 -39.13 6.71
CA ASN C 928 -47.19 -37.94 6.94
C ASN C 928 -46.74 -37.18 8.19
N SER C 929 -46.23 -37.90 9.19
CA SER C 929 -45.70 -37.24 10.38
C SER C 929 -44.31 -36.64 10.16
N ALA C 930 -43.59 -37.11 9.15
CA ALA C 930 -42.26 -36.58 8.85
C ALA C 930 -42.32 -35.24 8.14
N ILE C 931 -43.44 -34.90 7.51
CA ILE C 931 -43.58 -33.60 6.86
C ILE C 931 -43.70 -32.49 7.91
N GLY C 932 -44.44 -32.77 9.00
CA GLY C 932 -44.59 -31.79 10.06
C GLY C 932 -43.33 -31.55 10.87
N LYS C 933 -42.39 -32.50 10.87
CA LYS C 933 -41.13 -32.29 11.57
C LYS C 933 -40.23 -31.32 10.81
N ILE C 934 -40.38 -31.23 9.50
CA ILE C 934 -39.60 -30.28 8.71
C ILE C 934 -40.13 -28.86 8.90
N GLN C 935 -41.46 -28.71 8.94
CA GLN C 935 -42.06 -27.39 9.09
C GLN C 935 -41.87 -26.84 10.50
N ASP C 936 -41.77 -27.71 11.50
CA ASP C 936 -41.51 -27.28 12.87
C ASP C 936 -40.04 -26.99 13.14
N SER C 937 -39.15 -27.40 12.24
CA SER C 937 -37.72 -27.16 12.41
C SER C 937 -37.22 -25.96 11.61
N LEU C 938 -37.80 -25.69 10.44
CA LEU C 938 -37.36 -24.55 9.64
C LEU C 938 -37.98 -23.25 10.11
N SER C 939 -39.17 -23.30 10.71
CA SER C 939 -39.84 -22.10 11.19
C SER C 939 -39.47 -21.73 12.61
N SER C 940 -38.90 -22.66 13.38
CA SER C 940 -38.52 -22.36 14.76
C SER C 940 -37.24 -21.55 14.82
N THR C 941 -36.18 -22.03 14.18
CA THR C 941 -34.88 -21.36 14.16
C THR C 941 -34.46 -21.09 12.72
N ALA C 942 -33.41 -20.29 12.58
CA ALA C 942 -32.86 -19.93 11.28
C ALA C 942 -31.47 -20.50 11.05
N SER C 943 -31.03 -21.43 11.90
CA SER C 943 -29.71 -22.03 11.74
C SER C 943 -29.66 -23.06 10.63
N ALA C 944 -30.81 -23.61 10.23
CA ALA C 944 -30.84 -24.60 9.15
C ALA C 944 -30.66 -23.95 7.78
N LEU C 945 -31.01 -22.67 7.64
CA LEU C 945 -30.85 -21.94 6.40
C LEU C 945 -29.58 -21.09 6.39
N GLY C 946 -28.53 -21.55 7.06
CA GLY C 946 -27.28 -20.79 7.12
C GLY C 946 -26.49 -20.81 5.82
N LYS C 947 -26.76 -21.76 4.93
CA LYS C 947 -26.04 -21.81 3.67
C LYS C 947 -26.53 -20.72 2.70
N LEU C 948 -27.80 -20.35 2.78
CA LEU C 948 -28.30 -19.22 2.00
C LEU C 948 -28.04 -17.89 2.68
N GLN C 949 -27.89 -17.89 4.01
CA GLN C 949 -27.58 -16.64 4.71
C GLN C 949 -26.14 -16.21 4.47
N ASP C 950 -25.25 -17.16 4.20
CA ASP C 950 -23.86 -16.83 3.91
C ASP C 950 -23.70 -16.15 2.56
N VAL C 951 -24.60 -16.43 1.61
CA VAL C 951 -24.56 -15.77 0.31
C VAL C 951 -24.99 -14.31 0.44
N VAL C 952 -25.96 -14.04 1.31
CA VAL C 952 -26.41 -12.66 1.52
C VAL C 952 -25.37 -11.87 2.32
N ASN C 953 -24.71 -12.54 3.27
CA ASN C 953 -23.72 -11.85 4.10
C ASN C 953 -22.45 -11.54 3.32
N GLN C 954 -22.08 -12.40 2.38
CA GLN C 954 -20.91 -12.13 1.54
C GLN C 954 -21.19 -11.06 0.49
N ASN C 955 -22.45 -10.84 0.14
CA ASN C 955 -22.81 -9.80 -0.82
C ASN C 955 -23.10 -8.47 -0.15
N ALA C 956 -23.61 -8.47 1.08
CA ALA C 956 -23.89 -7.22 1.78
C ALA C 956 -22.61 -6.56 2.27
N GLN C 957 -21.65 -7.35 2.75
CA GLN C 957 -20.36 -6.80 3.18
C GLN C 957 -19.51 -6.37 2.00
N ALA C 958 -19.71 -6.96 0.83
CA ALA C 958 -18.96 -6.53 -0.36
C ALA C 958 -19.50 -5.21 -0.90
N LEU C 959 -20.81 -4.97 -0.77
CA LEU C 959 -21.37 -3.71 -1.22
C LEU C 959 -21.04 -2.57 -0.25
N ASN C 960 -21.00 -2.86 1.05
CA ASN C 960 -20.69 -1.82 2.03
C ASN C 960 -19.22 -1.44 2.04
N THR C 961 -18.35 -2.29 1.49
CA THR C 961 -16.92 -1.97 1.45
C THR C 961 -16.60 -1.04 0.28
N LEU C 962 -17.24 -1.26 -0.87
CA LEU C 962 -16.93 -0.46 -2.05
C LEU C 962 -17.51 0.95 -1.95
N VAL C 963 -18.66 1.10 -1.29
CA VAL C 963 -19.33 2.40 -1.20
C VAL C 963 -18.58 3.33 -0.25
N LYS C 964 -18.12 2.80 0.90
CA LYS C 964 -17.48 3.62 1.91
C LYS C 964 -16.08 4.10 1.55
N GLN C 965 -15.52 3.63 0.43
CA GLN C 965 -14.21 4.12 -0.01
C GLN C 965 -14.28 5.47 -0.70
N LEU C 966 -15.48 5.98 -1.00
CA LEU C 966 -15.60 7.30 -1.62
C LEU C 966 -15.30 8.42 -0.65
N SER C 967 -15.46 8.18 0.66
CA SER C 967 -15.15 9.18 1.68
C SER C 967 -13.74 9.05 2.22
N SER C 968 -12.86 8.35 1.50
CA SER C 968 -11.47 8.15 1.91
C SER C 968 -10.58 9.23 1.32
N ASN C 969 -9.41 9.41 1.95
CA ASN C 969 -8.48 10.44 1.50
C ASN C 969 -7.67 9.98 0.29
N PHE C 970 -7.23 8.72 0.30
CA PHE C 970 -6.38 8.11 -0.73
C PHE C 970 -5.09 8.90 -0.94
N GLY C 971 -4.52 9.41 0.14
CA GLY C 971 -3.31 10.21 0.07
C GLY C 971 -3.52 11.66 -0.26
N ALA C 972 -4.74 12.09 -0.57
CA ALA C 972 -5.04 13.46 -0.91
C ALA C 972 -5.50 14.23 0.33
N ILE C 973 -5.75 15.53 0.14
CA ILE C 973 -6.18 16.37 1.25
C ILE C 973 -7.69 16.40 1.39
N SER C 974 -8.44 16.00 0.37
CA SER C 974 -9.89 16.01 0.41
C SER C 974 -10.44 14.69 -0.12
N SER C 975 -11.61 14.31 0.39
CA SER C 975 -12.25 13.07 -0.04
C SER C 975 -13.25 13.28 -1.17
N VAL C 976 -13.97 14.40 -1.17
CA VAL C 976 -14.96 14.68 -2.20
C VAL C 976 -14.24 15.22 -3.43
N LEU C 977 -14.51 14.63 -4.60
CA LEU C 977 -13.87 15.07 -5.82
C LEU C 977 -14.42 16.41 -6.30
N ASN C 978 -15.69 16.70 -6.02
CA ASN C 978 -16.29 17.95 -6.47
C ASN C 978 -15.77 19.15 -5.71
N ASP C 979 -15.22 18.97 -4.51
CA ASP C 979 -14.67 20.09 -3.76
C ASP C 979 -13.25 20.44 -4.18
N ILE C 980 -12.54 19.49 -4.83
CA ILE C 980 -11.18 19.76 -5.27
C ILE C 980 -11.18 20.68 -6.49
N LEU C 981 -12.16 20.53 -7.38
CA LEU C 981 -12.24 21.39 -8.55
C LEU C 981 -12.65 22.81 -8.19
N SER C 982 -13.31 23.00 -7.05
CA SER C 982 -13.70 24.33 -6.62
C SER C 982 -12.68 25.00 -5.71
N ARG C 983 -11.72 24.24 -5.16
CA ARG C 983 -10.71 24.78 -4.28
C ARG C 983 -9.33 24.90 -4.94
N LEU C 984 -8.81 23.81 -5.48
CA LEU C 984 -7.48 23.82 -6.05
C LEU C 984 -7.51 24.32 -7.49
N ASP C 985 -6.34 24.75 -7.97
CA ASP C 985 -6.21 25.23 -9.33
C ASP C 985 -6.28 24.08 -10.33
N PRO C 986 -6.85 24.30 -11.51
CA PRO C 986 -6.91 23.24 -12.53
C PRO C 986 -5.54 22.82 -13.07
N PRO C 987 -4.50 23.67 -13.10
CA PRO C 987 -3.15 23.11 -13.27
C PRO C 987 -2.58 22.43 -12.02
N GLU C 988 -3.18 22.64 -10.84
CA GLU C 988 -2.65 22.08 -9.61
C GLU C 988 -3.46 20.91 -9.06
N ALA C 989 -4.75 20.80 -9.43
CA ALA C 989 -5.57 19.72 -8.90
C ALA C 989 -5.36 18.40 -9.63
N GLU C 990 -4.61 18.40 -10.74
CA GLU C 990 -4.40 17.18 -11.51
C GLU C 990 -3.54 16.16 -10.78
N VAL C 991 -2.72 16.59 -9.83
CA VAL C 991 -1.95 15.64 -9.02
C VAL C 991 -2.86 14.96 -8.01
N GLN C 992 -3.76 15.72 -7.38
CA GLN C 992 -4.64 15.17 -6.37
C GLN C 992 -5.80 14.40 -6.96
N ILE C 993 -6.17 14.68 -8.21
CA ILE C 993 -7.25 13.93 -8.86
C ILE C 993 -6.78 12.53 -9.21
N ASP C 994 -5.56 12.40 -9.76
CA ASP C 994 -5.03 11.10 -10.15
C ASP C 994 -4.72 10.21 -8.96
N ARG C 995 -4.54 10.77 -7.76
CA ARG C 995 -4.42 9.95 -6.57
C ARG C 995 -5.76 9.34 -6.17
N LEU C 996 -6.86 9.98 -6.54
CA LEU C 996 -8.19 9.45 -6.25
C LEU C 996 -8.66 8.44 -7.28
N ILE C 997 -8.29 8.63 -8.55
CA ILE C 997 -8.68 7.69 -9.59
C ILE C 997 -7.91 6.39 -9.44
N THR C 998 -6.63 6.47 -9.08
CA THR C 998 -5.84 5.26 -8.85
C THR C 998 -6.29 4.54 -7.58
N GLY C 999 -6.78 5.29 -6.60
CA GLY C 999 -7.28 4.66 -5.39
C GLY C 999 -8.63 4.01 -5.59
N ARG C 1000 -9.48 4.61 -6.44
CA ARG C 1000 -10.80 4.04 -6.70
C ARG C 1000 -10.73 2.87 -7.67
N LEU C 1001 -9.81 2.93 -8.64
CA LEU C 1001 -9.67 1.82 -9.58
C LEU C 1001 -9.04 0.60 -8.92
N GLN C 1002 -8.18 0.81 -7.93
CA GLN C 1002 -7.65 -0.32 -7.16
C GLN C 1002 -8.73 -0.95 -6.29
N SER C 1003 -9.68 -0.15 -5.80
CA SER C 1003 -10.80 -0.70 -5.07
C SER C 1003 -11.81 -1.37 -6.01
N LEU C 1004 -11.91 -0.89 -7.26
CA LEU C 1004 -12.82 -1.49 -8.21
C LEU C 1004 -12.28 -2.81 -8.76
N GLN C 1005 -10.98 -2.85 -9.07
CA GLN C 1005 -10.38 -4.08 -9.57
C GLN C 1005 -10.30 -5.17 -8.49
N THR C 1006 -10.24 -4.78 -7.22
CA THR C 1006 -10.30 -5.78 -6.15
C THR C 1006 -11.72 -6.28 -5.97
N TYR C 1007 -12.72 -5.45 -6.33
CA TYR C 1007 -14.12 -5.85 -6.17
C TYR C 1007 -14.52 -6.89 -7.22
N VAL C 1008 -14.08 -6.70 -8.47
CA VAL C 1008 -14.37 -7.69 -9.51
C VAL C 1008 -13.56 -8.96 -9.27
N THR C 1009 -12.38 -8.85 -8.65
CA THR C 1009 -11.59 -10.03 -8.32
C THR C 1009 -12.27 -10.86 -7.24
N GLN C 1010 -12.85 -10.22 -6.23
CA GLN C 1010 -13.53 -10.96 -5.18
C GLN C 1010 -14.90 -11.47 -5.62
N GLN C 1011 -15.52 -10.81 -6.60
CA GLN C 1011 -16.85 -11.23 -7.04
C GLN C 1011 -16.79 -12.41 -8.02
N LEU C 1012 -15.75 -12.47 -8.85
CA LEU C 1012 -15.65 -13.55 -9.82
C LEU C 1012 -15.31 -14.88 -9.17
N ILE C 1013 -14.51 -14.86 -8.09
CA ILE C 1013 -14.23 -16.09 -7.35
C ILE C 1013 -15.45 -16.49 -6.53
N ARG C 1014 -16.20 -15.51 -6.03
CA ARG C 1014 -17.45 -15.80 -5.31
C ARG C 1014 -18.51 -16.34 -6.25
N ALA C 1015 -18.55 -15.83 -7.50
CA ALA C 1015 -19.49 -16.36 -8.48
C ALA C 1015 -19.05 -17.73 -8.98
N ALA C 1016 -17.76 -18.03 -8.92
CA ALA C 1016 -17.28 -19.35 -9.32
C ALA C 1016 -17.66 -20.41 -8.30
N GLU C 1017 -17.85 -20.02 -7.05
CA GLU C 1017 -18.33 -20.97 -6.04
C GLU C 1017 -19.80 -21.30 -6.25
N ILE C 1018 -20.59 -20.31 -6.63
CA ILE C 1018 -22.01 -20.54 -6.90
C ILE C 1018 -22.19 -21.27 -8.22
N ARG C 1019 -21.34 -21.00 -9.21
CA ARG C 1019 -21.40 -21.71 -10.47
C ARG C 1019 -20.99 -23.17 -10.31
N ALA C 1020 -20.03 -23.44 -9.42
CA ALA C 1020 -19.71 -24.82 -9.09
C ALA C 1020 -20.83 -25.47 -8.29
N SER C 1021 -21.57 -24.68 -7.51
CA SER C 1021 -22.76 -25.21 -6.85
C SER C 1021 -23.93 -25.31 -7.81
N ALA C 1022 -23.93 -24.52 -8.89
CA ALA C 1022 -24.96 -24.63 -9.91
C ALA C 1022 -24.80 -25.90 -10.73
N ASN C 1023 -23.56 -26.37 -10.91
CA ASN C 1023 -23.34 -27.64 -11.57
C ASN C 1023 -23.76 -28.80 -10.66
N LEU C 1024 -23.68 -28.60 -9.34
CA LEU C 1024 -24.18 -29.60 -8.40
C LEU C 1024 -25.69 -29.54 -8.25
N ALA C 1025 -26.27 -28.33 -8.35
CA ALA C 1025 -27.73 -28.20 -8.29
C ALA C 1025 -28.40 -28.73 -9.55
N ALA C 1026 -27.76 -28.57 -10.71
CA ALA C 1026 -28.29 -29.16 -11.94
C ALA C 1026 -28.09 -30.67 -11.98
N THR C 1027 -27.14 -31.20 -11.21
CA THR C 1027 -26.93 -32.64 -11.18
C THR C 1027 -27.97 -33.33 -10.29
N LYS C 1028 -28.20 -32.80 -9.09
CA LYS C 1028 -29.14 -33.40 -8.16
C LYS C 1028 -30.59 -33.24 -8.61
N MET C 1029 -30.90 -32.17 -9.33
CA MET C 1029 -32.27 -31.98 -9.81
C MET C 1029 -32.55 -32.86 -11.03
N SER C 1030 -31.52 -33.28 -11.75
CA SER C 1030 -31.72 -34.15 -12.90
C SER C 1030 -31.63 -35.63 -12.54
N GLU C 1031 -30.92 -35.96 -11.47
CA GLU C 1031 -30.71 -37.36 -11.07
C GLU C 1031 -31.58 -37.75 -9.89
N CYS C 1032 -31.53 -37.00 -8.78
CA CYS C 1032 -32.25 -37.37 -7.59
C CYS C 1032 -33.72 -36.93 -7.61
N VAL C 1033 -34.06 -35.95 -8.43
CA VAL C 1033 -35.45 -35.51 -8.54
C VAL C 1033 -36.13 -36.15 -9.74
N LEU C 1034 -35.47 -36.14 -10.90
CA LEU C 1034 -36.03 -36.70 -12.13
C LEU C 1034 -35.58 -38.14 -12.38
N GLY C 1035 -35.32 -38.90 -11.33
CA GLY C 1035 -34.90 -40.28 -11.50
C GLY C 1035 -34.58 -40.90 -10.15
N GLN C 1036 -34.04 -42.11 -10.22
CA GLN C 1036 -33.59 -42.85 -9.03
C GLN C 1036 -32.09 -43.07 -9.15
N SER C 1037 -31.33 -42.34 -8.34
CA SER C 1037 -29.88 -42.44 -8.37
C SER C 1037 -29.41 -43.63 -7.54
N LYS C 1038 -28.48 -44.41 -8.09
CA LYS C 1038 -27.92 -45.57 -7.40
C LYS C 1038 -26.63 -45.23 -6.65
N ARG C 1039 -26.44 -43.98 -6.26
CA ARG C 1039 -25.24 -43.53 -5.57
C ARG C 1039 -25.50 -43.48 -4.07
N VAL C 1040 -24.61 -44.10 -3.30
CA VAL C 1040 -24.79 -44.19 -1.85
C VAL C 1040 -24.36 -42.87 -1.21
N ASP C 1041 -25.25 -42.31 -0.39
CA ASP C 1041 -25.01 -41.10 0.41
C ASP C 1041 -24.67 -39.88 -0.46
N PHE C 1042 -25.34 -39.77 -1.60
CA PHE C 1042 -25.17 -38.61 -2.47
C PHE C 1042 -26.29 -37.60 -2.31
N CYS C 1043 -27.51 -38.06 -2.03
CA CYS C 1043 -28.66 -37.16 -1.85
C CYS C 1043 -29.34 -37.44 -0.52
N GLY C 1044 -28.56 -37.52 0.56
CA GLY C 1044 -29.07 -37.75 1.88
C GLY C 1044 -28.57 -39.05 2.49
N LYS C 1045 -28.64 -39.10 3.81
CA LYS C 1045 -28.19 -40.28 4.55
C LYS C 1045 -29.28 -41.35 4.52
N GLY C 1046 -28.93 -42.53 4.01
CA GLY C 1046 -29.84 -43.63 3.87
C GLY C 1046 -30.10 -43.98 2.41
N TYR C 1047 -30.94 -45.00 2.23
CA TYR C 1047 -31.32 -45.46 0.90
C TYR C 1047 -32.27 -44.44 0.30
N HIS C 1048 -31.77 -43.66 -0.67
CA HIS C 1048 -32.56 -42.59 -1.25
C HIS C 1048 -33.63 -43.15 -2.19
N LEU C 1049 -34.86 -42.66 -2.02
CA LEU C 1049 -35.98 -43.08 -2.85
C LEU C 1049 -36.50 -41.95 -3.72
N MET C 1050 -36.83 -40.80 -3.14
CA MET C 1050 -37.34 -39.67 -3.89
C MET C 1050 -36.99 -38.38 -3.15
N SER C 1051 -37.10 -37.27 -3.87
CA SER C 1051 -36.82 -35.95 -3.31
C SER C 1051 -37.83 -34.95 -3.85
N PHE C 1052 -38.15 -33.96 -3.02
CA PHE C 1052 -39.14 -32.94 -3.37
C PHE C 1052 -38.46 -31.59 -3.52
N PRO C 1053 -38.43 -31.01 -4.72
CA PRO C 1053 -37.80 -29.69 -4.87
C PRO C 1053 -38.72 -28.57 -4.38
N GLN C 1054 -38.11 -27.60 -3.71
CA GLN C 1054 -38.83 -26.45 -3.16
C GLN C 1054 -38.14 -25.17 -3.60
N SER C 1055 -38.91 -24.09 -3.67
CA SER C 1055 -38.38 -22.80 -4.08
C SER C 1055 -37.63 -22.14 -2.93
N ALA C 1056 -36.62 -21.34 -3.29
CA ALA C 1056 -35.80 -20.64 -2.30
C ALA C 1056 -35.23 -19.39 -2.96
N PRO C 1057 -35.09 -18.29 -2.23
CA PRO C 1057 -34.48 -17.08 -2.80
C PRO C 1057 -32.98 -17.27 -2.99
N HIS C 1058 -32.53 -17.12 -4.26
CA HIS C 1058 -31.13 -17.29 -4.68
C HIS C 1058 -30.58 -18.66 -4.31
N GLY C 1059 -31.41 -19.68 -4.46
CA GLY C 1059 -30.99 -21.04 -4.13
C GLY C 1059 -32.12 -22.02 -4.34
N VAL C 1060 -31.96 -23.20 -3.75
CA VAL C 1060 -32.96 -24.25 -3.83
C VAL C 1060 -32.89 -25.08 -2.54
N VAL C 1061 -34.05 -25.59 -2.12
CA VAL C 1061 -34.15 -26.41 -0.92
C VAL C 1061 -34.73 -27.76 -1.32
N PHE C 1062 -33.99 -28.83 -1.07
CA PHE C 1062 -34.43 -30.18 -1.37
C PHE C 1062 -34.98 -30.87 -0.13
N LEU C 1063 -35.98 -31.71 -0.34
CA LEU C 1063 -36.60 -32.51 0.72
C LEU C 1063 -36.48 -33.98 0.32
N HIS C 1064 -35.36 -34.60 0.70
CA HIS C 1064 -35.09 -35.98 0.32
C HIS C 1064 -35.87 -36.94 1.22
N VAL C 1065 -36.30 -38.04 0.63
CA VAL C 1065 -36.99 -39.12 1.35
C VAL C 1065 -36.09 -40.35 1.32
N THR C 1066 -35.58 -40.75 2.47
CA THR C 1066 -34.63 -41.84 2.58
C THR C 1066 -35.25 -43.01 3.34
N TYR C 1067 -34.66 -44.19 3.12
CA TYR C 1067 -35.08 -45.42 3.79
C TYR C 1067 -34.03 -45.79 4.81
N VAL C 1068 -34.33 -45.55 6.08
CA VAL C 1068 -33.40 -45.78 7.19
C VAL C 1068 -33.93 -46.93 8.04
N PRO C 1069 -33.13 -47.94 8.33
CA PRO C 1069 -33.58 -49.02 9.22
C PRO C 1069 -33.70 -48.55 10.66
N ALA C 1070 -34.47 -49.32 11.44
CA ALA C 1070 -34.73 -48.98 12.83
C ALA C 1070 -34.19 -50.00 13.81
N GLN C 1071 -34.51 -51.28 13.64
CA GLN C 1071 -34.13 -52.33 14.57
C GLN C 1071 -33.15 -53.29 13.91
N GLU C 1072 -32.59 -54.18 14.74
CA GLU C 1072 -31.66 -55.20 14.29
C GLU C 1072 -31.78 -56.42 15.19
N LYS C 1073 -31.50 -57.59 14.61
CA LYS C 1073 -31.56 -58.85 15.33
C LYS C 1073 -30.34 -59.69 14.99
N ASN C 1074 -30.11 -60.72 15.81
CA ASN C 1074 -29.01 -61.64 15.61
C ASN C 1074 -29.55 -62.93 15.00
N PHE C 1075 -29.02 -63.29 13.84
CA PHE C 1075 -29.45 -64.47 13.10
C PHE C 1075 -28.29 -65.46 12.95
N THR C 1076 -28.54 -66.52 12.18
CA THR C 1076 -27.53 -67.52 11.86
C THR C 1076 -27.48 -67.69 10.35
N THR C 1077 -26.31 -67.43 9.77
CA THR C 1077 -26.15 -67.43 8.32
C THR C 1077 -25.23 -68.56 7.88
N ALA C 1078 -25.23 -68.81 6.57
CA ALA C 1078 -24.39 -69.83 5.95
C ALA C 1078 -24.21 -69.46 4.48
N PRO C 1079 -23.05 -69.72 3.88
CA PRO C 1079 -22.87 -69.36 2.46
C PRO C 1079 -23.63 -70.28 1.52
N ALA C 1080 -23.68 -71.57 1.81
CA ALA C 1080 -24.41 -72.52 0.98
C ALA C 1080 -24.81 -73.72 1.82
N ILE C 1081 -25.71 -74.54 1.28
CA ILE C 1081 -26.22 -75.73 1.95
C ILE C 1081 -25.94 -76.94 1.06
N CYS C 1082 -26.08 -78.12 1.67
CA CYS C 1082 -25.84 -79.39 0.99
C CYS C 1082 -27.03 -80.31 1.22
N HIS C 1083 -27.59 -80.85 0.14
CA HIS C 1083 -28.74 -81.74 0.22
C HIS C 1083 -28.38 -83.17 -0.22
N ASP C 1084 -27.85 -83.33 -1.42
CA ASP C 1084 -27.46 -84.63 -1.95
C ASP C 1084 -26.01 -84.59 -2.43
N GLY C 1085 -25.17 -83.82 -1.74
CA GLY C 1085 -23.79 -83.65 -2.12
C GLY C 1085 -23.52 -82.44 -2.99
N LYS C 1086 -24.54 -81.84 -3.58
CA LYS C 1086 -24.38 -80.66 -4.42
C LYS C 1086 -24.55 -79.39 -3.60
N ALA C 1087 -23.94 -78.32 -4.07
CA ALA C 1087 -23.96 -77.02 -3.40
C ALA C 1087 -24.99 -76.13 -4.08
N HIS C 1088 -26.04 -75.78 -3.36
CA HIS C 1088 -27.09 -74.91 -3.88
C HIS C 1088 -26.73 -73.46 -3.60
N PHE C 1089 -26.52 -72.68 -4.66
CA PHE C 1089 -26.14 -71.29 -4.53
C PHE C 1089 -27.36 -70.41 -4.74
N PRO C 1090 -27.71 -69.55 -3.78
CA PRO C 1090 -28.89 -68.69 -3.95
C PRO C 1090 -28.61 -67.51 -4.88
N ARG C 1091 -29.67 -67.05 -5.53
CA ARG C 1091 -29.56 -65.94 -6.46
C ARG C 1091 -29.71 -64.59 -5.77
N GLU C 1092 -30.68 -64.47 -4.85
CA GLU C 1092 -30.94 -63.23 -4.12
C GLU C 1092 -30.82 -63.51 -2.64
N GLY C 1093 -29.87 -62.83 -1.98
CA GLY C 1093 -29.66 -63.00 -0.56
C GLY C 1093 -28.92 -64.30 -0.25
N VAL C 1094 -28.78 -64.56 1.06
CA VAL C 1094 -28.13 -65.76 1.54
C VAL C 1094 -29.09 -66.54 2.42
N PHE C 1095 -28.66 -67.68 2.93
CA PHE C 1095 -29.49 -68.49 3.81
C PHE C 1095 -29.42 -67.95 5.24
N VAL C 1096 -30.58 -67.80 5.86
CA VAL C 1096 -30.69 -67.32 7.23
C VAL C 1096 -31.32 -68.40 8.09
N SER C 1097 -31.23 -68.22 9.40
CA SER C 1097 -31.78 -69.19 10.35
C SER C 1097 -32.09 -68.49 11.65
N ASN C 1098 -33.05 -69.05 12.39
CA ASN C 1098 -33.43 -68.55 13.69
C ASN C 1098 -32.94 -69.41 14.85
N GLY C 1099 -32.31 -70.55 14.56
CA GLY C 1099 -31.81 -71.42 15.61
C GLY C 1099 -32.15 -72.88 15.38
N THR C 1100 -33.28 -73.15 14.75
CA THR C 1100 -33.74 -74.50 14.49
C THR C 1100 -33.78 -74.84 13.00
N HIS C 1101 -34.47 -74.04 12.20
CA HIS C 1101 -34.62 -74.28 10.77
C HIS C 1101 -33.93 -73.18 9.97
N TRP C 1102 -33.62 -73.50 8.71
CA TRP C 1102 -32.94 -72.57 7.82
C TRP C 1102 -33.97 -71.93 6.89
N PHE C 1103 -33.95 -70.60 6.81
CA PHE C 1103 -34.85 -69.84 5.96
C PHE C 1103 -34.05 -69.12 4.88
N VAL C 1104 -34.75 -68.31 4.08
CA VAL C 1104 -34.13 -67.57 2.98
C VAL C 1104 -34.82 -66.22 2.86
N THR C 1105 -34.04 -65.15 2.89
CA THR C 1105 -34.56 -63.80 2.73
C THR C 1105 -33.48 -62.96 2.07
N GLN C 1106 -33.81 -61.69 1.80
CA GLN C 1106 -32.87 -60.78 1.17
C GLN C 1106 -31.99 -60.11 2.23
N ARG C 1107 -31.14 -59.19 1.78
CA ARG C 1107 -30.21 -58.49 2.65
C ARG C 1107 -30.79 -57.22 3.27
N ASN C 1108 -32.04 -56.89 2.96
CA ASN C 1108 -32.66 -55.66 3.43
C ASN C 1108 -33.92 -55.87 4.26
N PHE C 1109 -34.55 -57.04 4.19
CA PHE C 1109 -35.76 -57.30 4.96
C PHE C 1109 -35.82 -58.78 5.29
N TYR C 1110 -36.04 -59.09 6.57
CA TYR C 1110 -36.12 -60.47 7.02
C TYR C 1110 -37.52 -61.02 6.85
N GLU C 1111 -37.64 -62.15 6.17
CA GLU C 1111 -38.93 -62.80 5.94
C GLU C 1111 -38.72 -64.30 5.73
N PRO C 1112 -39.45 -65.14 6.47
CA PRO C 1112 -39.29 -66.60 6.29
C PRO C 1112 -39.92 -67.07 4.99
N GLN C 1113 -39.13 -67.78 4.19
CA GLN C 1113 -39.57 -68.31 2.92
C GLN C 1113 -39.19 -69.79 2.82
N ILE C 1114 -39.97 -70.52 2.02
CA ILE C 1114 -39.73 -71.95 1.81
C ILE C 1114 -38.62 -72.12 0.79
N ILE C 1115 -37.60 -72.90 1.13
CA ILE C 1115 -36.47 -73.15 0.24
C ILE C 1115 -36.93 -74.11 -0.85
N THR C 1116 -37.09 -73.60 -2.07
CA THR C 1116 -37.52 -74.38 -3.22
C THR C 1116 -36.42 -74.43 -4.26
N THR C 1117 -36.72 -75.07 -5.40
CA THR C 1117 -35.77 -75.19 -6.49
C THR C 1117 -35.73 -73.96 -7.38
N ASP C 1118 -36.71 -73.07 -7.29
CA ASP C 1118 -36.75 -71.88 -8.12
C ASP C 1118 -35.88 -70.74 -7.59
N ASN C 1119 -35.33 -70.88 -6.39
CA ASN C 1119 -34.49 -69.84 -5.80
C ASN C 1119 -33.00 -70.16 -5.86
N THR C 1120 -32.63 -71.44 -5.82
CA THR C 1120 -31.24 -71.85 -5.86
C THR C 1120 -30.99 -72.71 -7.10
N PHE C 1121 -29.75 -72.69 -7.57
CA PHE C 1121 -29.32 -73.48 -8.72
C PHE C 1121 -28.22 -74.44 -8.31
N VAL C 1122 -27.93 -75.39 -9.19
CA VAL C 1122 -26.91 -76.41 -8.95
C VAL C 1122 -25.62 -75.97 -9.60
N SER C 1123 -24.57 -75.82 -8.80
CA SER C 1123 -23.26 -75.40 -9.31
C SER C 1123 -22.19 -75.90 -8.35
N GLY C 1124 -21.23 -76.66 -8.89
CA GLY C 1124 -20.16 -77.18 -8.07
C GLY C 1124 -20.58 -78.35 -7.21
N ASN C 1125 -19.83 -78.55 -6.13
CA ASN C 1125 -20.11 -79.63 -5.18
C ASN C 1125 -19.87 -79.10 -3.77
N CYS C 1126 -19.98 -79.98 -2.78
CA CYS C 1126 -19.87 -79.62 -1.38
C CYS C 1126 -18.53 -80.04 -0.79
N ASP C 1127 -17.45 -79.99 -1.57
CA ASP C 1127 -16.11 -80.32 -1.09
C ASP C 1127 -15.10 -79.21 -1.34
N VAL C 1128 -15.54 -78.06 -1.85
CA VAL C 1128 -14.67 -76.94 -2.19
C VAL C 1128 -14.90 -75.76 -1.26
N VAL C 1129 -16.17 -75.45 -0.98
CA VAL C 1129 -16.52 -74.29 -0.16
C VAL C 1129 -16.19 -74.59 1.30
N ILE C 1130 -15.31 -73.78 1.88
CA ILE C 1130 -14.90 -73.96 3.28
C ILE C 1130 -15.97 -73.35 4.18
N GLY C 1131 -16.47 -74.14 5.13
CA GLY C 1131 -17.49 -73.67 6.03
C GLY C 1131 -18.91 -73.91 5.56
N ILE C 1132 -19.15 -75.01 4.86
CA ILE C 1132 -20.48 -75.31 4.31
C ILE C 1132 -21.23 -76.18 5.31
N VAL C 1133 -22.55 -76.18 5.21
CA VAL C 1133 -23.40 -76.95 6.12
C VAL C 1133 -24.34 -77.84 5.33
N ASN C 1134 -25.14 -78.64 6.03
CA ASN C 1134 -26.11 -79.52 5.41
C ASN C 1134 -27.52 -79.07 5.77
N ASN C 1135 -28.44 -79.23 4.83
CA ASN C 1135 -29.82 -78.82 5.02
C ASN C 1135 -30.71 -79.62 4.09
N THR C 1136 -31.92 -79.93 4.55
CA THR C 1136 -32.91 -80.68 3.78
C THR C 1136 -33.72 -79.69 2.95
N VAL C 1137 -33.54 -79.73 1.63
CA VAL C 1137 -34.24 -78.82 0.74
C VAL C 1137 -35.63 -79.37 0.45
N TYR C 1138 -36.65 -78.57 0.74
CA TYR C 1138 -38.02 -78.99 0.48
C TYR C 1138 -38.33 -78.90 -1.02
N ASP C 1139 -39.05 -79.89 -1.53
CA ASP C 1139 -39.40 -79.94 -2.94
C ASP C 1139 -40.91 -80.06 -3.09
N PRO C 1140 -41.60 -79.04 -3.61
CA PRO C 1140 -43.06 -79.15 -3.78
C PRO C 1140 -43.47 -80.05 -4.95
N LEU C 1141 -42.54 -80.46 -5.81
CA LEU C 1141 -42.89 -81.30 -6.95
C LEU C 1141 -43.22 -82.73 -6.52
N GLN C 1142 -42.55 -83.21 -5.47
CA GLN C 1142 -42.73 -84.57 -4.97
C GLN C 1142 -44.11 -84.87 -4.39
N PRO C 1143 -44.81 -83.96 -3.68
CA PRO C 1143 -46.22 -84.24 -3.41
C PRO C 1143 -47.12 -84.12 -4.63
N GLU C 1144 -46.73 -83.32 -5.62
CA GLU C 1144 -47.55 -83.16 -6.82
C GLU C 1144 -47.35 -84.29 -7.81
N LEU C 1145 -46.14 -84.85 -7.89
CA LEU C 1145 -45.88 -85.94 -8.83
C LEU C 1145 -46.45 -87.27 -8.33
N ASP C 1146 -46.60 -87.42 -7.02
CA ASP C 1146 -47.15 -88.66 -6.47
C ASP C 1146 -48.67 -88.69 -6.53
N SER C 1147 -49.31 -87.54 -6.31
CA SER C 1147 -50.77 -87.47 -6.35
C SER C 1147 -51.27 -87.35 -7.79
N GLN D 14 -14.90 44.96 -57.20
CA GLN D 14 -14.73 45.26 -55.78
C GLN D 14 -15.95 45.97 -55.23
N CYS D 15 -16.31 47.10 -55.85
CA CYS D 15 -17.46 47.88 -55.41
C CYS D 15 -18.74 47.52 -56.16
N VAL D 16 -18.62 47.07 -57.40
CA VAL D 16 -19.79 46.73 -58.20
C VAL D 16 -20.33 45.38 -57.75
N ASN D 17 -21.58 45.36 -57.31
CA ASN D 17 -22.24 44.16 -56.85
C ASN D 17 -23.43 43.85 -57.73
N LEU D 18 -23.86 42.58 -57.70
CA LEU D 18 -24.99 42.14 -58.51
C LEU D 18 -26.30 42.63 -57.93
N THR D 19 -27.25 42.94 -58.81
CA THR D 19 -28.56 43.43 -58.41
C THR D 19 -29.68 42.44 -58.71
N THR D 20 -29.35 41.25 -59.21
CA THR D 20 -30.33 40.23 -59.55
C THR D 20 -30.47 39.16 -58.46
N ARG D 21 -30.29 39.55 -57.21
CA ARG D 21 -30.37 38.62 -56.09
C ARG D 21 -31.82 38.47 -55.63
N THR D 22 -32.29 37.24 -55.53
CA THR D 22 -33.64 36.93 -55.07
C THR D 22 -33.56 36.30 -53.69
N GLN D 23 -34.30 36.88 -52.74
CA GLN D 23 -34.30 36.40 -51.36
C GLN D 23 -35.14 35.13 -51.28
N LEU D 24 -34.50 34.01 -50.95
CA LEU D 24 -35.18 32.73 -50.77
C LEU D 24 -34.79 32.14 -49.42
N PRO D 25 -35.72 31.48 -48.74
CA PRO D 25 -35.43 30.94 -47.40
C PRO D 25 -34.55 29.71 -47.49
N PRO D 26 -33.53 29.61 -46.63
CA PRO D 26 -32.67 28.41 -46.62
C PRO D 26 -33.36 27.20 -46.01
N ALA D 27 -34.01 26.39 -46.84
CA ALA D 27 -34.72 25.21 -46.36
C ALA D 27 -33.75 24.13 -45.91
N TYR D 28 -34.28 23.16 -45.18
CA TYR D 28 -33.46 22.08 -44.62
C TYR D 28 -33.36 20.92 -45.60
N THR D 29 -32.23 20.23 -45.55
CA THR D 29 -31.98 19.08 -46.40
C THR D 29 -31.32 17.98 -45.56
N ASN D 30 -31.59 16.73 -45.91
CA ASN D 30 -31.10 15.59 -45.16
C ASN D 30 -30.01 14.86 -45.93
N SER D 31 -28.95 14.48 -45.22
CA SER D 31 -27.86 13.69 -45.77
C SER D 31 -27.84 12.31 -45.11
N PHE D 32 -27.46 11.30 -45.89
CA PHE D 32 -27.52 9.91 -45.44
C PHE D 32 -26.21 9.43 -44.83
N THR D 33 -25.13 9.42 -45.62
CA THR D 33 -23.86 8.87 -45.16
C THR D 33 -22.67 9.71 -45.61
N ARG D 34 -22.85 11.03 -45.71
CA ARG D 34 -21.77 11.90 -46.12
C ARG D 34 -20.98 12.41 -44.92
N GLY D 35 -19.69 12.64 -45.12
CA GLY D 35 -18.84 13.15 -44.08
C GLY D 35 -17.89 12.11 -43.51
N VAL D 36 -17.41 11.20 -44.36
CA VAL D 36 -16.51 10.13 -43.96
C VAL D 36 -15.19 10.32 -44.69
N TYR D 37 -14.09 10.35 -43.93
CA TYR D 37 -12.77 10.52 -44.49
C TYR D 37 -11.75 9.80 -43.61
N TYR D 38 -10.51 9.72 -44.10
CA TYR D 38 -9.43 9.11 -43.33
C TYR D 38 -8.92 10.08 -42.28
N PRO D 39 -8.88 9.71 -41.01
CA PRO D 39 -8.41 10.65 -39.99
C PRO D 39 -6.90 10.86 -40.00
N ASP D 40 -6.13 9.84 -40.35
CA ASP D 40 -4.67 9.95 -40.34
C ASP D 40 -4.12 9.07 -41.45
N LYS D 41 -2.82 8.78 -41.41
CA LYS D 41 -2.14 8.00 -42.43
C LYS D 41 -2.08 6.51 -42.10
N VAL D 42 -3.04 6.01 -41.30
CA VAL D 42 -3.07 4.61 -40.92
C VAL D 42 -3.83 3.83 -41.98
N PHE D 43 -3.17 2.83 -42.56
CA PHE D 43 -3.76 1.99 -43.60
C PHE D 43 -3.77 0.54 -43.12
N ARG D 44 -4.97 0.00 -42.93
CA ARG D 44 -5.15 -1.40 -42.54
C ARG D 44 -6.07 -2.09 -43.53
N SER D 45 -6.48 -3.31 -43.19
CA SER D 45 -7.35 -4.09 -44.06
C SER D 45 -8.15 -5.09 -43.22
N SER D 46 -9.45 -5.18 -43.50
CA SER D 46 -10.37 -6.14 -42.88
C SER D 46 -10.45 -5.98 -41.37
N VAL D 47 -10.41 -4.74 -40.89
CA VAL D 47 -10.52 -4.45 -39.47
C VAL D 47 -11.69 -3.50 -39.23
N LEU D 48 -11.91 -3.14 -37.97
CA LEU D 48 -12.95 -2.16 -37.60
C LEU D 48 -12.35 -1.31 -36.49
N HIS D 49 -11.75 -0.18 -36.88
CA HIS D 49 -11.04 0.69 -35.95
C HIS D 49 -11.89 1.91 -35.61
N SER D 50 -11.83 2.33 -34.36
CA SER D 50 -12.55 3.50 -33.87
C SER D 50 -11.64 4.70 -33.82
N THR D 51 -12.21 5.89 -34.06
CA THR D 51 -11.45 7.13 -34.05
C THR D 51 -12.30 8.23 -33.44
N GLN D 52 -11.62 9.28 -32.97
CA GLN D 52 -12.27 10.42 -32.33
C GLN D 52 -11.76 11.69 -32.99
N ASP D 53 -12.57 12.27 -33.87
CA ASP D 53 -12.22 13.51 -34.56
C ASP D 53 -13.51 14.20 -34.96
N LEU D 54 -13.37 15.33 -35.67
CA LEU D 54 -14.52 16.11 -36.11
C LEU D 54 -15.08 15.49 -37.39
N PHE D 55 -16.25 14.86 -37.28
CA PHE D 55 -16.91 14.24 -38.42
C PHE D 55 -18.32 14.81 -38.57
N LEU D 56 -18.93 14.51 -39.71
CA LEU D 56 -20.31 14.91 -39.97
C LEU D 56 -21.24 13.77 -39.55
N PRO D 57 -22.13 13.98 -38.58
CA PRO D 57 -23.02 12.90 -38.15
C PRO D 57 -24.08 12.59 -39.20
N PHE D 58 -24.55 11.34 -39.18
CA PHE D 58 -25.55 10.89 -40.13
C PHE D 58 -26.92 11.45 -39.76
N PHE D 59 -27.75 11.67 -40.79
CA PHE D 59 -29.09 12.25 -40.69
C PHE D 59 -29.08 13.61 -39.99
N SER D 60 -28.10 14.43 -40.35
CA SER D 60 -27.96 15.76 -39.77
C SER D 60 -28.70 16.79 -40.62
N ASN D 61 -28.47 18.07 -40.35
CA ASN D 61 -29.12 19.16 -41.07
C ASN D 61 -28.05 19.91 -41.86
N VAL D 62 -28.19 19.90 -43.18
CA VAL D 62 -27.26 20.60 -44.06
C VAL D 62 -28.01 21.75 -44.75
N THR D 63 -27.26 22.57 -45.48
CA THR D 63 -27.81 23.74 -46.12
C THR D 63 -28.44 23.38 -47.47
N TRP D 64 -29.06 24.38 -48.11
CA TRP D 64 -29.70 24.22 -49.42
C TRP D 64 -29.45 25.48 -50.21
N PHE D 65 -28.39 25.48 -51.02
CA PHE D 65 -28.04 26.61 -51.86
C PHE D 65 -27.62 26.12 -53.24
N HIS D 66 -27.83 26.96 -54.24
CA HIS D 66 -27.51 26.63 -55.62
C HIS D 66 -26.77 27.82 -56.23
N ALA D 67 -26.40 27.69 -57.51
CA ALA D 67 -25.80 28.78 -58.26
C ALA D 67 -26.46 28.78 -59.65
N ILE D 68 -27.55 29.53 -59.77
CA ILE D 68 -28.37 29.55 -60.97
C ILE D 68 -28.31 30.95 -61.57
N HIS D 69 -28.70 31.04 -62.85
CA HIS D 69 -28.68 32.30 -63.59
C HIS D 69 -29.69 33.30 -63.04
N LYS D 77 -32.23 33.25 -61.02
CA LYS D 77 -32.54 34.41 -60.22
C LYS D 77 -31.95 34.30 -58.82
N ARG D 78 -31.62 33.08 -58.43
CA ARG D 78 -31.09 32.78 -57.10
C ARG D 78 -29.56 32.83 -57.15
N PHE D 79 -28.99 33.82 -56.46
CA PHE D 79 -27.54 33.94 -56.29
C PHE D 79 -27.28 34.28 -54.84
N ASP D 80 -26.89 33.28 -54.05
CA ASP D 80 -26.73 33.43 -52.62
C ASP D 80 -25.31 33.04 -52.22
N ASN D 81 -24.68 33.88 -51.40
CA ASN D 81 -23.35 33.59 -50.84
C ASN D 81 -23.33 34.08 -49.39
N PRO D 82 -23.87 33.29 -48.47
CA PRO D 82 -24.00 33.75 -47.08
C PRO D 82 -22.69 33.61 -46.32
N VAL D 83 -22.75 33.95 -45.04
CA VAL D 83 -21.61 33.86 -44.13
C VAL D 83 -21.88 32.72 -43.15
N LEU D 84 -20.96 31.75 -43.10
CA LEU D 84 -21.14 30.57 -42.30
C LEU D 84 -20.04 30.46 -41.23
N PRO D 85 -20.36 29.96 -40.05
CA PRO D 85 -19.36 29.85 -38.98
C PRO D 85 -18.35 28.75 -39.26
N PHE D 86 -17.27 28.79 -38.48
CA PHE D 86 -16.18 27.82 -38.62
C PHE D 86 -15.68 27.26 -37.29
N ASN D 87 -16.26 27.67 -36.15
CA ASN D 87 -15.77 27.21 -34.85
C ASN D 87 -16.09 25.75 -34.58
N ASP D 88 -17.11 25.19 -35.23
CA ASP D 88 -17.47 23.78 -35.05
C ASP D 88 -17.01 22.90 -36.20
N GLY D 89 -16.54 23.48 -37.30
CA GLY D 89 -16.12 22.70 -38.45
C GLY D 89 -17.25 22.47 -39.42
N VAL D 90 -16.96 22.56 -40.72
CA VAL D 90 -17.97 22.40 -41.76
C VAL D 90 -17.54 21.30 -42.72
N TYR D 91 -18.51 20.76 -43.45
CA TYR D 91 -18.29 19.78 -44.50
C TYR D 91 -18.82 20.32 -45.81
N PHE D 92 -18.10 20.04 -46.89
CA PHE D 92 -18.46 20.52 -48.21
C PHE D 92 -18.78 19.35 -49.13
N ALA D 93 -19.86 19.48 -49.89
CA ALA D 93 -20.27 18.47 -50.86
C ALA D 93 -21.04 19.16 -51.97
N SER D 94 -20.57 19.03 -53.20
CA SER D 94 -21.15 19.75 -54.33
C SER D 94 -21.20 18.86 -55.56
N THR D 95 -22.32 18.93 -56.27
CA THR D 95 -22.47 18.27 -57.57
C THR D 95 -22.24 19.32 -58.66
N GLU D 96 -21.23 19.11 -59.48
CA GLU D 96 -20.81 20.08 -60.48
C GLU D 96 -20.91 19.50 -61.88
N LYS D 97 -21.16 20.38 -62.85
CA LYS D 97 -21.21 19.99 -64.25
C LYS D 97 -20.44 20.93 -65.17
N SER D 98 -20.05 22.12 -64.69
CA SER D 98 -19.32 23.07 -65.53
C SER D 98 -18.19 23.76 -64.77
N ASN D 99 -17.75 23.17 -63.64
CA ASN D 99 -16.69 23.68 -62.76
C ASN D 99 -16.99 25.10 -62.27
N ILE D 100 -18.09 25.21 -61.53
CA ILE D 100 -18.55 26.49 -61.00
C ILE D 100 -17.80 26.86 -59.73
N ILE D 101 -17.61 25.89 -58.84
CA ILE D 101 -16.88 26.14 -57.59
C ILE D 101 -15.40 26.29 -57.90
N ARG D 102 -14.84 27.45 -57.56
CA ARG D 102 -13.44 27.76 -57.84
C ARG D 102 -12.56 27.86 -56.61
N GLY D 103 -13.11 28.23 -55.46
CA GLY D 103 -12.30 28.35 -54.26
C GLY D 103 -13.10 28.98 -53.14
N TRP D 104 -12.41 29.19 -52.02
CA TRP D 104 -13.02 29.75 -50.82
C TRP D 104 -12.09 30.79 -50.21
N ILE D 105 -12.65 31.64 -49.37
CA ILE D 105 -11.90 32.66 -48.65
C ILE D 105 -12.13 32.45 -47.16
N PHE D 106 -11.07 32.10 -46.45
CA PHE D 106 -11.13 31.83 -45.01
C PHE D 106 -10.52 32.99 -44.25
N GLY D 107 -11.23 33.48 -43.24
CA GLY D 107 -10.74 34.58 -42.44
C GLY D 107 -11.34 34.55 -41.05
N THR D 108 -11.11 35.65 -40.33
CA THR D 108 -11.62 35.81 -38.97
C THR D 108 -12.71 36.86 -38.88
N THR D 109 -12.43 38.09 -39.32
CA THR D 109 -13.40 39.16 -39.29
C THR D 109 -13.80 39.66 -40.68
N LEU D 110 -13.22 39.06 -41.74
CA LEU D 110 -13.45 39.43 -43.15
C LEU D 110 -13.15 40.91 -43.39
N ASP D 111 -11.93 41.31 -43.02
CA ASP D 111 -11.50 42.69 -43.16
C ASP D 111 -9.98 42.70 -43.31
N SER D 112 -9.42 43.91 -43.39
CA SER D 112 -7.99 44.11 -43.53
C SER D 112 -7.29 44.34 -42.19
N LYS D 113 -7.84 43.79 -41.10
CA LYS D 113 -7.25 43.96 -39.78
C LYS D 113 -6.61 42.69 -39.23
N THR D 114 -6.96 41.52 -39.78
CA THR D 114 -6.43 40.25 -39.32
C THR D 114 -5.84 39.48 -40.49
N GLN D 115 -5.28 38.32 -40.19
CA GLN D 115 -4.69 37.45 -41.20
C GLN D 115 -5.74 36.48 -41.73
N SER D 116 -5.83 36.36 -43.05
CA SER D 116 -6.83 35.54 -43.70
C SER D 116 -6.16 34.58 -44.67
N LEU D 117 -6.92 33.55 -45.06
CA LEU D 117 -6.47 32.55 -46.01
C LEU D 117 -7.28 32.65 -47.30
N LEU D 118 -6.58 32.69 -48.43
CA LEU D 118 -7.23 32.83 -49.73
C LEU D 118 -6.74 31.71 -50.64
N ILE D 119 -7.64 30.80 -50.99
CA ILE D 119 -7.35 29.70 -51.89
C ILE D 119 -8.24 29.86 -53.11
N VAL D 120 -7.65 30.30 -54.22
CA VAL D 120 -8.38 30.51 -55.48
C VAL D 120 -7.74 29.64 -56.55
N ASN D 121 -8.38 29.61 -57.72
CA ASN D 121 -7.90 28.82 -58.84
C ASN D 121 -8.34 29.48 -60.13
N ASN D 122 -7.37 29.88 -60.96
CA ASN D 122 -7.62 30.47 -62.26
C ASN D 122 -7.47 29.45 -63.39
N ALA D 123 -7.78 28.17 -63.10
CA ALA D 123 -7.76 27.03 -64.02
C ALA D 123 -6.40 26.75 -64.64
N THR D 124 -5.33 27.30 -64.07
CA THR D 124 -3.96 27.00 -64.47
C THR D 124 -3.14 26.44 -63.32
N ASN D 125 -3.17 27.10 -62.17
CA ASN D 125 -2.43 26.67 -60.98
C ASN D 125 -3.31 26.87 -59.75
N VAL D 126 -3.14 26.00 -58.77
CA VAL D 126 -3.84 26.13 -57.49
C VAL D 126 -3.14 27.23 -56.71
N VAL D 127 -3.72 28.43 -56.73
CA VAL D 127 -3.11 29.60 -56.11
C VAL D 127 -3.49 29.60 -54.63
N ILE D 128 -2.52 29.27 -53.78
CA ILE D 128 -2.71 29.28 -52.33
C ILE D 128 -1.71 30.29 -51.76
N LYS D 129 -2.19 31.48 -51.42
CA LYS D 129 -1.35 32.54 -50.88
C LYS D 129 -1.90 32.97 -49.52
N VAL D 130 -1.00 33.12 -48.55
CA VAL D 130 -1.36 33.54 -47.21
C VAL D 130 -0.80 34.94 -47.02
N CYS D 131 -1.62 35.95 -47.32
CA CYS D 131 -1.24 37.34 -47.18
C CYS D 131 -2.32 38.06 -46.37
N GLU D 132 -2.23 39.39 -46.32
CA GLU D 132 -3.25 40.21 -45.68
C GLU D 132 -4.08 40.84 -46.79
N PHE D 133 -5.09 40.09 -47.24
CA PHE D 133 -5.92 40.51 -48.37
C PHE D 133 -7.02 41.46 -47.92
N GLN D 134 -7.50 42.27 -48.86
CA GLN D 134 -8.61 43.18 -48.62
C GLN D 134 -9.90 42.47 -49.03
N PHE D 135 -10.81 42.30 -48.08
CA PHE D 135 -12.04 41.56 -48.31
C PHE D 135 -13.00 42.42 -49.13
N CYS D 136 -13.41 41.91 -50.29
CA CYS D 136 -14.32 42.61 -51.17
C CYS D 136 -15.78 42.31 -50.80
N ASN D 137 -16.69 42.99 -51.49
CA ASN D 137 -18.12 42.82 -51.18
C ASN D 137 -18.67 41.54 -51.78
N ASP D 138 -18.37 41.25 -53.05
CA ASP D 138 -18.89 40.08 -53.73
C ASP D 138 -17.91 39.68 -54.83
N PRO D 139 -17.08 38.67 -54.58
CA PRO D 139 -16.18 38.18 -55.64
C PRO D 139 -16.91 37.34 -56.67
N PHE D 140 -16.48 37.45 -57.92
CA PHE D 140 -17.11 36.73 -59.02
C PHE D 140 -16.10 36.54 -60.14
N LEU D 141 -16.33 35.49 -60.92
CA LEU D 141 -15.52 35.17 -62.09
C LEU D 141 -16.42 34.92 -63.29
N GLY D 142 -16.06 35.50 -64.43
CA GLY D 142 -16.87 35.39 -65.62
C GLY D 142 -16.05 35.05 -66.84
N VAL D 143 -16.72 34.50 -67.84
CA VAL D 143 -16.14 34.16 -69.13
C VAL D 143 -16.75 35.07 -70.17
N TYR D 144 -15.90 35.65 -71.03
CA TYR D 144 -16.32 36.71 -71.94
C TYR D 144 -16.68 36.16 -73.32
N TYR D 145 -17.70 36.77 -73.93
CA TYR D 145 -18.08 36.60 -75.34
C TYR D 145 -18.41 35.15 -75.68
N HIS D 146 -19.51 34.68 -75.08
CA HIS D 146 -19.98 33.31 -75.28
C HIS D 146 -20.54 33.06 -76.69
N LYS D 147 -20.72 34.10 -77.50
CA LYS D 147 -21.26 33.90 -78.84
C LYS D 147 -20.23 33.25 -79.76
N ASN D 148 -19.08 33.90 -79.95
CA ASN D 148 -18.05 33.40 -80.83
C ASN D 148 -16.69 33.51 -80.16
N ASN D 149 -15.98 32.38 -80.07
CA ASN D 149 -14.60 32.28 -79.59
C ASN D 149 -14.45 32.81 -78.15
N LYS D 150 -15.11 32.10 -77.23
CA LYS D 150 -15.03 32.49 -75.83
C LYS D 150 -13.70 32.08 -75.19
N SER D 151 -13.07 31.02 -75.70
CA SER D 151 -11.76 30.47 -75.35
C SER D 151 -11.67 29.89 -73.94
N TRP D 152 -12.74 29.99 -73.13
CA TRP D 152 -12.81 29.52 -71.74
C TRP D 152 -11.66 30.06 -70.89
N MET D 153 -11.52 31.39 -70.91
CA MET D 153 -10.47 32.09 -70.18
C MET D 153 -11.08 33.19 -69.32
N GLU D 154 -10.54 33.36 -68.13
CA GLU D 154 -11.06 34.37 -67.21
C GLU D 154 -10.64 35.77 -67.66
N SER D 155 -11.53 36.73 -67.47
CA SER D 155 -11.27 38.12 -67.80
C SER D 155 -11.48 39.06 -66.62
N GLU D 156 -12.48 38.78 -65.77
CA GLU D 156 -12.75 39.59 -64.60
C GLU D 156 -11.99 39.03 -63.40
N PHE D 157 -11.31 39.90 -62.66
CA PHE D 157 -10.52 39.52 -61.49
C PHE D 157 -10.95 40.43 -60.35
N ARG D 158 -12.02 40.04 -59.65
CA ARG D 158 -12.58 40.83 -58.56
C ARG D 158 -12.64 40.04 -57.27
N VAL D 159 -11.66 39.16 -57.04
CA VAL D 159 -11.63 38.36 -55.82
C VAL D 159 -11.06 39.16 -54.65
N TYR D 160 -9.91 39.81 -54.83
CA TYR D 160 -9.31 40.63 -53.79
C TYR D 160 -8.78 41.91 -54.43
N SER D 161 -8.20 42.77 -53.60
CA SER D 161 -7.67 44.06 -54.05
C SER D 161 -6.15 44.12 -53.99
N SER D 162 -5.55 43.73 -52.88
CA SER D 162 -4.10 43.78 -52.72
C SER D 162 -3.64 42.59 -51.90
N ALA D 163 -2.33 42.41 -51.82
CA ALA D 163 -1.72 41.31 -51.08
C ALA D 163 -0.45 41.80 -50.42
N ASN D 164 -0.50 41.98 -49.10
CA ASN D 164 0.64 42.44 -48.34
C ASN D 164 0.90 41.47 -47.19
N ASN D 165 2.14 41.50 -46.69
CA ASN D 165 2.62 40.69 -45.56
C ASN D 165 2.43 39.19 -45.82
N CYS D 166 2.88 38.75 -47.00
CA CYS D 166 2.74 37.36 -47.40
C CYS D 166 3.78 36.50 -46.68
N THR D 167 3.32 35.41 -46.07
CA THR D 167 4.20 34.49 -45.36
C THR D 167 4.28 33.11 -46.01
N PHE D 168 3.33 32.75 -46.87
CA PHE D 168 3.33 31.45 -47.51
C PHE D 168 2.68 31.57 -48.88
N GLU D 169 3.27 30.88 -49.86
CA GLU D 169 2.74 30.88 -51.23
C GLU D 169 2.97 29.50 -51.83
N TYR D 170 1.92 28.94 -52.43
CA TYR D 170 1.98 27.60 -53.02
C TYR D 170 1.46 27.67 -54.45
N VAL D 171 2.31 27.30 -55.40
CA VAL D 171 1.95 27.26 -56.82
C VAL D 171 2.05 25.82 -57.28
N SER D 172 0.95 25.29 -57.82
CA SER D 172 0.90 23.91 -58.26
C SER D 172 1.43 23.79 -59.69
N GLN D 173 1.34 22.57 -60.23
CA GLN D 173 1.80 22.31 -61.59
C GLN D 173 0.76 22.79 -62.61
N PRO D 174 1.19 23.34 -63.74
CA PRO D 174 0.22 23.82 -64.74
C PRO D 174 -0.41 22.67 -65.50
N PHE D 175 -1.70 22.79 -65.77
CA PHE D 175 -2.46 21.79 -66.51
C PHE D 175 -3.61 22.50 -67.23
N LEU D 176 -4.44 21.69 -67.91
CA LEU D 176 -5.58 22.20 -68.66
C LEU D 176 -6.84 21.56 -68.14
N MET D 177 -7.68 22.35 -67.47
CA MET D 177 -8.96 21.89 -66.96
C MET D 177 -10.08 22.29 -67.90
N ASP D 178 -10.98 21.35 -68.17
CA ASP D 178 -12.10 21.59 -69.09
C ASP D 178 -13.23 22.24 -68.30
N LEU D 179 -13.49 23.52 -68.58
CA LEU D 179 -14.56 24.28 -67.92
C LEU D 179 -15.72 24.54 -68.87
N GLU D 180 -16.02 23.58 -69.75
CA GLU D 180 -17.11 23.77 -70.70
C GLU D 180 -18.47 23.63 -70.01
N GLY D 181 -19.48 24.22 -70.63
CA GLY D 181 -20.82 24.20 -70.09
C GLY D 181 -21.68 23.08 -70.65
N LYS D 182 -22.02 22.11 -69.82
CA LYS D 182 -22.85 20.99 -70.22
C LYS D 182 -24.28 21.17 -69.75
N GLN D 183 -25.18 20.44 -70.38
CA GLN D 183 -26.61 20.48 -70.06
C GLN D 183 -27.09 19.09 -69.69
N GLY D 184 -28.15 19.04 -68.88
CA GLY D 184 -28.71 17.79 -68.44
C GLY D 184 -28.50 17.52 -66.97
N ASN D 185 -27.66 16.56 -66.64
CA ASN D 185 -27.37 16.19 -65.27
C ASN D 185 -25.92 16.50 -64.93
N PHE D 186 -25.56 16.29 -63.67
CA PHE D 186 -24.21 16.55 -63.21
C PHE D 186 -23.28 15.40 -63.57
N LYS D 187 -22.01 15.74 -63.80
CA LYS D 187 -21.00 14.75 -64.17
C LYS D 187 -19.81 14.73 -63.23
N ASN D 188 -19.71 15.68 -62.30
CA ASN D 188 -18.60 15.76 -61.37
C ASN D 188 -19.12 15.87 -59.95
N LEU D 189 -18.45 15.19 -59.02
CA LEU D 189 -18.81 15.22 -57.61
C LEU D 189 -17.56 15.56 -56.80
N ARG D 190 -17.47 16.79 -56.31
CA ARG D 190 -16.33 17.27 -55.56
C ARG D 190 -16.75 17.52 -54.11
N GLU D 191 -16.13 16.81 -53.19
CA GLU D 191 -16.40 16.95 -51.76
C GLU D 191 -15.13 17.38 -51.04
N PHE D 192 -15.30 18.22 -50.02
CA PHE D 192 -14.18 18.75 -49.26
C PHE D 192 -14.52 18.75 -47.78
N VAL D 193 -13.48 18.66 -46.95
CA VAL D 193 -13.61 18.73 -45.50
C VAL D 193 -12.79 19.93 -45.03
N PHE D 194 -13.45 20.89 -44.38
CA PHE D 194 -12.82 22.12 -43.92
C PHE D 194 -12.87 22.14 -42.39
N LYS D 195 -11.71 21.90 -41.77
CA LYS D 195 -11.61 21.94 -40.32
C LYS D 195 -10.24 22.48 -39.95
N ASN D 196 -10.14 23.02 -38.73
CA ASN D 196 -8.89 23.59 -38.24
C ASN D 196 -8.79 23.31 -36.75
N ILE D 197 -7.88 22.43 -36.37
CA ILE D 197 -7.66 22.05 -34.98
C ILE D 197 -6.19 22.26 -34.64
N ASP D 198 -5.94 23.06 -33.59
CA ASP D 198 -4.61 23.38 -33.07
C ASP D 198 -3.71 24.05 -34.11
N GLY D 199 -4.32 24.84 -35.00
CA GLY D 199 -3.55 25.54 -36.01
C GLY D 199 -3.01 24.68 -37.12
N TYR D 200 -3.76 23.68 -37.56
CA TYR D 200 -3.35 22.77 -38.63
C TYR D 200 -4.55 22.50 -39.52
N PHE D 201 -4.60 23.17 -40.67
CA PHE D 201 -5.71 23.01 -41.61
C PHE D 201 -5.53 21.72 -42.41
N LYS D 202 -6.59 20.92 -42.47
CA LYS D 202 -6.59 19.68 -43.23
C LYS D 202 -7.60 19.78 -44.36
N ILE D 203 -7.18 19.37 -45.56
CA ILE D 203 -8.06 19.37 -46.73
C ILE D 203 -8.17 17.93 -47.23
N TYR D 204 -9.30 17.63 -47.87
CA TYR D 204 -9.58 16.30 -48.40
C TYR D 204 -10.30 16.45 -49.73
N SER D 205 -9.88 15.68 -50.74
CA SER D 205 -10.44 15.78 -52.07
C SER D 205 -10.87 14.41 -52.57
N LYS D 206 -11.97 14.39 -53.32
CA LYS D 206 -12.49 13.17 -53.91
C LYS D 206 -13.34 13.53 -55.12
N HIS D 207 -13.10 12.87 -56.25
CA HIS D 207 -13.80 13.14 -57.49
C HIS D 207 -14.27 11.83 -58.09
N THR D 208 -15.55 11.77 -58.47
CA THR D 208 -16.13 10.59 -59.10
C THR D 208 -17.29 11.03 -59.96
N PRO D 209 -17.49 10.40 -61.12
CA PRO D 209 -18.64 10.76 -61.97
C PRO D 209 -19.93 10.16 -61.43
N ILE D 210 -20.99 10.97 -61.45
CA ILE D 210 -22.30 10.57 -60.96
C ILE D 210 -23.35 10.91 -62.01
N ASN D 211 -24.62 10.65 -61.66
CA ASN D 211 -25.75 10.99 -62.53
C ASN D 211 -26.91 11.30 -61.60
N LEU D 212 -27.15 12.59 -61.36
CA LEU D 212 -28.08 13.02 -60.33
C LEU D 212 -28.99 14.12 -60.85
N VAL D 213 -30.29 13.99 -60.55
CA VAL D 213 -31.29 14.98 -60.92
C VAL D 213 -31.87 15.59 -59.65
N ARG D 214 -32.11 14.74 -58.65
CA ARG D 214 -32.69 15.13 -57.37
C ARG D 214 -31.58 15.64 -56.44
N ASP D 215 -31.88 15.74 -55.15
CA ASP D 215 -30.92 16.23 -54.18
C ASP D 215 -29.91 15.12 -53.83
N LEU D 216 -29.18 15.32 -52.73
CA LEU D 216 -28.09 14.45 -52.27
C LEU D 216 -28.59 13.05 -51.93
N PRO D 217 -28.20 12.04 -52.71
CA PRO D 217 -28.74 10.69 -52.49
C PRO D 217 -28.00 9.92 -51.41
N GLN D 218 -28.37 8.65 -51.24
CA GLN D 218 -27.72 7.77 -50.25
C GLN D 218 -26.46 7.16 -50.88
N GLY D 219 -25.43 7.99 -50.97
CA GLY D 219 -24.17 7.56 -51.57
C GLY D 219 -23.02 7.52 -50.58
N PHE D 220 -21.82 7.26 -51.09
CA PHE D 220 -20.63 7.18 -50.25
C PHE D 220 -19.40 7.53 -51.08
N SER D 221 -18.47 8.23 -50.45
CA SER D 221 -17.22 8.62 -51.12
C SER D 221 -16.12 8.73 -50.08
N ALA D 222 -15.04 7.98 -50.29
CA ALA D 222 -13.89 7.99 -49.38
C ALA D 222 -12.96 9.13 -49.80
N LEU D 223 -12.94 10.20 -49.02
CA LEU D 223 -12.13 11.36 -49.34
C LEU D 223 -10.67 11.11 -48.97
N GLU D 224 -9.76 11.62 -49.81
CA GLU D 224 -8.34 11.48 -49.60
C GLU D 224 -7.68 12.85 -49.56
N PRO D 225 -6.72 13.05 -48.64
CA PRO D 225 -6.06 14.36 -48.55
C PRO D 225 -5.04 14.56 -49.65
N LEU D 226 -5.02 15.77 -50.20
CA LEU D 226 -4.10 16.12 -51.28
C LEU D 226 -2.83 16.80 -50.76
N VAL D 227 -2.99 17.94 -50.08
CA VAL D 227 -1.87 18.71 -49.56
C VAL D 227 -2.16 19.04 -48.10
N ASP D 228 -1.16 19.62 -47.43
CA ASP D 228 -1.27 20.05 -46.04
C ASP D 228 -0.88 21.51 -45.95
N LEU D 229 -1.69 22.31 -45.25
CA LEU D 229 -1.49 23.75 -45.11
C LEU D 229 -1.43 24.11 -43.64
N PRO D 230 -0.25 24.08 -43.02
CA PRO D 230 -0.10 24.51 -41.61
C PRO D 230 -0.09 26.03 -41.47
N ILE D 231 -1.29 26.63 -41.49
CA ILE D 231 -1.40 28.08 -41.43
C ILE D 231 -1.21 28.59 -40.00
N GLY D 232 -1.76 27.90 -39.01
CA GLY D 232 -1.60 28.32 -37.63
C GLY D 232 -2.40 29.54 -37.24
N ILE D 233 -3.51 29.82 -37.94
CA ILE D 233 -4.31 30.99 -37.64
C ILE D 233 -5.69 30.56 -37.18
N ASN D 234 -6.53 31.51 -36.78
CA ASN D 234 -7.88 31.26 -36.32
C ASN D 234 -8.87 31.66 -37.40
N ILE D 235 -9.75 30.74 -37.78
CA ILE D 235 -10.75 30.96 -38.82
C ILE D 235 -12.13 30.85 -38.19
N THR D 236 -12.91 31.92 -38.27
CA THR D 236 -14.25 31.95 -37.71
C THR D 236 -15.35 32.02 -38.76
N ARG D 237 -15.16 32.79 -39.82
CA ARG D 237 -16.14 32.94 -40.89
C ARG D 237 -15.48 32.69 -42.24
N PHE D 238 -16.29 32.27 -43.20
CA PHE D 238 -15.81 31.99 -44.54
C PHE D 238 -16.96 32.12 -45.53
N GLN D 239 -16.61 32.20 -46.81
CA GLN D 239 -17.59 32.27 -47.88
C GLN D 239 -17.30 31.25 -48.97
N THR D 240 -18.03 31.31 -50.08
CA THR D 240 -17.85 30.38 -51.19
C THR D 240 -17.97 31.13 -52.50
N LEU D 241 -16.95 31.02 -53.34
CA LEU D 241 -16.95 31.68 -54.64
C LEU D 241 -17.84 30.93 -55.63
N LEU D 242 -18.47 31.68 -56.52
CA LEU D 242 -19.34 31.12 -57.54
C LEU D 242 -18.98 31.68 -58.89
N ALA D 243 -18.91 30.82 -59.90
CA ALA D 243 -18.61 31.26 -61.26
C ALA D 243 -19.86 31.80 -61.93
N LEU D 244 -19.66 32.76 -62.84
CA LEU D 244 -20.74 33.41 -63.55
C LEU D 244 -20.57 33.21 -65.05
N HIS D 245 -21.68 32.97 -65.75
CA HIS D 245 -21.66 32.72 -67.18
C HIS D 245 -22.84 33.45 -67.83
N ARG D 246 -22.54 34.37 -68.73
CA ARG D 246 -23.58 35.08 -69.47
C ARG D 246 -22.99 35.56 -70.78
N SER D 247 -23.74 35.35 -71.86
CA SER D 247 -23.32 35.79 -73.20
C SER D 247 -23.42 37.30 -73.33
N SER D 255 -21.45 46.33 -65.32
CA SER D 255 -21.04 44.95 -65.12
C SER D 255 -21.70 44.37 -63.87
N SER D 256 -23.01 44.60 -63.73
CA SER D 256 -23.76 44.11 -62.58
C SER D 256 -24.92 43.22 -62.96
N GLY D 257 -25.15 42.98 -64.26
CA GLY D 257 -26.26 42.15 -64.68
C GLY D 257 -25.84 40.79 -65.19
N TRP D 258 -24.66 40.34 -64.80
CA TRP D 258 -24.16 39.04 -65.23
C TRP D 258 -24.85 37.92 -64.45
N THR D 259 -25.09 36.81 -65.12
CA THR D 259 -25.76 35.66 -64.54
C THR D 259 -24.79 34.51 -64.36
N ALA D 260 -25.22 33.50 -63.60
CA ALA D 260 -24.40 32.35 -63.28
C ALA D 260 -24.84 31.13 -64.12
N GLY D 261 -24.21 29.99 -63.83
CA GLY D 261 -24.51 28.77 -64.55
C GLY D 261 -25.57 27.91 -63.89
N ALA D 262 -25.22 26.66 -63.58
CA ALA D 262 -26.16 25.74 -62.94
C ALA D 262 -25.34 24.73 -62.13
N ALA D 263 -25.41 24.86 -60.80
CA ALA D 263 -24.67 23.98 -59.90
C ALA D 263 -25.41 23.91 -58.58
N ALA D 264 -24.86 23.13 -57.64
CA ALA D 264 -25.45 22.97 -56.32
C ALA D 264 -24.36 22.59 -55.34
N TYR D 265 -24.55 22.98 -54.09
CA TYR D 265 -23.60 22.65 -53.03
C TYR D 265 -24.33 22.59 -51.69
N TYR D 266 -23.79 21.79 -50.78
CA TYR D 266 -24.37 21.60 -49.46
C TYR D 266 -23.29 21.77 -48.41
N VAL D 267 -23.64 22.41 -47.29
CA VAL D 267 -22.72 22.66 -46.20
C VAL D 267 -23.28 21.99 -44.94
N GLY D 268 -22.50 21.10 -44.35
CA GLY D 268 -22.89 20.44 -43.13
C GLY D 268 -21.93 20.67 -41.98
N TYR D 269 -22.46 21.05 -40.82
CA TYR D 269 -21.62 21.39 -39.67
C TYR D 269 -21.09 20.12 -39.02
N LEU D 270 -19.77 20.09 -38.81
CA LEU D 270 -19.12 18.94 -38.19
C LEU D 270 -19.34 18.94 -36.68
N GLN D 271 -19.32 17.76 -36.10
CA GLN D 271 -19.50 17.56 -34.67
C GLN D 271 -18.46 16.57 -34.15
N PRO D 272 -17.96 16.77 -32.93
CA PRO D 272 -16.99 15.80 -32.37
C PRO D 272 -17.62 14.48 -31.97
N ARG D 273 -17.86 13.62 -32.96
CA ARG D 273 -18.49 12.32 -32.77
C ARG D 273 -17.45 11.22 -32.90
N THR D 274 -17.92 9.97 -32.83
CA THR D 274 -17.07 8.79 -32.92
C THR D 274 -17.61 7.88 -34.01
N PHE D 275 -16.79 7.59 -35.01
CA PHE D 275 -17.16 6.72 -36.11
C PHE D 275 -16.32 5.46 -36.11
N LEU D 276 -16.70 4.52 -36.98
CA LEU D 276 -15.98 3.29 -37.19
C LEU D 276 -15.52 3.21 -38.63
N LEU D 277 -14.42 2.50 -38.86
CA LEU D 277 -13.80 2.39 -40.17
C LEU D 277 -13.71 0.92 -40.56
N LYS D 278 -14.61 0.48 -41.44
CA LYS D 278 -14.58 -0.88 -41.96
C LYS D 278 -13.85 -0.91 -43.29
N TYR D 279 -12.85 -1.78 -43.38
CA TYR D 279 -12.01 -1.89 -44.57
C TYR D 279 -12.24 -3.23 -45.27
N ASN D 280 -12.08 -3.22 -46.58
CA ASN D 280 -12.13 -4.44 -47.38
C ASN D 280 -10.72 -5.00 -47.54
N GLU D 281 -10.56 -5.96 -48.45
CA GLU D 281 -9.23 -6.53 -48.70
C GLU D 281 -8.31 -5.58 -49.44
N ASN D 282 -8.85 -4.55 -50.10
CA ASN D 282 -8.04 -3.59 -50.85
C ASN D 282 -7.74 -2.33 -50.06
N GLY D 283 -8.63 -1.92 -49.15
CA GLY D 283 -8.43 -0.73 -48.35
C GLY D 283 -9.51 0.32 -48.49
N THR D 284 -10.48 0.13 -49.38
CA THR D 284 -11.55 1.11 -49.58
C THR D 284 -12.56 1.00 -48.45
N ILE D 285 -12.98 2.15 -47.91
CA ILE D 285 -13.97 2.17 -46.84
C ILE D 285 -15.34 1.79 -47.41
N THR D 286 -15.97 0.78 -46.81
CA THR D 286 -17.25 0.29 -47.29
C THR D 286 -18.43 0.99 -46.61
N ASP D 287 -18.41 1.08 -45.28
CA ASP D 287 -19.51 1.69 -44.55
C ASP D 287 -19.00 2.22 -43.22
N ALA D 288 -19.57 3.34 -42.79
CA ALA D 288 -19.23 3.96 -41.51
C ALA D 288 -20.40 3.79 -40.55
N VAL D 289 -20.08 3.66 -39.27
CA VAL D 289 -21.06 3.38 -38.23
C VAL D 289 -21.04 4.51 -37.22
N ASP D 290 -22.19 5.15 -37.01
CA ASP D 290 -22.34 6.17 -35.99
C ASP D 290 -22.82 5.54 -34.69
N CYS D 291 -22.39 6.12 -33.57
CA CYS D 291 -22.75 5.60 -32.26
C CYS D 291 -23.83 6.42 -31.56
N ALA D 292 -24.03 7.67 -31.97
CA ALA D 292 -25.03 8.55 -31.36
C ALA D 292 -26.24 8.78 -32.26
N LEU D 293 -26.38 8.01 -33.34
CA LEU D 293 -27.50 8.20 -34.26
C LEU D 293 -28.71 7.37 -33.84
N ASP D 294 -28.53 6.06 -33.73
CA ASP D 294 -29.63 5.13 -33.48
C ASP D 294 -29.10 3.97 -32.65
N PRO D 295 -29.97 3.30 -31.89
CA PRO D 295 -29.51 2.10 -31.16
C PRO D 295 -29.25 0.89 -32.05
N LEU D 296 -29.64 0.93 -33.32
CA LEU D 296 -29.31 -0.16 -34.24
C LEU D 296 -27.82 -0.18 -34.54
N SER D 297 -27.21 0.99 -34.72
CA SER D 297 -25.78 1.09 -34.96
C SER D 297 -24.98 1.37 -33.69
N GLU D 298 -25.65 1.57 -32.56
CA GLU D 298 -24.94 1.79 -31.31
C GLU D 298 -24.31 0.50 -30.78
N THR D 299 -24.89 -0.65 -31.12
CA THR D 299 -24.33 -1.93 -30.69
C THR D 299 -23.04 -2.26 -31.42
N LYS D 300 -22.85 -1.72 -32.63
CA LYS D 300 -21.63 -1.99 -33.39
C LYS D 300 -20.44 -1.24 -32.80
N CYS D 301 -20.66 -0.13 -32.11
CA CYS D 301 -19.56 0.60 -31.50
C CYS D 301 -19.05 -0.07 -30.24
N THR D 302 -19.89 -0.89 -29.59
CA THR D 302 -19.52 -1.59 -28.36
C THR D 302 -18.91 -2.95 -28.65
N LEU D 303 -19.60 -3.78 -29.44
CA LEU D 303 -19.12 -5.12 -29.72
C LEU D 303 -18.01 -5.15 -30.77
N LYS D 304 -17.82 -4.05 -31.51
CA LYS D 304 -16.81 -3.90 -32.57
C LYS D 304 -16.95 -4.97 -33.64
N SER D 305 -18.20 -5.22 -34.06
CA SER D 305 -18.50 -6.19 -35.09
C SER D 305 -19.62 -5.67 -35.97
N PHE D 306 -19.53 -5.96 -37.27
CA PHE D 306 -20.54 -5.50 -38.21
C PHE D 306 -21.80 -6.36 -38.13
N THR D 307 -21.64 -7.68 -38.04
CA THR D 307 -22.78 -8.59 -37.95
C THR D 307 -23.25 -8.65 -36.52
N VAL D 308 -24.37 -7.98 -36.24
CA VAL D 308 -24.92 -7.94 -34.88
C VAL D 308 -25.71 -9.23 -34.63
N GLU D 309 -25.30 -9.98 -33.62
CA GLU D 309 -26.00 -11.21 -33.27
C GLU D 309 -27.30 -10.89 -32.53
N LYS D 310 -28.17 -11.89 -32.48
CA LYS D 310 -29.46 -11.75 -31.82
C LYS D 310 -29.27 -11.85 -30.31
N GLY D 311 -29.45 -10.74 -29.61
CA GLY D 311 -29.28 -10.73 -28.17
C GLY D 311 -29.24 -9.32 -27.64
N ILE D 312 -29.32 -9.22 -26.32
CA ILE D 312 -29.31 -7.94 -25.63
C ILE D 312 -27.88 -7.59 -25.24
N TYR D 313 -27.44 -6.39 -25.62
CA TYR D 313 -26.09 -5.93 -25.32
C TYR D 313 -26.16 -4.49 -24.81
N GLN D 314 -25.51 -4.25 -23.67
CA GLN D 314 -25.47 -2.91 -23.09
C GLN D 314 -24.44 -2.07 -23.84
N THR D 315 -24.86 -0.90 -24.31
CA THR D 315 -24.00 -0.04 -25.12
C THR D 315 -23.44 1.14 -24.33
N SER D 316 -24.30 1.94 -23.70
CA SER D 316 -23.88 3.13 -22.99
C SER D 316 -24.70 3.27 -21.72
N ASN D 317 -24.61 4.43 -21.08
CA ASN D 317 -25.31 4.72 -19.84
C ASN D 317 -26.10 6.01 -20.02
N PHE D 318 -27.43 5.91 -19.93
CA PHE D 318 -28.28 7.07 -20.08
C PHE D 318 -28.26 7.93 -18.83
N ARG D 319 -28.22 9.24 -19.01
CA ARG D 319 -28.17 10.19 -17.90
C ARG D 319 -28.97 11.44 -18.27
N VAL D 320 -29.85 11.85 -17.37
CA VAL D 320 -30.68 13.03 -17.60
C VAL D 320 -29.86 14.27 -17.26
N GLN D 321 -29.71 15.16 -18.24
CA GLN D 321 -28.94 16.38 -18.04
C GLN D 321 -29.75 17.40 -17.23
N PRO D 322 -29.11 18.16 -16.34
CA PRO D 322 -29.85 19.18 -15.59
C PRO D 322 -30.17 20.38 -16.47
N THR D 323 -31.39 20.89 -16.31
CA THR D 323 -31.88 22.01 -17.10
C THR D 323 -31.98 23.31 -16.32
N GLU D 324 -32.17 23.23 -15.01
CA GLU D 324 -32.33 24.42 -14.18
C GLU D 324 -30.97 24.97 -13.76
N SER D 325 -31.01 26.15 -13.14
CA SER D 325 -29.82 26.89 -12.71
C SER D 325 -30.00 27.38 -11.29
N ILE D 326 -30.36 26.47 -10.38
CA ILE D 326 -30.60 26.81 -8.98
C ILE D 326 -29.27 27.18 -8.33
N VAL D 327 -29.09 28.48 -8.08
CA VAL D 327 -27.87 29.03 -7.51
C VAL D 327 -28.19 29.78 -6.22
N ARG D 328 -29.19 29.27 -5.48
CA ARG D 328 -29.75 29.96 -4.32
C ARG D 328 -28.72 30.16 -3.22
N PHE D 329 -28.47 31.41 -2.87
CA PHE D 329 -27.52 31.85 -1.87
C PHE D 329 -28.27 32.56 -0.74
N PRO D 330 -27.63 32.75 0.42
CA PRO D 330 -28.24 33.60 1.45
C PRO D 330 -28.40 35.05 1.00
N ASN D 331 -29.31 35.75 1.68
CA ASN D 331 -29.71 37.09 1.28
C ASN D 331 -28.61 38.11 1.57
N ILE D 332 -28.70 39.25 0.90
CA ILE D 332 -27.72 40.33 1.03
C ILE D 332 -28.15 41.18 2.23
N THR D 333 -27.67 40.80 3.41
CA THR D 333 -27.99 41.53 4.63
C THR D 333 -27.04 42.71 4.86
N ASN D 334 -25.74 42.44 4.91
CA ASN D 334 -24.73 43.47 5.09
C ASN D 334 -23.52 43.17 4.23
N LEU D 335 -22.77 44.22 3.90
CA LEU D 335 -21.57 44.09 3.10
C LEU D 335 -20.34 44.05 3.99
N CYS D 336 -19.26 43.49 3.45
CA CYS D 336 -18.01 43.39 4.20
C CYS D 336 -17.29 44.73 4.19
N PRO D 337 -16.90 45.27 5.35
CA PRO D 337 -16.17 46.56 5.37
C PRO D 337 -14.70 46.41 5.02
N PHE D 338 -14.43 46.14 3.74
CA PHE D 338 -13.06 45.96 3.26
C PHE D 338 -12.38 47.28 2.91
N GLY D 339 -13.08 48.41 3.01
CA GLY D 339 -12.45 49.69 2.74
C GLY D 339 -11.52 50.13 3.85
N GLU D 340 -11.77 49.68 5.08
CA GLU D 340 -10.93 50.00 6.21
C GLU D 340 -9.98 48.87 6.60
N VAL D 341 -10.01 47.75 5.86
CA VAL D 341 -9.15 46.60 6.13
C VAL D 341 -8.09 46.44 5.03
N PHE D 342 -8.54 46.29 3.78
CA PHE D 342 -7.61 46.15 2.67
C PHE D 342 -6.96 47.48 2.29
N ASN D 343 -7.63 48.59 2.57
CA ASN D 343 -7.13 49.93 2.27
C ASN D 343 -6.93 50.73 3.55
N ALA D 344 -6.38 50.08 4.57
CA ALA D 344 -6.13 50.74 5.85
C ALA D 344 -4.91 51.64 5.77
N THR D 345 -4.71 52.44 6.81
CA THR D 345 -3.60 53.38 6.84
C THR D 345 -2.29 52.68 7.25
N ARG D 346 -2.25 52.13 8.44
CA ARG D 346 -1.06 51.47 8.97
C ARG D 346 -1.43 50.10 9.52
N PHE D 347 -0.63 49.09 9.19
CA PHE D 347 -0.82 47.74 9.71
C PHE D 347 -0.01 47.57 10.99
N ALA D 348 0.09 46.34 11.47
CA ALA D 348 0.83 46.00 12.68
C ALA D 348 2.05 45.16 12.33
N SER D 349 2.75 44.70 13.36
CA SER D 349 3.97 43.92 13.18
C SER D 349 3.61 42.45 12.92
N VAL D 350 4.64 41.59 12.84
CA VAL D 350 4.42 40.18 12.56
C VAL D 350 4.10 39.36 13.80
N TYR D 351 4.22 39.95 14.99
CA TYR D 351 3.93 39.25 16.23
C TYR D 351 2.76 39.84 17.01
N ALA D 352 2.50 41.14 16.88
CA ALA D 352 1.42 41.82 17.58
C ALA D 352 0.32 42.25 16.61
N TRP D 353 0.06 41.42 15.60
CA TRP D 353 -0.98 41.74 14.63
C TRP D 353 -2.36 41.39 15.16
N ASN D 354 -3.37 42.09 14.67
CA ASN D 354 -4.75 41.88 15.06
C ASN D 354 -5.49 41.08 13.99
N ARG D 355 -6.34 40.17 14.43
CA ARG D 355 -7.11 39.32 13.53
C ARG D 355 -8.49 39.95 13.31
N LYS D 356 -8.72 40.44 12.09
CA LYS D 356 -10.00 41.06 11.76
C LYS D 356 -11.04 39.98 11.50
N ARG D 357 -12.10 39.98 12.30
CA ARG D 357 -13.17 38.99 12.17
C ARG D 357 -14.12 39.41 11.05
N ILE D 358 -14.11 38.67 9.95
CA ILE D 358 -14.97 38.94 8.80
C ILE D 358 -15.96 37.79 8.69
N SER D 359 -17.23 38.06 8.98
CA SER D 359 -18.28 37.06 8.93
C SER D 359 -19.60 37.72 8.55
N ASN D 360 -20.59 36.87 8.25
CA ASN D 360 -21.98 37.17 7.83
C ASN D 360 -22.12 38.33 6.86
N CYS D 361 -21.22 38.43 5.88
CA CYS D 361 -21.26 39.50 4.89
C CYS D 361 -20.90 38.92 3.53
N VAL D 362 -21.16 39.71 2.49
CA VAL D 362 -20.85 39.33 1.11
C VAL D 362 -19.94 40.39 0.51
N ALA D 363 -19.20 39.98 -0.52
CA ALA D 363 -18.29 40.88 -1.22
C ALA D 363 -18.10 40.40 -2.64
N ASP D 364 -17.71 41.32 -3.51
CA ASP D 364 -17.47 41.00 -4.91
C ASP D 364 -16.02 40.57 -5.12
N TYR D 365 -15.83 39.58 -5.98
CA TYR D 365 -14.50 39.06 -6.29
C TYR D 365 -14.32 38.91 -7.79
N SER D 366 -14.71 39.94 -8.54
CA SER D 366 -14.63 39.93 -9.99
C SER D 366 -13.52 40.80 -10.55
N VAL D 367 -13.09 41.83 -9.82
CA VAL D 367 -12.06 42.75 -10.28
C VAL D 367 -10.80 42.67 -9.41
N LEU D 368 -10.59 41.53 -8.75
CA LEU D 368 -9.42 41.38 -7.89
C LEU D 368 -8.19 41.01 -8.71
N TYR D 369 -8.24 39.88 -9.42
CA TYR D 369 -7.10 39.43 -10.21
C TYR D 369 -7.11 39.97 -11.63
N ASN D 370 -8.30 40.29 -12.17
CA ASN D 370 -8.39 40.77 -13.55
C ASN D 370 -7.92 42.21 -13.71
N SER D 371 -7.79 42.96 -12.62
CA SER D 371 -7.34 44.34 -12.67
C SER D 371 -5.81 44.47 -12.64
N ALA D 372 -5.10 43.37 -12.37
CA ALA D 372 -3.64 43.29 -12.32
C ALA D 372 -3.06 44.28 -11.30
N SER D 373 -3.46 44.10 -10.04
CA SER D 373 -3.03 44.95 -8.94
C SER D 373 -1.96 44.31 -8.08
N PHE D 374 -2.14 43.05 -7.71
CA PHE D 374 -1.19 42.36 -6.85
C PHE D 374 0.02 41.90 -7.64
N SER D 375 1.21 42.15 -7.09
CA SER D 375 2.44 41.73 -7.75
C SER D 375 2.75 40.26 -7.49
N THR D 376 2.91 39.90 -6.22
CA THR D 376 3.18 38.52 -5.82
C THR D 376 1.85 37.86 -5.47
N PHE D 377 1.26 37.15 -6.43
CA PHE D 377 -0.03 36.51 -6.27
C PHE D 377 0.17 34.99 -6.42
N LYS D 378 0.45 34.33 -5.30
CA LYS D 378 0.67 32.88 -5.27
C LYS D 378 -0.31 32.29 -4.25
N CYS D 379 -1.40 31.69 -4.74
CA CYS D 379 -2.42 31.09 -3.89
C CYS D 379 -2.16 29.60 -3.79
N TYR D 380 -1.93 29.12 -2.57
CA TYR D 380 -1.70 27.70 -2.30
C TYR D 380 -2.89 27.18 -1.50
N GLY D 381 -3.82 26.53 -2.19
CA GLY D 381 -4.98 25.97 -1.53
C GLY D 381 -6.31 26.47 -2.07
N VAL D 382 -6.37 27.75 -2.42
CA VAL D 382 -7.59 28.37 -2.93
C VAL D 382 -7.36 28.74 -4.40
N SER D 383 -8.45 28.86 -5.14
CA SER D 383 -8.39 29.25 -6.55
C SER D 383 -9.02 30.63 -6.72
N PRO D 384 -8.33 31.58 -7.36
CA PRO D 384 -8.91 32.93 -7.48
C PRO D 384 -10.02 33.05 -8.51
N THR D 385 -10.12 32.11 -9.45
CA THR D 385 -11.10 32.20 -10.51
C THR D 385 -12.32 31.32 -10.30
N LYS D 386 -12.33 30.48 -9.26
CA LYS D 386 -13.44 29.57 -9.01
C LYS D 386 -13.93 29.70 -7.57
N LEU D 387 -14.15 30.93 -7.13
CA LEU D 387 -14.69 31.20 -5.79
C LEU D 387 -16.03 31.92 -5.84
N ASN D 388 -16.67 32.00 -7.00
CA ASN D 388 -17.94 32.72 -7.10
C ASN D 388 -19.08 31.90 -6.53
N ASP D 389 -19.21 30.64 -6.95
CA ASP D 389 -20.27 29.76 -6.47
C ASP D 389 -19.83 28.94 -5.26
N LEU D 390 -19.31 29.63 -4.24
CA LEU D 390 -18.85 28.96 -3.03
C LEU D 390 -19.31 29.75 -1.82
N CYS D 391 -19.26 29.09 -0.66
CA CYS D 391 -19.61 29.70 0.61
C CYS D 391 -18.61 29.25 1.67
N PHE D 392 -17.96 30.23 2.31
CA PHE D 392 -17.01 29.94 3.37
C PHE D 392 -17.69 30.09 4.73
N THR D 393 -17.20 29.31 5.71
CA THR D 393 -17.80 29.32 7.03
C THR D 393 -17.38 30.58 7.80
N ASN D 394 -16.08 30.79 7.98
CA ASN D 394 -15.59 31.94 8.73
C ASN D 394 -14.18 32.25 8.24
N VAL D 395 -13.97 33.47 7.77
CA VAL D 395 -12.68 33.89 7.22
C VAL D 395 -12.06 34.93 8.13
N TYR D 396 -10.75 35.09 8.00
CA TYR D 396 -9.99 36.05 8.79
C TYR D 396 -8.91 36.66 7.89
N ALA D 397 -8.02 37.45 8.49
CA ALA D 397 -6.94 38.09 7.76
C ALA D 397 -5.75 38.25 8.69
N ASP D 398 -4.56 37.96 8.17
CA ASP D 398 -3.31 38.06 8.92
C ASP D 398 -2.45 39.13 8.22
N SER D 399 -2.63 40.38 8.63
CA SER D 399 -1.93 41.50 8.02
C SER D 399 -0.62 41.77 8.76
N PHE D 400 0.48 41.78 8.03
CA PHE D 400 1.79 42.10 8.57
C PHE D 400 2.65 42.66 7.45
N VAL D 401 3.90 42.99 7.78
CA VAL D 401 4.83 43.58 6.82
C VAL D 401 6.16 42.84 6.92
N ILE D 402 6.73 42.50 5.75
CA ILE D 402 8.02 41.84 5.64
C ILE D 402 8.83 42.58 4.58
N ARG D 403 10.03 42.06 4.31
CA ARG D 403 10.90 42.63 3.29
C ARG D 403 10.57 42.04 1.93
N GLY D 404 11.34 42.44 0.91
CA GLY D 404 11.07 41.99 -0.44
C GLY D 404 11.63 40.61 -0.76
N ASP D 405 12.72 40.22 -0.10
CA ASP D 405 13.34 38.93 -0.31
C ASP D 405 12.83 37.85 0.64
N GLU D 406 11.64 38.06 1.22
CA GLU D 406 11.04 37.08 2.13
C GLU D 406 9.68 36.60 1.65
N VAL D 407 9.29 36.93 0.42
CA VAL D 407 8.00 36.49 -0.09
C VAL D 407 8.03 35.04 -0.58
N ARG D 408 9.23 34.48 -0.78
CA ARG D 408 9.37 33.10 -1.22
C ARG D 408 9.39 32.11 -0.06
N GLN D 409 9.52 32.58 1.18
CA GLN D 409 9.56 31.68 2.32
C GLN D 409 8.18 31.20 2.76
N ILE D 410 7.12 31.92 2.40
CA ILE D 410 5.76 31.51 2.76
C ILE D 410 5.29 30.47 1.77
N ALA D 411 5.48 29.20 2.10
CA ALA D 411 5.10 28.09 1.23
C ALA D 411 4.93 26.85 2.09
N PRO D 412 3.99 25.96 1.75
CA PRO D 412 3.84 24.71 2.51
C PRO D 412 5.02 23.76 2.31
N GLY D 413 5.80 23.56 3.36
CA GLY D 413 6.99 22.73 3.28
C GLY D 413 8.23 23.51 2.91
N GLN D 414 8.37 24.71 3.48
CA GLN D 414 9.51 25.58 3.20
C GLN D 414 9.92 26.27 4.49
N THR D 415 11.22 26.24 4.79
CA THR D 415 11.75 26.86 5.99
C THR D 415 12.03 28.34 5.73
N GLY D 416 12.51 29.02 6.76
CA GLY D 416 12.80 30.44 6.66
C GLY D 416 12.72 31.12 8.01
N LYS D 417 13.15 32.38 8.03
CA LYS D 417 13.15 33.15 9.27
C LYS D 417 11.75 33.61 9.68
N ILE D 418 10.83 33.74 8.73
CA ILE D 418 9.47 34.15 9.03
C ILE D 418 8.47 33.02 8.92
N ALA D 419 8.84 31.89 8.31
CA ALA D 419 7.94 30.76 8.16
C ALA D 419 7.95 29.83 9.37
N ASP D 420 8.94 29.95 10.25
CA ASP D 420 9.03 29.11 11.44
C ASP D 420 9.16 29.88 12.74
N TYR D 421 9.54 31.16 12.71
CA TYR D 421 9.71 31.94 13.93
C TYR D 421 8.69 33.06 14.09
N ASN D 422 8.01 33.46 13.01
CA ASN D 422 7.00 34.51 13.08
C ASN D 422 5.61 34.03 12.75
N TYR D 423 5.44 33.34 11.62
CA TYR D 423 4.12 32.85 11.20
C TYR D 423 4.30 31.45 10.60
N LYS D 424 3.84 30.44 11.32
CA LYS D 424 3.94 29.05 10.86
C LYS D 424 2.65 28.69 10.14
N LEU D 425 2.73 28.46 8.83
CA LEU D 425 1.54 28.08 8.09
C LEU D 425 1.36 26.56 8.14
N PRO D 426 0.11 26.09 8.20
CA PRO D 426 -0.12 24.64 8.21
C PRO D 426 0.14 24.02 6.84
N ASP D 427 0.32 22.70 6.86
CA ASP D 427 0.52 21.97 5.61
C ASP D 427 -0.77 21.85 4.80
N ASP D 428 -1.92 21.85 5.48
CA ASP D 428 -3.21 21.81 4.83
C ASP D 428 -3.87 23.19 4.75
N PHE D 429 -3.07 24.24 4.60
CA PHE D 429 -3.59 25.60 4.54
C PHE D 429 -4.25 25.85 3.19
N THR D 430 -5.50 26.28 3.23
CA THR D 430 -6.30 26.48 2.01
C THR D 430 -6.56 27.96 1.71
N GLY D 431 -5.72 28.85 2.22
CA GLY D 431 -5.84 30.27 1.97
C GLY D 431 -4.92 30.74 0.87
N CYS D 432 -4.60 32.04 0.89
CA CYS D 432 -3.72 32.64 -0.10
C CYS D 432 -2.96 33.80 0.54
N VAL D 433 -1.93 34.24 -0.17
CA VAL D 433 -1.05 35.32 0.29
C VAL D 433 -1.05 36.41 -0.77
N ILE D 434 -1.49 37.60 -0.39
CA ILE D 434 -1.50 38.75 -1.30
C ILE D 434 -0.64 39.86 -0.69
N ALA D 435 -0.11 40.70 -1.56
CA ALA D 435 0.75 41.80 -1.14
C ALA D 435 0.71 42.90 -2.21
N TRP D 436 0.98 44.13 -1.77
CA TRP D 436 1.02 45.28 -2.67
C TRP D 436 2.14 46.21 -2.19
N ASN D 437 2.16 47.41 -2.74
CA ASN D 437 3.22 48.37 -2.44
C ASN D 437 3.01 49.00 -1.06
N SER D 438 4.11 49.21 -0.35
CA SER D 438 4.06 49.79 0.98
C SER D 438 5.13 50.84 1.23
N ASN D 439 5.82 51.31 0.18
CA ASN D 439 6.87 52.30 0.36
C ASN D 439 6.30 53.69 0.60
N ASN D 440 5.14 53.98 0.01
CA ASN D 440 4.50 55.29 0.15
C ASN D 440 3.46 55.34 1.25
N LEU D 441 3.40 54.32 2.12
CA LEU D 441 2.40 54.28 3.18
C LEU D 441 3.05 54.11 4.54
N ASP D 442 4.15 53.38 4.60
CA ASP D 442 4.84 53.09 5.87
C ASP D 442 6.18 53.80 6.01
N SER D 443 6.94 53.93 4.93
CA SER D 443 8.24 54.56 5.00
C SER D 443 8.11 56.07 5.05
N LYS D 444 9.07 56.71 5.72
CA LYS D 444 9.10 58.16 5.86
C LYS D 444 10.53 58.63 5.64
N VAL D 445 10.77 59.92 5.87
CA VAL D 445 12.11 60.49 5.74
C VAL D 445 12.94 60.11 6.95
N GLY D 446 14.23 59.85 6.71
CA GLY D 446 15.15 59.47 7.76
C GLY D 446 15.10 58.02 8.19
N GLY D 447 14.20 57.23 7.64
CA GLY D 447 14.08 55.83 8.00
C GLY D 447 13.01 55.60 9.05
N ASN D 448 12.42 54.41 9.02
CA ASN D 448 11.38 54.01 9.96
C ASN D 448 11.95 52.96 10.90
N TYR D 449 12.01 53.29 12.19
CA TYR D 449 12.56 52.40 13.21
C TYR D 449 11.65 52.37 14.42
N ASN D 450 10.35 52.21 14.19
CA ASN D 450 9.35 52.22 15.26
C ASN D 450 8.88 50.83 15.67
N TYR D 451 8.64 49.94 14.72
CA TYR D 451 8.10 48.62 15.02
C TYR D 451 9.24 47.62 15.24
N LEU D 452 8.87 46.46 15.77
CA LEU D 452 9.82 45.40 16.09
C LEU D 452 9.33 44.10 15.48
N TYR D 453 10.18 43.08 15.54
CA TYR D 453 9.82 41.73 15.11
C TYR D 453 10.63 40.72 15.91
N ARG D 454 10.30 39.45 15.71
CA ARG D 454 10.97 38.35 16.41
C ARG D 454 11.95 37.66 15.47
N LEU D 455 13.16 37.40 15.96
CA LEU D 455 14.21 36.80 15.15
C LEU D 455 14.68 35.45 15.66
N PHE D 456 14.91 35.31 16.97
CA PHE D 456 15.43 34.09 17.55
C PHE D 456 14.35 33.36 18.34
N ARG D 457 14.37 32.04 18.26
CA ARG D 457 13.47 31.18 19.02
C ARG D 457 14.11 29.81 19.16
N LYS D 458 13.75 29.12 20.24
CA LYS D 458 14.34 27.81 20.52
C LYS D 458 13.79 26.74 19.57
N SER D 459 12.47 26.69 19.41
CA SER D 459 11.81 25.70 18.58
C SER D 459 10.91 26.39 17.58
N ASN D 460 10.32 25.58 16.69
CA ASN D 460 9.42 26.12 15.68
C ASN D 460 8.05 26.43 16.28
N LEU D 461 7.35 27.35 15.64
CA LEU D 461 6.03 27.75 16.10
C LEU D 461 4.98 26.71 15.72
N LYS D 462 3.88 26.72 16.46
CA LYS D 462 2.74 25.87 16.16
C LYS D 462 1.81 26.57 15.17
N PRO D 463 1.09 25.81 14.34
CA PRO D 463 0.14 26.44 13.40
C PRO D 463 -1.06 27.03 14.12
N PHE D 464 -1.49 28.20 13.63
CA PHE D 464 -2.62 28.97 14.15
C PHE D 464 -2.44 29.33 15.63
N GLU D 465 -1.38 30.07 15.90
CA GLU D 465 -1.09 30.55 17.25
C GLU D 465 -0.31 31.85 17.16
N ARG D 466 -0.74 32.84 17.93
CA ARG D 466 -0.09 34.15 17.97
C ARG D 466 0.91 34.18 19.12
N ASP D 467 2.11 34.70 18.83
CA ASP D 467 3.20 34.77 19.81
C ASP D 467 3.37 36.23 20.23
N ILE D 468 2.74 36.60 21.34
CA ILE D 468 2.85 37.94 21.90
C ILE D 468 3.69 37.96 23.17
N SER D 469 4.41 36.88 23.45
CA SER D 469 5.24 36.79 24.65
C SER D 469 6.52 37.59 24.44
N THR D 470 6.63 38.73 25.13
CA THR D 470 7.79 39.59 25.03
C THR D 470 8.72 39.45 26.25
N GLU D 471 8.58 38.36 27.00
CA GLU D 471 9.43 38.14 28.16
C GLU D 471 10.82 37.66 27.75
N ILE D 472 11.79 37.93 28.60
CA ILE D 472 13.17 37.53 28.33
C ILE D 472 13.35 36.09 28.80
N TYR D 473 13.66 35.20 27.86
CA TYR D 473 13.87 33.79 28.14
C TYR D 473 15.34 33.43 27.94
N GLN D 474 15.81 32.48 28.75
CA GLN D 474 17.19 32.05 28.67
C GLN D 474 17.40 31.10 27.50
N ALA D 475 18.65 31.02 27.05
CA ALA D 475 18.99 30.15 25.92
C ALA D 475 19.27 28.73 26.40
N GLY D 476 20.25 28.56 27.28
CA GLY D 476 20.59 27.26 27.80
C GLY D 476 20.46 27.18 29.31
N SER D 477 21.57 26.92 30.00
CA SER D 477 21.59 26.84 31.44
C SER D 477 22.18 28.10 32.09
N THR D 478 22.24 29.21 31.35
CA THR D 478 22.76 30.47 31.87
C THR D 478 21.62 31.46 32.04
N PRO D 479 21.13 31.68 33.26
CA PRO D 479 20.02 32.61 33.45
C PRO D 479 20.47 34.06 33.39
N CYS D 480 19.53 34.92 32.97
CA CYS D 480 19.76 36.36 32.91
C CYS D 480 18.96 37.11 33.96
N ASN D 481 17.63 36.92 33.98
CA ASN D 481 16.72 37.40 35.02
C ASN D 481 16.75 38.93 35.15
N GLY D 482 16.33 39.59 34.08
CA GLY D 482 16.21 41.03 34.10
C GLY D 482 16.69 41.77 32.88
N VAL D 483 17.71 42.61 33.05
CA VAL D 483 18.18 43.49 31.98
C VAL D 483 18.92 42.68 30.93
N GLU D 484 19.08 43.27 29.75
CA GLU D 484 19.75 42.61 28.64
C GLU D 484 21.25 42.48 28.89
N GLY D 485 21.87 41.56 28.16
CA GLY D 485 23.27 41.23 28.33
C GLY D 485 23.43 39.86 28.93
N PHE D 486 24.69 39.41 28.98
CA PHE D 486 25.12 38.12 29.54
C PHE D 486 24.46 36.94 28.81
N ASN D 487 24.56 37.00 27.47
CA ASN D 487 24.23 35.94 26.49
C ASN D 487 22.90 35.22 26.75
N CYS D 488 21.81 35.97 26.66
CA CYS D 488 20.48 35.39 26.53
C CYS D 488 19.88 35.78 25.18
N TYR D 489 18.84 35.06 24.78
CA TYR D 489 18.21 35.30 23.49
C TYR D 489 17.37 36.57 23.53
N PHE D 490 17.78 37.58 22.75
CA PHE D 490 17.05 38.84 22.62
C PHE D 490 16.56 38.97 21.19
N PRO D 491 15.36 38.47 20.87
CA PRO D 491 14.91 38.47 19.48
C PRO D 491 14.33 39.80 18.99
N LEU D 492 14.28 40.82 19.84
CA LEU D 492 13.72 42.11 19.44
C LEU D 492 14.71 42.85 18.56
N GLN D 493 14.28 43.21 17.35
CA GLN D 493 15.11 43.93 16.39
C GLN D 493 14.24 44.92 15.64
N SER D 494 14.82 46.07 15.31
CA SER D 494 14.07 47.12 14.64
C SER D 494 13.96 46.84 13.13
N TYR D 495 12.89 47.36 12.54
CA TYR D 495 12.69 47.23 11.11
C TYR D 495 13.60 48.17 10.34
N GLY D 496 14.15 47.68 9.24
CA GLY D 496 14.95 48.52 8.36
C GLY D 496 14.19 48.96 7.13
N PHE D 497 13.70 50.19 7.13
CA PHE D 497 12.89 50.73 6.04
C PHE D 497 13.59 51.97 5.48
N GLN D 498 14.18 51.84 4.29
CA GLN D 498 14.84 52.95 3.63
C GLN D 498 14.28 53.13 2.22
N PRO D 499 14.02 54.37 1.81
CA PRO D 499 13.46 54.60 0.46
C PRO D 499 14.47 54.45 -0.67
N THR D 500 15.76 54.36 -0.37
CA THR D 500 16.81 54.23 -1.38
C THR D 500 17.44 52.84 -1.36
N ASN D 501 16.61 51.82 -1.16
CA ASN D 501 17.08 50.45 -1.13
C ASN D 501 17.12 49.88 -2.55
N GLY D 502 17.40 48.59 -2.66
CA GLY D 502 17.48 47.91 -3.95
C GLY D 502 16.14 47.39 -4.41
N VAL D 503 16.17 46.25 -5.11
CA VAL D 503 14.96 45.64 -5.63
C VAL D 503 14.42 44.52 -4.74
N GLY D 504 15.12 44.18 -3.67
CA GLY D 504 14.67 43.11 -2.80
C GLY D 504 14.57 43.51 -1.34
N TYR D 505 14.74 44.80 -1.06
CA TYR D 505 14.67 45.34 0.30
C TYR D 505 13.52 46.34 0.43
N GLN D 506 12.38 46.04 -0.17
CA GLN D 506 11.21 46.90 -0.13
C GLN D 506 10.12 46.30 0.75
N PRO D 507 9.44 47.10 1.56
CA PRO D 507 8.37 46.57 2.41
C PRO D 507 7.10 46.28 1.62
N TYR D 508 6.43 45.20 1.99
CA TYR D 508 5.19 44.76 1.36
C TYR D 508 4.15 44.50 2.43
N ARG D 509 2.96 45.08 2.24
CA ARG D 509 1.83 44.83 3.14
C ARG D 509 1.25 43.46 2.80
N VAL D 510 1.70 42.43 3.51
CA VAL D 510 1.30 41.05 3.26
C VAL D 510 0.10 40.73 4.15
N VAL D 511 -1.02 40.40 3.53
CA VAL D 511 -2.24 40.01 4.23
C VAL D 511 -2.54 38.56 3.86
N VAL D 512 -2.50 37.68 4.86
CA VAL D 512 -2.75 36.25 4.66
C VAL D 512 -4.19 35.96 5.07
N LEU D 513 -5.00 35.51 4.10
CA LEU D 513 -6.39 35.18 4.35
C LEU D 513 -6.46 33.75 4.86
N SER D 514 -6.92 33.58 6.10
CA SER D 514 -7.04 32.26 6.72
C SER D 514 -8.40 31.69 6.38
N PHE D 515 -8.40 30.58 5.64
CA PHE D 515 -9.62 29.90 5.24
C PHE D 515 -9.74 28.57 5.96
N GLU D 516 -10.98 28.15 6.20
CA GLU D 516 -11.25 26.90 6.89
C GLU D 516 -12.61 26.37 6.46
N LEU D 517 -12.77 25.05 6.57
CA LEU D 517 -14.03 24.37 6.22
C LEU D 517 -14.41 23.48 7.40
N LEU D 518 -15.14 24.06 8.35
CA LEU D 518 -15.60 23.34 9.54
C LEU D 518 -17.08 22.96 9.37
N HIS D 519 -17.67 22.45 10.45
CA HIS D 519 -19.08 22.06 10.45
C HIS D 519 -20.01 23.23 10.76
N ALA D 520 -19.49 24.44 10.85
CA ALA D 520 -20.33 25.61 11.08
C ALA D 520 -21.12 25.96 9.81
N PRO D 521 -22.33 26.50 9.96
CA PRO D 521 -23.09 26.92 8.76
C PRO D 521 -22.45 28.13 8.09
N ALA D 522 -22.20 28.00 6.79
CA ALA D 522 -21.52 29.04 6.04
C ALA D 522 -22.47 30.20 5.75
N THR D 523 -22.02 31.42 6.07
CA THR D 523 -22.79 32.62 5.81
C THR D 523 -22.15 33.54 4.79
N VAL D 524 -20.82 33.56 4.69
CA VAL D 524 -20.13 34.41 3.72
C VAL D 524 -20.19 33.72 2.37
N CYS D 525 -20.91 34.32 1.43
CA CYS D 525 -21.05 33.78 0.07
C CYS D 525 -20.85 34.93 -0.91
N GLY D 526 -21.17 34.67 -2.18
CA GLY D 526 -21.08 35.68 -3.21
C GLY D 526 -22.44 36.22 -3.59
N PRO D 527 -22.56 37.54 -3.74
CA PRO D 527 -23.86 38.16 -4.10
C PRO D 527 -24.21 37.99 -5.57
N LYS D 528 -24.67 36.78 -5.91
CA LYS D 528 -25.05 36.47 -7.27
C LYS D 528 -26.58 36.56 -7.41
N LYS D 529 -27.06 36.32 -8.62
CA LYS D 529 -28.49 36.39 -8.93
C LYS D 529 -29.15 35.11 -8.46
N SER D 530 -29.63 35.12 -7.21
CA SER D 530 -30.27 33.94 -6.63
C SER D 530 -31.68 33.81 -7.17
N THR D 531 -31.94 32.71 -7.88
CA THR D 531 -33.26 32.45 -8.46
C THR D 531 -34.13 31.69 -7.46
N ASN D 532 -35.26 31.18 -7.95
CA ASN D 532 -36.18 30.41 -7.12
C ASN D 532 -35.76 28.94 -7.09
N LEU D 533 -36.55 28.13 -6.40
CA LEU D 533 -36.28 26.70 -6.28
C LEU D 533 -37.27 25.90 -7.12
N VAL D 534 -36.80 24.76 -7.62
CA VAL D 534 -37.59 23.86 -8.46
C VAL D 534 -37.62 22.49 -7.79
N LYS D 535 -38.82 21.99 -7.54
CA LYS D 535 -39.01 20.70 -6.89
C LYS D 535 -39.44 19.65 -7.92
N ASN D 536 -39.14 18.39 -7.59
CA ASN D 536 -39.55 17.20 -8.35
C ASN D 536 -39.02 17.19 -9.78
N LYS D 537 -37.84 17.80 -10.00
CA LYS D 537 -37.20 17.81 -11.30
C LYS D 537 -35.71 17.62 -11.13
N CYS D 538 -35.07 17.07 -12.16
CA CYS D 538 -33.62 16.86 -12.17
C CYS D 538 -32.96 18.21 -12.39
N VAL D 539 -32.51 18.83 -11.30
CA VAL D 539 -31.97 20.19 -11.36
C VAL D 539 -30.48 20.18 -11.04
N ASN D 540 -29.85 21.34 -11.12
CA ASN D 540 -28.44 21.53 -10.78
C ASN D 540 -28.40 22.37 -9.51
N PHE D 541 -28.44 21.69 -8.36
CA PHE D 541 -28.51 22.37 -7.07
C PHE D 541 -27.13 22.89 -6.67
N ASN D 542 -27.14 23.93 -5.85
CA ASN D 542 -25.91 24.54 -5.33
C ASN D 542 -26.22 25.12 -3.96
N PHE D 543 -25.91 24.35 -2.91
CA PHE D 543 -26.15 24.76 -1.53
C PHE D 543 -24.82 24.81 -0.80
N ASN D 544 -24.45 26.02 -0.36
CA ASN D 544 -23.21 26.29 0.39
C ASN D 544 -21.96 25.87 -0.38
N GLY D 545 -21.97 26.09 -1.69
CA GLY D 545 -20.83 25.76 -2.52
C GLY D 545 -20.69 24.31 -2.90
N LEU D 546 -21.75 23.51 -2.73
CA LEU D 546 -21.74 22.10 -3.07
C LEU D 546 -22.48 21.93 -4.39
N THR D 547 -21.74 21.61 -5.45
CA THR D 547 -22.32 21.41 -6.77
C THR D 547 -22.69 19.95 -6.97
N GLY D 548 -23.62 19.72 -7.89
CA GLY D 548 -24.07 18.37 -8.19
C GLY D 548 -25.40 18.39 -8.89
N THR D 549 -25.76 17.23 -9.45
CA THR D 549 -26.99 17.05 -10.19
C THR D 549 -27.90 16.11 -9.41
N GLY D 550 -29.09 16.59 -9.07
CA GLY D 550 -30.03 15.79 -8.31
C GLY D 550 -31.41 16.40 -8.36
N VAL D 551 -32.32 15.76 -7.63
CA VAL D 551 -33.73 16.18 -7.54
C VAL D 551 -33.98 16.66 -6.12
N LEU D 552 -34.50 17.87 -5.99
CA LEU D 552 -34.81 18.46 -4.68
C LEU D 552 -36.23 18.05 -4.29
N THR D 553 -36.33 17.10 -3.37
CA THR D 553 -37.62 16.61 -2.89
C THR D 553 -37.79 16.92 -1.41
N GLU D 554 -38.99 16.67 -0.89
CA GLU D 554 -39.32 16.89 0.51
C GLU D 554 -39.49 15.54 1.19
N SER D 555 -38.78 15.34 2.30
CA SER D 555 -38.82 14.11 3.07
C SER D 555 -39.53 14.35 4.40
N ASN D 556 -39.55 13.31 5.22
CA ASN D 556 -40.19 13.38 6.54
C ASN D 556 -39.16 13.49 7.67
N LYS D 557 -37.92 13.82 7.34
CA LYS D 557 -36.87 13.95 8.35
C LYS D 557 -36.99 15.29 9.04
N LYS D 558 -37.12 15.27 10.37
CA LYS D 558 -37.20 16.49 11.16
C LYS D 558 -35.82 17.12 11.26
N PHE D 559 -35.65 18.28 10.61
CA PHE D 559 -34.36 18.95 10.60
C PHE D 559 -34.10 19.63 11.95
N LEU D 560 -32.99 19.28 12.58
CA LEU D 560 -32.61 19.90 13.84
C LEU D 560 -32.08 21.31 13.59
N PRO D 561 -32.30 22.24 14.53
CA PRO D 561 -31.89 23.63 14.30
C PRO D 561 -30.38 23.86 14.27
N PHE D 562 -29.58 22.98 14.88
CA PHE D 562 -28.13 23.14 14.84
C PHE D 562 -27.48 22.40 13.67
N GLN D 563 -28.19 21.46 13.05
CA GLN D 563 -27.65 20.74 11.91
C GLN D 563 -27.88 21.54 10.62
N GLN D 564 -26.85 21.58 9.78
CA GLN D 564 -26.92 22.27 8.50
C GLN D 564 -27.09 21.31 7.32
N PHE D 565 -26.30 20.24 7.28
CA PHE D 565 -26.40 19.26 6.22
C PHE D 565 -25.97 17.90 6.78
N GLY D 566 -26.64 16.85 6.33
CA GLY D 566 -26.35 15.49 6.77
C GLY D 566 -25.84 14.65 5.62
N ARG D 567 -24.87 13.79 5.91
CA ARG D 567 -24.25 12.91 4.93
C ARG D 567 -24.73 11.48 5.16
N ASP D 568 -25.13 10.81 4.09
CA ASP D 568 -25.64 9.45 4.17
C ASP D 568 -24.48 8.46 4.09
N ILE D 569 -24.79 7.17 3.92
CA ILE D 569 -23.77 6.14 3.82
C ILE D 569 -23.09 6.11 2.46
N ALA D 570 -23.63 6.82 1.47
CA ALA D 570 -23.07 6.85 0.13
C ALA D 570 -22.04 7.96 -0.06
N ASP D 571 -21.50 8.51 1.04
CA ASP D 571 -20.48 9.57 1.06
C ASP D 571 -20.93 10.83 0.33
N THR D 572 -22.24 11.10 0.33
CA THR D 572 -22.81 12.28 -0.28
C THR D 572 -23.80 12.91 0.69
N THR D 573 -24.08 14.19 0.48
CA THR D 573 -25.03 14.92 1.32
C THR D 573 -26.45 14.49 0.97
N ASP D 574 -27.13 13.85 1.92
CA ASP D 574 -28.48 13.36 1.68
C ASP D 574 -29.52 14.47 1.70
N ALA D 575 -29.33 15.48 2.54
CA ALA D 575 -30.29 16.56 2.66
C ALA D 575 -29.58 17.82 3.11
N VAL D 576 -30.05 18.98 2.62
CA VAL D 576 -29.50 20.27 3.00
C VAL D 576 -30.57 21.09 3.70
N ARG D 577 -30.20 22.29 4.16
CA ARG D 577 -31.14 23.19 4.82
C ARG D 577 -31.04 24.56 4.17
N ASP D 578 -32.18 25.13 3.81
CA ASP D 578 -32.23 26.46 3.20
C ASP D 578 -32.01 27.52 4.28
N PRO D 579 -30.95 28.34 4.20
CA PRO D 579 -30.73 29.36 5.23
C PRO D 579 -31.69 30.53 5.15
N GLN D 580 -32.38 30.72 4.02
CA GLN D 580 -33.35 31.81 3.92
C GLN D 580 -34.63 31.49 4.69
N THR D 581 -35.18 30.30 4.48
CA THR D 581 -36.40 29.87 5.16
C THR D 581 -36.22 28.42 5.60
N LEU D 582 -36.50 28.15 6.87
CA LEU D 582 -36.36 26.82 7.43
C LEU D 582 -37.45 25.91 6.87
N GLU D 583 -37.07 25.02 5.96
CA GLU D 583 -38.01 24.09 5.34
C GLU D 583 -37.31 22.73 5.21
N ILE D 584 -37.93 21.83 4.45
CA ILE D 584 -37.42 20.48 4.24
C ILE D 584 -36.92 20.39 2.80
N LEU D 585 -35.63 20.10 2.64
CA LEU D 585 -35.02 19.95 1.33
C LEU D 585 -34.14 18.72 1.34
N ASP D 586 -34.52 17.70 0.57
CA ASP D 586 -33.76 16.46 0.46
C ASP D 586 -33.15 16.34 -0.93
N ILE D 587 -32.00 15.67 -1.00
CA ILE D 587 -31.27 15.49 -2.24
C ILE D 587 -31.50 14.06 -2.72
N THR D 588 -32.09 13.92 -3.90
CA THR D 588 -32.36 12.64 -4.52
C THR D 588 -31.71 12.58 -5.90
N PRO D 589 -30.95 11.54 -6.21
CA PRO D 589 -30.33 11.44 -7.54
C PRO D 589 -31.37 11.20 -8.63
N CYS D 590 -31.04 11.65 -9.83
CA CYS D 590 -31.96 11.55 -10.95
C CYS D 590 -32.00 10.13 -11.50
N SER D 591 -32.97 9.88 -12.36
CA SER D 591 -33.17 8.56 -12.95
C SER D 591 -32.14 8.31 -14.03
N PHE D 592 -31.28 7.31 -13.82
CA PHE D 592 -30.25 6.94 -14.77
C PHE D 592 -30.21 5.43 -14.92
N GLY D 593 -29.92 4.95 -16.12
CA GLY D 593 -29.87 3.53 -16.37
C GLY D 593 -29.02 3.22 -17.58
N GLY D 594 -28.57 1.97 -17.65
CA GLY D 594 -27.74 1.54 -18.76
C GLY D 594 -28.56 1.38 -20.03
N VAL D 595 -27.97 1.83 -21.14
CA VAL D 595 -28.64 1.77 -22.45
C VAL D 595 -28.51 0.34 -22.97
N SER D 596 -29.62 -0.40 -22.95
CA SER D 596 -29.68 -1.76 -23.47
C SER D 596 -30.48 -1.77 -24.76
N VAL D 597 -29.97 -2.48 -25.76
CA VAL D 597 -30.58 -2.54 -27.08
C VAL D 597 -31.12 -3.96 -27.29
N ILE D 598 -32.41 -4.05 -27.61
CA ILE D 598 -33.06 -5.32 -27.93
C ILE D 598 -33.19 -5.36 -29.45
N THR D 599 -32.36 -6.17 -30.10
CA THR D 599 -32.33 -6.22 -31.55
C THR D 599 -32.13 -7.66 -32.01
N PRO D 600 -32.79 -8.05 -33.11
CA PRO D 600 -32.51 -9.36 -33.71
C PRO D 600 -31.28 -9.32 -34.62
N GLY D 601 -31.03 -10.40 -35.34
CA GLY D 601 -29.92 -10.43 -36.27
C GLY D 601 -30.13 -9.52 -37.46
N THR D 602 -29.03 -9.15 -38.10
CA THR D 602 -29.08 -8.23 -39.23
C THR D 602 -29.62 -8.87 -40.50
N ASN D 603 -29.62 -10.20 -40.59
CA ASN D 603 -30.13 -10.87 -41.77
C ASN D 603 -31.66 -10.90 -41.78
N THR D 604 -32.28 -10.92 -40.60
CA THR D 604 -33.73 -11.00 -40.52
C THR D 604 -34.38 -9.64 -40.76
N SER D 605 -34.07 -8.67 -39.91
CA SER D 605 -34.65 -7.33 -40.01
C SER D 605 -33.71 -6.34 -39.36
N ASN D 606 -34.15 -5.07 -39.27
CA ASN D 606 -33.36 -4.02 -38.68
C ASN D 606 -34.10 -3.23 -37.61
N GLN D 607 -35.32 -3.62 -37.25
CA GLN D 607 -36.08 -2.91 -36.23
C GLN D 607 -35.55 -3.22 -34.84
N VAL D 608 -35.44 -2.18 -34.01
CA VAL D 608 -34.89 -2.29 -32.67
C VAL D 608 -35.94 -1.86 -31.65
N ALA D 609 -35.61 -2.04 -30.38
CA ALA D 609 -36.46 -1.64 -29.27
C ALA D 609 -35.60 -1.01 -28.19
N VAL D 610 -35.92 0.23 -27.82
CA VAL D 610 -35.14 0.96 -26.82
C VAL D 610 -35.53 0.46 -25.43
N LEU D 611 -34.53 0.01 -24.67
CA LEU D 611 -34.73 -0.52 -23.33
C LEU D 611 -33.93 0.30 -22.33
N TYR D 612 -34.59 0.78 -21.29
CA TYR D 612 -33.95 1.51 -20.20
C TYR D 612 -34.05 0.68 -18.93
N GLN D 613 -33.04 0.80 -18.06
CA GLN D 613 -32.92 -0.06 -16.89
C GLN D 613 -33.29 0.70 -15.63
N ASP D 614 -34.31 0.19 -14.92
CA ASP D 614 -34.67 0.58 -13.55
C ASP D 614 -35.07 2.05 -13.43
N VAL D 615 -35.60 2.64 -14.50
CA VAL D 615 -36.10 4.01 -14.48
C VAL D 615 -37.55 4.01 -14.98
N ASN D 616 -38.22 5.13 -14.72
CA ASN D 616 -39.60 5.31 -15.16
C ASN D 616 -39.63 6.03 -16.51
N CYS D 617 -40.78 5.96 -17.16
CA CYS D 617 -40.98 6.60 -18.46
C CYS D 617 -41.44 8.05 -18.30
N THR D 618 -40.69 8.84 -17.54
CA THR D 618 -41.01 10.24 -17.30
C THR D 618 -39.92 11.21 -17.74
N GLU D 619 -38.65 10.86 -17.51
CA GLU D 619 -37.53 11.72 -17.84
C GLU D 619 -36.87 11.32 -19.15
N VAL D 620 -37.64 10.78 -20.10
CA VAL D 620 -37.09 10.37 -21.39
C VAL D 620 -36.91 11.59 -22.29
N ASN D 641 -46.07 0.94 -28.19
CA ASN D 641 -44.86 1.74 -28.25
C ASN D 641 -44.17 1.80 -26.89
N VAL D 642 -44.70 2.65 -26.01
CA VAL D 642 -44.17 2.83 -24.67
C VAL D 642 -44.97 1.98 -23.71
N PHE D 643 -44.33 1.00 -23.08
CA PHE D 643 -44.97 0.11 -22.12
C PHE D 643 -44.10 0.05 -20.87
N GLN D 644 -44.72 0.26 -19.72
CA GLN D 644 -44.01 0.26 -18.44
C GLN D 644 -43.81 -1.17 -17.98
N THR D 645 -42.56 -1.58 -17.79
CA THR D 645 -42.20 -2.90 -17.31
C THR D 645 -41.59 -2.80 -15.91
N ARG D 646 -41.46 -3.96 -15.27
CA ARG D 646 -40.86 -4.02 -13.94
C ARG D 646 -39.35 -3.85 -13.97
N ALA D 647 -38.70 -4.16 -15.10
CA ALA D 647 -37.25 -4.00 -15.20
C ALA D 647 -36.85 -2.56 -15.51
N GLY D 648 -37.75 -1.77 -16.09
CA GLY D 648 -37.45 -0.39 -16.41
C GLY D 648 -38.46 0.14 -17.42
N CYS D 649 -38.04 1.20 -18.12
CA CYS D 649 -38.87 1.82 -19.14
C CYS D 649 -38.55 1.21 -20.50
N LEU D 650 -39.55 0.60 -21.12
CA LEU D 650 -39.42 -0.03 -22.44
C LEU D 650 -40.18 0.80 -23.46
N ILE D 651 -39.47 1.31 -24.45
CA ILE D 651 -40.04 2.15 -25.49
C ILE D 651 -39.76 1.49 -26.85
N GLY D 652 -40.82 1.19 -27.59
CA GLY D 652 -40.70 0.59 -28.91
C GLY D 652 -41.26 -0.80 -29.04
N ALA D 653 -41.94 -1.33 -28.03
CA ALA D 653 -42.51 -2.66 -28.06
C ALA D 653 -44.00 -2.60 -27.75
N GLU D 654 -44.77 -3.45 -28.41
CA GLU D 654 -46.21 -3.52 -28.21
C GLU D 654 -46.54 -4.54 -27.13
N HIS D 655 -47.66 -4.29 -26.44
CA HIS D 655 -48.11 -5.16 -25.35
C HIS D 655 -48.96 -6.28 -25.93
N VAL D 656 -48.53 -7.53 -25.71
CA VAL D 656 -49.23 -8.72 -26.16
C VAL D 656 -49.57 -9.55 -24.94
N ASN D 657 -50.86 -9.84 -24.75
CA ASN D 657 -51.31 -10.61 -23.60
C ASN D 657 -50.99 -12.10 -23.73
N ASN D 658 -50.73 -12.58 -24.93
CA ASN D 658 -50.41 -13.99 -25.13
C ASN D 658 -48.98 -14.29 -24.66
N SER D 659 -48.73 -15.56 -24.38
CA SER D 659 -47.43 -16.02 -23.90
C SER D 659 -46.79 -16.87 -24.99
N TYR D 660 -45.68 -16.38 -25.54
CA TYR D 660 -44.93 -17.08 -26.58
C TYR D 660 -43.58 -17.54 -26.02
N GLU D 661 -42.76 -18.10 -26.90
CA GLU D 661 -41.44 -18.58 -26.50
C GLU D 661 -40.49 -17.42 -26.30
N CYS D 662 -39.69 -17.48 -25.24
CA CYS D 662 -38.72 -16.44 -24.93
C CYS D 662 -37.54 -16.53 -25.87
N ASP D 663 -37.15 -15.40 -26.47
CA ASP D 663 -36.04 -15.35 -27.39
C ASP D 663 -34.92 -14.43 -26.90
N ILE D 664 -35.24 -13.22 -26.48
CA ILE D 664 -34.27 -12.26 -25.98
C ILE D 664 -34.67 -11.89 -24.56
N PRO D 665 -33.80 -12.08 -23.57
CA PRO D 665 -34.18 -11.74 -22.19
C PRO D 665 -34.17 -10.25 -21.94
N ILE D 666 -35.16 -9.79 -21.17
CA ILE D 666 -35.27 -8.38 -20.81
C ILE D 666 -35.14 -8.23 -19.31
N GLY D 667 -36.02 -8.89 -18.57
CA GLY D 667 -36.03 -8.85 -17.12
C GLY D 667 -37.43 -9.00 -16.58
N ALA D 668 -37.52 -9.61 -15.39
CA ALA D 668 -38.77 -9.83 -14.64
C ALA D 668 -39.79 -10.62 -15.44
N GLY D 669 -39.33 -11.68 -16.10
CA GLY D 669 -40.22 -12.55 -16.85
C GLY D 669 -40.75 -11.98 -18.14
N ILE D 670 -40.06 -11.02 -18.73
CA ILE D 670 -40.45 -10.38 -19.98
C ILE D 670 -39.41 -10.73 -21.04
N CYS D 671 -39.88 -11.14 -22.21
CA CYS D 671 -38.99 -11.41 -23.33
C CYS D 671 -39.56 -10.77 -24.59
N ALA D 672 -38.70 -10.63 -25.60
CA ALA D 672 -39.07 -10.03 -26.88
C ALA D 672 -38.74 -10.98 -28.00
N SER D 673 -39.49 -10.87 -29.10
CA SER D 673 -39.28 -11.70 -30.28
C SER D 673 -39.75 -10.95 -31.51
N TYR D 674 -39.35 -11.45 -32.67
CA TYR D 674 -39.71 -10.87 -33.96
C TYR D 674 -40.66 -11.84 -34.65
N GLN D 675 -41.96 -11.63 -34.46
CA GLN D 675 -42.99 -12.46 -35.06
C GLN D 675 -43.98 -11.58 -35.81
N THR D 676 -44.74 -12.21 -36.70
CA THR D 676 -45.73 -11.50 -37.50
C THR D 676 -46.98 -11.19 -36.68
N GLN D 690 -44.95 -7.56 -38.33
CA GLN D 690 -43.60 -8.00 -37.98
C GLN D 690 -42.85 -6.91 -37.24
N SER D 691 -42.90 -6.96 -35.92
CA SER D 691 -42.23 -5.98 -35.08
C SER D 691 -41.89 -6.61 -33.74
N ILE D 692 -41.05 -5.92 -32.98
CA ILE D 692 -40.65 -6.38 -31.66
C ILE D 692 -41.78 -6.12 -30.67
N ILE D 693 -42.26 -7.18 -30.02
CA ILE D 693 -43.37 -7.09 -29.09
C ILE D 693 -42.89 -7.42 -27.68
N ALA D 694 -43.66 -6.97 -26.70
CA ALA D 694 -43.39 -7.23 -25.29
C ALA D 694 -44.47 -8.13 -24.73
N TYR D 695 -44.08 -9.23 -24.11
CA TYR D 695 -45.03 -10.20 -23.60
C TYR D 695 -44.41 -10.97 -22.44
N THR D 696 -45.27 -11.64 -21.67
CA THR D 696 -44.82 -12.53 -20.62
C THR D 696 -44.35 -13.84 -21.23
N MET D 697 -43.17 -14.30 -20.81
CA MET D 697 -42.59 -15.52 -21.38
C MET D 697 -43.35 -16.75 -20.91
N SER D 698 -43.41 -17.75 -21.78
CA SER D 698 -44.08 -19.00 -21.48
C SER D 698 -43.08 -20.04 -21.01
N LEU D 699 -43.47 -20.82 -20.00
CA LEU D 699 -42.61 -21.84 -19.43
C LEU D 699 -42.81 -23.21 -20.07
N GLY D 700 -43.57 -23.29 -21.15
CA GLY D 700 -43.81 -24.56 -21.81
C GLY D 700 -45.27 -24.76 -22.20
N ALA D 701 -45.56 -25.88 -22.86
CA ALA D 701 -46.92 -26.17 -23.29
C ALA D 701 -47.76 -26.67 -22.11
N GLU D 702 -48.98 -26.18 -22.03
CA GLU D 702 -49.89 -26.57 -20.96
C GLU D 702 -50.42 -27.97 -21.23
N ASN D 703 -50.14 -28.90 -20.32
CA ASN D 703 -50.57 -30.29 -20.44
C ASN D 703 -51.15 -30.75 -19.12
N SER D 704 -52.35 -31.33 -19.17
CA SER D 704 -53.02 -31.84 -17.98
C SER D 704 -52.83 -33.36 -17.93
N VAL D 705 -52.06 -33.82 -16.96
CA VAL D 705 -51.78 -35.25 -16.81
C VAL D 705 -52.97 -35.91 -16.12
N ALA D 706 -53.56 -36.90 -16.78
CA ALA D 706 -54.67 -37.64 -16.22
C ALA D 706 -54.14 -38.60 -15.15
N TYR D 707 -54.44 -38.31 -13.89
CA TYR D 707 -53.95 -39.09 -12.76
C TYR D 707 -55.09 -39.85 -12.12
N SER D 708 -54.87 -41.14 -11.87
CA SER D 708 -55.84 -42.00 -11.20
C SER D 708 -55.07 -43.12 -10.52
N ASN D 709 -55.79 -44.16 -10.10
CA ASN D 709 -55.19 -45.29 -9.40
C ASN D 709 -54.98 -46.50 -10.29
N ASN D 710 -55.39 -46.45 -11.56
CA ASN D 710 -55.24 -47.61 -12.43
C ASN D 710 -54.75 -47.26 -13.83
N SER D 711 -54.50 -45.99 -14.15
CA SER D 711 -54.07 -45.59 -15.49
C SER D 711 -52.55 -45.57 -15.54
N ILE D 712 -51.98 -46.42 -16.39
CA ILE D 712 -50.54 -46.45 -16.63
C ILE D 712 -50.30 -46.19 -18.11
N ALA D 713 -49.08 -45.77 -18.43
CA ALA D 713 -48.69 -45.45 -19.80
C ALA D 713 -47.29 -46.01 -20.07
N ILE D 714 -47.22 -47.06 -20.88
CA ILE D 714 -45.97 -47.72 -21.24
C ILE D 714 -45.80 -47.58 -22.75
N PRO D 715 -44.66 -47.09 -23.23
CA PRO D 715 -44.49 -46.90 -24.68
C PRO D 715 -44.32 -48.22 -25.42
N THR D 716 -44.73 -48.21 -26.69
CA THR D 716 -44.59 -49.36 -27.57
C THR D 716 -43.58 -49.13 -28.69
N ASN D 717 -43.07 -47.91 -28.85
CA ASN D 717 -42.11 -47.60 -29.89
C ASN D 717 -41.24 -46.45 -29.44
N PHE D 718 -39.97 -46.49 -29.84
CA PHE D 718 -39.00 -45.48 -29.43
C PHE D 718 -38.29 -44.94 -30.65
N THR D 719 -37.79 -43.70 -30.53
CA THR D 719 -37.05 -43.03 -31.58
C THR D 719 -35.65 -42.70 -31.07
N ILE D 720 -34.64 -43.28 -31.70
CA ILE D 720 -33.26 -43.07 -31.28
C ILE D 720 -32.81 -41.71 -31.80
N SER D 721 -32.59 -40.77 -30.89
CA SER D 721 -32.14 -39.43 -31.22
C SER D 721 -30.78 -39.18 -30.59
N VAL D 722 -29.89 -38.53 -31.35
CA VAL D 722 -28.54 -38.24 -30.91
C VAL D 722 -28.47 -36.77 -30.50
N THR D 723 -28.14 -36.53 -29.23
CA THR D 723 -27.97 -35.18 -28.70
C THR D 723 -26.48 -34.84 -28.65
N THR D 724 -26.18 -33.55 -28.85
CA THR D 724 -24.81 -33.06 -28.89
C THR D 724 -24.59 -32.11 -27.73
N GLU D 725 -23.62 -32.43 -26.87
CA GLU D 725 -23.22 -31.57 -25.76
C GLU D 725 -21.79 -31.11 -25.99
N ILE D 726 -21.56 -29.81 -25.85
CA ILE D 726 -20.27 -29.19 -26.13
C ILE D 726 -19.65 -28.76 -24.82
N LEU D 727 -18.44 -29.25 -24.54
CA LEU D 727 -17.69 -28.88 -23.34
C LEU D 727 -16.26 -28.54 -23.74
N PRO D 728 -15.74 -27.37 -23.35
CA PRO D 728 -14.36 -27.03 -23.67
C PRO D 728 -13.38 -27.83 -22.82
N VAL D 729 -12.16 -27.96 -23.35
CA VAL D 729 -11.11 -28.72 -22.67
C VAL D 729 -9.93 -27.80 -22.34
N SER D 730 -9.33 -27.23 -23.37
CA SER D 730 -8.12 -26.41 -23.23
C SER D 730 -8.39 -24.99 -23.73
N MET D 731 -7.37 -24.14 -23.60
CA MET D 731 -7.43 -22.75 -24.04
C MET D 731 -6.24 -22.47 -24.93
N THR D 732 -6.07 -21.19 -25.29
CA THR D 732 -4.97 -20.75 -26.13
C THR D 732 -3.77 -20.44 -25.25
N LYS D 733 -2.65 -21.12 -25.51
CA LYS D 733 -1.43 -20.93 -24.74
C LYS D 733 -0.75 -19.64 -25.19
N THR D 734 -0.73 -18.64 -24.32
CA THR D 734 -0.11 -17.34 -24.62
C THR D 734 0.54 -16.82 -23.34
N SER D 735 1.86 -16.71 -23.35
CA SER D 735 2.62 -16.23 -22.20
C SER D 735 3.01 -14.77 -22.47
N VAL D 736 2.36 -13.85 -21.77
CA VAL D 736 2.63 -12.43 -21.92
C VAL D 736 3.85 -12.06 -21.07
N ASP D 737 4.90 -11.57 -21.72
CA ASP D 737 6.10 -11.18 -21.01
C ASP D 737 5.97 -9.77 -20.47
N CYS D 738 6.68 -9.49 -19.37
CA CYS D 738 6.68 -8.18 -18.76
C CYS D 738 7.98 -7.41 -18.98
N THR D 739 8.85 -7.90 -19.86
CA THR D 739 10.09 -7.21 -20.19
C THR D 739 10.03 -6.50 -21.53
N MET D 740 9.61 -7.21 -22.58
CA MET D 740 9.51 -6.61 -23.91
C MET D 740 8.26 -5.76 -24.05
N TYR D 741 7.17 -6.15 -23.38
CA TYR D 741 5.91 -5.43 -23.51
C TYR D 741 5.96 -4.09 -22.78
N ILE D 742 6.55 -4.06 -21.59
CA ILE D 742 6.65 -2.81 -20.84
C ILE D 742 7.75 -1.93 -21.41
N CYS D 743 8.94 -2.49 -21.59
CA CYS D 743 10.10 -1.77 -22.11
C CYS D 743 10.39 -2.28 -23.52
N GLY D 744 9.91 -1.55 -24.52
CA GLY D 744 10.15 -1.92 -25.90
C GLY D 744 11.43 -1.34 -26.48
N ASP D 745 12.48 -2.17 -26.50
CA ASP D 745 13.80 -1.81 -27.04
C ASP D 745 14.39 -0.57 -26.37
N SER D 746 14.52 -0.64 -25.04
CA SER D 746 15.04 0.47 -24.26
C SER D 746 16.01 -0.05 -23.20
N THR D 747 17.02 0.76 -22.88
CA THR D 747 18.02 0.40 -21.89
C THR D 747 17.73 1.00 -20.53
N GLU D 748 17.36 2.29 -20.48
CA GLU D 748 17.09 2.94 -19.20
C GLU D 748 15.74 2.54 -18.62
N CYS D 749 14.86 1.93 -19.42
CA CYS D 749 13.58 1.47 -18.92
C CYS D 749 13.74 0.26 -18.01
N SER D 750 14.74 -0.57 -18.27
CA SER D 750 14.96 -1.77 -17.45
C SER D 750 15.56 -1.45 -16.09
N ASN D 751 16.16 -0.27 -15.93
CA ASN D 751 16.71 0.11 -14.63
C ASN D 751 15.61 0.46 -13.64
N LEU D 752 14.52 1.08 -14.11
CA LEU D 752 13.40 1.40 -13.23
C LEU D 752 12.47 0.23 -13.02
N LEU D 753 12.51 -0.78 -13.90
CA LEU D 753 11.66 -1.95 -13.74
C LEU D 753 12.15 -2.86 -12.63
N LEU D 754 13.47 -2.97 -12.45
CA LEU D 754 14.04 -3.80 -11.41
C LEU D 754 13.94 -3.19 -10.02
N GLN D 755 13.62 -1.90 -9.92
CA GLN D 755 13.47 -1.27 -8.61
C GLN D 755 12.19 -1.68 -7.91
N TYR D 756 11.19 -2.18 -8.64
CA TYR D 756 9.96 -2.66 -8.02
C TYR D 756 10.14 -4.05 -7.41
N GLY D 757 11.18 -4.78 -7.77
CA GLY D 757 11.45 -6.07 -7.19
C GLY D 757 11.21 -7.24 -8.12
N SER D 758 10.51 -8.26 -7.61
CA SER D 758 10.26 -9.49 -8.36
C SER D 758 8.84 -9.52 -8.93
N PHE D 759 8.33 -8.37 -9.38
CA PHE D 759 6.98 -8.33 -9.95
C PHE D 759 6.94 -9.02 -11.31
N CYS D 760 7.94 -8.79 -12.14
CA CYS D 760 8.04 -9.49 -13.42
C CYS D 760 8.47 -10.94 -13.25
N THR D 761 9.12 -11.29 -12.13
CA THR D 761 9.49 -12.68 -11.87
C THR D 761 8.28 -13.52 -11.50
N GLN D 762 7.40 -12.99 -10.64
CA GLN D 762 6.23 -13.75 -10.21
C GLN D 762 5.14 -13.81 -11.27
N LEU D 763 5.14 -12.89 -12.23
CA LEU D 763 4.15 -12.94 -13.31
C LEU D 763 4.57 -13.90 -14.41
N ASN D 764 5.87 -13.98 -14.71
CA ASN D 764 6.34 -14.96 -15.69
C ASN D 764 6.31 -16.37 -15.12
N ARG D 765 6.44 -16.51 -13.79
CA ARG D 765 6.35 -17.83 -13.18
C ARG D 765 4.91 -18.31 -13.12
N ALA D 766 3.96 -17.39 -12.92
CA ALA D 766 2.56 -17.78 -12.85
C ALA D 766 2.01 -18.12 -14.22
N LEU D 767 2.38 -17.35 -15.25
CA LEU D 767 1.91 -17.63 -16.61
C LEU D 767 2.58 -18.85 -17.22
N THR D 768 3.74 -19.26 -16.70
CA THR D 768 4.36 -20.51 -17.14
C THR D 768 3.55 -21.71 -16.65
N GLY D 769 3.02 -21.64 -15.42
CA GLY D 769 2.19 -22.71 -14.89
C GLY D 769 0.84 -22.84 -15.55
N ILE D 770 0.37 -21.78 -16.21
CA ILE D 770 -0.87 -21.86 -16.97
C ILE D 770 -0.69 -22.74 -18.20
N ALA D 771 0.48 -22.65 -18.84
CA ALA D 771 0.78 -23.50 -19.99
C ALA D 771 0.92 -24.96 -19.60
N VAL D 772 1.38 -25.23 -18.37
CA VAL D 772 1.38 -26.60 -17.86
C VAL D 772 -0.04 -27.02 -17.48
N GLU D 773 -0.86 -26.06 -17.06
CA GLU D 773 -2.23 -26.37 -16.65
C GLU D 773 -3.10 -26.71 -17.86
N GLN D 774 -2.91 -26.01 -18.98
CA GLN D 774 -3.68 -26.30 -20.17
C GLN D 774 -3.26 -27.60 -20.84
N ASP D 775 -2.02 -28.05 -20.60
CA ASP D 775 -1.57 -29.33 -21.13
C ASP D 775 -1.91 -30.49 -20.21
N LYS D 776 -2.02 -30.24 -18.90
CA LYS D 776 -2.39 -31.30 -17.97
C LYS D 776 -3.87 -31.64 -18.07
N ASN D 777 -4.72 -30.64 -18.29
CA ASN D 777 -6.16 -30.88 -18.42
C ASN D 777 -6.50 -31.61 -19.71
N THR D 778 -5.67 -31.50 -20.75
CA THR D 778 -5.91 -32.27 -21.97
C THR D 778 -5.56 -33.74 -21.76
N GLN D 779 -4.51 -34.01 -20.98
CA GLN D 779 -4.13 -35.39 -20.70
C GLN D 779 -5.06 -36.09 -19.72
N GLU D 780 -5.76 -35.32 -18.87
CA GLU D 780 -6.70 -35.91 -17.93
C GLU D 780 -8.03 -36.27 -18.58
N VAL D 781 -8.28 -35.83 -19.82
CA VAL D 781 -9.53 -36.12 -20.52
C VAL D 781 -9.32 -37.14 -21.63
N PHE D 782 -8.43 -36.85 -22.59
CA PHE D 782 -8.25 -37.73 -23.73
C PHE D 782 -7.32 -38.89 -23.42
N ALA D 783 -6.17 -38.62 -22.79
CA ALA D 783 -5.17 -39.65 -22.52
C ALA D 783 -5.62 -40.46 -21.31
N GLN D 784 -6.46 -41.47 -21.56
CA GLN D 784 -6.94 -42.36 -20.53
C GLN D 784 -6.60 -43.83 -20.76
N VAL D 785 -6.42 -44.24 -22.01
CA VAL D 785 -6.08 -45.61 -22.35
C VAL D 785 -4.58 -45.68 -22.64
N LYS D 786 -4.01 -46.89 -22.56
CA LYS D 786 -2.60 -47.10 -22.80
C LYS D 786 -2.31 -47.91 -24.05
N GLN D 787 -3.35 -48.36 -24.77
CA GLN D 787 -3.20 -49.14 -25.99
C GLN D 787 -4.08 -48.56 -27.07
N ILE D 788 -3.52 -48.39 -28.26
CA ILE D 788 -4.25 -47.87 -29.41
C ILE D 788 -4.84 -49.03 -30.19
N TYR D 789 -6.17 -49.04 -30.31
CA TYR D 789 -6.90 -50.09 -31.01
C TYR D 789 -7.35 -49.57 -32.37
N LYS D 790 -7.05 -50.33 -33.42
CA LYS D 790 -7.40 -49.93 -34.78
C LYS D 790 -8.76 -50.52 -35.17
N THR D 791 -9.27 -50.05 -36.30
CA THR D 791 -10.56 -50.51 -36.80
C THR D 791 -10.40 -51.71 -37.71
N PRO D 792 -11.26 -52.71 -37.61
CA PRO D 792 -11.17 -53.88 -38.49
C PRO D 792 -11.65 -53.55 -39.89
N PRO D 793 -11.12 -54.23 -40.91
CA PRO D 793 -11.56 -53.94 -42.29
C PRO D 793 -12.95 -54.47 -42.60
N ILE D 794 -13.42 -55.49 -41.88
CA ILE D 794 -14.75 -56.06 -42.12
C ILE D 794 -15.78 -55.23 -41.35
N LYS D 795 -16.73 -54.66 -42.07
CA LYS D 795 -17.76 -53.80 -41.48
C LYS D 795 -19.08 -54.57 -41.46
N ASP D 796 -19.33 -55.27 -40.35
CA ASP D 796 -20.57 -56.02 -40.13
C ASP D 796 -21.05 -55.72 -38.72
N PHE D 797 -21.86 -54.67 -38.58
CA PHE D 797 -22.38 -54.25 -37.28
C PHE D 797 -23.89 -54.39 -37.16
N GLY D 798 -24.52 -55.05 -38.12
CA GLY D 798 -25.96 -55.26 -38.07
C GLY D 798 -26.77 -54.10 -38.62
N GLY D 799 -26.31 -53.52 -39.73
CA GLY D 799 -27.01 -52.43 -40.36
C GLY D 799 -26.60 -51.05 -39.89
N PHE D 800 -25.89 -50.94 -38.77
CA PHE D 800 -25.46 -49.65 -38.26
C PHE D 800 -24.27 -49.15 -39.08
N ASN D 801 -24.46 -48.01 -39.75
CA ASN D 801 -23.43 -47.44 -40.62
C ASN D 801 -22.67 -46.37 -39.83
N PHE D 802 -21.36 -46.57 -39.69
CA PHE D 802 -20.49 -45.63 -38.99
C PHE D 802 -19.52 -44.92 -39.95
N SER D 803 -19.91 -44.78 -41.22
CA SER D 803 -19.01 -44.20 -42.21
C SER D 803 -18.82 -42.70 -42.06
N GLN D 804 -19.74 -42.02 -41.37
CA GLN D 804 -19.62 -40.59 -41.15
C GLN D 804 -18.74 -40.23 -39.97
N ILE D 805 -18.43 -41.18 -39.10
CA ILE D 805 -17.59 -40.92 -37.93
C ILE D 805 -16.26 -41.62 -37.98
N LEU D 806 -16.05 -42.54 -38.91
CA LEU D 806 -14.75 -43.20 -39.03
C LEU D 806 -13.74 -42.25 -39.67
N PRO D 807 -12.49 -42.23 -39.20
CA PRO D 807 -11.51 -41.31 -39.78
C PRO D 807 -11.04 -41.76 -41.15
N ASP D 808 -10.88 -40.78 -42.05
CA ASP D 808 -10.45 -41.05 -43.40
C ASP D 808 -8.94 -40.98 -43.49
N PRO D 809 -8.24 -42.08 -43.80
CA PRO D 809 -6.77 -42.03 -43.86
C PRO D 809 -6.22 -41.37 -45.11
N SER D 810 -7.06 -41.05 -46.10
CA SER D 810 -6.58 -40.40 -47.31
C SER D 810 -6.28 -38.92 -47.07
N LYS D 811 -7.08 -38.26 -46.24
CA LYS D 811 -6.86 -36.85 -45.94
C LYS D 811 -5.71 -36.67 -44.95
N SER D 813 -2.97 -37.39 -40.61
CA SER D 813 -4.12 -36.70 -40.05
C SER D 813 -5.41 -37.43 -40.41
N LYS D 814 -5.69 -38.53 -39.71
CA LYS D 814 -6.89 -39.32 -39.95
C LYS D 814 -8.07 -38.61 -39.31
N ARG D 815 -8.90 -37.99 -40.14
CA ARG D 815 -10.07 -37.24 -39.67
C ARG D 815 -11.32 -37.74 -40.39
N SER D 816 -12.46 -37.62 -39.71
CA SER D 816 -13.73 -38.07 -40.26
C SER D 816 -14.38 -36.92 -41.03
N PHE D 817 -15.65 -37.10 -41.42
CA PHE D 817 -16.34 -36.08 -42.19
C PHE D 817 -16.95 -35.01 -41.28
N ILE D 818 -17.38 -35.41 -40.08
CA ILE D 818 -17.97 -34.43 -39.16
C ILE D 818 -16.89 -33.55 -38.54
N GLU D 819 -15.70 -34.13 -38.31
CA GLU D 819 -14.60 -33.37 -37.70
C GLU D 819 -14.01 -32.35 -38.66
N ASP D 820 -14.16 -32.54 -39.98
CA ASP D 820 -13.71 -31.52 -40.92
C ASP D 820 -14.63 -30.30 -40.92
N LEU D 821 -15.92 -30.49 -40.60
CA LEU D 821 -16.85 -29.39 -40.52
C LEU D 821 -16.75 -28.62 -39.21
N LEU D 822 -16.22 -29.25 -38.16
CA LEU D 822 -16.06 -28.55 -36.88
C LEU D 822 -14.90 -27.57 -36.91
N PHE D 823 -13.93 -27.79 -37.79
CA PHE D 823 -12.78 -26.89 -37.88
C PHE D 823 -13.11 -25.62 -38.65
N ASN D 824 -14.03 -25.69 -39.61
CA ASN D 824 -14.38 -24.52 -40.41
C ASN D 824 -15.36 -23.59 -39.70
N LYS D 825 -16.13 -24.09 -38.75
CA LYS D 825 -17.11 -23.29 -38.03
C LYS D 825 -16.54 -22.62 -36.79
N VAL D 826 -15.26 -22.85 -36.48
CA VAL D 826 -14.61 -22.25 -35.32
C VAL D 826 -13.50 -21.33 -35.85
N THR D 827 -13.65 -20.04 -35.63
CA THR D 827 -12.65 -19.06 -36.08
C THR D 827 -11.84 -18.52 -34.91
N PHE D 855 4.20 -9.62 -31.61
CA PHE D 855 4.84 -8.42 -32.13
C PHE D 855 5.55 -7.66 -31.01
N ASN D 856 4.76 -7.21 -30.02
CA ASN D 856 5.29 -6.47 -28.88
C ASN D 856 5.44 -7.34 -27.64
N GLY D 857 5.77 -8.62 -27.83
CA GLY D 857 5.92 -9.54 -26.73
C GLY D 857 4.86 -10.61 -26.62
N LEU D 858 3.96 -10.72 -27.61
CA LEU D 858 2.90 -11.73 -27.59
C LEU D 858 3.49 -13.05 -28.05
N THR D 859 3.98 -13.84 -27.10
CA THR D 859 4.57 -15.14 -27.38
C THR D 859 3.44 -16.15 -27.50
N VAL D 860 2.94 -16.31 -28.73
CA VAL D 860 1.86 -17.26 -29.00
C VAL D 860 2.45 -18.67 -29.01
N LEU D 861 2.29 -19.39 -27.90
CA LEU D 861 2.88 -20.72 -27.78
C LEU D 861 2.00 -21.75 -28.48
N PRO D 862 2.59 -22.68 -29.24
CA PRO D 862 1.80 -23.73 -29.85
C PRO D 862 1.38 -24.75 -28.82
N PRO D 863 0.25 -25.43 -29.03
CA PRO D 863 -0.19 -26.45 -28.07
C PRO D 863 0.67 -27.71 -28.14
N LEU D 864 0.63 -28.48 -27.05
CA LEU D 864 1.37 -29.73 -27.01
C LEU D 864 0.74 -30.79 -27.90
N LEU D 865 -0.59 -30.84 -27.93
CA LEU D 865 -1.33 -31.80 -28.74
C LEU D 865 -2.10 -31.03 -29.80
N THR D 866 -1.65 -31.11 -31.05
CA THR D 866 -2.28 -30.39 -32.15
C THR D 866 -3.53 -31.13 -32.63
N ASP D 867 -4.15 -30.59 -33.68
CA ASP D 867 -5.43 -31.13 -34.16
C ASP D 867 -5.28 -32.46 -34.86
N GLU D 868 -4.07 -32.84 -35.28
CA GLU D 868 -3.85 -34.14 -35.93
C GLU D 868 -3.83 -35.30 -34.93
N MET D 869 -3.71 -35.02 -33.63
CA MET D 869 -3.70 -36.08 -32.62
C MET D 869 -4.96 -36.12 -31.76
N ILE D 870 -5.77 -35.06 -31.76
CA ILE D 870 -7.05 -35.10 -31.06
C ILE D 870 -8.02 -36.02 -31.80
N ALA D 871 -7.95 -36.02 -33.14
CA ALA D 871 -8.78 -36.93 -33.92
C ALA D 871 -8.33 -38.38 -33.77
N GLN D 872 -7.03 -38.60 -33.50
CA GLN D 872 -6.54 -39.94 -33.22
C GLN D 872 -6.90 -40.40 -31.80
N TYR D 873 -7.09 -39.46 -30.87
CA TYR D 873 -7.57 -39.83 -29.55
C TYR D 873 -9.03 -40.24 -29.58
N THR D 874 -9.84 -39.56 -30.39
CA THR D 874 -11.24 -39.95 -30.54
C THR D 874 -11.39 -41.23 -31.37
N SER D 875 -10.44 -41.49 -32.28
CA SER D 875 -10.49 -42.72 -33.05
C SER D 875 -10.09 -43.92 -32.20
N ALA D 876 -9.28 -43.70 -31.17
CA ALA D 876 -8.94 -44.79 -30.25
C ALA D 876 -10.12 -45.14 -29.35
N LEU D 877 -10.94 -44.16 -28.99
CA LEU D 877 -12.15 -44.40 -28.22
C LEU D 877 -13.32 -44.84 -29.07
N LEU D 878 -13.28 -44.57 -30.38
CA LEU D 878 -14.34 -45.04 -31.27
C LEU D 878 -14.20 -46.54 -31.53
N ALA D 879 -12.98 -46.98 -31.86
CA ALA D 879 -12.74 -48.41 -32.07
C ALA D 879 -12.68 -49.19 -30.76
N GLY D 880 -12.38 -48.53 -29.65
CA GLY D 880 -12.31 -49.20 -28.37
C GLY D 880 -13.68 -49.49 -27.79
N THR D 881 -14.65 -48.59 -28.03
CA THR D 881 -15.98 -48.78 -27.47
C THR D 881 -16.77 -49.81 -28.27
N ILE D 882 -16.62 -49.80 -29.60
CA ILE D 882 -17.42 -50.68 -30.45
C ILE D 882 -16.88 -52.10 -30.44
N THR D 883 -15.58 -52.26 -30.70
CA THR D 883 -14.99 -53.59 -30.84
C THR D 883 -14.69 -54.24 -29.49
N SER D 884 -13.95 -53.53 -28.62
CA SER D 884 -13.52 -54.10 -27.35
C SER D 884 -14.53 -53.87 -26.22
N GLY D 885 -15.66 -53.22 -26.52
CA GLY D 885 -16.68 -53.03 -25.49
C GLY D 885 -16.30 -51.95 -24.51
N TRP D 886 -16.54 -52.23 -23.23
CA TRP D 886 -16.22 -51.30 -22.15
C TRP D 886 -15.11 -51.79 -21.24
N THR D 887 -14.48 -52.91 -21.55
CA THR D 887 -13.43 -53.48 -20.73
C THR D 887 -12.04 -53.02 -21.15
N PHE D 888 -11.95 -52.12 -22.13
CA PHE D 888 -10.63 -51.64 -22.56
C PHE D 888 -10.05 -50.65 -21.56
N GLY D 889 -10.90 -49.87 -20.89
CA GLY D 889 -10.44 -48.99 -19.83
C GLY D 889 -10.36 -49.63 -18.47
N ALA D 890 -10.93 -50.82 -18.31
CA ALA D 890 -10.90 -51.56 -17.05
C ALA D 890 -9.83 -52.65 -17.03
N GLY D 891 -9.64 -53.35 -18.13
CA GLY D 891 -8.66 -54.42 -18.21
C GLY D 891 -8.16 -54.61 -19.62
N ALA D 892 -8.02 -55.86 -20.03
CA ALA D 892 -7.53 -56.17 -21.37
C ALA D 892 -8.65 -56.00 -22.40
N ALA D 893 -8.29 -56.12 -23.67
CA ALA D 893 -9.24 -55.97 -24.76
C ALA D 893 -10.04 -57.26 -24.92
N LEU D 894 -11.37 -57.16 -24.74
CA LEU D 894 -12.28 -58.29 -24.86
C LEU D 894 -13.21 -58.03 -26.04
N GLN D 895 -13.10 -58.84 -27.08
CA GLN D 895 -13.91 -58.63 -28.28
C GLN D 895 -15.37 -59.03 -28.03
N ILE D 896 -16.27 -58.26 -28.62
CA ILE D 896 -17.70 -58.43 -28.43
C ILE D 896 -18.41 -57.84 -29.64
N PRO D 897 -19.40 -58.52 -30.22
CA PRO D 897 -20.14 -57.95 -31.36
C PRO D 897 -20.99 -56.76 -30.94
N PHE D 898 -21.28 -55.90 -31.92
CA PHE D 898 -22.04 -54.68 -31.66
C PHE D 898 -23.51 -54.97 -31.40
N ALA D 899 -24.05 -56.07 -31.94
CA ALA D 899 -25.43 -56.43 -31.70
C ALA D 899 -25.67 -56.93 -30.29
N MET D 900 -24.63 -57.46 -29.63
CA MET D 900 -24.75 -57.93 -28.26
C MET D 900 -24.34 -56.87 -27.25
N GLN D 901 -23.48 -55.92 -27.64
CA GLN D 901 -23.06 -54.86 -26.72
C GLN D 901 -24.19 -53.86 -26.49
N MET D 902 -24.96 -53.55 -27.53
CA MET D 902 -26.10 -52.65 -27.37
C MET D 902 -27.22 -53.29 -26.57
N ALA D 903 -27.31 -54.62 -26.58
CA ALA D 903 -28.28 -55.31 -25.75
C ALA D 903 -27.84 -55.33 -24.29
N TYR D 904 -26.54 -55.23 -24.03
CA TYR D 904 -26.06 -55.19 -22.65
C TYR D 904 -26.30 -53.83 -22.01
N ARG D 905 -26.40 -52.77 -22.81
CA ARG D 905 -26.69 -51.45 -22.28
C ARG D 905 -28.14 -51.31 -21.85
N PHE D 906 -29.02 -52.18 -22.36
CA PHE D 906 -30.43 -52.13 -21.98
C PHE D 906 -30.65 -52.64 -20.56
N ASN D 907 -29.80 -53.56 -20.09
CA ASN D 907 -29.99 -54.14 -18.77
C ASN D 907 -29.61 -53.19 -17.64
N GLY D 908 -28.81 -52.16 -17.92
CA GLY D 908 -28.44 -51.21 -16.89
C GLY D 908 -29.51 -50.21 -16.55
N ILE D 909 -30.50 -50.03 -17.43
CA ILE D 909 -31.60 -49.09 -17.20
C ILE D 909 -32.93 -49.78 -16.97
N GLY D 910 -33.00 -51.09 -17.10
CA GLY D 910 -34.22 -51.83 -16.88
C GLY D 910 -34.97 -52.25 -18.12
N VAL D 911 -34.28 -52.46 -19.24
CA VAL D 911 -34.91 -52.87 -20.50
C VAL D 911 -34.41 -54.27 -20.83
N THR D 912 -35.33 -55.16 -21.18
CA THR D 912 -34.97 -56.51 -21.58
C THR D 912 -34.28 -56.49 -22.93
N GLN D 913 -33.28 -57.38 -23.11
CA GLN D 913 -32.44 -57.39 -24.28
C GLN D 913 -33.10 -58.02 -25.52
N ASN D 914 -34.35 -58.49 -25.41
CA ASN D 914 -35.02 -59.09 -26.55
C ASN D 914 -35.63 -58.07 -27.50
N VAL D 915 -35.56 -56.78 -27.18
CA VAL D 915 -36.13 -55.76 -28.05
C VAL D 915 -35.24 -55.53 -29.26
N LEU D 916 -33.93 -55.46 -29.05
CA LEU D 916 -33.01 -55.21 -30.16
C LEU D 916 -32.83 -56.45 -31.04
N TYR D 917 -32.98 -57.64 -30.46
CA TYR D 917 -32.81 -58.87 -31.24
C TYR D 917 -34.00 -59.15 -32.15
N GLU D 918 -35.18 -58.60 -31.85
CA GLU D 918 -36.36 -58.78 -32.68
C GLU D 918 -36.66 -57.57 -33.55
N ASN D 919 -36.10 -56.40 -33.24
CA ASN D 919 -36.30 -55.18 -34.00
C ASN D 919 -34.96 -54.58 -34.40
N GLN D 920 -34.09 -55.42 -34.96
CA GLN D 920 -32.75 -54.98 -35.35
C GLN D 920 -32.80 -54.06 -36.56
N LYS D 921 -33.72 -54.30 -37.48
CA LYS D 921 -33.85 -53.45 -38.66
C LYS D 921 -34.50 -52.10 -38.35
N LEU D 922 -35.22 -51.99 -37.23
CA LEU D 922 -35.87 -50.72 -36.90
C LEU D 922 -34.91 -49.75 -36.24
N ILE D 923 -34.05 -50.24 -35.36
CA ILE D 923 -33.11 -49.35 -34.65
C ILE D 923 -31.97 -48.95 -35.59
N ALA D 924 -31.61 -49.82 -36.53
CA ALA D 924 -30.50 -49.53 -37.45
C ALA D 924 -30.88 -48.46 -38.46
N ASN D 925 -32.18 -48.33 -38.78
CA ASN D 925 -32.62 -47.28 -39.69
C ASN D 925 -32.80 -45.94 -38.98
N GLN D 926 -33.12 -45.97 -37.70
CA GLN D 926 -33.29 -44.72 -36.95
C GLN D 926 -31.95 -44.18 -36.44
N PHE D 927 -30.95 -45.05 -36.27
CA PHE D 927 -29.65 -44.58 -35.80
C PHE D 927 -28.89 -43.87 -36.91
N ASN D 928 -29.01 -44.34 -38.15
CA ASN D 928 -28.32 -43.70 -39.26
C ASN D 928 -28.96 -42.37 -39.64
N SER D 929 -30.27 -42.22 -39.39
CA SER D 929 -30.94 -40.95 -39.67
C SER D 929 -30.65 -39.90 -38.61
N ALA D 930 -30.27 -40.34 -37.41
CA ALA D 930 -29.98 -39.38 -36.34
C ALA D 930 -28.60 -38.75 -36.48
N ILE D 931 -27.66 -39.45 -37.13
CA ILE D 931 -26.34 -38.87 -37.36
C ILE D 931 -26.42 -37.81 -38.45
N GLY D 932 -27.29 -38.01 -39.44
CA GLY D 932 -27.49 -37.03 -40.49
C GLY D 932 -28.13 -35.73 -40.03
N LYS D 933 -28.89 -35.78 -38.92
CA LYS D 933 -29.45 -34.56 -38.36
C LYS D 933 -28.40 -33.73 -37.64
N ILE D 934 -27.28 -34.34 -37.24
CA ILE D 934 -26.20 -33.59 -36.59
C ILE D 934 -25.47 -32.74 -37.61
N GLN D 935 -25.24 -33.27 -38.81
CA GLN D 935 -24.56 -32.51 -39.85
C GLN D 935 -25.43 -31.39 -40.41
N ASP D 936 -26.75 -31.57 -40.38
CA ASP D 936 -27.66 -30.51 -40.81
C ASP D 936 -27.83 -29.42 -39.76
N SER D 937 -27.50 -29.71 -38.50
CA SER D 937 -27.62 -28.71 -37.44
C SER D 937 -26.33 -27.94 -37.20
N LEU D 938 -25.21 -28.39 -37.74
CA LEU D 938 -23.93 -27.71 -37.59
C LEU D 938 -23.51 -26.94 -38.82
N SER D 939 -23.83 -27.44 -40.02
CA SER D 939 -23.47 -26.74 -41.24
C SER D 939 -24.44 -25.62 -41.56
N SER D 940 -25.74 -25.88 -41.44
CA SER D 940 -26.74 -24.87 -41.73
C SER D 940 -26.87 -23.87 -40.58
N THR D 941 -27.03 -24.36 -39.37
CA THR D 941 -27.18 -23.51 -38.18
C THR D 941 -25.80 -23.30 -37.58
N ALA D 942 -25.28 -22.07 -37.69
CA ALA D 942 -23.95 -21.75 -37.18
C ALA D 942 -23.95 -21.43 -35.69
N SER D 943 -25.12 -21.27 -35.08
CA SER D 943 -25.21 -20.95 -33.66
C SER D 943 -25.24 -22.19 -32.76
N ALA D 944 -25.08 -23.38 -33.34
CA ALA D 944 -25.05 -24.60 -32.53
C ALA D 944 -23.72 -24.76 -31.81
N LEU D 945 -22.65 -24.18 -32.35
CA LEU D 945 -21.33 -24.23 -31.75
C LEU D 945 -20.99 -22.94 -31.01
N GLY D 946 -22.00 -22.33 -30.37
CA GLY D 946 -21.77 -21.09 -29.64
C GLY D 946 -21.00 -21.25 -28.35
N LYS D 947 -20.92 -22.48 -27.83
CA LYS D 947 -20.13 -22.70 -26.61
C LYS D 947 -18.64 -22.66 -26.91
N LEU D 948 -18.22 -23.28 -28.01
CA LEU D 948 -16.82 -23.16 -28.43
C LEU D 948 -16.51 -21.77 -29.00
N GLN D 949 -17.52 -21.11 -29.55
CA GLN D 949 -17.32 -19.76 -30.08
C GLN D 949 -17.12 -18.75 -28.96
N ASP D 950 -17.70 -19.00 -27.79
CA ASP D 950 -17.54 -18.10 -26.65
C ASP D 950 -16.12 -18.18 -26.08
N VAL D 951 -15.46 -19.33 -26.22
CA VAL D 951 -14.08 -19.46 -25.76
C VAL D 951 -13.13 -18.68 -26.66
N VAL D 952 -13.39 -18.69 -27.97
CA VAL D 952 -12.55 -17.94 -28.90
C VAL D 952 -12.82 -16.44 -28.76
N ASN D 953 -14.07 -16.06 -28.53
CA ASN D 953 -14.41 -14.65 -28.39
C ASN D 953 -13.87 -14.06 -27.09
N GLN D 954 -13.80 -14.86 -26.02
CA GLN D 954 -13.22 -14.37 -24.78
C GLN D 954 -11.70 -14.35 -24.82
N ASN D 955 -11.08 -15.06 -25.77
CA ASN D 955 -9.64 -15.02 -25.95
C ASN D 955 -9.20 -13.99 -26.99
N ALA D 956 -10.06 -13.71 -27.97
CA ALA D 956 -9.73 -12.68 -28.96
C ALA D 956 -9.87 -11.28 -28.36
N GLN D 957 -10.90 -11.06 -27.55
CA GLN D 957 -11.05 -9.77 -26.87
C GLN D 957 -10.03 -9.58 -25.76
N ALA D 958 -9.52 -10.67 -25.18
CA ALA D 958 -8.45 -10.55 -24.20
C ALA D 958 -7.13 -10.20 -24.89
N LEU D 959 -6.95 -10.65 -26.12
CA LEU D 959 -5.77 -10.30 -26.92
C LEU D 959 -5.93 -8.98 -27.66
N ASN D 960 -7.06 -8.29 -27.48
CA ASN D 960 -7.26 -6.97 -28.06
C ASN D 960 -7.48 -5.88 -27.02
N THR D 961 -7.64 -6.24 -25.74
CA THR D 961 -7.79 -5.23 -24.70
C THR D 961 -6.46 -4.86 -24.08
N LEU D 962 -5.59 -5.85 -23.85
CA LEU D 962 -4.30 -5.58 -23.22
C LEU D 962 -3.33 -4.91 -24.18
N VAL D 963 -3.33 -5.36 -25.45
CA VAL D 963 -2.35 -4.84 -26.41
C VAL D 963 -2.71 -3.44 -26.87
N LYS D 964 -4.00 -3.09 -26.86
CA LYS D 964 -4.41 -1.74 -27.26
C LYS D 964 -4.19 -0.69 -26.17
N GLN D 965 -3.71 -1.09 -24.99
CA GLN D 965 -3.38 -0.14 -23.94
C GLN D 965 -2.02 0.52 -24.14
N LEU D 966 -1.25 0.11 -25.17
CA LEU D 966 0.02 0.75 -25.45
C LEU D 966 -0.15 2.14 -26.04
N SER D 967 -1.30 2.44 -26.63
CA SER D 967 -1.61 3.76 -27.16
C SER D 967 -2.19 4.70 -26.12
N SER D 968 -2.26 4.27 -24.86
CA SER D 968 -2.77 5.10 -23.78
C SER D 968 -1.64 5.95 -23.21
N ASN D 969 -1.98 7.19 -22.83
CA ASN D 969 -0.99 8.10 -22.30
C ASN D 969 -0.67 7.82 -20.83
N PHE D 970 -1.62 7.23 -20.10
CA PHE D 970 -1.52 6.94 -18.66
C PHE D 970 -1.23 8.20 -17.84
N GLY D 971 -1.87 9.31 -18.22
CA GLY D 971 -1.67 10.57 -17.54
C GLY D 971 -0.49 11.39 -18.02
N ALA D 972 0.32 10.86 -18.94
CA ALA D 972 1.47 11.58 -19.44
C ALA D 972 1.11 12.35 -20.71
N ILE D 973 2.11 13.03 -21.29
CA ILE D 973 1.89 13.82 -22.49
C ILE D 973 1.99 13.00 -23.77
N SER D 974 2.49 11.77 -23.69
CA SER D 974 2.62 10.93 -24.88
C SER D 974 2.41 9.48 -24.49
N SER D 975 2.21 8.63 -25.50
CA SER D 975 1.96 7.21 -25.30
C SER D 975 3.11 6.32 -25.74
N VAL D 976 3.88 6.73 -26.74
CA VAL D 976 5.01 5.93 -27.22
C VAL D 976 6.16 6.09 -26.24
N LEU D 977 6.79 4.97 -25.87
CA LEU D 977 7.88 5.00 -24.91
C LEU D 977 9.14 5.62 -25.50
N ASN D 978 9.35 5.48 -26.81
CA ASN D 978 10.54 6.03 -27.44
C ASN D 978 10.47 7.55 -27.60
N ASP D 979 9.27 8.13 -27.58
CA ASP D 979 9.15 9.57 -27.74
C ASP D 979 9.41 10.32 -26.44
N ILE D 980 8.98 9.75 -25.31
CA ILE D 980 9.19 10.41 -24.03
C ILE D 980 10.65 10.31 -23.60
N LEU D 981 11.37 9.29 -24.07
CA LEU D 981 12.79 9.17 -23.78
C LEU D 981 13.62 10.24 -24.50
N SER D 982 13.10 10.80 -25.59
CA SER D 982 13.80 11.83 -26.35
C SER D 982 13.18 13.21 -26.17
N ARG D 983 12.27 13.37 -25.20
CA ARG D 983 11.63 14.65 -24.94
C ARG D 983 11.71 15.10 -23.49
N LEU D 984 12.41 14.36 -22.62
CA LEU D 984 12.54 14.72 -21.23
C LEU D 984 13.97 14.46 -20.77
N ASP D 985 14.35 15.18 -19.70
CA ASP D 985 15.65 14.96 -19.09
C ASP D 985 15.64 13.64 -18.31
N PRO D 986 16.79 12.98 -18.19
CA PRO D 986 16.87 11.73 -17.40
C PRO D 986 16.59 11.93 -15.91
N PRO D 987 16.86 13.10 -15.30
CA PRO D 987 16.19 13.35 -14.00
C PRO D 987 14.70 13.65 -14.13
N GLU D 988 14.25 14.24 -15.24
CA GLU D 988 12.85 14.61 -15.38
C GLU D 988 11.98 13.41 -15.75
N ALA D 989 12.54 12.44 -16.47
CA ALA D 989 11.77 11.29 -16.95
C ALA D 989 11.61 10.18 -15.91
N GLU D 990 11.93 10.44 -14.64
CA GLU D 990 11.72 9.46 -13.59
C GLU D 990 10.31 9.50 -13.01
N VAL D 991 9.45 10.38 -13.51
CA VAL D 991 8.08 10.53 -13.02
C VAL D 991 7.07 10.07 -14.07
N GLN D 992 7.25 10.49 -15.32
CA GLN D 992 6.27 10.17 -16.36
C GLN D 992 6.38 8.72 -16.80
N ILE D 993 7.60 8.18 -16.90
CA ILE D 993 7.77 6.77 -17.23
C ILE D 993 7.40 5.89 -16.04
N ASP D 994 7.52 6.43 -14.82
CA ASP D 994 7.09 5.69 -13.63
C ASP D 994 5.58 5.53 -13.60
N ARG D 995 4.84 6.47 -14.20
CA ARG D 995 3.41 6.27 -14.37
C ARG D 995 3.11 5.26 -15.47
N LEU D 996 4.04 5.08 -16.41
CA LEU D 996 3.85 4.11 -17.48
C LEU D 996 4.15 2.69 -17.02
N ILE D 997 5.17 2.52 -16.17
CA ILE D 997 5.50 1.20 -15.66
C ILE D 997 4.44 0.73 -14.67
N THR D 998 4.02 1.60 -13.76
CA THR D 998 2.97 1.25 -12.81
C THR D 998 1.60 1.16 -13.51
N GLY D 999 1.41 1.94 -14.57
CA GLY D 999 0.14 1.89 -15.29
C GLY D 999 -0.02 0.64 -16.12
N ARG D 1000 1.06 0.19 -16.76
CA ARG D 1000 0.99 -1.04 -17.55
C ARG D 1000 0.98 -2.27 -16.66
N LEU D 1001 1.58 -2.18 -15.47
CA LEU D 1001 1.54 -3.30 -14.53
C LEU D 1001 0.14 -3.52 -13.96
N GLN D 1002 -0.62 -2.44 -13.78
CA GLN D 1002 -2.02 -2.59 -13.39
C GLN D 1002 -2.85 -3.18 -14.52
N SER D 1003 -2.51 -2.87 -15.77
CA SER D 1003 -3.18 -3.50 -16.90
C SER D 1003 -2.73 -4.93 -17.10
N LEU D 1004 -1.49 -5.25 -16.72
CA LEU D 1004 -1.01 -6.63 -16.83
C LEU D 1004 -1.62 -7.51 -15.74
N GLN D 1005 -1.71 -6.99 -14.50
CA GLN D 1005 -2.33 -7.75 -13.43
C GLN D 1005 -3.83 -7.88 -13.61
N THR D 1006 -4.47 -6.97 -14.35
CA THR D 1006 -5.86 -7.15 -14.72
C THR D 1006 -6.01 -8.28 -15.72
N TYR D 1007 -5.02 -8.44 -16.61
CA TYR D 1007 -5.04 -9.55 -17.57
C TYR D 1007 -4.78 -10.88 -16.89
N VAL D 1008 -4.00 -10.89 -15.81
CA VAL D 1008 -3.80 -12.12 -15.03
C VAL D 1008 -5.09 -12.50 -14.30
N THR D 1009 -5.83 -11.49 -13.81
CA THR D 1009 -7.08 -11.76 -13.11
C THR D 1009 -8.16 -12.24 -14.08
N GLN D 1010 -8.21 -11.67 -15.29
CA GLN D 1010 -9.23 -12.05 -16.26
C GLN D 1010 -8.95 -13.40 -16.91
N GLN D 1011 -7.71 -13.90 -16.85
CA GLN D 1011 -7.36 -15.16 -17.49
C GLN D 1011 -7.29 -16.33 -16.53
N LEU D 1012 -6.83 -16.10 -15.29
CA LEU D 1012 -6.70 -17.21 -14.34
C LEU D 1012 -8.06 -17.67 -13.82
N ILE D 1013 -9.01 -16.74 -13.68
CA ILE D 1013 -10.37 -17.14 -13.31
C ILE D 1013 -11.08 -17.78 -14.50
N ARG D 1014 -10.78 -17.32 -15.72
CA ARG D 1014 -11.31 -17.96 -16.92
C ARG D 1014 -10.69 -19.33 -17.14
N ALA D 1015 -9.43 -19.52 -16.73
CA ALA D 1015 -8.80 -20.84 -16.83
C ALA D 1015 -9.40 -21.82 -15.85
N ALA D 1016 -9.88 -21.34 -14.69
CA ALA D 1016 -10.57 -22.20 -13.75
C ALA D 1016 -11.98 -22.55 -14.21
N GLU D 1017 -12.57 -21.76 -15.11
CA GLU D 1017 -13.87 -22.09 -15.65
C GLU D 1017 -13.78 -23.18 -16.71
N ILE D 1018 -12.72 -23.14 -17.53
CA ILE D 1018 -12.51 -24.20 -18.52
C ILE D 1018 -12.04 -25.48 -17.84
N ARG D 1019 -11.25 -25.35 -16.77
CA ARG D 1019 -10.83 -26.52 -16.01
C ARG D 1019 -12.00 -27.17 -15.26
N ALA D 1020 -12.96 -26.37 -14.82
CA ALA D 1020 -14.20 -26.92 -14.27
C ALA D 1020 -15.02 -27.60 -15.35
N SER D 1021 -14.94 -27.11 -16.59
CA SER D 1021 -15.57 -27.79 -17.71
C SER D 1021 -14.74 -28.98 -18.19
N ALA D 1022 -13.42 -28.93 -17.97
CA ALA D 1022 -12.57 -30.06 -18.32
C ALA D 1022 -12.76 -31.23 -17.36
N ASN D 1023 -13.03 -30.93 -16.08
CA ASN D 1023 -13.38 -31.99 -15.14
C ASN D 1023 -14.76 -32.55 -15.44
N LEU D 1024 -15.67 -31.72 -15.96
CA LEU D 1024 -16.96 -32.22 -16.42
C LEU D 1024 -16.82 -33.02 -17.70
N ALA D 1025 -15.88 -32.62 -18.58
CA ALA D 1025 -15.65 -33.38 -19.80
C ALA D 1025 -14.93 -34.70 -19.51
N ALA D 1026 -14.08 -34.73 -18.49
CA ALA D 1026 -13.45 -35.98 -18.08
C ALA D 1026 -14.45 -36.90 -17.38
N THR D 1027 -15.46 -36.33 -16.73
CA THR D 1027 -16.50 -37.15 -16.12
C THR D 1027 -17.44 -37.72 -17.18
N LYS D 1028 -17.69 -36.96 -18.25
CA LYS D 1028 -18.53 -37.40 -19.35
C LYS D 1028 -17.76 -38.13 -20.44
N MET D 1029 -16.55 -38.58 -20.14
CA MET D 1029 -15.78 -39.44 -21.02
C MET D 1029 -15.32 -40.72 -20.34
N SER D 1030 -14.99 -40.65 -19.05
CA SER D 1030 -14.65 -41.86 -18.32
C SER D 1030 -15.89 -42.68 -17.94
N GLU D 1031 -17.06 -42.05 -17.91
CA GLU D 1031 -18.31 -42.71 -17.56
C GLU D 1031 -19.33 -42.73 -18.69
N CYS D 1032 -19.56 -41.58 -19.34
CA CYS D 1032 -20.54 -41.50 -20.40
C CYS D 1032 -20.06 -42.13 -21.71
N VAL D 1033 -18.75 -42.25 -21.91
CA VAL D 1033 -18.18 -42.82 -23.12
C VAL D 1033 -17.59 -44.19 -22.87
N LEU D 1034 -16.76 -44.32 -21.84
CA LEU D 1034 -16.07 -45.57 -21.53
C LEU D 1034 -16.98 -46.62 -20.92
N GLY D 1035 -18.20 -46.27 -20.52
CA GLY D 1035 -19.11 -47.23 -19.95
C GLY D 1035 -20.54 -46.76 -20.05
N GLN D 1036 -21.40 -47.39 -19.27
CA GLN D 1036 -22.82 -47.04 -19.21
C GLN D 1036 -23.07 -46.24 -17.94
N SER D 1037 -23.72 -45.08 -18.10
CA SER D 1037 -24.02 -44.19 -16.98
C SER D 1037 -25.39 -44.56 -16.42
N LYS D 1038 -25.41 -45.10 -15.21
CA LYS D 1038 -26.66 -45.45 -14.54
C LYS D 1038 -27.36 -44.22 -13.95
N ARG D 1039 -26.69 -43.08 -13.90
CA ARG D 1039 -27.31 -41.85 -13.41
C ARG D 1039 -28.30 -41.32 -14.46
N VAL D 1040 -29.52 -41.05 -14.02
CA VAL D 1040 -30.58 -40.62 -14.94
C VAL D 1040 -30.36 -39.17 -15.32
N ASP D 1041 -30.25 -38.92 -16.63
CA ASP D 1041 -30.09 -37.58 -17.23
C ASP D 1041 -28.85 -36.86 -16.69
N PHE D 1042 -27.69 -37.46 -16.96
CA PHE D 1042 -26.40 -36.89 -16.58
C PHE D 1042 -25.67 -36.24 -17.75
N CYS D 1043 -25.44 -36.99 -18.83
CA CYS D 1043 -24.79 -36.45 -20.02
C CYS D 1043 -25.75 -36.38 -21.20
N GLY D 1044 -26.99 -35.99 -20.96
CA GLY D 1044 -27.99 -35.86 -22.00
C GLY D 1044 -29.39 -36.18 -21.49
N LYS D 1045 -30.38 -35.61 -22.17
CA LYS D 1045 -31.77 -35.82 -21.81
C LYS D 1045 -32.23 -37.18 -22.28
N GLY D 1046 -32.78 -37.97 -21.37
CA GLY D 1046 -33.25 -39.31 -21.66
C GLY D 1046 -32.28 -40.37 -21.17
N TYR D 1047 -32.66 -41.62 -21.41
CA TYR D 1047 -31.82 -42.75 -21.05
C TYR D 1047 -30.63 -42.83 -22.00
N HIS D 1048 -29.42 -42.83 -21.43
CA HIS D 1048 -28.19 -42.82 -22.21
C HIS D 1048 -27.55 -44.20 -22.21
N LEU D 1049 -27.17 -44.67 -23.40
CA LEU D 1049 -26.49 -45.95 -23.55
C LEU D 1049 -24.98 -45.79 -23.71
N MET D 1050 -24.56 -45.05 -24.74
CA MET D 1050 -23.14 -44.81 -25.01
C MET D 1050 -23.02 -43.56 -25.86
N SER D 1051 -21.79 -43.07 -25.98
CA SER D 1051 -21.50 -41.88 -26.77
C SER D 1051 -20.08 -41.98 -27.32
N PHE D 1052 -19.81 -41.16 -28.34
CA PHE D 1052 -18.51 -41.14 -28.99
C PHE D 1052 -18.07 -39.69 -29.16
N PRO D 1053 -16.91 -39.31 -28.64
CA PRO D 1053 -16.46 -37.92 -28.78
C PRO D 1053 -15.82 -37.67 -30.14
N GLN D 1054 -15.76 -36.38 -30.49
CA GLN D 1054 -15.16 -35.93 -31.74
C GLN D 1054 -14.11 -34.87 -31.44
N SER D 1055 -13.20 -34.67 -32.38
CA SER D 1055 -12.14 -33.68 -32.23
C SER D 1055 -12.70 -32.28 -32.42
N ALA D 1056 -12.22 -31.33 -31.62
CA ALA D 1056 -12.68 -29.96 -31.65
C ALA D 1056 -11.52 -29.05 -31.29
N PRO D 1057 -11.46 -27.84 -31.86
CA PRO D 1057 -10.40 -26.89 -31.48
C PRO D 1057 -10.56 -26.37 -30.06
N HIS D 1058 -9.61 -26.73 -29.19
CA HIS D 1058 -9.59 -26.37 -27.77
C HIS D 1058 -10.85 -26.83 -27.05
N GLY D 1059 -11.29 -28.05 -27.35
CA GLY D 1059 -12.48 -28.58 -26.74
C GLY D 1059 -12.76 -29.98 -27.24
N VAL D 1060 -14.01 -30.42 -27.05
CA VAL D 1060 -14.44 -31.74 -27.47
C VAL D 1060 -15.94 -31.67 -27.77
N VAL D 1061 -16.37 -32.46 -28.76
CA VAL D 1061 -17.76 -32.53 -29.17
C VAL D 1061 -18.21 -33.97 -29.05
N PHE D 1062 -19.25 -34.21 -28.24
CA PHE D 1062 -19.78 -35.54 -28.02
C PHE D 1062 -20.96 -35.82 -28.94
N LEU D 1063 -21.31 -37.10 -29.06
CA LEU D 1063 -22.48 -37.56 -29.79
C LEU D 1063 -23.23 -38.52 -28.86
N HIS D 1064 -24.09 -37.97 -28.00
CA HIS D 1064 -24.78 -38.75 -26.99
C HIS D 1064 -25.98 -39.47 -27.61
N VAL D 1065 -25.92 -40.79 -27.63
CA VAL D 1065 -27.05 -41.60 -28.11
C VAL D 1065 -28.04 -41.75 -26.96
N THR D 1066 -29.25 -41.23 -27.15
CA THR D 1066 -30.27 -41.20 -26.11
C THR D 1066 -31.41 -42.14 -26.47
N TYR D 1067 -32.01 -42.75 -25.44
CA TYR D 1067 -33.17 -43.64 -25.59
C TYR D 1067 -34.40 -42.86 -25.16
N VAL D 1068 -35.03 -42.19 -26.12
CA VAL D 1068 -36.18 -41.33 -25.86
C VAL D 1068 -37.39 -41.93 -26.60
N PRO D 1069 -38.36 -42.50 -25.89
CA PRO D 1069 -39.57 -42.98 -26.56
C PRO D 1069 -40.46 -41.83 -27.01
N ALA D 1070 -41.19 -42.05 -28.10
CA ALA D 1070 -42.06 -41.05 -28.69
C ALA D 1070 -43.53 -41.42 -28.58
N GLN D 1071 -43.90 -42.61 -29.08
CA GLN D 1071 -45.29 -43.03 -29.06
C GLN D 1071 -45.66 -43.59 -27.69
N GLU D 1072 -46.87 -43.29 -27.23
CA GLU D 1072 -47.36 -43.73 -25.93
C GLU D 1072 -48.71 -44.42 -26.09
N LYS D 1073 -49.08 -45.19 -25.08
CA LYS D 1073 -50.35 -45.91 -25.06
C LYS D 1073 -50.77 -46.14 -23.63
N ASN D 1074 -52.06 -45.95 -23.35
CA ASN D 1074 -52.60 -46.10 -22.01
C ASN D 1074 -53.08 -47.52 -21.78
N PHE D 1075 -52.87 -48.03 -20.57
CA PHE D 1075 -53.28 -49.37 -20.19
C PHE D 1075 -53.77 -49.35 -18.75
N THR D 1076 -54.43 -50.44 -18.35
CA THR D 1076 -54.92 -50.61 -16.99
C THR D 1076 -53.98 -51.50 -16.21
N THR D 1077 -53.54 -51.04 -15.04
CA THR D 1077 -52.58 -51.75 -14.22
C THR D 1077 -53.19 -52.09 -12.87
N ALA D 1078 -52.44 -52.87 -12.08
CA ALA D 1078 -52.84 -53.29 -10.76
C ALA D 1078 -51.58 -53.49 -9.92
N PRO D 1079 -51.60 -53.17 -8.63
CA PRO D 1079 -50.38 -53.34 -7.82
C PRO D 1079 -50.05 -54.79 -7.53
N ALA D 1080 -51.03 -55.63 -7.22
CA ALA D 1080 -50.78 -57.03 -6.94
C ALA D 1080 -52.04 -57.84 -7.26
N ILE D 1081 -51.85 -59.15 -7.42
CA ILE D 1081 -52.94 -60.05 -7.77
C ILE D 1081 -53.12 -61.08 -6.66
N CYS D 1082 -54.21 -61.85 -6.73
CA CYS D 1082 -54.51 -62.88 -5.75
C CYS D 1082 -54.94 -64.15 -6.47
N HIS D 1083 -54.28 -65.26 -6.15
CA HIS D 1083 -54.55 -66.55 -6.78
C HIS D 1083 -55.21 -67.52 -5.81
N ASP D 1084 -54.58 -67.77 -4.66
CA ASP D 1084 -55.12 -68.70 -3.65
C ASP D 1084 -55.26 -68.01 -2.30
N GLY D 1085 -55.48 -66.69 -2.30
CA GLY D 1085 -55.60 -65.93 -1.08
C GLY D 1085 -54.34 -65.25 -0.62
N LYS D 1086 -53.23 -65.42 -1.34
CA LYS D 1086 -51.96 -64.80 -0.99
C LYS D 1086 -51.45 -64.00 -2.19
N ALA D 1087 -50.85 -62.86 -1.90
CA ALA D 1087 -50.38 -61.97 -2.95
C ALA D 1087 -49.06 -62.46 -3.55
N HIS D 1088 -48.71 -61.90 -4.70
CA HIS D 1088 -47.48 -62.23 -5.39
C HIS D 1088 -46.72 -60.95 -5.72
N PHE D 1089 -45.38 -61.06 -5.75
CA PHE D 1089 -44.54 -59.92 -6.02
C PHE D 1089 -43.51 -60.28 -7.08
N PRO D 1090 -43.56 -59.64 -8.26
CA PRO D 1090 -42.58 -59.94 -9.30
C PRO D 1090 -41.22 -59.32 -8.98
N ARG D 1091 -40.17 -59.99 -9.44
CA ARG D 1091 -38.82 -59.45 -9.27
C ARG D 1091 -38.57 -58.27 -10.20
N GLU D 1092 -39.00 -58.40 -11.46
CA GLU D 1092 -38.87 -57.31 -12.44
C GLU D 1092 -40.05 -57.44 -13.41
N GLY D 1093 -41.11 -56.68 -13.13
CA GLY D 1093 -42.28 -56.71 -13.97
C GLY D 1093 -43.43 -55.94 -13.34
N VAL D 1094 -44.49 -55.82 -14.11
CA VAL D 1094 -45.69 -55.08 -13.70
C VAL D 1094 -46.89 -55.67 -14.44
N PHE D 1095 -47.97 -55.88 -13.72
CA PHE D 1095 -49.19 -56.44 -14.29
C PHE D 1095 -49.96 -55.33 -15.01
N VAL D 1096 -50.12 -55.48 -16.32
CA VAL D 1096 -50.86 -54.53 -17.14
C VAL D 1096 -52.03 -55.26 -17.80
N SER D 1097 -52.96 -54.48 -18.33
CA SER D 1097 -54.13 -55.04 -18.99
C SER D 1097 -54.66 -54.03 -20.00
N ASN D 1098 -55.13 -54.56 -21.13
CA ASN D 1098 -55.77 -53.75 -22.17
C ASN D 1098 -57.28 -53.74 -22.04
N GLY D 1099 -57.83 -54.32 -20.98
CA GLY D 1099 -59.26 -54.39 -20.76
C GLY D 1099 -59.84 -55.78 -20.82
N THR D 1100 -59.10 -56.77 -21.32
CA THR D 1100 -59.58 -58.14 -21.44
C THR D 1100 -58.82 -59.10 -20.55
N HIS D 1101 -57.49 -59.16 -20.67
CA HIS D 1101 -56.68 -60.09 -19.90
C HIS D 1101 -55.48 -59.36 -19.31
N TRP D 1102 -54.87 -59.99 -18.31
CA TRP D 1102 -53.72 -59.44 -17.61
C TRP D 1102 -52.44 -60.05 -18.17
N PHE D 1103 -51.42 -59.21 -18.37
CA PHE D 1103 -50.13 -59.66 -18.88
C PHE D 1103 -49.03 -59.02 -18.05
N VAL D 1104 -47.80 -59.48 -18.28
CA VAL D 1104 -46.63 -59.01 -17.54
C VAL D 1104 -45.65 -58.40 -18.54
N THR D 1105 -45.25 -57.15 -18.26
CA THR D 1105 -44.27 -56.45 -19.08
C THR D 1105 -43.31 -55.72 -18.16
N GLN D 1106 -42.31 -55.07 -18.76
CA GLN D 1106 -41.31 -54.33 -18.00
C GLN D 1106 -41.72 -52.87 -17.85
N ARG D 1107 -40.80 -52.04 -17.40
CA ARG D 1107 -41.11 -50.66 -17.04
C ARG D 1107 -41.03 -49.68 -18.22
N ASN D 1108 -40.33 -50.03 -19.28
CA ASN D 1108 -40.08 -49.10 -20.37
C ASN D 1108 -40.66 -49.53 -21.72
N PHE D 1109 -40.81 -50.84 -21.96
CA PHE D 1109 -41.35 -51.32 -23.21
C PHE D 1109 -42.51 -52.25 -22.95
N TYR D 1110 -43.57 -52.11 -23.75
CA TYR D 1110 -44.77 -52.92 -23.60
C TYR D 1110 -44.56 -54.24 -24.31
N GLU D 1111 -44.21 -55.27 -23.55
CA GLU D 1111 -44.00 -56.62 -24.09
C GLU D 1111 -44.85 -57.58 -23.28
N PRO D 1112 -46.05 -57.92 -23.76
CA PRO D 1112 -46.94 -58.82 -22.98
C PRO D 1112 -46.43 -60.26 -23.00
N GLN D 1113 -46.34 -60.85 -21.81
CA GLN D 1113 -45.89 -62.23 -21.65
C GLN D 1113 -46.90 -62.99 -20.80
N ILE D 1114 -46.71 -64.30 -20.72
CA ILE D 1114 -47.58 -65.16 -19.92
C ILE D 1114 -47.18 -65.05 -18.46
N ILE D 1115 -48.16 -64.78 -17.60
CA ILE D 1115 -47.91 -64.66 -16.17
C ILE D 1115 -47.67 -66.07 -15.61
N THR D 1116 -46.42 -66.37 -15.29
CA THR D 1116 -46.02 -67.67 -14.77
C THR D 1116 -45.46 -67.52 -13.37
N THR D 1117 -45.05 -68.64 -12.78
CA THR D 1117 -44.47 -68.66 -11.44
C THR D 1117 -42.96 -68.47 -11.44
N ASP D 1118 -42.35 -68.22 -12.60
CA ASP D 1118 -40.91 -68.00 -12.67
C ASP D 1118 -40.50 -66.60 -12.24
N ASN D 1119 -41.40 -65.62 -12.37
CA ASN D 1119 -41.10 -64.25 -11.99
C ASN D 1119 -41.69 -63.86 -10.64
N THR D 1120 -42.80 -64.47 -10.24
CA THR D 1120 -43.46 -64.17 -8.97
C THR D 1120 -43.30 -65.34 -7.99
N PHE D 1121 -43.55 -65.04 -6.72
CA PHE D 1121 -43.48 -66.03 -5.66
C PHE D 1121 -44.61 -65.80 -4.68
N VAL D 1122 -44.63 -66.58 -3.61
CA VAL D 1122 -45.67 -66.51 -2.59
C VAL D 1122 -45.12 -65.74 -1.40
N SER D 1123 -45.77 -64.62 -1.06
CA SER D 1123 -45.34 -63.78 0.05
C SER D 1123 -46.54 -63.00 0.55
N GLY D 1124 -46.84 -63.12 1.84
CA GLY D 1124 -47.91 -62.36 2.45
C GLY D 1124 -49.29 -62.95 2.24
N ASN D 1125 -50.32 -62.11 2.25
CA ASN D 1125 -51.70 -62.54 2.08
C ASN D 1125 -52.41 -61.51 1.20
N CYS D 1126 -53.74 -61.62 1.15
CA CYS D 1126 -54.56 -60.75 0.31
C CYS D 1126 -55.67 -60.05 1.08
N ASP D 1127 -55.45 -59.77 2.37
CA ASP D 1127 -56.42 -59.06 3.19
C ASP D 1127 -55.87 -57.78 3.80
N VAL D 1128 -54.60 -57.45 3.53
CA VAL D 1128 -53.96 -56.27 4.08
C VAL D 1128 -53.74 -55.19 3.03
N VAL D 1129 -53.43 -55.59 1.79
CA VAL D 1129 -53.16 -54.63 0.73
C VAL D 1129 -54.48 -53.99 0.29
N ILE D 1130 -54.55 -52.66 0.37
CA ILE D 1130 -55.75 -51.93 -0.02
C ILE D 1130 -55.78 -51.77 -1.53
N GLY D 1131 -56.88 -52.18 -2.15
CA GLY D 1131 -57.02 -52.06 -3.58
C GLY D 1131 -56.42 -53.21 -4.37
N ILE D 1132 -56.45 -54.42 -3.84
CA ILE D 1132 -55.89 -55.58 -4.51
C ILE D 1132 -56.97 -56.25 -5.33
N VAL D 1133 -56.56 -57.02 -6.34
CA VAL D 1133 -57.50 -57.69 -7.24
C VAL D 1133 -57.18 -59.18 -7.30
N ASN D 1134 -58.03 -59.94 -8.00
CA ASN D 1134 -57.85 -61.37 -8.17
C ASN D 1134 -57.50 -61.68 -9.62
N ASN D 1135 -56.68 -62.70 -9.83
CA ASN D 1135 -56.24 -63.10 -11.15
C ASN D 1135 -55.88 -64.58 -11.11
N THR D 1136 -55.98 -65.23 -12.27
CA THR D 1136 -55.68 -66.64 -12.42
C THR D 1136 -54.25 -66.76 -12.96
N VAL D 1137 -53.33 -67.19 -12.10
CA VAL D 1137 -51.93 -67.35 -12.48
C VAL D 1137 -51.79 -68.63 -13.29
N TYR D 1138 -51.34 -68.50 -14.54
CA TYR D 1138 -51.14 -69.65 -15.42
C TYR D 1138 -49.85 -70.35 -15.02
N ASP D 1139 -49.98 -71.41 -14.23
CA ASP D 1139 -48.83 -72.19 -13.79
C ASP D 1139 -48.53 -73.27 -14.82
N PRO D 1140 -47.33 -73.28 -15.44
CA PRO D 1140 -47.01 -74.33 -16.41
C PRO D 1140 -46.75 -75.70 -15.79
N LEU D 1141 -46.61 -75.78 -14.46
CA LEU D 1141 -46.38 -77.07 -13.82
C LEU D 1141 -47.64 -77.93 -13.81
N GLN D 1142 -48.81 -77.30 -13.77
CA GLN D 1142 -50.09 -78.01 -13.74
C GLN D 1142 -50.43 -78.79 -15.01
N PRO D 1143 -50.13 -78.33 -16.24
CA PRO D 1143 -50.25 -79.26 -17.38
C PRO D 1143 -49.17 -80.33 -17.41
N GLU D 1144 -48.05 -80.13 -16.73
CA GLU D 1144 -46.98 -81.13 -16.71
C GLU D 1144 -47.30 -82.30 -15.80
N LEU D 1145 -48.23 -82.15 -14.87
CA LEU D 1145 -48.58 -83.25 -13.97
C LEU D 1145 -49.47 -84.27 -14.66
N ASP D 1146 -50.41 -83.81 -15.50
CA ASP D 1146 -51.31 -84.70 -16.21
C ASP D 1146 -50.73 -85.22 -17.52
N SER D 1147 -49.54 -84.76 -17.91
CA SER D 1147 -48.92 -85.22 -19.15
C SER D 1147 -48.18 -86.54 -18.94
N GLN E 14 65.08 2.39 -10.13
CA GLN E 14 64.18 3.33 -10.79
C GLN E 14 64.45 3.37 -12.29
N CYS E 15 65.69 3.68 -12.65
CA CYS E 15 66.08 3.77 -14.06
C CYS E 15 66.65 2.46 -14.59
N VAL E 16 67.29 1.67 -13.73
CA VAL E 16 67.90 0.41 -14.16
C VAL E 16 66.80 -0.63 -14.36
N ASN E 17 66.69 -1.16 -15.57
CA ASN E 17 65.71 -2.17 -15.91
C ASN E 17 66.41 -3.45 -16.32
N LEU E 18 65.66 -4.56 -16.25
CA LEU E 18 66.20 -5.86 -16.60
C LEU E 18 66.32 -6.01 -18.11
N THR E 19 67.37 -6.71 -18.56
CA THR E 19 67.61 -6.95 -19.97
C THR E 19 67.43 -8.40 -20.37
N THR E 20 66.97 -9.26 -19.46
CA THR E 20 66.78 -10.68 -19.73
C THR E 20 65.32 -11.02 -20.00
N ARG E 21 64.58 -10.12 -20.64
CA ARG E 21 63.17 -10.32 -20.93
C ARG E 21 63.01 -11.03 -22.27
N THR E 22 62.24 -12.12 -22.27
CA THR E 22 61.96 -12.90 -23.47
C THR E 22 60.52 -12.67 -23.89
N GLN E 23 60.32 -12.28 -25.15
CA GLN E 23 59.00 -12.01 -25.68
C GLN E 23 58.29 -13.32 -25.97
N LEU E 24 57.22 -13.60 -25.21
CA LEU E 24 56.40 -14.78 -25.40
C LEU E 24 54.95 -14.38 -25.55
N PRO E 25 54.19 -15.06 -26.42
CA PRO E 25 52.80 -14.68 -26.64
C PRO E 25 51.91 -15.07 -25.47
N PRO E 26 51.00 -14.18 -25.04
CA PRO E 26 50.08 -14.53 -23.94
C PRO E 26 48.99 -15.48 -24.39
N ALA E 27 49.22 -16.79 -24.22
CA ALA E 27 48.26 -17.80 -24.62
C ALA E 27 47.06 -17.80 -23.68
N TYR E 28 45.98 -18.45 -24.12
CA TYR E 28 44.75 -18.49 -23.36
C TYR E 28 44.74 -19.68 -22.40
N THR E 29 44.03 -19.51 -21.29
CA THR E 29 43.90 -20.55 -20.27
C THR E 29 42.45 -20.59 -19.81
N ASN E 30 41.98 -21.77 -19.42
CA ASN E 30 40.61 -21.98 -19.02
C ASN E 30 40.51 -22.21 -17.51
N SER E 31 39.52 -21.56 -16.90
CA SER E 31 39.22 -21.72 -15.49
C SER E 31 37.85 -22.40 -15.32
N PHE E 32 37.73 -23.22 -14.28
CA PHE E 32 36.53 -24.03 -14.08
C PHE E 32 35.53 -23.36 -13.16
N THR E 33 35.91 -23.09 -11.90
CA THR E 33 34.98 -22.54 -10.92
C THR E 33 35.64 -21.48 -10.04
N ARG E 34 36.59 -20.73 -10.59
CA ARG E 34 37.26 -19.69 -9.83
C ARG E 34 36.56 -18.35 -10.00
N GLY E 35 36.60 -17.54 -8.95
CA GLY E 35 36.00 -16.22 -8.98
C GLY E 35 34.71 -16.12 -8.19
N VAL E 36 34.61 -16.87 -7.10
CA VAL E 36 33.42 -16.89 -6.26
C VAL E 36 33.82 -16.41 -4.87
N TYR E 37 33.11 -15.40 -4.38
CA TYR E 37 33.39 -14.81 -3.07
C TYR E 37 32.07 -14.42 -2.41
N TYR E 38 32.15 -14.09 -1.12
CA TYR E 38 30.98 -13.64 -0.39
C TYR E 38 30.70 -12.17 -0.70
N PRO E 39 29.45 -11.81 -1.04
CA PRO E 39 29.16 -10.39 -1.32
C PRO E 39 29.15 -9.54 -0.07
N ASP E 40 28.69 -10.08 1.05
CA ASP E 40 28.61 -9.32 2.30
C ASP E 40 28.81 -10.29 3.46
N LYS E 41 28.45 -9.86 4.67
CA LYS E 41 28.62 -10.66 5.88
C LYS E 41 27.38 -11.46 6.24
N VAL E 42 26.58 -11.86 5.25
CA VAL E 42 25.34 -12.57 5.50
C VAL E 42 25.62 -14.06 5.61
N PHE E 43 25.24 -14.66 6.73
CA PHE E 43 25.37 -16.08 6.96
C PHE E 43 24.01 -16.76 6.85
N ARG E 44 23.95 -17.84 6.07
CA ARG E 44 22.75 -18.64 5.91
C ARG E 44 23.12 -20.12 6.02
N SER E 45 22.13 -20.98 5.83
CA SER E 45 22.35 -22.42 5.93
C SER E 45 21.36 -23.13 5.03
N SER E 46 21.88 -23.96 4.11
CA SER E 46 21.11 -24.78 3.18
C SER E 46 20.18 -23.95 2.31
N VAL E 47 20.73 -22.90 1.70
CA VAL E 47 19.96 -21.99 0.87
C VAL E 47 20.49 -22.00 -0.55
N LEU E 48 19.82 -21.26 -1.44
CA LEU E 48 20.31 -20.97 -2.78
C LEU E 48 19.92 -19.54 -3.09
N HIS E 49 20.81 -18.60 -2.75
CA HIS E 49 20.52 -17.18 -2.81
C HIS E 49 21.17 -16.56 -4.05
N SER E 50 20.45 -15.63 -4.67
CA SER E 50 20.92 -14.93 -5.85
C SER E 50 21.46 -13.55 -5.47
N THR E 51 22.50 -13.12 -6.18
CA THR E 51 23.11 -11.82 -5.94
C THR E 51 23.49 -11.19 -7.26
N GLN E 52 23.66 -9.87 -7.25
CA GLN E 52 24.01 -9.10 -8.45
C GLN E 52 25.23 -8.25 -8.13
N ASP E 53 26.41 -8.71 -8.55
CA ASP E 53 27.66 -7.98 -8.34
C ASP E 53 28.64 -8.41 -9.42
N LEU E 54 29.85 -7.89 -9.34
CA LEU E 54 30.89 -8.20 -10.32
C LEU E 54 31.56 -9.52 -9.94
N PHE E 55 31.37 -10.54 -10.76
CA PHE E 55 31.94 -11.86 -10.54
C PHE E 55 32.70 -12.32 -11.78
N LEU E 56 33.52 -13.35 -11.60
CA LEU E 56 34.23 -13.95 -12.71
C LEU E 56 33.41 -15.11 -13.26
N PRO E 57 32.95 -15.06 -14.52
CA PRO E 57 32.13 -16.15 -15.06
C PRO E 57 32.93 -17.41 -15.29
N PHE E 58 32.23 -18.53 -15.26
CA PHE E 58 32.85 -19.83 -15.46
C PHE E 58 33.18 -20.05 -16.93
N PHE E 59 34.26 -20.80 -17.17
CA PHE E 59 34.79 -21.13 -18.50
C PHE E 59 35.12 -19.86 -19.30
N SER E 60 35.68 -18.87 -18.62
CA SER E 60 36.05 -17.61 -19.25
C SER E 60 37.48 -17.67 -19.75
N ASN E 61 38.03 -16.53 -20.15
CA ASN E 61 39.39 -16.44 -20.66
C ASN E 61 40.24 -15.67 -19.66
N VAL E 62 41.25 -16.34 -19.11
CA VAL E 62 42.16 -15.74 -18.16
C VAL E 62 43.55 -15.64 -18.80
N THR E 63 44.47 -14.99 -18.08
CA THR E 63 45.81 -14.76 -18.60
C THR E 63 46.71 -15.96 -18.35
N TRP E 64 47.94 -15.88 -18.83
CA TRP E 64 48.94 -16.95 -18.67
C TRP E 64 50.30 -16.26 -18.53
N PHE E 65 50.73 -16.06 -17.28
CA PHE E 65 52.01 -15.44 -16.99
C PHE E 65 52.66 -16.15 -15.81
N HIS E 66 53.99 -16.13 -15.79
CA HIS E 66 54.77 -16.78 -14.75
C HIS E 66 55.83 -15.81 -14.27
N ALA E 67 56.64 -16.26 -13.30
CA ALA E 67 57.78 -15.51 -12.80
C ALA E 67 58.94 -16.50 -12.66
N ILE E 68 59.71 -16.64 -13.73
CA ILE E 68 60.78 -17.63 -13.81
C ILE E 68 62.11 -16.89 -13.94
N HIS E 69 63.19 -17.63 -13.67
CA HIS E 69 64.55 -17.07 -13.72
C HIS E 69 64.96 -16.71 -15.15
N LYS E 77 63.88 -17.28 -18.14
CA LYS E 77 64.08 -16.29 -19.20
C LYS E 77 62.83 -15.42 -19.37
N ARG E 78 61.70 -15.90 -18.88
CA ARG E 78 60.41 -15.22 -19.01
C ARG E 78 60.19 -14.35 -17.78
N PHE E 79 60.19 -13.03 -17.99
CA PHE E 79 59.86 -12.06 -16.96
C PHE E 79 58.92 -11.03 -17.58
N ASP E 80 57.63 -11.16 -17.31
CA ASP E 80 56.61 -10.34 -17.93
C ASP E 80 55.79 -9.63 -16.86
N ASN E 81 55.59 -8.33 -17.03
CA ASN E 81 54.73 -7.53 -16.16
C ASN E 81 53.95 -6.54 -17.01
N PRO E 82 52.85 -7.00 -17.62
CA PRO E 82 52.11 -6.15 -18.57
C PRO E 82 51.19 -5.17 -17.83
N VAL E 83 50.45 -4.41 -18.62
CA VAL E 83 49.50 -3.43 -18.12
C VAL E 83 48.10 -3.92 -18.43
N LEU E 84 47.28 -4.08 -17.39
CA LEU E 84 45.95 -4.65 -17.53
C LEU E 84 44.89 -3.62 -17.14
N PRO E 85 43.73 -3.63 -17.81
CA PRO E 85 42.68 -2.66 -17.49
C PRO E 85 42.00 -2.97 -16.16
N PHE E 86 41.23 -1.99 -15.68
CA PHE E 86 40.51 -2.10 -14.42
C PHE E 86 39.08 -1.62 -14.49
N ASN E 87 38.59 -1.17 -15.65
CA ASN E 87 37.23 -0.63 -15.74
C ASN E 87 36.16 -1.72 -15.63
N ASP E 88 36.49 -2.96 -15.94
CA ASP E 88 35.54 -4.06 -15.83
C ASP E 88 35.78 -4.91 -14.58
N GLY E 89 36.89 -4.72 -13.87
CA GLY E 89 37.18 -5.51 -12.70
C GLY E 89 37.98 -6.76 -13.04
N VAL E 90 38.96 -7.09 -12.20
CA VAL E 90 39.81 -8.25 -12.43
C VAL E 90 39.73 -9.18 -11.22
N TYR E 91 40.14 -10.42 -11.45
CA TYR E 91 40.24 -11.43 -10.40
C TYR E 91 41.65 -11.98 -10.35
N PHE E 92 42.16 -12.20 -9.14
CA PHE E 92 43.52 -12.66 -8.95
C PHE E 92 43.52 -14.07 -8.37
N ALA E 93 44.38 -14.92 -8.92
CA ALA E 93 44.53 -16.30 -8.46
C ALA E 93 45.93 -16.76 -8.80
N SER E 94 46.71 -17.13 -7.77
CA SER E 94 48.12 -17.46 -7.95
C SER E 94 48.49 -18.66 -7.09
N THR E 95 49.29 -19.56 -7.67
CA THR E 95 49.89 -20.66 -6.92
C THR E 95 51.32 -20.28 -6.58
N GLU E 96 51.62 -20.22 -5.28
CA GLU E 96 52.91 -19.74 -4.79
C GLU E 96 53.62 -20.82 -3.99
N LYS E 97 54.95 -20.76 -4.01
CA LYS E 97 55.77 -21.66 -3.21
C LYS E 97 56.88 -20.98 -2.45
N SER E 98 57.21 -19.72 -2.76
CA SER E 98 58.29 -19.02 -2.07
C SER E 98 57.94 -17.57 -1.77
N ASN E 99 56.64 -17.23 -1.77
CA ASN E 99 56.11 -15.89 -1.53
C ASN E 99 56.70 -14.85 -2.50
N ILE E 100 56.41 -15.06 -3.78
CA ILE E 100 56.93 -14.21 -4.84
C ILE E 100 56.06 -12.96 -5.00
N ILE E 101 54.74 -13.12 -4.95
CA ILE E 101 53.83 -11.99 -5.08
C ILE E 101 53.86 -11.18 -3.79
N ARG E 102 54.26 -9.92 -3.89
CA ARG E 102 54.40 -9.04 -2.73
C ARG E 102 53.36 -7.94 -2.66
N GLY E 103 52.83 -7.49 -3.80
CA GLY E 103 51.83 -6.44 -3.79
C GLY E 103 51.55 -5.96 -5.20
N TRP E 104 50.71 -4.93 -5.27
CA TRP E 104 50.29 -4.36 -6.54
C TRP E 104 50.30 -2.84 -6.44
N ILE E 105 50.32 -2.20 -7.61
CA ILE E 105 50.30 -0.74 -7.72
C ILE E 105 49.09 -0.36 -8.56
N PHE E 106 48.14 0.34 -7.95
CA PHE E 106 46.90 0.75 -8.61
C PHE E 106 46.96 2.24 -8.90
N GLY E 107 46.60 2.61 -10.12
CA GLY E 107 46.61 4.01 -10.50
C GLY E 107 45.66 4.26 -11.65
N THR E 108 45.76 5.48 -12.20
CA THR E 108 44.93 5.90 -13.32
C THR E 108 45.73 6.04 -14.60
N THR E 109 46.80 6.84 -14.58
CA THR E 109 47.65 7.04 -15.74
C THR E 109 49.08 6.55 -15.53
N LEU E 110 49.39 6.02 -14.33
CA LEU E 110 50.72 5.54 -13.94
C LEU E 110 51.78 6.63 -14.09
N ASP E 111 51.52 7.76 -13.45
CA ASP E 111 52.41 8.91 -13.49
C ASP E 111 52.23 9.72 -12.23
N SER E 112 52.96 10.84 -12.14
CA SER E 112 52.91 11.73 -10.99
C SER E 112 51.91 12.87 -11.17
N LYS E 113 50.86 12.67 -11.96
CA LYS E 113 49.85 13.69 -12.20
C LYS E 113 48.52 13.41 -11.53
N THR E 114 48.27 12.16 -11.15
CA THR E 114 47.01 11.77 -10.52
C THR E 114 47.30 11.03 -9.21
N GLN E 115 46.23 10.71 -8.50
CA GLN E 115 46.33 9.99 -7.23
C GLN E 115 46.32 8.49 -7.49
N SER E 116 47.26 7.77 -6.86
CA SER E 116 47.43 6.35 -7.07
C SER E 116 47.41 5.62 -5.73
N LEU E 117 47.22 4.31 -5.80
CA LEU E 117 47.21 3.45 -4.63
C LEU E 117 48.38 2.49 -4.69
N LEU E 118 49.14 2.42 -3.60
CA LEU E 118 50.33 1.57 -3.53
C LEU E 118 50.21 0.68 -2.30
N ILE E 119 50.07 -0.62 -2.53
CA ILE E 119 49.98 -1.63 -1.47
C ILE E 119 51.16 -2.56 -1.65
N VAL E 120 52.17 -2.45 -0.78
CA VAL E 120 53.36 -3.26 -0.82
C VAL E 120 53.50 -4.00 0.51
N ASN E 121 54.50 -4.88 0.59
CA ASN E 121 54.75 -5.65 1.79
C ASN E 121 56.23 -6.01 1.85
N ASN E 122 56.90 -5.53 2.90
CA ASN E 122 58.31 -5.84 3.14
C ASN E 122 58.49 -6.95 4.16
N ALA E 123 57.53 -7.90 4.20
CA ALA E 123 57.50 -9.09 5.07
C ALA E 123 57.50 -8.78 6.55
N THR E 124 57.23 -7.53 6.93
CA THR E 124 57.08 -7.15 8.34
C THR E 124 55.70 -6.56 8.62
N ASN E 125 55.26 -5.60 7.80
CA ASN E 125 53.97 -4.96 7.95
C ASN E 125 53.33 -4.77 6.57
N VAL E 126 52.01 -4.85 6.53
CA VAL E 126 51.27 -4.59 5.30
C VAL E 126 51.25 -3.08 5.10
N VAL E 127 52.12 -2.58 4.23
CA VAL E 127 52.27 -1.15 4.00
C VAL E 127 51.23 -0.72 2.98
N ILE E 128 50.19 -0.03 3.44
CA ILE E 128 49.15 0.52 2.59
C ILE E 128 49.16 2.03 2.77
N LYS E 129 49.76 2.74 1.81
CA LYS E 129 49.86 4.18 1.86
C LYS E 129 49.22 4.77 0.62
N VAL E 130 48.42 5.82 0.79
CA VAL E 130 47.75 6.50 -0.29
C VAL E 130 48.40 7.88 -0.42
N CYS E 131 49.41 7.98 -1.27
CA CYS E 131 50.13 9.22 -1.50
C CYS E 131 50.16 9.48 -3.01
N GLU E 132 50.94 10.48 -3.41
CA GLU E 132 51.19 10.76 -4.83
C GLU E 132 52.58 10.23 -5.16
N PHE E 133 52.64 8.95 -5.50
CA PHE E 133 53.90 8.27 -5.74
C PHE E 133 54.38 8.52 -7.17
N GLN E 134 55.69 8.40 -7.36
CA GLN E 134 56.30 8.50 -8.67
C GLN E 134 56.40 7.10 -9.27
N PHE E 135 55.75 6.89 -10.41
CA PHE E 135 55.71 5.57 -11.02
C PHE E 135 57.06 5.25 -11.68
N CYS E 136 57.68 4.15 -11.27
CA CYS E 136 58.96 3.74 -11.81
C CYS E 136 58.76 2.87 -13.05
N ASN E 137 59.88 2.51 -13.69
CA ASN E 137 59.82 1.73 -14.91
C ASN E 137 59.57 0.25 -14.63
N ASP E 138 60.29 -0.33 -13.67
CA ASP E 138 60.16 -1.75 -13.35
C ASP E 138 60.54 -1.96 -11.89
N PRO E 139 59.56 -2.08 -11.00
CA PRO E 139 59.87 -2.36 -9.59
C PRO E 139 60.25 -3.83 -9.39
N PHE E 140 61.18 -4.06 -8.47
CA PHE E 140 61.66 -5.40 -8.19
C PHE E 140 62.19 -5.47 -6.76
N LEU E 141 62.16 -6.67 -6.20
CA LEU E 141 62.68 -6.94 -4.86
C LEU E 141 63.59 -8.15 -4.92
N GLY E 142 64.75 -8.05 -4.27
CA GLY E 142 65.72 -9.12 -4.29
C GLY E 142 66.27 -9.41 -2.91
N VAL E 143 66.80 -10.63 -2.77
CA VAL E 143 67.44 -11.09 -1.55
C VAL E 143 68.93 -11.27 -1.84
N TYR E 144 69.77 -10.75 -0.95
CA TYR E 144 71.20 -10.66 -1.20
C TYR E 144 71.95 -11.84 -0.62
N TYR E 145 72.99 -12.28 -1.36
CA TYR E 145 74.01 -13.23 -0.91
C TYR E 145 73.42 -14.58 -0.51
N HIS E 146 72.87 -15.27 -1.52
CA HIS E 146 72.25 -16.57 -1.33
C HIS E 146 73.25 -17.68 -1.01
N LYS E 147 74.55 -17.43 -1.10
CA LYS E 147 75.54 -18.46 -0.80
C LYS E 147 75.62 -18.74 0.69
N ASN E 148 75.94 -17.72 1.49
CA ASN E 148 76.08 -17.88 2.93
C ASN E 148 75.40 -16.73 3.63
N ASN E 149 74.48 -17.07 4.55
CA ASN E 149 73.79 -16.14 5.46
C ASN E 149 73.01 -15.06 4.69
N LYS E 150 72.01 -15.51 3.94
CA LYS E 150 71.19 -14.57 3.17
C LYS E 150 70.20 -13.82 4.06
N SER E 151 69.78 -14.43 5.18
CA SER E 151 68.91 -13.91 6.24
C SER E 151 67.47 -13.65 5.80
N TRP E 152 67.14 -13.81 4.52
CA TRP E 152 65.82 -13.55 3.93
C TRP E 152 65.30 -12.15 4.25
N MET E 153 66.12 -11.16 3.92
CA MET E 153 65.81 -9.76 4.18
C MET E 153 66.00 -8.97 2.89
N GLU E 154 65.11 -8.00 2.66
CA GLU E 154 65.17 -7.18 1.46
C GLU E 154 66.30 -6.16 1.56
N SER E 155 66.96 -5.91 0.44
CA SER E 155 68.04 -4.94 0.37
C SER E 155 67.76 -3.90 -0.71
N GLU E 156 67.15 -4.34 -1.81
CA GLU E 156 66.81 -3.46 -2.91
C GLU E 156 65.41 -2.88 -2.68
N PHE E 157 65.30 -1.56 -2.80
CA PHE E 157 64.03 -0.85 -2.62
C PHE E 157 63.84 0.05 -3.84
N ARG E 158 63.25 -0.51 -4.90
CA ARG E 158 63.04 0.21 -6.15
C ARG E 158 61.58 0.20 -6.55
N VAL E 159 60.67 0.24 -5.58
CA VAL E 159 59.25 0.24 -5.89
C VAL E 159 58.76 1.64 -6.27
N TYR E 160 59.09 2.66 -5.49
CA TYR E 160 58.71 4.04 -5.80
C TYR E 160 59.89 4.94 -5.50
N SER E 161 59.72 6.23 -5.77
CA SER E 161 60.77 7.22 -5.57
C SER E 161 60.47 8.18 -4.42
N SER E 162 59.27 8.74 -4.38
CA SER E 162 58.88 9.69 -3.34
C SER E 162 57.44 9.46 -2.96
N ALA E 163 57.00 10.12 -1.88
CA ALA E 163 55.64 10.01 -1.38
C ALA E 163 55.21 11.35 -0.83
N ASN E 164 54.34 12.05 -1.56
CA ASN E 164 53.84 13.34 -1.14
C ASN E 164 52.32 13.32 -1.17
N ASN E 165 51.71 14.27 -0.44
CA ASN E 165 50.26 14.46 -0.33
C ASN E 165 49.56 13.20 0.16
N CYS E 166 50.07 12.63 1.24
CA CYS E 166 49.52 11.40 1.80
C CYS E 166 48.24 11.71 2.57
N THR E 167 47.17 10.96 2.27
CA THR E 167 45.91 11.14 2.96
C THR E 167 45.49 9.92 3.79
N PHE E 168 46.11 8.77 3.59
CA PHE E 168 45.76 7.56 4.32
C PHE E 168 46.98 6.68 4.44
N GLU E 169 47.17 6.10 5.62
CA GLU E 169 48.30 5.21 5.88
C GLU E 169 47.85 4.11 6.82
N TYR E 170 48.14 2.86 6.47
CA TYR E 170 47.73 1.70 7.26
C TYR E 170 48.95 0.83 7.52
N VAL E 171 49.27 0.63 8.80
CA VAL E 171 50.38 -0.22 9.23
C VAL E 171 49.80 -1.38 10.02
N SER E 172 50.08 -2.60 9.59
CA SER E 172 49.55 -3.78 10.25
C SER E 172 50.46 -4.20 11.40
N GLN E 173 50.12 -5.33 12.02
CA GLN E 173 50.89 -5.86 13.14
C GLN E 173 52.14 -6.55 12.64
N PRO E 174 53.27 -6.42 13.36
CA PRO E 174 54.50 -7.08 12.91
C PRO E 174 54.46 -8.58 13.17
N PHE E 175 55.00 -9.34 12.21
CA PHE E 175 55.07 -10.78 12.32
C PHE E 175 56.27 -11.27 11.53
N LEU E 176 56.41 -12.60 11.43
CA LEU E 176 57.53 -13.23 10.73
C LEU E 176 56.95 -14.17 9.67
N MET E 177 57.13 -13.81 8.41
CA MET E 177 56.68 -14.63 7.29
C MET E 177 57.87 -15.41 6.72
N ASP E 178 57.67 -16.69 6.47
CA ASP E 178 58.71 -17.57 5.95
C ASP E 178 58.75 -17.42 4.43
N LEU E 179 59.80 -16.76 3.92
CA LEU E 179 60.00 -16.56 2.50
C LEU E 179 61.10 -17.45 1.94
N GLU E 180 61.22 -18.68 2.44
CA GLU E 180 62.26 -19.58 1.97
C GLU E 180 61.91 -20.14 0.59
N GLY E 181 62.95 -20.56 -0.13
CA GLY E 181 62.78 -21.10 -1.46
C GLY E 181 62.66 -22.62 -1.48
N LYS E 182 61.49 -23.12 -1.84
CA LYS E 182 61.24 -24.55 -1.92
C LYS E 182 61.28 -25.02 -3.37
N GLN E 183 61.46 -26.33 -3.53
CA GLN E 183 61.53 -26.96 -4.84
C GLN E 183 60.46 -28.05 -4.95
N GLY E 184 60.02 -28.31 -6.17
CA GLY E 184 59.00 -29.31 -6.41
C GLY E 184 57.69 -28.72 -6.88
N ASN E 185 56.68 -28.77 -6.03
CA ASN E 185 55.36 -28.25 -6.35
C ASN E 185 55.03 -27.05 -5.45
N PHE E 186 53.88 -26.44 -5.71
CA PHE E 186 53.44 -25.28 -4.96
C PHE E 186 52.81 -25.72 -3.64
N LYS E 187 52.96 -24.87 -2.62
CA LYS E 187 52.43 -25.14 -1.29
C LYS E 187 51.49 -24.06 -0.79
N ASN E 188 51.33 -22.96 -1.51
CA ASN E 188 50.47 -21.86 -1.11
C ASN E 188 49.56 -21.47 -2.27
N LEU E 189 48.31 -21.17 -1.94
CA LEU E 189 47.32 -20.75 -2.93
C LEU E 189 46.66 -19.47 -2.42
N ARG E 190 47.04 -18.34 -3.01
CA ARG E 190 46.53 -17.02 -2.62
C ARG E 190 45.68 -16.46 -3.74
N GLU E 191 44.43 -16.14 -3.43
CA GLU E 191 43.50 -15.56 -4.39
C GLU E 191 43.00 -14.23 -3.86
N PHE E 192 42.78 -13.28 -4.78
CA PHE E 192 42.34 -11.94 -4.41
C PHE E 192 41.29 -11.46 -5.40
N VAL E 193 40.42 -10.57 -4.93
CA VAL E 193 39.39 -9.95 -5.76
C VAL E 193 39.67 -8.45 -5.77
N PHE E 194 39.89 -7.90 -6.96
CA PHE E 194 40.21 -6.48 -7.14
C PHE E 194 39.10 -5.83 -7.95
N LYS E 195 38.23 -5.09 -7.25
CA LYS E 195 37.14 -4.36 -7.90
C LYS E 195 36.95 -3.02 -7.18
N ASN E 196 36.36 -2.08 -7.90
CA ASN E 196 36.13 -0.74 -7.36
C ASN E 196 34.80 -0.23 -7.92
N ILE E 197 33.78 -0.15 -7.07
CA ILE E 197 32.47 0.34 -7.45
C ILE E 197 32.04 1.43 -6.48
N ASP E 198 31.72 2.60 -7.03
CA ASP E 198 31.26 3.79 -6.29
C ASP E 198 32.28 4.25 -5.25
N GLY E 199 33.57 4.10 -5.55
CA GLY E 199 34.61 4.55 -4.64
C GLY E 199 34.77 3.70 -3.40
N TYR E 200 34.60 2.38 -3.51
CA TYR E 200 34.74 1.47 -2.37
C TYR E 200 35.52 0.25 -2.84
N PHE E 201 36.78 0.16 -2.42
CA PHE E 201 37.63 -0.96 -2.80
C PHE E 201 37.46 -2.10 -1.80
N LYS E 202 37.25 -3.31 -2.33
CA LYS E 202 37.11 -4.51 -1.51
C LYS E 202 38.25 -5.47 -1.80
N ILE E 203 38.75 -6.13 -0.76
CA ILE E 203 39.85 -7.08 -0.88
C ILE E 203 39.48 -8.35 -0.12
N TYR E 204 39.56 -9.48 -0.82
CA TYR E 204 39.25 -10.78 -0.25
C TYR E 204 40.50 -11.63 -0.27
N SER E 205 40.74 -12.37 0.82
CA SER E 205 41.93 -13.19 0.96
C SER E 205 41.56 -14.62 1.32
N LYS E 206 42.33 -15.57 0.79
CA LYS E 206 42.13 -16.98 1.07
C LYS E 206 43.44 -17.71 0.86
N HIS E 207 43.82 -18.54 1.83
CA HIS E 207 45.06 -19.30 1.78
C HIS E 207 44.79 -20.74 2.15
N THR E 208 45.30 -21.67 1.34
CA THR E 208 45.13 -23.09 1.58
C THR E 208 46.27 -23.84 0.89
N PRO E 209 46.81 -24.88 1.52
CA PRO E 209 47.87 -25.66 0.88
C PRO E 209 47.33 -26.59 -0.20
N ILE E 210 48.04 -26.64 -1.32
CA ILE E 210 47.66 -27.45 -2.47
C ILE E 210 48.86 -28.27 -2.92
N ASN E 211 48.68 -29.02 -4.00
CA ASN E 211 49.74 -29.81 -4.61
C ASN E 211 49.44 -29.85 -6.10
N LEU E 212 50.09 -28.98 -6.87
CA LEU E 212 49.75 -28.77 -8.27
C LEU E 212 51.00 -28.74 -9.13
N VAL E 213 50.96 -29.47 -10.24
CA VAL E 213 52.02 -29.46 -11.23
C VAL E 213 51.57 -28.82 -12.54
N ARG E 214 50.35 -29.10 -12.97
CA ARG E 214 49.77 -28.56 -14.19
C ARG E 214 49.19 -27.17 -13.91
N ASP E 215 48.36 -26.67 -14.81
CA ASP E 215 47.73 -25.36 -14.67
C ASP E 215 46.58 -25.42 -13.68
N LEU E 216 45.75 -24.36 -13.67
CA LEU E 216 44.65 -24.16 -12.74
C LEU E 216 43.60 -25.25 -12.84
N PRO E 217 43.47 -26.10 -11.81
CA PRO E 217 42.56 -27.26 -11.91
C PRO E 217 41.12 -26.91 -11.60
N GLN E 218 40.27 -27.94 -11.54
CA GLN E 218 38.85 -27.77 -11.21
C GLN E 218 38.68 -27.77 -9.69
N GLY E 219 39.09 -26.66 -9.08
CA GLY E 219 39.03 -26.48 -7.65
C GLY E 219 38.07 -25.37 -7.25
N PHE E 220 37.99 -25.16 -5.93
CA PHE E 220 37.10 -24.15 -5.38
C PHE E 220 37.66 -23.68 -4.04
N SER E 221 37.55 -22.39 -3.78
CA SER E 221 38.03 -21.80 -2.53
C SER E 221 37.17 -20.59 -2.21
N ALA E 222 36.52 -20.61 -1.06
CA ALA E 222 35.68 -19.49 -0.63
C ALA E 222 36.56 -18.40 -0.02
N LEU E 223 36.64 -17.26 -0.70
CA LEU E 223 37.48 -16.17 -0.25
C LEU E 223 36.85 -15.44 0.93
N GLU E 224 37.71 -14.87 1.78
CA GLU E 224 37.26 -14.18 2.98
C GLU E 224 37.77 -12.74 2.95
N PRO E 225 36.95 -11.75 3.28
CA PRO E 225 37.42 -10.37 3.30
C PRO E 225 38.29 -10.09 4.52
N LEU E 226 39.40 -9.40 4.29
CA LEU E 226 40.35 -9.08 5.36
C LEU E 226 40.10 -7.68 5.94
N VAL E 227 40.24 -6.65 5.13
CA VAL E 227 40.05 -5.26 5.55
C VAL E 227 39.23 -4.53 4.48
N ASP E 228 38.94 -3.27 4.75
CA ASP E 228 38.21 -2.41 3.83
C ASP E 228 39.02 -1.13 3.63
N LEU E 229 39.17 -0.72 2.36
CA LEU E 229 39.96 0.45 2.01
C LEU E 229 39.09 1.41 1.19
N PRO E 230 38.38 2.32 1.85
CA PRO E 230 37.58 3.33 1.11
C PRO E 230 38.45 4.44 0.53
N ILE E 231 39.05 4.16 -0.63
CA ILE E 231 39.94 5.12 -1.25
C ILE E 231 39.16 6.22 -1.98
N GLY E 232 38.09 5.86 -2.68
CA GLY E 232 37.29 6.86 -3.37
C GLY E 232 37.94 7.44 -4.60
N ILE E 233 38.86 6.70 -5.23
CA ILE E 233 39.56 7.19 -6.41
C ILE E 233 39.20 6.32 -7.61
N ASN E 234 39.64 6.73 -8.80
CA ASN E 234 39.38 6.00 -10.04
C ASN E 234 40.64 5.25 -10.44
N ILE E 235 40.50 3.94 -10.66
CA ILE E 235 41.62 3.07 -11.03
C ILE E 235 41.32 2.49 -12.40
N THR E 236 42.21 2.75 -13.35
CA THR E 236 42.05 2.26 -14.73
C THR E 236 43.10 1.23 -15.11
N ARG E 237 44.35 1.41 -14.70
CA ARG E 237 45.43 0.48 -15.02
C ARG E 237 46.16 0.10 -13.75
N PHE E 238 46.79 -1.08 -13.78
CA PHE E 238 47.53 -1.60 -12.64
C PHE E 238 48.58 -2.58 -13.13
N GLN E 239 49.51 -2.90 -12.24
CA GLN E 239 50.57 -3.87 -12.53
C GLN E 239 50.67 -4.90 -11.41
N THR E 240 51.70 -5.75 -11.47
CA THR E 240 51.90 -6.80 -10.47
C THR E 240 53.39 -6.92 -10.17
N LEU E 241 53.75 -6.79 -8.90
CA LEU E 241 55.14 -6.90 -8.50
C LEU E 241 55.58 -8.37 -8.46
N LEU E 242 56.85 -8.58 -8.80
CA LEU E 242 57.43 -9.93 -8.81
C LEU E 242 58.74 -9.92 -8.04
N ALA E 243 58.92 -10.91 -7.18
CA ALA E 243 60.16 -11.04 -6.42
C ALA E 243 61.25 -11.69 -7.26
N LEU E 244 62.48 -11.29 -7.00
CA LEU E 244 63.65 -11.77 -7.75
C LEU E 244 64.61 -12.46 -6.79
N HIS E 245 65.19 -13.56 -7.26
CA HIS E 245 66.12 -14.36 -6.46
C HIS E 245 67.27 -14.80 -7.33
N ARG E 246 68.49 -14.39 -6.96
CA ARG E 246 69.69 -14.80 -7.67
C ARG E 246 70.87 -14.72 -6.72
N SER E 247 71.70 -15.76 -6.71
CA SER E 247 72.89 -15.80 -5.87
C SER E 247 73.97 -14.86 -6.40
N SER E 255 73.28 -3.92 -11.82
CA SER E 255 72.17 -4.57 -11.14
C SER E 255 70.99 -4.78 -12.08
N SER E 256 71.29 -5.33 -13.26
CA SER E 256 70.27 -5.59 -14.26
C SER E 256 70.21 -7.04 -14.71
N GLY E 257 71.07 -7.91 -14.17
CA GLY E 257 71.09 -9.29 -14.58
C GLY E 257 70.53 -10.24 -13.53
N TRP E 258 69.71 -9.70 -12.62
CA TRP E 258 69.12 -10.52 -11.58
C TRP E 258 67.96 -11.34 -12.12
N THR E 259 67.81 -12.55 -11.61
CA THR E 259 66.78 -13.48 -12.04
C THR E 259 65.72 -13.65 -10.96
N ALA E 260 64.60 -14.27 -11.34
CA ALA E 260 63.48 -14.47 -10.44
C ALA E 260 63.42 -15.93 -9.97
N GLY E 261 62.38 -16.25 -9.21
CA GLY E 261 62.21 -17.58 -8.68
C GLY E 261 61.37 -18.48 -9.57
N ALA E 262 60.28 -19.02 -9.02
CA ALA E 262 59.40 -19.92 -9.77
C ALA E 262 58.00 -19.79 -9.18
N ALA E 263 57.11 -19.13 -9.92
CA ALA E 263 55.73 -18.94 -9.47
C ALA E 263 54.83 -18.80 -10.69
N ALA E 264 53.53 -18.63 -10.45
CA ALA E 264 52.56 -18.47 -11.52
C ALA E 264 51.37 -17.69 -10.97
N TYR E 265 50.69 -16.98 -11.87
CA TYR E 265 49.51 -16.21 -11.50
C TYR E 265 48.60 -16.08 -12.72
N TYR E 266 47.31 -15.93 -12.45
CA TYR E 266 46.30 -15.81 -13.50
C TYR E 266 45.40 -14.63 -13.18
N VAL E 267 45.02 -13.89 -14.23
CA VAL E 267 44.17 -12.71 -14.09
C VAL E 267 42.91 -12.95 -14.93
N GLY E 268 41.75 -12.88 -14.28
CA GLY E 268 40.49 -13.03 -14.97
C GLY E 268 39.61 -11.81 -14.86
N TYR E 269 39.10 -11.32 -15.99
CA TYR E 269 38.32 -10.10 -16.04
C TYR E 269 36.92 -10.37 -15.49
N LEU E 270 36.49 -9.56 -14.52
CA LEU E 270 35.17 -9.71 -13.94
C LEU E 270 34.10 -9.18 -14.88
N GLN E 271 32.90 -9.74 -14.76
CA GLN E 271 31.75 -9.35 -15.56
C GLN E 271 30.53 -9.20 -14.65
N PRO E 272 29.65 -8.24 -14.94
CA PRO E 272 28.43 -8.10 -14.14
C PRO E 272 27.41 -9.21 -14.38
N ARG E 273 27.66 -10.39 -13.82
CA ARG E 273 26.81 -11.56 -13.99
C ARG E 273 26.03 -11.82 -12.71
N THR E 274 25.30 -12.93 -12.70
CA THR E 274 24.46 -13.32 -11.57
C THR E 274 24.81 -14.75 -11.19
N PHE E 275 25.24 -14.95 -9.94
CA PHE E 275 25.59 -16.26 -9.43
C PHE E 275 24.61 -16.70 -8.35
N LEU E 276 24.76 -17.95 -7.92
CA LEU E 276 23.98 -18.52 -6.84
C LEU E 276 24.93 -18.99 -5.73
N LEU E 277 24.45 -18.92 -4.49
CA LEU E 277 25.25 -19.24 -3.31
C LEU E 277 24.59 -20.38 -2.56
N LYS E 278 25.22 -21.56 -2.59
CA LYS E 278 24.75 -22.72 -1.86
C LYS E 278 25.63 -22.92 -0.63
N TYR E 279 25.02 -22.94 0.55
CA TYR E 279 25.72 -23.06 1.82
C TYR E 279 25.42 -24.41 2.45
N ASN E 280 26.39 -24.92 3.21
CA ASN E 280 26.20 -26.13 4.00
C ASN E 280 25.73 -25.74 5.41
N GLU E 281 25.78 -26.71 6.34
CA GLU E 281 25.39 -26.43 7.71
C GLU E 281 26.46 -25.64 8.47
N ASN E 282 27.67 -25.53 7.92
CA ASN E 282 28.75 -24.78 8.56
C ASN E 282 28.95 -23.39 7.98
N GLY E 283 28.84 -23.24 6.66
CA GLY E 283 29.00 -21.93 6.04
C GLY E 283 29.90 -21.93 4.82
N THR E 284 30.55 -23.07 4.57
CA THR E 284 31.45 -23.19 3.42
C THR E 284 30.64 -23.34 2.14
N ILE E 285 31.00 -22.56 1.11
CA ILE E 285 30.32 -22.64 -0.17
C ILE E 285 30.72 -23.93 -0.86
N THR E 286 29.73 -24.75 -1.21
CA THR E 286 29.99 -26.04 -1.85
C THR E 286 30.07 -25.94 -3.36
N ASP E 287 29.13 -25.21 -3.98
CA ASP E 287 29.11 -25.08 -5.43
C ASP E 287 28.40 -23.79 -5.80
N ALA E 288 28.87 -23.15 -6.87
CA ALA E 288 28.27 -21.93 -7.39
C ALA E 288 27.66 -22.22 -8.76
N VAL E 289 26.54 -21.57 -9.04
CA VAL E 289 25.75 -21.83 -10.24
C VAL E 289 25.70 -20.56 -11.07
N ASP E 290 26.14 -20.64 -12.32
CA ASP E 290 26.03 -19.55 -13.26
C ASP E 290 24.74 -19.66 -14.06
N CYS E 291 24.21 -18.51 -14.47
CA CYS E 291 22.96 -18.47 -15.22
C CYS E 291 23.15 -18.18 -16.70
N ALA E 292 24.32 -17.69 -17.11
CA ALA E 292 24.60 -17.37 -18.49
C ALA E 292 25.66 -18.27 -19.11
N LEU E 293 26.03 -19.36 -18.44
CA LEU E 293 27.07 -20.24 -18.96
C LEU E 293 26.47 -21.33 -19.85
N ASP E 294 25.55 -22.11 -19.31
CA ASP E 294 25.00 -23.27 -19.98
C ASP E 294 23.55 -23.43 -19.58
N PRO E 295 22.71 -24.03 -20.44
CA PRO E 295 21.31 -24.28 -20.04
C PRO E 295 21.14 -25.34 -18.97
N LEU E 296 22.18 -26.13 -18.68
CA LEU E 296 22.09 -27.10 -17.58
C LEU E 296 22.01 -26.39 -16.23
N SER E 297 22.79 -25.33 -16.05
CA SER E 297 22.76 -24.55 -14.82
C SER E 297 21.83 -23.36 -14.90
N GLU E 298 21.22 -23.09 -16.07
CA GLU E 298 20.29 -21.98 -16.19
C GLU E 298 18.96 -22.29 -15.51
N THR E 299 18.61 -23.58 -15.41
CA THR E 299 17.36 -23.95 -14.76
C THR E 299 17.43 -23.78 -13.24
N LYS E 300 18.63 -23.82 -12.68
CA LYS E 300 18.78 -23.65 -11.23
C LYS E 300 18.58 -22.21 -10.81
N CYS E 301 18.80 -21.25 -11.71
CA CYS E 301 18.60 -19.85 -11.37
C CYS E 301 17.12 -19.46 -11.37
N THR E 302 16.27 -20.23 -12.05
CA THR E 302 14.85 -19.93 -12.11
C THR E 302 14.07 -20.66 -11.01
N LEU E 303 14.27 -21.98 -10.90
CA LEU E 303 13.54 -22.77 -9.91
C LEU E 303 14.10 -22.62 -8.50
N LYS E 304 15.31 -22.06 -8.37
CA LYS E 304 16.01 -21.84 -7.09
C LYS E 304 16.18 -23.15 -6.30
N SER E 305 16.57 -24.21 -7.01
CA SER E 305 16.79 -25.51 -6.39
C SER E 305 18.00 -26.17 -7.05
N PHE E 306 18.77 -26.90 -6.23
CA PHE E 306 19.95 -27.57 -6.75
C PHE E 306 19.58 -28.86 -7.50
N THR E 307 18.66 -29.64 -6.96
CA THR E 307 18.23 -30.88 -7.59
C THR E 307 17.23 -30.55 -8.68
N VAL E 308 17.67 -30.63 -9.93
CA VAL E 308 16.81 -30.34 -11.08
C VAL E 308 15.95 -31.55 -11.38
N GLU E 309 14.63 -31.37 -11.32
CA GLU E 309 13.71 -32.46 -11.62
C GLU E 309 13.61 -32.68 -13.12
N LYS E 310 13.10 -33.85 -13.50
CA LYS E 310 12.95 -34.21 -14.90
C LYS E 310 11.72 -33.49 -15.46
N GLY E 311 11.95 -32.51 -16.31
CA GLY E 311 10.86 -31.75 -16.90
C GLY E 311 11.37 -30.51 -17.60
N ILE E 312 10.48 -29.89 -18.35
CA ILE E 312 10.78 -28.69 -19.11
C ILE E 312 10.40 -27.47 -18.28
N TYR E 313 11.36 -26.55 -18.13
CA TYR E 313 11.15 -25.33 -17.36
C TYR E 313 11.68 -24.14 -18.15
N GLN E 314 10.86 -23.10 -18.27
CA GLN E 314 11.26 -21.88 -18.97
C GLN E 314 12.16 -21.06 -18.07
N THR E 315 13.32 -20.65 -18.59
CA THR E 315 14.33 -19.93 -17.81
C THR E 315 14.37 -18.45 -18.16
N SER E 316 14.55 -18.10 -19.43
CA SER E 316 14.69 -16.71 -19.85
C SER E 316 13.97 -16.54 -21.17
N ASN E 317 14.20 -15.38 -21.81
CA ASN E 317 13.59 -15.04 -23.09
C ASN E 317 14.69 -14.66 -24.06
N PHE E 318 14.80 -15.42 -25.15
CA PHE E 318 15.81 -15.16 -26.17
C PHE E 318 15.41 -13.97 -27.03
N ARG E 319 16.38 -13.12 -27.35
CA ARG E 319 16.15 -11.94 -28.17
C ARG E 319 17.35 -11.69 -29.06
N VAL E 320 17.09 -11.50 -30.35
CA VAL E 320 18.16 -11.25 -31.32
C VAL E 320 18.54 -9.77 -31.25
N GLN E 321 19.82 -9.51 -30.96
CA GLN E 321 20.29 -8.14 -30.86
C GLN E 321 20.50 -7.55 -32.26
N PRO E 322 20.18 -6.27 -32.45
CA PRO E 322 20.42 -5.65 -33.77
C PRO E 322 21.89 -5.40 -34.02
N THR E 323 22.33 -5.68 -35.24
CA THR E 323 23.73 -5.54 -35.63
C THR E 323 23.98 -4.34 -36.52
N GLU E 324 23.01 -3.95 -37.33
CA GLU E 324 23.19 -2.83 -38.26
C GLU E 324 22.96 -1.49 -37.55
N SER E 325 23.23 -0.42 -38.28
CA SER E 325 23.15 0.95 -37.78
C SER E 325 22.42 1.84 -38.79
N ILE E 326 21.23 1.39 -39.21
CA ILE E 326 20.43 2.11 -40.21
C ILE E 326 19.92 3.40 -39.58
N VAL E 327 20.51 4.52 -40.00
CA VAL E 327 20.19 5.85 -39.47
C VAL E 327 19.75 6.75 -40.61
N ARG E 328 19.07 6.16 -41.61
CA ARG E 328 18.74 6.84 -42.85
C ARG E 328 17.83 8.04 -42.63
N PHE E 329 18.27 9.20 -43.10
CA PHE E 329 17.62 10.48 -42.97
C PHE E 329 17.36 11.06 -44.36
N PRO E 330 16.49 12.07 -44.48
CA PRO E 330 16.35 12.78 -45.76
C PRO E 330 17.63 13.50 -46.15
N ASN E 331 17.72 13.79 -47.45
CA ASN E 331 18.94 14.33 -48.03
C ASN E 331 19.16 15.79 -47.64
N ILE E 332 20.40 16.24 -47.79
CA ILE E 332 20.78 17.60 -47.42
C ILE E 332 20.53 18.48 -48.65
N THR E 333 19.30 18.98 -48.76
CA THR E 333 18.92 19.85 -49.86
C THR E 333 19.31 21.30 -49.61
N ASN E 334 18.90 21.85 -48.46
CA ASN E 334 19.22 23.22 -48.10
C ASN E 334 19.43 23.31 -46.59
N LEU E 335 20.20 24.30 -46.17
CA LEU E 335 20.47 24.55 -44.76
C LEU E 335 19.54 25.62 -44.21
N CYS E 336 19.39 25.61 -42.89
CA CYS E 336 18.52 26.59 -42.24
C CYS E 336 19.25 27.92 -42.12
N PRO E 337 18.65 29.02 -42.58
CA PRO E 337 19.30 30.35 -42.46
C PRO E 337 19.18 30.93 -41.06
N PHE E 338 19.91 30.34 -40.11
CA PHE E 338 19.89 30.79 -38.73
C PHE E 338 20.86 31.94 -38.46
N GLY E 339 21.63 32.37 -39.46
CA GLY E 339 22.52 33.50 -39.26
C GLY E 339 21.79 34.82 -39.21
N GLU E 340 20.63 34.91 -39.85
CA GLU E 340 19.82 36.12 -39.84
C GLU E 340 18.63 36.02 -38.88
N VAL E 341 18.49 34.91 -38.17
CA VAL E 341 17.40 34.71 -37.22
C VAL E 341 17.91 34.70 -35.78
N PHE E 342 18.83 33.78 -35.48
CA PHE E 342 19.40 33.73 -34.13
C PHE E 342 20.41 34.84 -33.88
N ASN E 343 21.04 35.35 -34.93
CA ASN E 343 22.02 36.42 -34.84
C ASN E 343 21.53 37.67 -35.57
N ALA E 344 20.25 37.99 -35.42
CA ALA E 344 19.66 39.14 -36.06
C ALA E 344 20.06 40.43 -35.34
N THR E 345 19.74 41.57 -35.96
CA THR E 345 20.10 42.86 -35.39
C THR E 345 19.10 43.29 -34.31
N ARG E 346 17.84 43.45 -34.69
CA ARG E 346 16.79 43.90 -33.77
C ARG E 346 15.60 42.98 -33.88
N PHE E 347 15.04 42.59 -32.74
CA PHE E 347 13.84 41.77 -32.70
C PHE E 347 12.61 42.67 -32.63
N ALA E 348 11.44 42.08 -32.37
CA ALA E 348 10.18 42.80 -32.26
C ALA E 348 9.69 42.76 -30.82
N SER E 349 8.49 43.29 -30.60
CA SER E 349 7.90 43.35 -29.27
C SER E 349 7.24 42.02 -28.93
N VAL E 350 6.57 41.96 -27.77
CA VAL E 350 5.94 40.72 -27.32
C VAL E 350 4.55 40.52 -27.91
N TYR E 351 3.99 41.53 -28.58
CA TYR E 351 2.66 41.41 -29.18
C TYR E 351 2.66 41.50 -30.69
N ALA E 352 3.63 42.21 -31.28
CA ALA E 352 3.74 42.36 -32.73
C ALA E 352 4.95 41.61 -33.29
N TRP E 353 5.23 40.44 -32.72
CA TRP E 353 6.37 39.65 -33.17
C TRP E 353 6.00 38.85 -34.42
N ASN E 354 7.02 38.55 -35.22
CA ASN E 354 6.85 37.80 -36.46
C ASN E 354 7.29 36.35 -36.25
N ARG E 355 6.53 35.43 -36.85
CA ARG E 355 6.82 34.00 -36.74
C ARG E 355 7.64 33.57 -37.94
N LYS E 356 8.92 33.27 -37.72
CA LYS E 356 9.81 32.83 -38.79
C LYS E 356 9.53 31.37 -39.12
N ARG E 357 9.10 31.11 -40.35
CA ARG E 357 8.78 29.76 -40.79
C ARG E 357 10.07 29.04 -41.17
N ILE E 358 10.44 28.04 -40.37
CA ILE E 358 11.65 27.25 -40.61
C ILE E 358 11.21 25.83 -40.95
N SER E 359 11.44 25.43 -42.20
CA SER E 359 11.05 24.10 -42.66
C SER E 359 12.03 23.64 -43.73
N ASN E 360 11.90 22.34 -44.08
CA ASN E 360 12.68 21.58 -45.08
C ASN E 360 14.18 21.87 -45.10
N CYS E 361 14.78 22.01 -43.92
CA CYS E 361 16.21 22.28 -43.81
C CYS E 361 16.77 21.50 -42.63
N VAL E 362 18.10 21.44 -42.56
CA VAL E 362 18.80 20.74 -41.50
C VAL E 362 19.74 21.71 -40.79
N ALA E 363 20.07 21.38 -39.55
CA ALA E 363 20.95 22.21 -38.74
C ALA E 363 21.66 21.35 -37.72
N ASP E 364 22.83 21.81 -37.29
CA ASP E 364 23.63 21.09 -36.30
C ASP E 364 23.21 21.49 -34.90
N TYR E 365 23.22 20.51 -33.99
CA TYR E 365 22.85 20.72 -32.60
C TYR E 365 23.88 20.07 -31.68
N SER E 366 25.15 20.29 -31.97
CA SER E 366 26.26 19.70 -31.22
C SER E 366 27.00 20.69 -30.34
N VAL E 367 27.11 21.95 -30.77
CA VAL E 367 27.83 22.96 -30.02
C VAL E 367 26.89 24.02 -29.43
N LEU E 368 25.62 23.66 -29.23
CA LEU E 368 24.67 24.61 -28.67
C LEU E 368 24.81 24.71 -27.15
N TYR E 369 24.74 23.58 -26.46
CA TYR E 369 24.82 23.57 -25.00
C TYR E 369 26.23 23.30 -24.50
N ASN E 370 27.08 22.64 -25.29
CA ASN E 370 28.43 22.31 -24.87
C ASN E 370 29.37 23.52 -24.84
N SER E 371 28.99 24.62 -25.48
CA SER E 371 29.80 25.83 -25.49
C SER E 371 29.49 26.77 -24.34
N ALA E 372 28.39 26.52 -23.61
CA ALA E 372 27.94 27.30 -22.46
C ALA E 372 27.73 28.78 -22.82
N SER E 373 26.82 29.01 -23.76
CA SER E 373 26.50 30.34 -24.25
C SER E 373 25.21 30.90 -23.65
N PHE E 374 24.18 30.06 -23.55
CA PHE E 374 22.90 30.51 -23.01
C PHE E 374 22.93 30.57 -21.50
N SER E 375 22.33 31.63 -20.94
CA SER E 375 22.30 31.79 -19.49
C SER E 375 21.12 31.04 -18.88
N THR E 376 19.91 31.35 -19.33
CA THR E 376 18.70 30.71 -18.85
C THR E 376 18.29 29.66 -19.88
N PHE E 377 18.75 28.43 -19.67
CA PHE E 377 18.48 27.31 -20.59
C PHE E 377 17.65 26.28 -19.84
N LYS E 378 16.32 26.40 -19.93
CA LYS E 378 15.39 25.50 -19.29
C LYS E 378 14.41 24.99 -20.36
N CYS E 379 14.54 23.72 -20.72
CA CYS E 379 13.71 23.11 -21.75
C CYS E 379 12.59 22.32 -21.08
N TYR E 380 11.35 22.79 -21.25
CA TYR E 380 10.17 22.12 -20.72
C TYR E 380 9.39 21.54 -21.88
N GLY E 381 9.56 20.24 -22.13
CA GLY E 381 8.83 19.58 -23.20
C GLY E 381 9.72 18.83 -24.17
N VAL E 382 10.96 19.27 -24.32
CA VAL E 382 11.90 18.64 -25.23
C VAL E 382 13.17 18.30 -24.46
N SER E 383 13.92 17.33 -24.96
CA SER E 383 15.19 16.94 -24.37
C SER E 383 16.33 17.55 -25.16
N PRO E 384 17.17 18.40 -24.54
CA PRO E 384 18.25 19.04 -25.30
C PRO E 384 19.42 18.13 -25.65
N THR E 385 19.58 17.00 -24.94
CA THR E 385 20.71 16.13 -25.17
C THR E 385 20.38 14.94 -26.06
N LYS E 386 19.11 14.69 -26.37
CA LYS E 386 18.69 13.54 -27.16
C LYS E 386 17.82 13.99 -28.33
N LEU E 387 18.28 15.01 -29.05
CA LEU E 387 17.58 15.50 -30.23
C LEU E 387 18.36 15.27 -31.51
N ASN E 388 19.39 14.42 -31.49
CA ASN E 388 20.20 14.18 -32.68
C ASN E 388 19.48 13.25 -33.64
N ASP E 389 19.00 12.10 -33.16
CA ASP E 389 18.31 11.12 -33.98
C ASP E 389 16.80 11.34 -33.97
N LEU E 390 16.37 12.56 -34.29
CA LEU E 390 14.96 12.91 -34.31
C LEU E 390 14.65 13.70 -35.57
N CYS E 391 13.36 13.76 -35.91
CA CYS E 391 12.88 14.53 -37.04
C CYS E 391 11.60 15.24 -36.64
N PHE E 392 11.60 16.57 -36.77
CA PHE E 392 10.43 17.38 -36.45
C PHE E 392 9.65 17.70 -37.74
N THR E 393 8.34 17.87 -37.58
CA THR E 393 7.49 18.14 -38.72
C THR E 393 7.65 19.57 -39.21
N ASN E 394 7.41 20.55 -38.34
CA ASN E 394 7.51 21.95 -38.70
C ASN E 394 7.81 22.74 -37.43
N VAL E 395 8.91 23.49 -37.44
CA VAL E 395 9.35 24.25 -36.28
C VAL E 395 9.17 25.74 -36.56
N TYR E 396 9.12 26.52 -35.48
CA TYR E 396 8.98 27.96 -35.56
C TYR E 396 9.82 28.59 -34.46
N ALA E 397 9.71 29.92 -34.33
CA ALA E 397 10.43 30.67 -33.31
C ALA E 397 9.59 31.85 -32.87
N ASP E 398 9.62 32.13 -31.57
CA ASP E 398 8.88 33.24 -30.96
C ASP E 398 9.89 34.17 -30.32
N SER E 399 10.40 35.12 -31.11
CA SER E 399 11.44 36.04 -30.65
C SER E 399 10.81 37.27 -30.03
N PHE E 400 11.15 37.55 -28.77
CA PHE E 400 10.69 38.76 -28.09
C PHE E 400 11.72 39.13 -27.04
N VAL E 401 11.47 40.25 -26.36
CA VAL E 401 12.37 40.77 -25.34
C VAL E 401 11.58 41.05 -24.07
N ILE E 402 12.12 40.64 -22.93
CA ILE E 402 11.54 40.87 -21.62
C ILE E 402 12.62 41.38 -20.69
N ARG E 403 12.25 41.58 -19.42
CA ARG E 403 13.20 42.03 -18.41
C ARG E 403 13.94 40.83 -17.82
N GLY E 404 14.81 41.11 -16.85
CA GLY E 404 15.60 40.05 -16.25
C GLY E 404 14.86 39.26 -15.19
N ASP E 405 13.91 39.88 -14.50
CA ASP E 405 13.13 39.23 -13.46
C ASP E 405 11.85 38.58 -13.98
N GLU E 406 11.77 38.34 -15.29
CA GLU E 406 10.60 37.70 -15.89
C GLU E 406 10.93 36.38 -16.58
N VAL E 407 12.14 35.85 -16.37
CA VAL E 407 12.51 34.59 -17.00
C VAL E 407 11.96 33.39 -16.24
N ARG E 408 11.50 33.58 -15.01
CA ARG E 408 10.95 32.50 -14.20
C ARG E 408 9.45 32.31 -14.41
N GLN E 409 8.79 33.22 -15.13
CA GLN E 409 7.35 33.12 -15.35
C GLN E 409 6.99 32.22 -16.52
N ILE E 410 7.94 31.94 -17.43
CA ILE E 410 7.68 31.07 -18.57
C ILE E 410 7.84 29.62 -18.11
N ALA E 411 6.72 29.01 -17.70
CA ALA E 411 6.71 27.65 -17.19
C ALA E 411 5.31 27.09 -17.35
N PRO E 412 5.15 25.78 -17.62
CA PRO E 412 3.81 25.20 -17.69
C PRO E 412 3.13 25.13 -16.34
N GLY E 413 2.07 25.93 -16.16
CA GLY E 413 1.38 25.99 -14.89
C GLY E 413 1.92 27.07 -13.98
N GLN E 414 2.25 28.23 -14.56
CA GLN E 414 2.80 29.34 -13.81
C GLN E 414 2.21 30.64 -14.35
N THR E 415 1.70 31.46 -13.44
CA THR E 415 1.10 32.74 -13.81
C THR E 415 2.18 33.82 -13.93
N GLY E 416 1.75 35.03 -14.24
CA GLY E 416 2.67 36.14 -14.38
C GLY E 416 2.10 37.19 -15.33
N LYS E 417 2.84 38.29 -15.44
CA LYS E 417 2.42 39.39 -16.30
C LYS E 417 2.65 39.09 -17.78
N ILE E 418 3.57 38.19 -18.11
CA ILE E 418 3.83 37.83 -19.50
C ILE E 418 3.36 36.42 -19.84
N ALA E 419 3.06 35.59 -18.84
CA ALA E 419 2.60 34.23 -19.09
C ALA E 419 1.10 34.15 -19.33
N ASP E 420 0.35 35.19 -19.00
CA ASP E 420 -1.09 35.20 -19.20
C ASP E 420 -1.61 36.38 -20.00
N TYR E 421 -0.86 37.48 -20.11
CA TYR E 421 -1.30 38.65 -20.84
C TYR E 421 -0.53 38.92 -22.12
N ASN E 422 0.65 38.31 -22.29
CA ASN E 422 1.45 38.52 -23.49
C ASN E 422 1.67 37.23 -24.28
N TYR E 423 2.05 36.14 -23.62
CA TYR E 423 2.32 34.88 -24.30
C TYR E 423 1.86 33.75 -23.40
N LYS E 424 0.74 33.10 -23.75
CA LYS E 424 0.20 31.99 -22.99
C LYS E 424 0.74 30.69 -23.60
N LEU E 425 1.64 30.03 -22.88
CA LEU E 425 2.19 28.78 -23.36
C LEU E 425 1.26 27.61 -23.01
N PRO E 426 1.15 26.61 -23.88
CA PRO E 426 0.30 25.46 -23.57
C PRO E 426 0.92 24.56 -22.51
N ASP E 427 0.06 23.75 -21.90
CA ASP E 427 0.53 22.79 -20.91
C ASP E 427 1.28 21.64 -21.55
N ASP E 428 0.95 21.29 -22.79
CA ASP E 428 1.62 20.24 -23.53
C ASP E 428 2.63 20.80 -24.54
N PHE E 429 3.28 21.91 -24.20
CA PHE E 429 4.24 22.54 -25.09
C PHE E 429 5.53 21.73 -25.10
N THR E 430 5.93 21.27 -26.30
CA THR E 430 7.09 20.41 -26.45
C THR E 430 8.31 21.15 -26.99
N GLY E 431 8.41 22.46 -26.72
CA GLY E 431 9.54 23.26 -27.15
C GLY E 431 10.47 23.59 -26.02
N CYS E 432 11.30 24.62 -26.24
CA CYS E 432 12.25 25.08 -25.24
C CYS E 432 12.40 26.59 -25.34
N VAL E 433 12.99 27.18 -24.31
CA VAL E 433 13.16 28.62 -24.19
C VAL E 433 14.65 28.91 -24.03
N ILE E 434 15.19 29.70 -24.96
CA ILE E 434 16.59 30.12 -24.91
C ILE E 434 16.63 31.63 -24.82
N ALA E 435 17.73 32.14 -24.26
CA ALA E 435 17.93 33.57 -24.08
C ALA E 435 19.42 33.87 -23.98
N TRP E 436 19.80 35.07 -24.39
CA TRP E 436 21.18 35.53 -24.30
C TRP E 436 21.16 37.02 -23.96
N ASN E 437 22.33 37.65 -24.07
CA ASN E 437 22.49 39.04 -23.69
C ASN E 437 21.90 39.97 -24.75
N SER E 438 21.28 41.06 -24.28
CA SER E 438 20.67 42.03 -25.18
C SER E 438 20.97 43.47 -24.80
N ASN E 439 21.94 43.71 -23.92
CA ASN E 439 22.23 45.08 -23.50
C ASN E 439 23.01 45.84 -24.56
N ASN E 440 23.90 45.15 -25.28
CA ASN E 440 24.73 45.78 -26.30
C ASN E 440 24.12 45.71 -27.69
N LEU E 441 22.84 45.36 -27.81
CA LEU E 441 22.20 45.23 -29.11
C LEU E 441 20.95 46.09 -29.20
N ASP E 442 20.21 46.21 -28.10
CA ASP E 442 18.95 46.96 -28.08
C ASP E 442 19.04 48.26 -27.30
N SER E 443 19.79 48.30 -26.20
CA SER E 443 19.88 49.51 -25.40
C SER E 443 20.84 50.50 -26.04
N LYS E 444 20.58 51.78 -25.78
CA LYS E 444 21.39 52.88 -26.31
C LYS E 444 21.57 53.91 -25.20
N VAL E 445 22.17 55.05 -25.56
CA VAL E 445 22.38 56.13 -24.60
C VAL E 445 21.08 56.88 -24.39
N GLY E 446 20.84 57.28 -23.14
CA GLY E 446 19.64 58.01 -22.78
C GLY E 446 18.41 57.16 -22.55
N GLY E 447 18.47 55.87 -22.78
CA GLY E 447 17.34 54.99 -22.58
C GLY E 447 16.61 54.71 -23.89
N ASN E 448 15.99 53.53 -23.94
CA ASN E 448 15.24 53.09 -25.11
C ASN E 448 13.75 53.11 -24.77
N TYR E 449 12.99 53.93 -25.50
CA TYR E 449 11.56 54.08 -25.26
C TYR E 449 10.78 54.06 -26.57
N ASN E 450 11.09 53.14 -27.47
CA ASN E 450 10.44 53.10 -28.78
C ASN E 450 9.35 52.03 -28.86
N TYR E 451 9.61 50.84 -28.34
CA TYR E 451 8.65 49.74 -28.44
C TYR E 451 7.64 49.79 -27.30
N LEU E 452 6.57 49.02 -27.45
CA LEU E 452 5.48 48.97 -26.49
C LEU E 452 5.19 47.51 -26.13
N TYR E 453 4.34 47.32 -25.13
CA TYR E 453 3.89 46.00 -24.74
C TYR E 453 2.50 46.12 -24.12
N ARG E 454 1.89 44.97 -23.86
CA ARG E 454 0.54 44.91 -23.29
C ARG E 454 0.64 44.55 -21.81
N LEU E 455 -0.12 45.27 -20.99
CA LEU E 455 -0.10 45.08 -19.55
C LEU E 455 -1.45 44.69 -18.96
N PHE E 456 -2.53 45.32 -19.40
CA PHE E 456 -3.87 45.10 -18.85
C PHE E 456 -4.71 44.29 -19.82
N ARG E 457 -5.44 43.32 -19.28
CA ARG E 457 -6.37 42.52 -20.07
C ARG E 457 -7.44 41.98 -19.13
N LYS E 458 -8.64 41.75 -19.69
CA LYS E 458 -9.76 41.29 -18.87
C LYS E 458 -9.60 39.82 -18.48
N SER E 459 -9.27 38.97 -19.44
CA SER E 459 -9.12 37.54 -19.20
C SER E 459 -7.75 37.09 -19.69
N ASN E 460 -7.46 35.81 -19.44
CA ASN E 460 -6.19 35.24 -19.86
C ASN E 460 -6.21 34.93 -21.35
N LEU E 461 -5.01 34.86 -21.94
CA LEU E 461 -4.88 34.57 -23.36
C LEU E 461 -5.07 33.08 -23.63
N LYS E 462 -5.32 32.77 -24.91
CA LYS E 462 -5.45 31.43 -25.44
C LYS E 462 -4.11 30.94 -25.99
N PRO E 463 -3.84 29.64 -25.93
CA PRO E 463 -2.59 29.11 -26.48
C PRO E 463 -2.56 29.19 -28.00
N PHE E 464 -1.39 29.53 -28.53
CA PHE E 464 -1.11 29.66 -29.97
C PHE E 464 -2.04 30.68 -30.63
N GLU E 465 -1.93 31.93 -30.17
CA GLU E 465 -2.70 33.03 -30.73
C GLU E 465 -1.94 34.32 -30.51
N ARG E 466 -1.82 35.13 -31.56
CA ARG E 466 -1.13 36.41 -31.50
C ARG E 466 -2.16 37.52 -31.26
N ASP E 467 -1.83 38.43 -30.36
CA ASP E 467 -2.72 39.53 -29.97
C ASP E 467 -2.15 40.83 -30.55
N ILE E 468 -2.65 41.23 -31.71
CA ILE E 468 -2.23 42.47 -32.36
C ILE E 468 -3.34 43.51 -32.33
N SER E 469 -4.38 43.30 -31.52
CA SER E 469 -5.50 44.24 -31.43
C SER E 469 -5.08 45.41 -30.57
N THR E 470 -4.89 46.58 -31.19
CA THR E 470 -4.50 47.79 -30.48
C THR E 470 -5.67 48.75 -30.30
N GLU E 471 -6.90 48.26 -30.43
CA GLU E 471 -8.07 49.11 -30.28
C GLU E 471 -8.37 49.35 -28.79
N ILE E 472 -9.08 50.44 -28.53
CA ILE E 472 -9.46 50.80 -27.17
C ILE E 472 -10.71 50.03 -26.78
N TYR E 473 -10.59 49.20 -25.74
CA TYR E 473 -11.70 48.39 -25.25
C TYR E 473 -12.11 48.85 -23.86
N GLN E 474 -13.39 48.69 -23.56
CA GLN E 474 -13.95 49.09 -22.27
C GLN E 474 -13.83 47.95 -21.26
N ALA E 475 -13.85 48.33 -19.98
CA ALA E 475 -13.77 47.37 -18.89
C ALA E 475 -15.14 46.86 -18.47
N GLY E 476 -16.05 47.77 -18.13
CA GLY E 476 -17.39 47.39 -17.73
C GLY E 476 -18.46 48.11 -18.52
N SER E 477 -19.35 48.82 -17.81
CA SER E 477 -20.44 49.56 -18.44
C SER E 477 -20.09 51.03 -18.66
N THR E 478 -18.80 51.35 -18.79
CA THR E 478 -18.36 52.72 -19.01
C THR E 478 -17.71 52.83 -20.38
N PRO E 479 -18.42 53.26 -21.41
CA PRO E 479 -17.82 53.38 -22.75
C PRO E 479 -16.95 54.63 -22.86
N CYS E 480 -15.88 54.50 -23.64
CA CYS E 480 -14.97 55.60 -23.92
C CYS E 480 -15.07 56.08 -25.37
N ASN E 481 -14.89 55.15 -26.33
CA ASN E 481 -15.10 55.37 -27.76
C ASN E 481 -14.21 56.49 -28.31
N GLY E 482 -12.90 56.25 -28.22
CA GLY E 482 -11.94 57.18 -28.78
C GLY E 482 -10.75 57.51 -27.90
N VAL E 483 -10.67 58.78 -27.47
CA VAL E 483 -9.49 59.27 -26.77
C VAL E 483 -9.45 58.71 -25.35
N GLU E 484 -8.27 58.77 -24.73
CA GLU E 484 -8.08 58.24 -23.39
C GLU E 484 -8.77 59.11 -22.35
N GLY E 485 -9.04 58.52 -21.19
CA GLY E 485 -9.78 59.19 -20.14
C GLY E 485 -11.10 58.49 -19.86
N PHE E 486 -11.72 58.82 -18.72
CA PHE E 486 -13.00 58.25 -18.28
C PHE E 486 -12.92 56.73 -18.12
N ASN E 487 -11.89 56.31 -17.36
CA ASN E 487 -11.68 54.95 -16.80
C ASN E 487 -11.91 53.80 -17.79
N CYS E 488 -11.09 53.78 -18.84
CA CYS E 488 -10.96 52.60 -19.69
C CYS E 488 -9.53 52.07 -19.59
N TYR E 489 -9.37 50.79 -19.91
CA TYR E 489 -8.06 50.15 -19.78
C TYR E 489 -7.13 50.57 -20.91
N PHE E 490 -5.95 51.08 -20.53
CA PHE E 490 -4.92 51.51 -21.47
C PHE E 490 -3.69 50.64 -21.24
N PRO E 491 -3.59 49.49 -21.93
CA PRO E 491 -2.48 48.57 -21.68
C PRO E 491 -1.17 48.96 -22.35
N LEU E 492 -1.13 50.05 -23.11
CA LEU E 492 0.08 50.47 -23.80
C LEU E 492 1.04 51.10 -22.81
N GLN E 493 2.28 50.58 -22.77
CA GLN E 493 3.31 51.07 -21.87
C GLN E 493 4.66 50.92 -22.54
N SER E 494 5.55 51.88 -22.29
CA SER E 494 6.86 51.87 -22.92
C SER E 494 7.82 50.96 -22.17
N TYR E 495 8.82 50.46 -22.90
CA TYR E 495 9.85 49.62 -22.31
C TYR E 495 10.84 50.46 -21.51
N GLY E 496 11.24 49.94 -20.35
CA GLY E 496 12.26 50.59 -19.56
C GLY E 496 13.61 49.91 -19.70
N PHE E 497 14.49 50.51 -20.51
CA PHE E 497 15.81 49.96 -20.80
C PHE E 497 16.86 50.99 -20.41
N GLN E 498 17.47 50.81 -19.23
CA GLN E 498 18.52 51.69 -18.77
C GLN E 498 19.85 50.93 -18.66
N PRO E 499 20.96 51.51 -19.14
CA PRO E 499 22.24 50.80 -19.10
C PRO E 499 22.88 50.74 -17.72
N THR E 500 22.37 51.48 -16.74
CA THR E 500 22.93 51.53 -15.40
C THR E 500 22.02 50.82 -14.39
N ASN E 501 21.38 49.73 -14.82
CA ASN E 501 20.51 48.96 -13.96
C ASN E 501 21.33 47.90 -13.20
N GLY E 502 20.65 47.06 -12.43
CA GLY E 502 21.29 46.00 -11.68
C GLY E 502 21.33 44.69 -12.44
N VAL E 503 21.18 43.59 -11.71
CA VAL E 503 21.19 42.26 -12.30
C VAL E 503 19.79 41.71 -12.51
N GLY E 504 18.75 42.51 -12.30
CA GLY E 504 17.39 42.04 -12.45
C GLY E 504 16.59 42.81 -13.49
N TYR E 505 17.14 43.92 -13.97
CA TYR E 505 16.49 44.77 -14.96
C TYR E 505 17.26 44.79 -16.28
N GLN E 506 17.79 43.63 -16.67
CA GLN E 506 18.54 43.55 -17.92
C GLN E 506 17.69 42.90 -19.01
N PRO E 507 17.70 43.44 -20.24
CA PRO E 507 16.92 42.84 -21.31
C PRO E 507 17.56 41.58 -21.85
N TYR E 508 16.72 40.60 -22.19
CA TYR E 508 17.14 39.32 -22.73
C TYR E 508 16.37 39.02 -24.01
N ARG E 509 17.09 38.67 -25.07
CA ARG E 509 16.47 38.26 -26.32
C ARG E 509 15.99 36.82 -26.16
N VAL E 510 14.72 36.68 -25.77
CA VAL E 510 14.12 35.38 -25.48
C VAL E 510 13.46 34.87 -26.75
N VAL E 511 13.92 33.74 -27.26
CA VAL E 511 13.37 33.10 -28.44
C VAL E 511 12.79 31.75 -28.02
N VAL E 512 11.48 31.58 -28.19
CA VAL E 512 10.79 30.36 -27.83
C VAL E 512 10.58 29.53 -29.10
N LEU E 513 11.23 28.37 -29.15
CA LEU E 513 11.12 27.48 -30.30
C LEU E 513 9.83 26.68 -30.19
N SER E 514 8.88 26.93 -31.09
CA SER E 514 7.60 26.25 -31.08
C SER E 514 7.73 24.93 -31.82
N PHE E 515 7.61 23.82 -31.08
CA PHE E 515 7.70 22.48 -31.65
C PHE E 515 6.32 21.83 -31.65
N GLU E 516 6.15 20.85 -32.54
CA GLU E 516 4.90 20.12 -32.65
C GLU E 516 5.17 18.74 -33.23
N LEU E 517 4.30 17.80 -32.89
CA LEU E 517 4.37 16.41 -33.37
C LEU E 517 2.99 16.05 -33.92
N LEU E 518 2.78 16.32 -35.20
CA LEU E 518 1.53 16.04 -35.89
C LEU E 518 1.73 14.96 -36.94
N HIS E 519 0.69 14.71 -37.73
CA HIS E 519 0.72 13.69 -38.77
C HIS E 519 1.35 14.18 -40.07
N ALA E 520 1.95 15.36 -40.08
CA ALA E 520 2.64 15.85 -41.27
C ALA E 520 3.94 15.09 -41.47
N PRO E 521 4.38 14.90 -42.72
CA PRO E 521 5.69 14.26 -42.94
C PRO E 521 6.84 15.14 -42.50
N ALA E 522 7.69 14.60 -41.64
CA ALA E 522 8.79 15.36 -41.06
C ALA E 522 9.92 15.51 -42.07
N THR E 523 10.35 16.76 -42.29
CA THR E 523 11.46 17.05 -43.19
C THR E 523 12.68 17.60 -42.47
N VAL E 524 12.50 18.32 -41.37
CA VAL E 524 13.61 18.87 -40.60
C VAL E 524 14.21 17.76 -39.76
N CYS E 525 15.45 17.38 -40.06
CA CYS E 525 16.14 16.33 -39.32
C CYS E 525 17.57 16.80 -39.06
N GLY E 526 18.42 15.89 -38.60
CA GLY E 526 19.81 16.20 -38.35
C GLY E 526 20.70 15.64 -39.44
N PRO E 527 21.67 16.45 -39.89
CA PRO E 527 22.59 16.00 -40.97
C PRO E 527 23.65 15.04 -40.48
N LYS E 528 23.25 13.77 -40.28
CA LYS E 528 24.13 12.72 -39.84
C LYS E 528 24.59 11.89 -41.03
N LYS E 529 25.45 10.91 -40.75
CA LYS E 529 25.99 10.02 -41.79
C LYS E 529 24.95 8.96 -42.10
N SER E 530 24.12 9.23 -43.10
CA SER E 530 23.06 8.31 -43.51
C SER E 530 23.68 7.17 -44.32
N THR E 531 23.55 5.95 -43.81
CA THR E 531 24.09 4.78 -44.49
C THR E 531 23.03 4.19 -45.43
N ASN E 532 23.30 2.99 -45.94
CA ASN E 532 22.37 2.31 -46.83
C ASN E 532 21.34 1.53 -46.00
N LEU E 533 20.48 0.81 -46.71
CA LEU E 533 19.42 0.02 -46.07
C LEU E 533 19.73 -1.46 -46.18
N VAL E 534 19.32 -2.21 -45.16
CA VAL E 534 19.53 -3.65 -45.08
C VAL E 534 18.18 -4.33 -44.95
N LYS E 535 17.89 -5.25 -45.87
CA LYS E 535 16.63 -5.98 -45.87
C LYS E 535 16.83 -7.40 -45.36
N ASN E 536 15.73 -7.96 -44.85
CA ASN E 536 15.63 -9.37 -44.40
C ASN E 536 16.61 -9.69 -43.27
N LYS E 537 16.92 -8.71 -42.43
CA LYS E 537 17.79 -8.90 -41.28
C LYS E 537 17.25 -8.12 -40.10
N CYS E 538 17.56 -8.62 -38.90
CA CYS E 538 17.16 -7.95 -37.67
C CYS E 538 18.05 -6.73 -37.46
N VAL E 539 17.54 -5.56 -37.85
CA VAL E 539 18.33 -4.33 -37.85
C VAL E 539 17.78 -3.36 -36.81
N ASN E 540 18.46 -2.23 -36.64
CA ASN E 540 18.04 -1.15 -35.74
C ASN E 540 17.60 0.01 -36.63
N PHE E 541 16.31 0.02 -36.97
CA PHE E 541 15.78 1.03 -37.88
C PHE E 541 15.53 2.34 -37.14
N ASN E 542 15.56 3.43 -37.91
CA ASN E 542 15.30 4.76 -37.36
C ASN E 542 14.69 5.60 -38.48
N PHE E 543 13.36 5.70 -38.49
CA PHE E 543 12.62 6.46 -39.50
C PHE E 543 11.83 7.56 -38.80
N ASN E 544 12.19 8.82 -39.11
CA ASN E 544 11.55 10.04 -38.58
C ASN E 544 11.59 10.09 -37.06
N GLY E 545 12.73 9.71 -36.50
CA GLY E 545 12.91 9.77 -35.05
C GLY E 545 12.26 8.65 -34.28
N LEU E 546 11.87 7.56 -34.94
CA LEU E 546 11.24 6.43 -34.29
C LEU E 546 12.26 5.30 -34.21
N THR E 547 12.73 5.02 -32.99
CA THR E 547 13.71 3.98 -32.76
C THR E 547 13.03 2.65 -32.43
N GLY E 548 13.75 1.57 -32.67
CA GLY E 548 13.23 0.25 -32.42
C GLY E 548 14.02 -0.80 -33.15
N THR E 549 13.76 -2.06 -32.79
CA THR E 549 14.44 -3.20 -33.37
C THR E 549 13.44 -4.01 -34.19
N GLY E 550 13.72 -4.18 -35.47
CA GLY E 550 12.83 -4.91 -36.35
C GLY E 550 13.53 -5.29 -37.64
N VAL E 551 12.77 -5.94 -38.51
CA VAL E 551 13.26 -6.41 -39.81
C VAL E 551 12.54 -5.61 -40.89
N LEU E 552 13.32 -5.01 -41.79
CA LEU E 552 12.77 -4.23 -42.89
C LEU E 552 12.49 -5.17 -44.06
N THR E 553 11.21 -5.48 -44.29
CA THR E 553 10.79 -6.36 -45.35
C THR E 553 9.91 -5.61 -46.34
N GLU E 554 9.61 -6.26 -47.46
CA GLU E 554 8.75 -5.72 -48.50
C GLU E 554 7.43 -6.47 -48.51
N SER E 555 6.33 -5.73 -48.43
CA SER E 555 4.99 -6.30 -48.41
C SER E 555 4.26 -5.97 -49.71
N ASN E 556 3.00 -6.37 -49.78
CA ASN E 556 2.15 -6.14 -50.94
C ASN E 556 1.19 -4.97 -50.75
N LYS E 557 1.41 -4.15 -49.72
CA LYS E 557 0.52 -3.02 -49.46
C LYS E 557 0.85 -1.87 -50.41
N LYS E 558 -0.14 -1.41 -51.15
CA LYS E 558 0.01 -0.29 -52.07
C LYS E 558 0.11 0.99 -51.24
N PHE E 559 1.30 1.59 -51.20
CA PHE E 559 1.50 2.79 -50.40
C PHE E 559 0.94 4.01 -51.11
N LEU E 560 0.04 4.71 -50.44
CA LEU E 560 -0.51 5.94 -50.98
C LEU E 560 0.53 7.06 -50.92
N PRO E 561 0.51 8.01 -51.86
CA PRO E 561 1.56 9.03 -51.92
C PRO E 561 1.54 10.05 -50.78
N PHE E 562 0.46 10.12 -50.00
CA PHE E 562 0.42 11.04 -48.87
C PHE E 562 0.72 10.36 -47.53
N GLN E 563 0.62 9.04 -47.45
CA GLN E 563 0.86 8.32 -46.21
C GLN E 563 2.36 8.21 -45.96
N GLN E 564 2.79 8.66 -44.79
CA GLN E 564 4.19 8.58 -44.39
C GLN E 564 4.48 7.31 -43.58
N PHE E 565 3.61 6.98 -42.63
CA PHE E 565 3.79 5.78 -41.81
C PHE E 565 2.41 5.27 -41.40
N GLY E 566 2.26 3.96 -41.38
CA GLY E 566 1.01 3.32 -41.01
C GLY E 566 1.19 2.49 -39.75
N ARG E 567 0.23 2.59 -38.85
CA ARG E 567 0.26 1.87 -37.58
C ARG E 567 -0.62 0.62 -37.65
N ASP E 568 -0.23 -0.39 -36.88
CA ASP E 568 -0.96 -1.64 -36.82
C ASP E 568 -1.98 -1.60 -35.68
N ILE E 569 -2.58 -2.74 -35.37
CA ILE E 569 -3.55 -2.82 -34.28
C ILE E 569 -2.88 -2.95 -32.92
N ALA E 570 -1.57 -3.21 -32.89
CA ALA E 570 -0.82 -3.35 -31.65
C ALA E 570 -0.17 -2.05 -31.20
N ASP E 571 -0.71 -0.90 -31.64
CA ASP E 571 -0.23 0.44 -31.29
C ASP E 571 1.23 0.67 -31.67
N THR E 572 1.69 0.02 -32.75
CA THR E 572 3.03 0.19 -33.25
C THR E 572 2.99 0.40 -34.76
N THR E 573 4.02 1.05 -35.28
CA THR E 573 4.10 1.36 -36.71
C THR E 573 4.40 0.09 -37.49
N ASP E 574 3.50 -0.28 -38.40
CA ASP E 574 3.67 -1.51 -39.16
C ASP E 574 4.49 -1.30 -40.42
N ALA E 575 4.45 -0.11 -41.00
CA ALA E 575 5.17 0.17 -42.23
C ALA E 575 5.50 1.65 -42.31
N VAL E 576 6.68 1.95 -42.86
CA VAL E 576 7.12 3.33 -43.05
C VAL E 576 7.35 3.59 -44.53
N ARG E 577 7.72 4.83 -44.87
CA ARG E 577 8.00 5.21 -46.25
C ARG E 577 9.32 5.96 -46.29
N ASP E 578 10.18 5.56 -47.22
CA ASP E 578 11.47 6.23 -47.39
C ASP E 578 11.26 7.56 -48.11
N PRO E 579 11.60 8.70 -47.50
CA PRO E 579 11.40 9.99 -48.17
C PRO E 579 12.38 10.26 -49.30
N GLN E 580 13.49 9.52 -49.39
CA GLN E 580 14.43 9.71 -50.48
C GLN E 580 13.88 9.10 -51.77
N THR E 581 13.42 7.85 -51.71
CA THR E 581 12.86 7.15 -52.85
C THR E 581 11.60 6.42 -52.41
N LEU E 582 10.50 6.62 -53.14
CA LEU E 582 9.24 6.00 -52.81
C LEU E 582 9.30 4.50 -53.13
N GLU E 583 9.34 3.67 -52.10
CA GLU E 583 9.43 2.23 -52.25
C GLU E 583 8.53 1.58 -51.20
N ILE E 584 8.66 0.28 -51.03
CA ILE E 584 7.87 -0.50 -50.09
C ILE E 584 8.76 -0.89 -48.92
N LEU E 585 8.42 -0.43 -47.72
CA LEU E 585 9.17 -0.74 -46.51
C LEU E 585 8.20 -1.10 -45.41
N ASP E 586 8.29 -2.34 -44.92
CA ASP E 586 7.44 -2.82 -43.85
C ASP E 586 8.29 -3.15 -42.62
N ILE E 587 7.69 -2.99 -41.44
CA ILE E 587 8.35 -3.24 -40.17
C ILE E 587 7.87 -4.59 -39.64
N THR E 588 8.80 -5.54 -39.52
CA THR E 588 8.51 -6.86 -39.00
C THR E 588 9.37 -7.12 -37.77
N PRO E 589 8.80 -7.57 -36.65
CA PRO E 589 9.62 -7.87 -35.47
C PRO E 589 10.50 -9.10 -35.70
N CYS E 590 11.62 -9.12 -34.97
CA CYS E 590 12.58 -10.20 -35.12
C CYS E 590 12.09 -11.46 -34.40
N SER E 591 12.83 -12.55 -34.60
CA SER E 591 12.47 -13.84 -34.02
C SER E 591 12.86 -13.85 -32.54
N PHE E 592 11.86 -13.94 -31.66
CA PHE E 592 12.07 -14.00 -30.23
C PHE E 592 11.24 -15.15 -29.66
N GLY E 593 11.80 -15.83 -28.67
CA GLY E 593 11.12 -16.95 -28.05
C GLY E 593 11.66 -17.21 -26.66
N GLY E 594 10.85 -17.87 -25.85
CA GLY E 594 11.28 -18.18 -24.49
C GLY E 594 12.29 -19.31 -24.46
N VAL E 595 13.28 -19.17 -23.57
CA VAL E 595 14.34 -20.16 -23.45
C VAL E 595 13.82 -21.32 -22.62
N SER E 596 13.56 -22.45 -23.27
CA SER E 596 13.10 -23.66 -22.62
C SER E 596 14.22 -24.69 -22.61
N VAL E 597 14.43 -25.34 -21.47
CA VAL E 597 15.50 -26.32 -21.31
C VAL E 597 14.88 -27.71 -21.17
N ILE E 598 15.32 -28.63 -22.01
CA ILE E 598 14.90 -30.02 -21.97
C ILE E 598 16.03 -30.79 -21.30
N THR E 599 15.83 -31.18 -20.05
CA THR E 599 16.86 -31.85 -19.28
C THR E 599 16.26 -32.94 -18.41
N PRO E 600 16.96 -34.06 -18.24
CA PRO E 600 16.51 -35.08 -17.28
C PRO E 600 16.98 -34.75 -15.87
N GLY E 601 16.78 -35.68 -14.93
CA GLY E 601 17.24 -35.47 -13.58
C GLY E 601 18.75 -35.51 -13.47
N THR E 602 19.25 -34.91 -12.39
CA THR E 602 20.70 -34.81 -12.18
C THR E 602 21.33 -36.13 -11.76
N ASN E 603 20.53 -37.09 -11.27
CA ASN E 603 21.09 -38.38 -10.87
C ASN E 603 21.38 -39.26 -12.08
N THR E 604 20.62 -39.08 -13.16
CA THR E 604 20.80 -39.93 -14.34
C THR E 604 21.97 -39.45 -15.20
N SER E 605 21.88 -38.23 -15.71
CA SER E 605 22.92 -37.68 -16.58
C SER E 605 22.87 -36.16 -16.49
N ASN E 606 23.69 -35.50 -17.31
CA ASN E 606 23.76 -34.05 -17.32
C ASN E 606 23.61 -33.44 -18.71
N GLN E 607 23.33 -34.25 -19.73
CA GLN E 607 23.17 -33.73 -21.09
C GLN E 607 21.83 -33.04 -21.25
N VAL E 608 21.85 -31.89 -21.93
CA VAL E 608 20.66 -31.07 -22.10
C VAL E 608 20.38 -30.91 -23.59
N ALA E 609 19.24 -30.29 -23.90
CA ALA E 609 18.82 -30.01 -25.27
C ALA E 609 18.25 -28.59 -25.32
N VAL E 610 18.84 -27.75 -26.16
CA VAL E 610 18.42 -26.36 -26.27
C VAL E 610 17.14 -26.31 -27.10
N LEU E 611 16.09 -25.71 -26.53
CA LEU E 611 14.79 -25.60 -27.18
C LEU E 611 14.42 -24.13 -27.31
N TYR E 612 14.09 -23.71 -28.53
CA TYR E 612 13.62 -22.35 -28.80
C TYR E 612 12.15 -22.41 -29.20
N GLN E 613 11.39 -21.40 -28.78
CA GLN E 613 9.94 -21.41 -28.95
C GLN E 613 9.53 -20.52 -30.12
N ASP E 614 8.85 -21.15 -31.09
CA ASP E 614 8.11 -20.46 -32.18
C ASP E 614 9.01 -19.62 -33.08
N VAL E 615 10.29 -19.98 -33.19
CA VAL E 615 11.22 -19.29 -34.08
C VAL E 615 11.85 -20.33 -35.01
N ASN E 616 12.52 -19.82 -36.05
CA ASN E 616 13.21 -20.67 -37.01
C ASN E 616 14.68 -20.80 -36.63
N CYS E 617 15.34 -21.77 -37.24
CA CYS E 617 16.77 -22.01 -37.01
C CYS E 617 17.64 -21.17 -37.95
N THR E 618 17.42 -19.86 -37.96
CA THR E 618 18.17 -18.94 -38.82
C THR E 618 18.90 -17.85 -38.04
N GLU E 619 18.28 -17.30 -37.01
CA GLU E 619 18.87 -16.21 -36.23
C GLU E 619 19.49 -16.72 -34.93
N VAL E 620 20.01 -17.94 -34.93
CA VAL E 620 20.65 -18.49 -33.74
C VAL E 620 22.05 -17.93 -33.57
N ASN E 641 21.48 -33.14 -34.34
CA ASN E 641 21.79 -31.91 -33.62
C ASN E 641 20.68 -30.89 -33.77
N VAL E 642 20.66 -30.20 -34.91
CA VAL E 642 19.67 -29.18 -35.21
C VAL E 642 18.57 -29.82 -36.05
N PHE E 643 17.36 -29.86 -35.51
CA PHE E 643 16.20 -30.42 -36.20
C PHE E 643 15.05 -29.43 -36.10
N GLN E 644 14.44 -29.13 -37.24
CA GLN E 644 13.33 -28.18 -37.28
C GLN E 644 12.04 -28.87 -36.87
N THR E 645 11.40 -28.37 -35.83
CA THR E 645 10.14 -28.89 -35.32
C THR E 645 9.03 -27.88 -35.54
N ARG E 646 7.80 -28.34 -35.33
CA ARG E 646 6.63 -27.48 -35.48
C ARG E 646 6.47 -26.51 -34.31
N ALA E 647 7.06 -26.82 -33.15
CA ALA E 647 6.96 -25.92 -32.01
C ALA E 647 8.00 -24.82 -32.04
N GLY E 648 9.12 -25.05 -32.73
CA GLY E 648 10.17 -24.05 -32.81
C GLY E 648 11.46 -24.69 -33.31
N CYS E 649 12.56 -24.02 -32.99
CA CYS E 649 13.89 -24.50 -33.37
C CYS E 649 14.47 -25.33 -32.23
N LEU E 650 14.74 -26.60 -32.51
CA LEU E 650 15.30 -27.53 -31.53
C LEU E 650 16.74 -27.84 -31.92
N ILE E 651 17.68 -27.52 -31.03
CA ILE E 651 19.11 -27.71 -31.27
C ILE E 651 19.65 -28.60 -30.16
N GLY E 652 20.22 -29.74 -30.55
CA GLY E 652 20.81 -30.67 -29.61
C GLY E 652 20.14 -32.02 -29.51
N ALA E 653 19.18 -32.32 -30.37
CA ALA E 653 18.47 -33.59 -30.35
C ALA E 653 18.55 -34.26 -31.72
N GLU E 654 18.66 -35.59 -31.71
CA GLU E 654 18.75 -36.35 -32.94
C GLU E 654 17.37 -36.79 -33.40
N HIS E 655 17.20 -36.88 -34.72
CA HIS E 655 15.91 -37.27 -35.30
C HIS E 655 15.81 -38.79 -35.33
N VAL E 656 14.79 -39.32 -34.67
CA VAL E 656 14.53 -40.76 -34.60
C VAL E 656 13.15 -41.00 -35.19
N ASN E 657 13.08 -41.85 -36.22
CA ASN E 657 11.80 -42.14 -36.87
C ASN E 657 10.92 -43.06 -36.03
N ASN E 658 11.48 -43.78 -35.06
CA ASN E 658 10.70 -44.66 -34.22
C ASN E 658 9.90 -43.86 -33.19
N SER E 659 8.84 -44.48 -32.69
CA SER E 659 7.95 -43.86 -31.71
C SER E 659 8.11 -44.56 -30.37
N TYR E 660 8.61 -43.85 -29.38
CA TYR E 660 8.80 -44.36 -28.04
C TYR E 660 7.83 -43.68 -27.08
N GLU E 661 7.97 -43.99 -25.79
CA GLU E 661 7.10 -43.42 -24.78
C GLU E 661 7.48 -41.96 -24.51
N CYS E 662 6.46 -41.13 -24.32
CA CYS E 662 6.69 -39.71 -24.05
C CYS E 662 7.13 -39.52 -22.61
N ASP E 663 8.25 -38.83 -22.43
CA ASP E 663 8.80 -38.55 -21.10
C ASP E 663 8.81 -37.07 -20.77
N ILE E 664 9.39 -36.24 -21.62
CA ILE E 664 9.46 -34.81 -21.42
C ILE E 664 8.73 -34.14 -22.58
N PRO E 665 7.71 -33.32 -22.31
CA PRO E 665 6.98 -32.67 -23.41
C PRO E 665 7.77 -31.54 -24.04
N ILE E 666 7.62 -31.40 -25.36
CA ILE E 666 8.29 -30.34 -26.11
C ILE E 666 7.26 -29.43 -26.72
N GLY E 667 6.38 -29.99 -27.54
CA GLY E 667 5.34 -29.23 -28.20
C GLY E 667 4.99 -29.86 -29.54
N ALA E 668 3.71 -29.70 -29.93
CA ALA E 668 3.15 -30.19 -31.20
C ALA E 668 3.32 -31.70 -31.36
N GLY E 669 3.07 -32.44 -30.27
CA GLY E 669 3.13 -33.89 -30.33
C GLY E 669 4.53 -34.46 -30.40
N ILE E 670 5.53 -33.72 -29.90
CA ILE E 670 6.92 -34.17 -29.90
C ILE E 670 7.36 -34.31 -28.45
N CYS E 671 8.02 -35.41 -28.13
CA CYS E 671 8.58 -35.64 -26.80
C CYS E 671 10.03 -36.07 -26.92
N ALA E 672 10.75 -35.98 -25.81
CA ALA E 672 12.15 -36.36 -25.72
C ALA E 672 12.35 -37.32 -24.57
N SER E 673 13.40 -38.13 -24.67
CA SER E 673 13.72 -39.11 -23.64
C SER E 673 15.21 -39.39 -23.67
N TYR E 674 15.69 -39.99 -22.59
CA TYR E 674 17.11 -40.34 -22.44
C TYR E 674 17.22 -41.86 -22.49
N GLN E 675 17.45 -42.39 -23.70
CA GLN E 675 17.59 -43.81 -23.93
C GLN E 675 18.90 -44.10 -24.64
N THR E 676 19.32 -45.35 -24.59
CA THR E 676 20.56 -45.77 -25.23
C THR E 676 20.38 -45.90 -26.74
N GLN E 690 23.49 -42.89 -25.58
CA GLN E 690 22.70 -42.29 -24.51
C GLN E 690 22.68 -40.78 -24.63
N SER E 691 21.67 -40.25 -25.31
CA SER E 691 21.53 -38.82 -25.51
C SER E 691 20.06 -38.48 -25.70
N ILE E 692 19.76 -37.19 -25.63
CA ILE E 692 18.39 -36.70 -25.81
C ILE E 692 18.06 -36.72 -27.30
N ILE E 693 17.00 -37.43 -27.66
CA ILE E 693 16.59 -37.59 -29.04
C ILE E 693 15.24 -36.92 -29.25
N ALA E 694 14.95 -36.61 -30.52
CA ALA E 694 13.68 -36.02 -30.92
C ALA E 694 12.91 -37.02 -31.76
N TYR E 695 11.66 -37.28 -31.39
CA TYR E 695 10.86 -38.29 -32.06
C TYR E 695 9.38 -37.98 -31.86
N THR E 696 8.55 -38.55 -32.73
CA THR E 696 7.11 -38.45 -32.56
C THR E 696 6.68 -39.40 -31.46
N MET E 697 5.85 -38.89 -30.53
CA MET E 697 5.44 -39.68 -29.38
C MET E 697 4.46 -40.78 -29.79
N SER E 698 4.53 -41.89 -29.06
CA SER E 698 3.65 -43.02 -29.29
C SER E 698 2.43 -42.90 -28.37
N LEU E 699 1.24 -42.98 -28.95
CA LEU E 699 0.00 -42.83 -28.19
C LEU E 699 -0.43 -44.11 -27.50
N GLY E 700 0.28 -45.21 -27.70
CA GLY E 700 -0.08 -46.47 -27.09
C GLY E 700 0.39 -47.63 -27.94
N ALA E 701 0.19 -48.83 -27.41
CA ALA E 701 0.57 -50.05 -28.10
C ALA E 701 -0.44 -50.37 -29.19
N GLU E 702 0.06 -50.71 -30.38
CA GLU E 702 -0.79 -51.03 -31.51
C GLU E 702 -1.33 -52.46 -31.35
N ASN E 703 -2.65 -52.59 -31.26
CA ASN E 703 -3.30 -53.88 -31.11
C ASN E 703 -4.52 -53.93 -32.02
N SER E 704 -4.59 -54.94 -32.86
CA SER E 704 -5.70 -55.13 -33.79
C SER E 704 -6.68 -56.12 -33.19
N VAL E 705 -7.86 -55.65 -32.83
CA VAL E 705 -8.88 -56.50 -32.23
C VAL E 705 -9.62 -57.24 -33.34
N ALA E 706 -9.62 -58.57 -33.26
CA ALA E 706 -10.32 -59.40 -34.23
C ALA E 706 -11.82 -59.31 -33.99
N TYR E 707 -12.55 -58.70 -34.92
CA TYR E 707 -13.98 -58.49 -34.79
C TYR E 707 -14.73 -59.44 -35.71
N SER E 708 -15.81 -60.02 -35.18
CA SER E 708 -16.68 -60.91 -35.94
C SER E 708 -18.08 -60.84 -35.34
N ASN E 709 -18.93 -61.79 -35.72
CA ASN E 709 -20.31 -61.82 -35.27
C ASN E 709 -20.60 -62.96 -34.30
N ASN E 710 -19.62 -63.81 -33.98
CA ASN E 710 -19.86 -64.93 -33.09
C ASN E 710 -18.78 -65.15 -32.04
N SER E 711 -17.71 -64.36 -32.04
CA SER E 711 -16.63 -64.55 -31.08
C SER E 711 -16.81 -63.64 -29.87
N ILE E 712 -16.44 -64.15 -28.70
CA ILE E 712 -16.49 -63.40 -27.45
C ILE E 712 -15.23 -63.70 -26.67
N ALA E 713 -14.92 -62.82 -25.72
CA ALA E 713 -13.73 -62.97 -24.86
C ALA E 713 -14.14 -62.71 -23.42
N ILE E 714 -14.20 -63.76 -22.62
CA ILE E 714 -14.57 -63.69 -21.22
C ILE E 714 -13.39 -64.16 -20.39
N PRO E 715 -12.92 -63.38 -19.41
CA PRO E 715 -11.74 -63.80 -18.63
C PRO E 715 -12.07 -64.93 -17.67
N THR E 716 -11.05 -65.74 -17.38
CA THR E 716 -11.17 -66.86 -16.45
C THR E 716 -10.39 -66.65 -15.16
N ASN E 717 -9.56 -65.62 -15.07
CA ASN E 717 -8.77 -65.35 -13.88
C ASN E 717 -8.57 -63.85 -13.74
N PHE E 718 -8.58 -63.38 -12.51
CA PHE E 718 -8.45 -61.96 -12.21
C PHE E 718 -7.28 -61.73 -11.25
N THR E 719 -6.72 -60.53 -11.31
CA THR E 719 -5.62 -60.11 -10.45
C THR E 719 -6.05 -58.88 -9.67
N ILE E 720 -6.14 -59.02 -8.35
CA ILE E 720 -6.56 -57.93 -7.48
C ILE E 720 -5.41 -56.94 -7.36
N SER E 721 -5.57 -55.75 -7.93
CA SER E 721 -4.58 -54.70 -7.88
C SER E 721 -5.15 -53.49 -7.15
N VAL E 722 -4.32 -52.83 -6.37
CA VAL E 722 -4.71 -51.66 -5.58
C VAL E 722 -4.10 -50.42 -6.22
N THR E 723 -4.96 -49.49 -6.64
CA THR E 723 -4.52 -48.23 -7.21
C THR E 723 -4.63 -47.12 -6.17
N THR E 724 -3.71 -46.15 -6.27
CA THR E 724 -3.63 -45.06 -5.31
C THR E 724 -3.92 -43.75 -6.02
N GLU E 725 -4.95 -43.04 -5.57
CA GLU E 725 -5.30 -41.73 -6.09
C GLU E 725 -5.12 -40.69 -4.99
N ILE E 726 -4.43 -39.61 -5.31
CA ILE E 726 -4.07 -38.58 -4.35
C ILE E 726 -4.89 -37.32 -4.66
N LEU E 727 -5.63 -36.85 -3.65
CA LEU E 727 -6.43 -35.64 -3.78
C LEU E 727 -6.21 -34.77 -2.54
N PRO E 728 -5.85 -33.50 -2.72
CA PRO E 728 -5.67 -32.62 -1.55
C PRO E 728 -7.01 -32.24 -0.93
N VAL E 729 -6.94 -31.88 0.36
CA VAL E 729 -8.13 -31.52 1.11
C VAL E 729 -8.03 -30.08 1.58
N SER E 730 -7.01 -29.78 2.39
CA SER E 730 -6.82 -28.47 2.99
C SER E 730 -5.51 -27.86 2.54
N MET E 731 -5.25 -26.64 3.00
CA MET E 731 -4.03 -25.91 2.68
C MET E 731 -3.39 -25.43 3.98
N THR E 732 -2.35 -24.60 3.85
CA THR E 732 -1.65 -24.04 4.99
C THR E 732 -2.34 -22.76 5.43
N LYS E 733 -2.81 -22.72 6.67
CA LYS E 733 -3.51 -21.56 7.20
C LYS E 733 -2.48 -20.50 7.57
N THR E 734 -2.50 -19.38 6.86
CA THR E 734 -1.58 -18.27 7.11
C THR E 734 -2.33 -16.96 6.89
N SER E 735 -2.45 -16.17 7.95
CA SER E 735 -3.14 -14.88 7.90
C SER E 735 -2.11 -13.78 7.74
N VAL E 736 -2.07 -13.16 6.56
CA VAL E 736 -1.12 -12.10 6.29
C VAL E 736 -1.73 -10.77 6.72
N ASP E 737 -1.05 -10.08 7.62
CA ASP E 737 -1.53 -8.79 8.10
C ASP E 737 -0.98 -7.67 7.23
N CYS E 738 -1.73 -6.57 7.17
CA CYS E 738 -1.31 -5.38 6.42
C CYS E 738 -0.97 -4.20 7.32
N THR E 739 -0.77 -4.44 8.62
CA THR E 739 -0.37 -3.41 9.56
C THR E 739 1.07 -3.54 10.00
N MET E 740 1.48 -4.71 10.47
CA MET E 740 2.86 -4.93 10.88
C MET E 740 3.78 -5.18 9.69
N TYR E 741 3.25 -5.78 8.62
CA TYR E 741 4.07 -6.08 7.45
C TYR E 741 4.40 -4.82 6.66
N ILE E 742 3.41 -3.95 6.47
CA ILE E 742 3.64 -2.71 5.73
C ILE E 742 4.40 -1.70 6.58
N CYS E 743 3.90 -1.46 7.79
CA CYS E 743 4.50 -0.50 8.73
C CYS E 743 5.17 -1.29 9.86
N GLY E 744 6.47 -1.51 9.73
CA GLY E 744 7.20 -2.22 10.75
C GLY E 744 7.76 -1.31 11.83
N ASP E 745 7.04 -1.24 12.96
CA ASP E 745 7.40 -0.46 14.15
C ASP E 745 7.61 1.03 13.81
N SER E 746 6.59 1.62 13.21
CA SER E 746 6.62 3.03 12.82
C SER E 746 5.30 3.69 13.18
N THR E 747 5.39 4.90 13.73
CA THR E 747 4.18 5.62 14.12
C THR E 747 3.62 6.47 12.97
N GLU E 748 4.49 7.16 12.24
CA GLU E 748 4.06 8.01 11.14
C GLU E 748 3.61 7.22 9.92
N CYS E 749 3.98 5.94 9.83
CA CYS E 749 3.54 5.10 8.72
C CYS E 749 2.06 4.77 8.83
N SER E 750 1.54 4.64 10.05
CA SER E 750 0.13 4.30 10.24
C SER E 750 -0.80 5.48 9.96
N ASN E 751 -0.29 6.71 9.95
CA ASN E 751 -1.13 7.86 9.65
C ASN E 751 -1.48 7.91 8.16
N LEU E 752 -0.53 7.51 7.31
CA LEU E 752 -0.79 7.46 5.87
C LEU E 752 -1.52 6.20 5.45
N LEU E 753 -1.48 5.14 6.27
CA LEU E 753 -2.19 3.91 5.94
C LEU E 753 -3.69 4.07 6.14
N LEU E 754 -4.11 4.86 7.12
CA LEU E 754 -5.53 5.09 7.36
C LEU E 754 -6.17 6.04 6.35
N GLN E 755 -5.36 6.74 5.54
CA GLN E 755 -5.90 7.62 4.51
C GLN E 755 -6.46 6.85 3.32
N TYR E 756 -6.09 5.57 3.16
CA TYR E 756 -6.61 4.75 2.09
C TYR E 756 -7.93 4.08 2.43
N GLY E 757 -8.52 4.39 3.57
CA GLY E 757 -9.83 3.84 3.91
C GLY E 757 -9.72 2.49 4.54
N SER E 758 -10.53 1.54 4.07
CA SER E 758 -10.62 0.20 4.62
C SER E 758 -9.94 -0.83 3.72
N PHE E 759 -8.79 -0.48 3.12
CA PHE E 759 -8.09 -1.42 2.27
C PHE E 759 -7.45 -2.54 3.09
N CYS E 760 -6.93 -2.22 4.28
CA CYS E 760 -6.42 -3.24 5.17
C CYS E 760 -7.53 -3.99 5.89
N THR E 761 -8.71 -3.37 6.03
CA THR E 761 -9.83 -4.04 6.66
C THR E 761 -10.44 -5.11 5.75
N GLN E 762 -10.54 -4.82 4.45
CA GLN E 762 -11.12 -5.79 3.52
C GLN E 762 -10.17 -6.94 3.21
N LEU E 763 -8.87 -6.77 3.45
CA LEU E 763 -7.91 -7.85 3.25
C LEU E 763 -7.80 -8.76 4.47
N ASN E 764 -7.90 -8.20 5.67
CA ASN E 764 -7.90 -9.04 6.87
C ASN E 764 -9.21 -9.78 7.03
N ARG E 765 -10.31 -9.21 6.53
CA ARG E 765 -11.60 -9.90 6.59
C ARG E 765 -11.67 -11.02 5.56
N ALA E 766 -11.05 -10.84 4.39
CA ALA E 766 -11.07 -11.86 3.36
C ALA E 766 -10.17 -13.04 3.73
N LEU E 767 -8.99 -12.76 4.30
CA LEU E 767 -8.08 -13.83 4.70
C LEU E 767 -8.56 -14.56 5.95
N THR E 768 -9.44 -13.94 6.74
CA THR E 768 -10.04 -14.65 7.86
C THR E 768 -11.03 -15.71 7.37
N GLY E 769 -11.78 -15.39 6.32
CA GLY E 769 -12.71 -16.35 5.74
C GLY E 769 -12.05 -17.51 5.03
N ILE E 770 -10.78 -17.36 4.64
CA ILE E 770 -10.04 -18.48 4.05
C ILE E 770 -9.74 -19.53 5.13
N ALA E 771 -9.42 -19.07 6.35
CA ALA E 771 -9.15 -19.99 7.44
C ALA E 771 -10.41 -20.74 7.87
N VAL E 772 -11.58 -20.14 7.71
CA VAL E 772 -12.82 -20.87 7.93
C VAL E 772 -13.10 -21.79 6.75
N GLU E 773 -12.65 -21.40 5.54
CA GLU E 773 -12.89 -22.20 4.35
C GLU E 773 -12.04 -23.47 4.36
N GLN E 774 -10.79 -23.38 4.81
CA GLN E 774 -9.93 -24.55 4.87
C GLN E 774 -10.33 -25.51 5.99
N ASP E 775 -11.03 -25.03 7.01
CA ASP E 775 -11.52 -25.90 8.08
C ASP E 775 -12.88 -26.48 7.76
N LYS E 776 -13.69 -25.79 6.96
CA LYS E 776 -15.00 -26.32 6.58
C LYS E 776 -14.88 -27.43 5.54
N ASN E 777 -13.93 -27.30 4.61
CA ASN E 777 -13.73 -28.34 3.60
C ASN E 777 -13.13 -29.61 4.19
N THR E 778 -12.40 -29.49 5.30
CA THR E 778 -11.87 -30.67 5.96
C THR E 778 -12.96 -31.43 6.70
N GLN E 779 -13.92 -30.71 7.28
CA GLN E 779 -15.02 -31.35 7.99
C GLN E 779 -16.05 -31.96 7.05
N GLU E 780 -16.13 -31.47 5.81
CA GLU E 780 -17.06 -32.04 4.84
C GLU E 780 -16.58 -33.34 4.23
N VAL E 781 -15.32 -33.71 4.44
CA VAL E 781 -14.74 -34.93 3.90
C VAL E 781 -14.55 -35.99 4.99
N PHE E 782 -13.81 -35.67 6.04
CA PHE E 782 -13.52 -36.64 7.08
C PHE E 782 -14.68 -36.80 8.06
N ALA E 783 -15.21 -35.69 8.57
CA ALA E 783 -16.27 -35.72 9.58
C ALA E 783 -17.60 -35.97 8.88
N GLN E 784 -17.88 -37.25 8.64
CA GLN E 784 -19.14 -37.67 8.02
C GLN E 784 -19.94 -38.66 8.86
N VAL E 785 -19.29 -39.38 9.76
CA VAL E 785 -19.96 -40.35 10.63
C VAL E 785 -20.19 -39.68 11.99
N LYS E 786 -21.11 -40.24 12.77
CA LYS E 786 -21.44 -39.70 14.08
C LYS E 786 -21.03 -40.62 15.22
N GLN E 787 -20.58 -41.84 14.92
CA GLN E 787 -20.15 -42.80 15.93
C GLN E 787 -18.79 -43.36 15.56
N ILE E 788 -17.91 -43.47 16.55
CA ILE E 788 -16.58 -44.01 16.35
C ILE E 788 -16.63 -45.52 16.60
N TYR E 789 -16.22 -46.30 15.61
CA TYR E 789 -16.22 -47.75 15.68
C TYR E 789 -14.79 -48.25 15.81
N LYS E 790 -14.56 -49.13 16.78
CA LYS E 790 -13.24 -49.70 17.04
C LYS E 790 -13.10 -51.06 16.39
N THR E 791 -11.85 -51.54 16.35
CA THR E 791 -11.55 -52.83 15.74
C THR E 791 -11.65 -53.95 16.77
N PRO E 792 -12.20 -55.11 16.39
CA PRO E 792 -12.26 -56.22 17.33
C PRO E 792 -10.90 -56.86 17.49
N PRO E 793 -10.62 -57.47 18.65
CA PRO E 793 -9.30 -58.10 18.85
C PRO E 793 -9.14 -59.40 18.08
N ILE E 794 -10.21 -60.08 17.72
CA ILE E 794 -10.13 -61.33 16.98
C ILE E 794 -10.01 -61.01 15.48
N LYS E 795 -8.90 -61.45 14.89
CA LYS E 795 -8.60 -61.18 13.47
C LYS E 795 -8.81 -62.46 12.69
N ASP E 796 -10.03 -62.65 12.19
CA ASP E 796 -10.38 -63.80 11.34
C ASP E 796 -11.19 -63.27 10.16
N PHE E 797 -10.50 -62.92 9.08
CA PHE E 797 -11.14 -62.36 7.89
C PHE E 797 -11.00 -63.26 6.67
N GLY E 798 -10.50 -64.47 6.85
CA GLY E 798 -10.36 -65.39 5.72
C GLY E 798 -9.09 -65.22 4.91
N GLY E 799 -7.96 -65.01 5.59
CA GLY E 799 -6.69 -64.85 4.91
C GLY E 799 -6.32 -63.43 4.55
N PHE E 800 -7.27 -62.49 4.60
CA PHE E 800 -6.98 -61.10 4.29
C PHE E 800 -6.29 -60.45 5.49
N ASN E 801 -5.02 -60.08 5.31
CA ASN E 801 -4.22 -59.49 6.37
C ASN E 801 -4.27 -57.96 6.25
N PHE E 802 -4.75 -57.31 7.30
CA PHE E 802 -4.83 -55.85 7.35
C PHE E 802 -3.85 -55.24 8.34
N SER E 803 -2.73 -55.91 8.60
CA SER E 803 -1.80 -55.45 9.62
C SER E 803 -1.00 -54.23 9.19
N GLN E 804 -0.94 -53.95 7.89
CA GLN E 804 -0.21 -52.79 7.39
C GLN E 804 -1.04 -51.52 7.39
N ILE E 805 -2.36 -51.61 7.54
CA ILE E 805 -3.23 -50.44 7.53
C ILE E 805 -3.88 -50.19 8.88
N LEU E 806 -3.82 -51.12 9.82
CA LEU E 806 -4.37 -50.87 11.15
C LEU E 806 -3.47 -49.93 11.94
N PRO E 807 -4.03 -48.99 12.68
CA PRO E 807 -3.20 -48.05 13.43
C PRO E 807 -2.54 -48.70 14.64
N ASP E 808 -1.28 -48.33 14.88
CA ASP E 808 -0.52 -48.88 15.99
C ASP E 808 -0.71 -48.01 17.22
N PRO E 809 -1.31 -48.52 18.31
CA PRO E 809 -1.51 -47.68 19.50
C PRO E 809 -0.24 -47.46 20.33
N SER E 810 0.84 -48.17 20.03
CA SER E 810 2.08 -47.99 20.79
C SER E 810 2.78 -46.69 20.41
N LYS E 811 2.74 -46.32 19.13
CA LYS E 811 3.37 -45.09 18.67
C LYS E 811 2.53 -43.87 19.05
N SER E 813 -1.67 -40.88 19.39
CA SER E 813 -1.45 -40.81 17.94
C SER E 813 -1.39 -42.20 17.33
N LYS E 814 -2.55 -42.82 17.14
CA LYS E 814 -2.65 -44.15 16.57
C LYS E 814 -2.46 -44.05 15.06
N ARG E 815 -1.27 -44.44 14.57
CA ARG E 815 -0.95 -44.38 13.16
C ARG E 815 -0.49 -45.75 12.68
N SER E 816 -0.71 -46.02 11.40
CA SER E 816 -0.33 -47.29 10.79
C SER E 816 1.09 -47.20 10.25
N PHE E 817 1.53 -48.23 9.54
CA PHE E 817 2.88 -48.26 8.99
C PHE E 817 2.97 -47.45 7.70
N ILE E 818 1.90 -47.42 6.91
CA ILE E 818 1.91 -46.68 5.65
C ILE E 818 1.81 -45.18 5.92
N GLU E 819 1.06 -44.80 6.96
CA GLU E 819 0.89 -43.39 7.30
C GLU E 819 2.16 -42.77 7.87
N ASP E 820 3.06 -43.56 8.44
CA ASP E 820 4.33 -43.03 8.92
C ASP E 820 5.27 -42.71 7.76
N LEU E 821 5.13 -43.43 6.64
CA LEU E 821 5.94 -43.16 5.46
C LEU E 821 5.41 -41.98 4.64
N LEU E 822 4.13 -41.65 4.77
CA LEU E 822 3.58 -40.52 4.04
C LEU E 822 4.01 -39.20 4.64
N PHE E 823 4.34 -39.18 5.93
CA PHE E 823 4.76 -37.94 6.58
C PHE E 823 6.21 -37.58 6.26
N ASN E 824 7.06 -38.59 6.03
CA ASN E 824 8.47 -38.34 5.75
C ASN E 824 8.71 -37.92 4.30
N LYS E 825 7.82 -38.27 3.38
CA LYS E 825 7.98 -37.95 1.97
C LYS E 825 7.38 -36.59 1.61
N VAL E 826 6.74 -35.91 2.55
CA VAL E 826 6.14 -34.60 2.31
C VAL E 826 6.91 -33.59 3.14
N THR E 827 7.59 -32.66 2.48
CA THR E 827 8.37 -31.64 3.15
C THR E 827 7.69 -30.28 3.06
N PHE E 855 7.49 -13.84 11.13
CA PHE E 855 8.66 -13.02 11.40
C PHE E 855 8.34 -11.55 11.20
N ASN E 856 8.18 -11.13 9.95
CA ASN E 856 7.86 -9.75 9.59
C ASN E 856 6.38 -9.55 9.33
N GLY E 857 5.52 -10.31 10.00
CA GLY E 857 4.09 -10.20 9.81
C GLY E 857 3.45 -11.50 9.36
N LEU E 858 4.21 -12.58 9.42
CA LEU E 858 3.72 -13.90 9.01
C LEU E 858 3.15 -14.61 10.23
N THR E 859 1.83 -14.68 10.31
CA THR E 859 1.14 -15.37 11.40
C THR E 859 0.70 -16.73 10.89
N VAL E 860 1.54 -17.73 11.09
CA VAL E 860 1.25 -19.09 10.65
C VAL E 860 0.22 -19.69 11.61
N LEU E 861 -1.02 -19.78 11.16
CA LEU E 861 -2.09 -20.30 12.00
C LEU E 861 -2.06 -21.83 12.00
N PRO E 862 -2.23 -22.46 13.17
CA PRO E 862 -2.28 -23.92 13.20
C PRO E 862 -3.60 -24.42 12.68
N PRO E 863 -3.64 -25.63 12.11
CA PRO E 863 -4.91 -26.16 11.61
C PRO E 863 -5.83 -26.60 12.73
N LEU E 864 -7.13 -26.68 12.40
CA LEU E 864 -8.12 -27.10 13.37
C LEU E 864 -8.00 -28.59 13.67
N LEU E 865 -7.67 -29.40 12.66
CA LEU E 865 -7.51 -30.84 12.82
C LEU E 865 -6.05 -31.18 12.56
N THR E 866 -5.32 -31.53 13.62
CA THR E 866 -3.90 -31.85 13.51
C THR E 866 -3.72 -33.27 12.96
N ASP E 867 -2.46 -33.68 12.79
CA ASP E 867 -2.15 -34.95 12.16
C ASP E 867 -2.45 -36.14 13.07
N GLU E 868 -2.61 -35.92 14.37
CA GLU E 868 -2.95 -37.02 15.27
C GLU E 868 -4.42 -37.40 15.22
N MET E 869 -5.26 -36.57 14.60
CA MET E 869 -6.69 -36.85 14.50
C MET E 869 -7.15 -37.22 13.10
N ILE E 870 -6.35 -36.95 12.07
CA ILE E 870 -6.69 -37.39 10.72
C ILE E 870 -6.55 -38.89 10.61
N ALA E 871 -5.55 -39.48 11.28
CA ALA E 871 -5.40 -40.93 11.30
C ALA E 871 -6.50 -41.60 12.11
N GLN E 872 -7.06 -40.90 13.10
CA GLN E 872 -8.20 -41.42 13.84
C GLN E 872 -9.51 -41.32 13.06
N TYR E 873 -9.62 -40.35 12.15
CA TYR E 873 -10.80 -40.27 11.30
C TYR E 873 -10.79 -41.35 10.23
N THR E 874 -9.61 -41.67 9.70
CA THR E 874 -9.50 -42.76 8.74
C THR E 874 -9.67 -44.12 9.40
N SER E 875 -9.30 -44.22 10.68
CA SER E 875 -9.50 -45.47 11.41
C SER E 875 -10.96 -45.71 11.76
N ALA E 876 -11.76 -44.64 11.85
CA ALA E 876 -13.20 -44.81 12.09
C ALA E 876 -13.90 -45.33 10.84
N LEU E 877 -13.43 -44.95 9.66
CA LEU E 877 -13.96 -45.48 8.41
C LEU E 877 -13.32 -46.80 8.00
N LEU E 878 -12.17 -47.13 8.58
CA LEU E 878 -11.56 -48.43 8.30
C LEU E 878 -12.30 -49.55 9.02
N ALA E 879 -12.61 -49.35 10.31
CA ALA E 879 -13.37 -50.34 11.05
C ALA E 879 -14.87 -50.30 10.73
N GLY E 880 -15.36 -49.18 10.21
CA GLY E 880 -16.77 -49.10 9.86
C GLY E 880 -17.09 -49.80 8.55
N THR E 881 -16.14 -49.81 7.62
CA THR E 881 -16.37 -50.46 6.34
C THR E 881 -16.23 -51.98 6.44
N ILE E 882 -15.28 -52.45 7.25
CA ILE E 882 -15.01 -53.87 7.33
C ILE E 882 -16.03 -54.58 8.21
N THR E 883 -16.23 -54.06 9.43
CA THR E 883 -17.09 -54.73 10.40
C THR E 883 -18.57 -54.45 10.16
N SER E 884 -18.96 -53.18 10.09
CA SER E 884 -20.35 -52.81 9.95
C SER E 884 -20.82 -52.76 8.49
N GLY E 885 -19.92 -52.98 7.54
CA GLY E 885 -20.32 -53.00 6.14
C GLY E 885 -20.53 -51.61 5.61
N TRP E 886 -21.64 -51.40 4.91
CA TRP E 886 -21.96 -50.11 4.32
C TRP E 886 -23.18 -49.45 4.93
N THR E 887 -23.80 -50.06 5.95
CA THR E 887 -24.99 -49.51 6.58
C THR E 887 -24.67 -48.54 7.71
N PHE E 888 -23.40 -48.30 7.99
CA PHE E 888 -23.04 -47.36 9.06
C PHE E 888 -23.25 -45.92 8.63
N GLY E 889 -23.09 -45.61 7.34
CA GLY E 889 -23.40 -44.29 6.85
C GLY E 889 -24.84 -44.08 6.48
N ALA E 890 -25.59 -45.17 6.27
CA ALA E 890 -27.01 -45.09 5.93
C ALA E 890 -27.90 -45.13 7.17
N GLY E 891 -27.55 -45.97 8.15
CA GLY E 891 -28.34 -46.10 9.37
C GLY E 891 -27.48 -46.55 10.51
N ALA E 892 -28.00 -47.47 11.32
CA ALA E 892 -27.26 -47.99 12.46
C ALA E 892 -26.23 -49.02 12.00
N ALA E 893 -25.38 -49.43 12.94
CA ALA E 893 -24.32 -50.39 12.65
C ALA E 893 -24.90 -51.79 12.60
N LEU E 894 -24.75 -52.46 11.46
CA LEU E 894 -25.25 -53.82 11.26
C LEU E 894 -24.06 -54.74 11.05
N GLN E 895 -23.97 -55.80 11.85
CA GLN E 895 -22.84 -56.71 11.77
C GLN E 895 -22.96 -57.59 10.52
N ILE E 896 -21.82 -57.78 9.86
CA ILE E 896 -21.74 -58.54 8.62
C ILE E 896 -20.32 -59.09 8.47
N PRO E 897 -20.14 -60.36 8.13
CA PRO E 897 -18.79 -60.89 7.94
C PRO E 897 -18.11 -60.31 6.71
N PHE E 898 -16.78 -60.28 6.75
CA PHE E 898 -16.01 -59.73 5.64
C PHE E 898 -16.02 -60.64 4.43
N ALA E 899 -16.14 -61.95 4.65
CA ALA E 899 -16.21 -62.89 3.53
C ALA E 899 -17.55 -62.79 2.79
N MET E 900 -18.60 -62.38 3.50
CA MET E 900 -19.90 -62.19 2.86
C MET E 900 -20.06 -60.77 2.32
N GLN E 901 -19.33 -59.81 2.88
CA GLN E 901 -19.41 -58.44 2.40
C GLN E 901 -18.74 -58.29 1.04
N MET E 902 -17.60 -58.97 0.84
CA MET E 902 -16.92 -58.92 -0.45
C MET E 902 -17.70 -59.66 -1.54
N ALA E 903 -18.53 -60.64 -1.15
CA ALA E 903 -19.40 -61.29 -2.12
C ALA E 903 -20.58 -60.38 -2.49
N TYR E 904 -20.97 -59.48 -1.60
CA TYR E 904 -22.05 -58.55 -1.91
C TYR E 904 -21.59 -57.44 -2.85
N ARG E 905 -20.29 -57.14 -2.87
CA ARG E 905 -19.77 -56.14 -3.80
C ARG E 905 -19.70 -56.67 -5.22
N PHE E 906 -19.71 -57.99 -5.40
CA PHE E 906 -19.67 -58.56 -6.74
C PHE E 906 -20.99 -58.40 -7.49
N ASN E 907 -22.11 -58.37 -6.75
CA ASN E 907 -23.42 -58.26 -7.39
C ASN E 907 -23.70 -56.84 -7.87
N GLY E 908 -22.98 -55.84 -7.36
CA GLY E 908 -23.18 -54.48 -7.80
C GLY E 908 -22.57 -54.16 -9.16
N ILE E 909 -21.67 -55.02 -9.65
CA ILE E 909 -21.03 -54.82 -10.94
C ILE E 909 -21.40 -55.90 -11.94
N GLY E 910 -22.11 -56.94 -11.52
CA GLY E 910 -22.52 -58.00 -12.40
C GLY E 910 -21.74 -59.29 -12.29
N VAL E 911 -21.19 -59.60 -11.12
CA VAL E 911 -20.41 -60.82 -10.89
C VAL E 911 -21.17 -61.67 -9.89
N THR E 912 -21.32 -62.96 -10.21
CA THR E 912 -21.97 -63.89 -9.29
C THR E 912 -21.08 -64.15 -8.09
N GLN E 913 -21.71 -64.26 -6.91
CA GLN E 913 -20.99 -64.37 -5.64
C GLN E 913 -20.40 -65.75 -5.38
N ASN E 914 -20.52 -66.70 -6.30
CA ASN E 914 -19.96 -68.03 -6.10
C ASN E 914 -18.48 -68.12 -6.42
N VAL E 915 -17.86 -67.02 -6.87
CA VAL E 915 -16.43 -67.04 -7.18
C VAL E 915 -15.61 -67.02 -5.89
N LEU E 916 -16.01 -66.19 -4.93
CA LEU E 916 -15.30 -66.10 -3.67
C LEU E 916 -15.54 -67.31 -2.77
N TYR E 917 -16.68 -68.01 -2.95
CA TYR E 917 -16.96 -69.18 -2.15
C TYR E 917 -16.11 -70.38 -2.54
N GLU E 918 -15.59 -70.42 -3.77
CA GLU E 918 -14.74 -71.49 -4.22
C GLU E 918 -13.28 -71.10 -4.38
N ASN E 919 -12.97 -69.81 -4.46
CA ASN E 919 -11.62 -69.31 -4.63
C ASN E 919 -11.30 -68.28 -3.55
N GLN E 920 -11.60 -68.64 -2.30
CA GLN E 920 -11.34 -67.73 -1.18
C GLN E 920 -9.84 -67.58 -0.91
N LYS E 921 -9.08 -68.66 -1.07
CA LYS E 921 -7.64 -68.59 -0.86
C LYS E 921 -6.91 -67.90 -2.00
N LEU E 922 -7.54 -67.78 -3.18
CA LEU E 922 -6.87 -67.12 -4.31
C LEU E 922 -6.94 -65.61 -4.17
N ILE E 923 -8.07 -65.07 -3.72
CA ILE E 923 -8.20 -63.62 -3.57
C ILE E 923 -7.43 -63.13 -2.35
N ALA E 924 -7.35 -63.95 -1.31
CA ALA E 924 -6.65 -63.54 -0.09
C ALA E 924 -5.15 -63.49 -0.27
N ASN E 925 -4.61 -64.28 -1.20
CA ASN E 925 -3.17 -64.24 -1.46
C ASN E 925 -2.80 -63.08 -2.39
N GLN E 926 -3.70 -62.70 -3.30
CA GLN E 926 -3.44 -61.59 -4.21
C GLN E 926 -3.73 -60.24 -3.58
N PHE E 927 -4.55 -60.19 -2.54
CA PHE E 927 -4.86 -58.92 -1.89
C PHE E 927 -3.71 -58.45 -1.01
N ASN E 928 -3.03 -59.39 -0.33
CA ASN E 928 -1.92 -59.02 0.54
C ASN E 928 -0.68 -58.65 -0.27
N SER E 929 -0.54 -59.19 -1.48
CA SER E 929 0.59 -58.83 -2.34
C SER E 929 0.43 -57.47 -2.99
N ALA E 930 -0.80 -56.98 -3.11
CA ALA E 930 -1.03 -55.67 -3.72
C ALA E 930 -0.77 -54.52 -2.75
N ILE E 931 -0.92 -54.77 -1.45
CA ILE E 931 -0.63 -53.73 -0.46
C ILE E 931 0.88 -53.51 -0.35
N GLY E 932 1.66 -54.59 -0.49
CA GLY E 932 3.11 -54.49 -0.46
C GLY E 932 3.71 -53.74 -1.64
N LYS E 933 3.01 -53.71 -2.77
CA LYS E 933 3.46 -52.93 -3.91
C LYS E 933 3.24 -51.43 -3.71
N ILE E 934 2.34 -51.05 -2.80
CA ILE E 934 2.12 -49.63 -2.52
C ILE E 934 3.28 -49.07 -1.72
N GLN E 935 3.79 -49.84 -0.75
CA GLN E 935 4.93 -49.38 0.05
C GLN E 935 6.21 -49.34 -0.74
N ASP E 936 6.34 -50.21 -1.76
CA ASP E 936 7.51 -50.19 -2.62
C ASP E 936 7.46 -49.06 -3.65
N SER E 937 6.27 -48.51 -3.91
CA SER E 937 6.12 -47.42 -4.87
C SER E 937 6.19 -46.03 -4.23
N LEU E 938 6.10 -45.96 -2.90
CA LEU E 938 6.17 -44.69 -2.19
C LEU E 938 7.52 -44.47 -1.51
N SER E 939 8.16 -45.53 -1.02
CA SER E 939 9.45 -45.38 -0.36
C SER E 939 10.58 -45.29 -1.38
N SER E 940 10.56 -46.15 -2.39
CA SER E 940 11.62 -46.15 -3.40
C SER E 940 11.42 -45.01 -4.40
N THR E 941 10.22 -44.90 -4.97
CA THR E 941 9.90 -43.86 -5.94
C THR E 941 9.33 -42.66 -5.20
N ALA E 942 10.10 -41.58 -5.14
CA ALA E 942 9.67 -40.38 -4.42
C ALA E 942 8.74 -39.49 -5.26
N SER E 943 8.60 -39.76 -6.55
CA SER E 943 7.75 -38.96 -7.42
C SER E 943 6.31 -39.43 -7.46
N ALA E 944 5.95 -40.44 -6.65
CA ALA E 944 4.58 -40.92 -6.61
C ALA E 944 3.67 -39.96 -5.85
N LEU E 945 4.22 -39.20 -4.92
CA LEU E 945 3.46 -38.22 -4.13
C LEU E 945 3.66 -36.80 -4.66
N GLY E 946 3.77 -36.65 -5.98
CA GLY E 946 3.97 -35.34 -6.58
C GLY E 946 2.75 -34.44 -6.55
N LYS E 947 1.56 -35.01 -6.33
CA LYS E 947 0.37 -34.20 -6.23
C LYS E 947 0.32 -33.44 -4.90
N LEU E 948 0.67 -34.12 -3.80
CA LEU E 948 0.78 -33.42 -2.52
C LEU E 948 2.03 -32.57 -2.46
N GLN E 949 3.07 -32.92 -3.21
CA GLN E 949 4.29 -32.12 -3.24
C GLN E 949 4.08 -30.81 -3.99
N ASP E 950 3.16 -30.78 -4.95
CA ASP E 950 2.87 -29.55 -5.68
C ASP E 950 2.12 -28.54 -4.81
N VAL E 951 1.37 -29.01 -3.82
CA VAL E 951 0.68 -28.11 -2.91
C VAL E 951 1.68 -27.42 -1.98
N VAL E 952 2.69 -28.16 -1.52
CA VAL E 952 3.70 -27.57 -0.64
C VAL E 952 4.62 -26.65 -1.43
N ASN E 953 4.92 -26.98 -2.68
CA ASN E 953 5.80 -26.15 -3.50
C ASN E 953 5.12 -24.85 -3.90
N GLN E 954 3.80 -24.88 -4.14
CA GLN E 954 3.08 -23.67 -4.47
C GLN E 954 2.82 -22.79 -3.25
N ASN E 955 2.91 -23.35 -2.04
CA ASN E 955 2.73 -22.56 -0.83
C ASN E 955 4.05 -22.05 -0.27
N ALA E 956 5.16 -22.78 -0.48
CA ALA E 956 6.45 -22.32 -0.02
C ALA E 956 6.97 -21.17 -0.87
N GLN E 957 6.77 -21.24 -2.19
CA GLN E 957 7.18 -20.17 -3.07
C GLN E 957 6.29 -18.94 -2.98
N ALA E 958 5.04 -19.10 -2.55
CA ALA E 958 4.16 -17.95 -2.38
C ALA E 958 4.51 -17.16 -1.12
N LEU E 959 4.95 -17.85 -0.07
CA LEU E 959 5.34 -17.14 1.16
C LEU E 959 6.69 -16.46 1.00
N ASN E 960 7.63 -17.08 0.26
CA ASN E 960 8.95 -16.51 0.10
C ASN E 960 8.97 -15.32 -0.85
N THR E 961 8.00 -15.22 -1.75
CA THR E 961 7.98 -14.10 -2.70
C THR E 961 7.51 -12.82 -2.03
N LEU E 962 6.64 -12.93 -1.02
CA LEU E 962 6.09 -11.74 -0.39
C LEU E 962 7.11 -11.05 0.52
N VAL E 963 7.88 -11.84 1.27
CA VAL E 963 8.84 -11.25 2.21
C VAL E 963 10.06 -10.72 1.45
N LYS E 964 10.35 -11.26 0.26
CA LYS E 964 11.45 -10.76 -0.54
C LYS E 964 11.14 -9.41 -1.19
N GLN E 965 9.87 -8.98 -1.18
CA GLN E 965 9.51 -7.66 -1.67
C GLN E 965 9.82 -6.55 -0.66
N LEU E 966 10.23 -6.90 0.56
CA LEU E 966 10.59 -5.89 1.54
C LEU E 966 11.92 -5.22 1.19
N SER E 967 12.78 -5.91 0.45
CA SER E 967 14.04 -5.35 -0.01
C SER E 967 13.92 -4.67 -1.37
N SER E 968 12.70 -4.43 -1.83
CA SER E 968 12.48 -3.76 -3.11
C SER E 968 12.35 -2.26 -2.90
N ASN E 969 12.88 -1.49 -3.85
CA ASN E 969 12.87 -0.03 -3.71
C ASN E 969 11.52 0.57 -4.08
N PHE E 970 10.77 -0.08 -4.99
CA PHE E 970 9.48 0.38 -5.51
C PHE E 970 9.60 1.78 -6.13
N GLY E 971 10.70 2.03 -6.84
CA GLY E 971 10.95 3.32 -7.45
C GLY E 971 11.59 4.35 -6.56
N ALA E 972 11.72 4.08 -5.25
CA ALA E 972 12.32 5.03 -4.33
C ALA E 972 13.84 4.82 -4.28
N ILE E 973 14.50 5.58 -3.41
CA ILE E 973 15.96 5.48 -3.28
C ILE E 973 16.39 4.50 -2.20
N SER E 974 15.48 4.03 -1.36
CA SER E 974 15.83 3.09 -0.30
C SER E 974 14.65 2.15 -0.06
N SER E 975 14.98 0.91 0.30
CA SER E 975 13.97 -0.09 0.58
C SER E 975 13.56 -0.13 2.05
N VAL E 976 14.47 0.22 2.95
CA VAL E 976 14.18 0.22 4.38
C VAL E 976 13.31 1.41 4.71
N LEU E 977 12.27 1.20 5.54
CA LEU E 977 11.37 2.28 5.90
C LEU E 977 12.04 3.27 6.86
N ASN E 978 12.97 2.80 7.69
CA ASN E 978 13.60 3.67 8.67
C ASN E 978 14.65 4.60 8.05
N ASP E 979 15.12 4.31 6.83
CA ASP E 979 16.11 5.17 6.21
C ASP E 979 15.51 6.43 5.61
N ILE E 980 14.20 6.42 5.34
CA ILE E 980 13.56 7.60 4.77
C ILE E 980 13.32 8.66 5.84
N LEU E 981 12.84 8.25 7.02
CA LEU E 981 12.57 9.19 8.09
C LEU E 981 13.84 9.70 8.77
N SER E 982 14.96 9.00 8.60
CA SER E 982 16.22 9.42 9.20
C SER E 982 17.06 10.30 8.29
N ARG E 983 16.84 10.26 6.98
CA ARG E 983 17.62 11.03 6.03
C ARG E 983 16.83 12.14 5.34
N LEU E 984 15.55 11.91 5.04
CA LEU E 984 14.73 12.88 4.34
C LEU E 984 13.83 13.64 5.32
N ASP E 985 13.26 14.74 4.83
CA ASP E 985 12.38 15.56 5.64
C ASP E 985 11.02 14.88 5.79
N PRO E 986 10.31 15.14 6.88
CA PRO E 986 8.93 14.63 7.02
C PRO E 986 7.95 15.22 6.01
N PRO E 987 8.13 16.46 5.52
CA PRO E 987 7.40 16.79 4.27
C PRO E 987 7.91 16.03 3.06
N GLU E 988 9.20 15.72 2.99
CA GLU E 988 9.73 14.98 1.85
C GLU E 988 9.35 13.50 1.93
N ALA E 989 9.07 12.99 3.12
CA ALA E 989 8.72 11.60 3.31
C ALA E 989 7.28 11.27 2.92
N GLU E 990 6.48 12.27 2.54
CA GLU E 990 5.10 12.02 2.12
C GLU E 990 5.00 11.46 0.71
N VAL E 991 6.10 11.42 -0.04
CA VAL E 991 6.10 10.90 -1.41
C VAL E 991 6.79 9.54 -1.49
N GLN E 992 7.93 9.38 -0.80
CA GLN E 992 8.69 8.14 -0.91
C GLN E 992 8.03 7.00 -0.14
N ILE E 993 7.45 7.30 1.03
CA ILE E 993 6.74 6.28 1.79
C ILE E 993 5.41 5.93 1.12
N ASP E 994 4.78 6.91 0.45
CA ASP E 994 3.53 6.68 -0.26
C ASP E 994 3.72 5.74 -1.45
N ARG E 995 4.91 5.75 -2.06
CA ARG E 995 5.21 4.76 -3.09
C ARG E 995 5.45 3.38 -2.49
N LEU E 996 5.88 3.32 -1.22
CA LEU E 996 6.08 2.03 -0.56
C LEU E 996 4.77 1.45 -0.05
N ILE E 997 3.85 2.30 0.40
CA ILE E 997 2.55 1.82 0.87
C ILE E 997 1.71 1.33 -0.31
N THR E 998 1.66 2.11 -1.40
CA THR E 998 0.94 1.68 -2.59
C THR E 998 1.66 0.54 -3.31
N GLY E 999 2.99 0.48 -3.20
CA GLY E 999 3.73 -0.59 -3.84
C GLY E 999 3.57 -1.92 -3.14
N ARG E 1000 3.55 -1.91 -1.80
CA ARG E 1000 3.36 -3.16 -1.07
C ARG E 1000 1.90 -3.60 -1.08
N LEU E 1001 0.96 -2.65 -1.26
CA LEU E 1001 -0.44 -3.03 -1.36
C LEU E 1001 -0.74 -3.74 -2.67
N GLN E 1002 -0.03 -3.38 -3.74
CA GLN E 1002 -0.16 -4.10 -5.00
C GLN E 1002 0.43 -5.51 -4.90
N SER E 1003 1.49 -5.67 -4.09
CA SER E 1003 2.05 -7.00 -3.87
C SER E 1003 1.16 -7.83 -2.95
N LEU E 1004 0.44 -7.19 -2.05
CA LEU E 1004 -0.47 -7.92 -1.17
C LEU E 1004 -1.72 -8.37 -1.91
N GLN E 1005 -2.28 -7.49 -2.76
CA GLN E 1005 -3.46 -7.85 -3.55
C GLN E 1005 -3.14 -8.87 -4.63
N THR E 1006 -1.88 -8.93 -5.09
CA THR E 1006 -1.48 -9.99 -6.00
C THR E 1006 -1.39 -11.32 -5.26
N TYR E 1007 -1.01 -11.29 -3.97
CA TYR E 1007 -0.96 -12.51 -3.18
C TYR E 1007 -2.35 -13.04 -2.85
N VAL E 1008 -3.34 -12.15 -2.72
CA VAL E 1008 -4.71 -12.59 -2.51
C VAL E 1008 -5.27 -13.25 -3.76
N THR E 1009 -4.93 -12.72 -4.94
CA THR E 1009 -5.41 -13.31 -6.19
C THR E 1009 -4.74 -14.65 -6.47
N GLN E 1010 -3.46 -14.78 -6.12
CA GLN E 1010 -2.76 -16.04 -6.37
C GLN E 1010 -3.14 -17.13 -5.38
N GLN E 1011 -3.68 -16.77 -4.21
CA GLN E 1011 -4.03 -17.76 -3.20
C GLN E 1011 -5.50 -18.16 -3.24
N LEU E 1012 -6.40 -17.22 -3.58
CA LEU E 1012 -7.82 -17.52 -3.59
C LEU E 1012 -8.21 -18.39 -4.78
N ILE E 1013 -7.55 -18.22 -5.91
CA ILE E 1013 -7.77 -19.13 -7.04
C ILE E 1013 -7.14 -20.48 -6.76
N ARG E 1014 -6.01 -20.49 -6.05
CA ARG E 1014 -5.39 -21.74 -5.63
C ARG E 1014 -6.23 -22.42 -4.55
N ALA E 1015 -6.95 -21.65 -3.73
CA ALA E 1015 -7.85 -22.23 -2.75
C ALA E 1015 -9.07 -22.86 -3.41
N ALA E 1016 -9.50 -22.33 -4.55
CA ALA E 1016 -10.61 -22.92 -5.29
C ALA E 1016 -10.21 -24.21 -6.01
N GLU E 1017 -8.91 -24.39 -6.27
CA GLU E 1017 -8.44 -25.64 -6.87
C GLU E 1017 -8.45 -26.78 -5.85
N ILE E 1018 -8.04 -26.48 -4.62
CA ILE E 1018 -8.05 -27.49 -3.57
C ILE E 1018 -9.48 -27.78 -3.12
N ARG E 1019 -10.34 -26.74 -3.12
CA ARG E 1019 -11.74 -26.94 -2.77
C ARG E 1019 -12.48 -27.76 -3.83
N ALA E 1020 -12.09 -27.61 -5.10
CA ALA E 1020 -12.63 -28.49 -6.13
C ALA E 1020 -12.10 -29.91 -5.97
N SER E 1021 -10.89 -30.06 -5.44
CA SER E 1021 -10.37 -31.38 -5.13
C SER E 1021 -10.93 -31.91 -3.83
N ALA E 1022 -11.34 -31.03 -2.91
CA ALA E 1022 -11.95 -31.48 -1.66
C ALA E 1022 -13.37 -31.96 -1.90
N ASN E 1023 -14.09 -31.32 -2.83
CA ASN E 1023 -15.41 -31.81 -3.21
C ASN E 1023 -15.31 -33.10 -4.02
N LEU E 1024 -14.22 -33.28 -4.75
CA LEU E 1024 -13.98 -34.55 -5.45
C LEU E 1024 -13.59 -35.65 -4.47
N ALA E 1025 -12.81 -35.31 -3.44
CA ALA E 1025 -12.43 -36.30 -2.45
C ALA E 1025 -13.61 -36.65 -1.55
N ALA E 1026 -14.55 -35.72 -1.35
CA ALA E 1026 -15.77 -36.05 -0.60
C ALA E 1026 -16.69 -36.95 -1.41
N THR E 1027 -16.62 -36.87 -2.74
CA THR E 1027 -17.42 -37.77 -3.57
C THR E 1027 -16.82 -39.17 -3.58
N LYS E 1028 -15.49 -39.27 -3.53
CA LYS E 1028 -14.81 -40.56 -3.52
C LYS E 1028 -14.69 -41.17 -2.12
N MET E 1029 -15.26 -40.53 -1.12
CA MET E 1029 -15.30 -41.08 0.23
C MET E 1029 -16.73 -41.38 0.69
N SER E 1030 -17.70 -40.56 0.29
CA SER E 1030 -19.09 -40.85 0.62
C SER E 1030 -19.68 -41.95 -0.27
N GLU E 1031 -19.04 -42.25 -1.39
CA GLU E 1031 -19.55 -43.25 -2.33
C GLU E 1031 -18.61 -44.42 -2.57
N CYS E 1032 -17.30 -44.19 -2.64
CA CYS E 1032 -16.35 -45.27 -2.90
C CYS E 1032 -15.76 -45.87 -1.63
N VAL E 1033 -15.96 -45.24 -0.48
CA VAL E 1033 -15.52 -45.77 0.80
C VAL E 1033 -16.70 -46.21 1.66
N LEU E 1034 -17.71 -45.35 1.79
CA LEU E 1034 -18.89 -45.68 2.60
C LEU E 1034 -19.80 -46.69 1.92
N GLY E 1035 -19.73 -46.82 0.59
CA GLY E 1035 -20.54 -47.77 -0.13
C GLY E 1035 -19.87 -48.30 -1.38
N GLN E 1036 -20.68 -48.81 -2.31
CA GLN E 1036 -20.18 -49.33 -3.59
C GLN E 1036 -20.69 -48.42 -4.71
N SER E 1037 -19.77 -47.68 -5.32
CA SER E 1037 -20.14 -46.78 -6.40
C SER E 1037 -20.23 -47.55 -7.71
N LYS E 1038 -21.35 -47.40 -8.42
CA LYS E 1038 -21.56 -48.06 -9.69
C LYS E 1038 -21.03 -47.27 -10.87
N ARG E 1039 -20.34 -46.16 -10.62
CA ARG E 1039 -19.80 -45.34 -11.71
C ARG E 1039 -18.57 -46.02 -12.29
N VAL E 1040 -18.56 -46.21 -13.61
CA VAL E 1040 -17.47 -46.92 -14.28
C VAL E 1040 -16.29 -45.97 -14.45
N ASP E 1041 -15.12 -46.40 -13.96
CA ASP E 1041 -13.84 -45.70 -14.10
C ASP E 1041 -13.88 -44.30 -13.48
N PHE E 1042 -14.38 -44.22 -12.25
CA PHE E 1042 -14.40 -42.99 -11.48
C PHE E 1042 -13.43 -42.99 -10.31
N CYS E 1043 -13.38 -44.09 -9.56
CA CYS E 1043 -12.46 -44.23 -8.43
C CYS E 1043 -11.28 -45.15 -8.76
N GLY E 1044 -10.78 -45.07 -9.99
CA GLY E 1044 -9.65 -45.88 -10.42
C GLY E 1044 -9.99 -46.70 -11.65
N LYS E 1045 -8.92 -47.23 -12.27
CA LYS E 1045 -9.07 -48.05 -13.45
C LYS E 1045 -9.51 -49.45 -13.06
N GLY E 1046 -10.63 -49.89 -13.60
CA GLY E 1046 -11.20 -51.19 -13.30
C GLY E 1046 -12.47 -51.07 -12.46
N TYR E 1047 -13.05 -52.24 -12.20
CA TYR E 1047 -14.25 -52.30 -11.38
C TYR E 1047 -13.90 -52.05 -9.91
N HIS E 1048 -14.49 -51.01 -9.35
CA HIS E 1048 -14.17 -50.60 -7.98
C HIS E 1048 -15.17 -51.22 -7.01
N LEU E 1049 -14.66 -51.89 -5.98
CA LEU E 1049 -15.49 -52.50 -4.95
C LEU E 1049 -15.54 -51.64 -3.69
N MET E 1050 -14.38 -51.35 -3.10
CA MET E 1050 -14.29 -50.54 -1.90
C MET E 1050 -12.89 -49.94 -1.82
N SER E 1051 -12.73 -48.99 -0.90
CA SER E 1051 -11.44 -48.34 -0.68
C SER E 1051 -11.37 -47.85 0.75
N PHE E 1052 -10.14 -47.61 1.21
CA PHE E 1052 -9.89 -47.15 2.57
C PHE E 1052 -8.94 -45.96 2.51
N PRO E 1053 -9.31 -44.81 3.04
CA PRO E 1053 -8.41 -43.65 3.00
C PRO E 1053 -7.37 -43.69 4.11
N GLN E 1054 -6.30 -42.93 3.91
CA GLN E 1054 -5.21 -42.83 4.86
C GLN E 1054 -4.96 -41.36 5.18
N SER E 1055 -4.25 -41.12 6.28
CA SER E 1055 -3.94 -39.76 6.70
C SER E 1055 -2.79 -39.20 5.85
N ALA E 1056 -2.88 -37.91 5.55
CA ALA E 1056 -1.90 -37.24 4.71
C ALA E 1056 -1.80 -35.78 5.13
N PRO E 1057 -0.61 -35.18 5.02
CA PRO E 1057 -0.48 -33.75 5.34
C PRO E 1057 -1.19 -32.86 4.32
N HIS E 1058 -2.26 -32.19 4.79
CA HIS E 1058 -3.11 -31.30 3.98
C HIS E 1058 -3.70 -32.03 2.78
N GLY E 1059 -4.15 -33.26 3.00
CA GLY E 1059 -4.74 -34.04 1.93
C GLY E 1059 -5.21 -35.38 2.43
N VAL E 1060 -5.37 -36.32 1.50
CA VAL E 1060 -5.82 -37.66 1.81
C VAL E 1060 -5.27 -38.61 0.75
N VAL E 1061 -4.93 -39.83 1.18
CA VAL E 1061 -4.40 -40.86 0.30
C VAL E 1061 -5.33 -42.05 0.36
N PHE E 1062 -5.89 -42.44 -0.79
CA PHE E 1062 -6.80 -43.56 -0.88
C PHE E 1062 -6.07 -44.83 -1.29
N LEU E 1063 -6.73 -45.96 -1.06
CA LEU E 1063 -6.27 -47.28 -1.49
C LEU E 1063 -7.44 -47.94 -2.21
N HIS E 1064 -7.55 -47.67 -3.51
CA HIS E 1064 -8.69 -48.14 -4.29
C HIS E 1064 -8.46 -49.59 -4.71
N VAL E 1065 -9.30 -50.50 -4.20
CA VAL E 1065 -9.24 -51.90 -4.58
C VAL E 1065 -10.01 -52.06 -5.88
N THR E 1066 -9.30 -52.43 -6.95
CA THR E 1066 -9.87 -52.52 -8.28
C THR E 1066 -9.93 -53.97 -8.74
N TYR E 1067 -11.03 -54.34 -9.40
CA TYR E 1067 -11.22 -55.68 -9.96
C TYR E 1067 -10.79 -55.64 -11.41
N VAL E 1068 -9.54 -55.99 -11.68
CA VAL E 1068 -8.95 -55.93 -13.00
C VAL E 1068 -8.62 -57.35 -13.44
N PRO E 1069 -9.37 -57.93 -14.38
CA PRO E 1069 -9.01 -59.26 -14.90
C PRO E 1069 -7.80 -59.18 -15.81
N ALA E 1070 -6.95 -60.21 -15.74
CA ALA E 1070 -5.73 -60.27 -16.53
C ALA E 1070 -5.75 -61.38 -17.56
N GLN E 1071 -5.99 -62.63 -17.13
CA GLN E 1071 -5.98 -63.76 -18.03
C GLN E 1071 -7.30 -63.84 -18.79
N GLU E 1072 -7.23 -63.77 -20.11
CA GLU E 1072 -8.42 -63.80 -20.97
C GLU E 1072 -8.46 -65.10 -21.76
N LYS E 1073 -9.63 -65.37 -22.34
CA LYS E 1073 -9.83 -66.58 -23.15
C LYS E 1073 -10.95 -66.31 -24.14
N ASN E 1074 -10.79 -66.84 -25.35
CA ASN E 1074 -11.75 -66.63 -26.43
C ASN E 1074 -12.73 -67.79 -26.50
N PHE E 1075 -14.01 -67.45 -26.73
CA PHE E 1075 -15.06 -68.45 -26.85
C PHE E 1075 -16.02 -68.02 -27.96
N THR E 1076 -16.94 -68.92 -28.29
CA THR E 1076 -17.96 -68.68 -29.31
C THR E 1076 -19.29 -68.43 -28.62
N THR E 1077 -19.91 -67.29 -28.93
CA THR E 1077 -21.16 -66.87 -28.29
C THR E 1077 -22.31 -66.94 -29.29
N ALA E 1078 -23.52 -66.65 -28.79
CA ALA E 1078 -24.74 -66.64 -29.59
C ALA E 1078 -25.73 -65.71 -28.91
N PRO E 1079 -26.54 -64.97 -29.66
CA PRO E 1079 -27.53 -64.09 -29.02
C PRO E 1079 -28.68 -64.84 -28.38
N ALA E 1080 -29.22 -65.85 -29.05
CA ALA E 1080 -30.34 -66.62 -28.51
C ALA E 1080 -30.31 -68.01 -29.12
N ILE E 1081 -31.08 -68.92 -28.51
CA ILE E 1081 -31.16 -70.30 -28.97
C ILE E 1081 -32.59 -70.64 -29.35
N CYS E 1082 -32.80 -71.82 -29.94
CA CYS E 1082 -34.12 -72.27 -30.36
C CYS E 1082 -34.30 -73.72 -29.92
N HIS E 1083 -35.34 -73.98 -29.15
CA HIS E 1083 -35.62 -75.32 -28.62
C HIS E 1083 -36.86 -75.93 -29.26
N ASP E 1084 -38.00 -75.25 -29.20
CA ASP E 1084 -39.25 -75.74 -29.77
C ASP E 1084 -39.85 -74.73 -30.75
N GLY E 1085 -39.00 -73.96 -31.42
CA GLY E 1085 -39.44 -72.95 -32.36
C GLY E 1085 -39.51 -71.55 -31.80
N LYS E 1086 -39.34 -71.37 -30.49
CA LYS E 1086 -39.37 -70.07 -29.85
C LYS E 1086 -38.00 -69.79 -29.21
N ALA E 1087 -37.69 -68.49 -29.11
CA ALA E 1087 -36.40 -68.06 -28.59
C ALA E 1087 -36.41 -68.02 -27.08
N HIS E 1088 -35.23 -68.14 -26.48
CA HIS E 1088 -35.04 -68.10 -25.04
C HIS E 1088 -33.96 -67.09 -24.71
N PHE E 1089 -34.26 -66.18 -23.80
CA PHE E 1089 -33.34 -65.12 -23.41
C PHE E 1089 -33.05 -65.20 -21.91
N PRO E 1090 -31.78 -65.25 -21.51
CA PRO E 1090 -31.47 -65.28 -20.08
C PRO E 1090 -31.69 -63.93 -19.42
N ARG E 1091 -31.98 -63.97 -18.12
CA ARG E 1091 -32.18 -62.74 -17.37
C ARG E 1091 -30.84 -62.05 -17.08
N GLU E 1092 -29.80 -62.83 -16.77
CA GLU E 1092 -28.48 -62.27 -16.50
C GLU E 1092 -27.45 -63.30 -16.98
N GLY E 1093 -26.97 -63.12 -18.21
CA GLY E 1093 -25.99 -64.03 -18.77
C GLY E 1093 -26.19 -64.16 -20.26
N VAL E 1094 -25.37 -65.02 -20.86
CA VAL E 1094 -25.41 -65.29 -22.29
C VAL E 1094 -24.89 -66.70 -22.52
N PHE E 1095 -25.22 -67.25 -23.70
CA PHE E 1095 -24.79 -68.60 -24.04
C PHE E 1095 -23.44 -68.56 -24.73
N VAL E 1096 -22.48 -69.33 -24.21
CA VAL E 1096 -21.14 -69.42 -24.78
C VAL E 1096 -20.89 -70.86 -25.19
N SER E 1097 -19.83 -71.05 -25.98
CA SER E 1097 -19.46 -72.38 -26.46
C SER E 1097 -17.98 -72.41 -26.76
N ASN E 1098 -17.34 -73.52 -26.42
CA ASN E 1098 -15.93 -73.74 -26.70
C ASN E 1098 -15.69 -74.54 -27.98
N GLY E 1099 -16.75 -74.82 -28.74
CA GLY E 1099 -16.65 -75.60 -29.95
C GLY E 1099 -17.29 -76.97 -29.89
N THR E 1100 -17.61 -77.47 -28.69
CA THR E 1100 -18.22 -78.77 -28.53
C THR E 1100 -19.65 -78.68 -27.99
N HIS E 1101 -19.85 -78.01 -26.86
CA HIS E 1101 -21.15 -77.89 -26.24
C HIS E 1101 -21.41 -76.44 -25.87
N TRP E 1102 -22.67 -76.16 -25.52
CA TRP E 1102 -23.10 -74.82 -25.16
C TRP E 1102 -23.25 -74.71 -23.65
N PHE E 1103 -22.78 -73.60 -23.08
CA PHE E 1103 -22.88 -73.35 -21.65
C PHE E 1103 -23.31 -71.91 -21.42
N VAL E 1104 -23.79 -71.63 -20.21
CA VAL E 1104 -24.28 -70.32 -19.82
C VAL E 1104 -23.38 -69.76 -18.73
N THR E 1105 -22.87 -68.55 -18.96
CA THR E 1105 -22.04 -67.86 -17.98
C THR E 1105 -22.40 -66.38 -17.99
N GLN E 1106 -21.79 -65.64 -17.06
CA GLN E 1106 -22.05 -64.21 -16.93
C GLN E 1106 -21.09 -63.42 -17.82
N ARG E 1107 -21.05 -62.11 -17.63
CA ARG E 1107 -20.31 -61.22 -18.51
C ARG E 1107 -18.86 -61.00 -18.06
N ASN E 1108 -18.53 -61.29 -16.81
CA ASN E 1108 -17.21 -60.98 -16.28
C ASN E 1108 -16.38 -62.20 -15.92
N PHE E 1109 -17.01 -63.34 -15.62
CA PHE E 1109 -16.30 -64.56 -15.26
C PHE E 1109 -16.87 -65.73 -16.04
N TYR E 1110 -15.99 -66.60 -16.52
CA TYR E 1110 -16.38 -67.78 -17.28
C TYR E 1110 -16.70 -68.91 -16.31
N GLU E 1111 -17.99 -69.16 -16.10
CA GLU E 1111 -18.45 -70.23 -15.22
C GLU E 1111 -19.50 -71.05 -15.95
N PRO E 1112 -19.15 -72.22 -16.49
CA PRO E 1112 -20.13 -73.03 -17.22
C PRO E 1112 -21.13 -73.67 -16.28
N GLN E 1113 -22.41 -73.49 -16.59
CA GLN E 1113 -23.50 -74.03 -15.79
C GLN E 1113 -24.44 -74.82 -16.70
N ILE E 1114 -25.35 -75.56 -16.07
CA ILE E 1114 -26.32 -76.35 -16.81
C ILE E 1114 -27.42 -75.44 -17.33
N ILE E 1115 -27.68 -75.53 -18.64
CA ILE E 1115 -28.72 -74.71 -19.28
C ILE E 1115 -30.08 -75.27 -18.87
N THR E 1116 -30.78 -74.56 -17.99
CA THR E 1116 -32.09 -74.95 -17.50
C THR E 1116 -33.12 -73.92 -17.90
N THR E 1117 -34.37 -74.15 -17.48
CA THR E 1117 -35.48 -73.25 -17.78
C THR E 1117 -35.72 -72.22 -16.69
N ASP E 1118 -34.93 -72.24 -15.61
CA ASP E 1118 -35.11 -71.29 -14.53
C ASP E 1118 -34.42 -69.96 -14.80
N ASN E 1119 -33.40 -69.94 -15.66
CA ASN E 1119 -32.69 -68.71 -15.98
C ASN E 1119 -33.21 -68.02 -17.24
N THR E 1120 -33.85 -68.77 -18.13
CA THR E 1120 -34.38 -68.22 -19.38
C THR E 1120 -35.90 -68.26 -19.36
N PHE E 1121 -36.50 -67.42 -20.21
CA PHE E 1121 -37.95 -67.35 -20.35
C PHE E 1121 -38.31 -67.47 -21.82
N VAL E 1122 -39.62 -67.61 -22.07
CA VAL E 1122 -40.15 -67.75 -23.43
C VAL E 1122 -40.68 -66.39 -23.88
N SER E 1123 -40.09 -65.85 -24.94
CA SER E 1123 -40.51 -64.55 -25.46
C SER E 1123 -40.16 -64.49 -26.95
N GLY E 1124 -41.16 -64.28 -27.79
CA GLY E 1124 -40.93 -64.17 -29.22
C GLY E 1124 -40.93 -65.51 -29.93
N ASN E 1125 -40.18 -65.60 -31.03
CA ASN E 1125 -40.10 -66.82 -31.82
C ASN E 1125 -38.70 -66.91 -32.42
N CYS E 1126 -38.52 -67.80 -33.39
CA CYS E 1126 -37.22 -68.04 -34.01
C CYS E 1126 -37.23 -67.79 -35.52
N ASP E 1127 -38.06 -66.87 -35.99
CA ASP E 1127 -38.11 -66.52 -37.41
C ASP E 1127 -37.84 -65.04 -37.65
N VAL E 1128 -37.66 -64.24 -36.60
CA VAL E 1128 -37.43 -62.82 -36.73
C VAL E 1128 -35.99 -62.44 -36.38
N VAL E 1129 -35.39 -63.12 -35.41
CA VAL E 1129 -34.04 -62.81 -34.98
C VAL E 1129 -33.04 -63.29 -36.03
N ILE E 1130 -32.26 -62.35 -36.57
CA ILE E 1130 -31.29 -62.67 -37.60
C ILE E 1130 -30.02 -63.20 -36.94
N GLY E 1131 -29.56 -64.36 -37.38
CA GLY E 1131 -28.37 -64.96 -36.81
C GLY E 1131 -28.60 -65.84 -35.60
N ILE E 1132 -29.79 -66.42 -35.46
CA ILE E 1132 -30.12 -67.25 -34.31
C ILE E 1132 -29.68 -68.68 -34.58
N VAL E 1133 -29.48 -69.45 -33.52
CA VAL E 1133 -29.02 -70.83 -33.63
C VAL E 1133 -29.99 -71.76 -32.90
N ASN E 1134 -29.76 -73.07 -32.99
CA ASN E 1134 -30.57 -74.07 -32.32
C ASN E 1134 -29.77 -74.74 -31.22
N ASN E 1135 -30.48 -75.15 -30.17
CA ASN E 1135 -29.84 -75.80 -29.03
C ASN E 1135 -30.89 -76.65 -28.33
N THR E 1136 -30.42 -77.57 -27.48
CA THR E 1136 -31.27 -78.48 -26.72
C THR E 1136 -31.24 -78.03 -25.26
N VAL E 1137 -32.33 -77.46 -24.79
CA VAL E 1137 -32.43 -76.98 -23.42
C VAL E 1137 -32.64 -78.17 -22.49
N TYR E 1138 -31.69 -78.39 -21.59
CA TYR E 1138 -31.77 -79.51 -20.63
C TYR E 1138 -32.76 -79.11 -19.53
N ASP E 1139 -34.00 -79.54 -19.69
CA ASP E 1139 -35.03 -79.26 -18.70
C ASP E 1139 -35.02 -80.35 -17.64
N PRO E 1140 -34.81 -80.02 -16.36
CA PRO E 1140 -34.81 -81.05 -15.32
C PRO E 1140 -36.20 -81.57 -14.97
N LEU E 1141 -37.27 -80.95 -15.48
CA LEU E 1141 -38.62 -81.41 -15.16
C LEU E 1141 -38.95 -82.71 -15.88
N GLN E 1142 -38.45 -82.89 -17.10
CA GLN E 1142 -38.74 -84.07 -17.91
C GLN E 1142 -38.17 -85.39 -17.37
N PRO E 1143 -36.98 -85.46 -16.77
CA PRO E 1143 -36.64 -86.69 -16.02
C PRO E 1143 -37.40 -86.83 -14.71
N GLU E 1144 -37.93 -85.74 -14.15
CA GLU E 1144 -38.65 -85.84 -12.89
C GLU E 1144 -40.05 -86.39 -13.06
N LEU E 1145 -40.65 -86.23 -14.25
CA LEU E 1145 -41.98 -86.75 -14.50
C LEU E 1145 -41.99 -88.24 -14.72
N ASP E 1146 -40.90 -88.79 -15.27
CA ASP E 1146 -40.80 -90.22 -15.52
C ASP E 1146 -40.33 -91.02 -14.31
N SER E 1147 -39.93 -90.36 -13.23
CA SER E 1147 -39.47 -91.04 -12.04
C SER E 1147 -40.64 -91.46 -11.16
#